data_8Z3K
#
_entry.id   8Z3K
#
_cell.length_a   1.00
_cell.length_b   1.00
_cell.length_c   1.00
_cell.angle_alpha   90.00
_cell.angle_beta   90.00
_cell.angle_gamma   90.00
#
_symmetry.space_group_name_H-M   'P 1'
#
loop_
_entity.id
_entity.type
_entity.pdbx_description
1 polymer 'Adenosine deaminase domain-containing protein'
2 polymer "RNA (5'-R(P*AP*AP*AP*AP*AP*A)-3')"
3 non-polymer 'ZINC ION'
4 non-polymer "ADENOSINE-5'-TRIPHOSPHATE"
#
loop_
_entity_poly.entity_id
_entity_poly.type
_entity_poly.pdbx_seq_one_letter_code
_entity_poly.pdbx_strand_id
1 'polypeptide(L)'
;MNVQAHLFVSLGTAPAIVPEAFLLPGARFVSVHVLTTERPDVTLIREFFRRHAPGVNLTITRVAGFQDLKSEEDHFRFEE
VMFRWFLASRTGPEQRFVCLTGGFKTMSAAMQKAATVLGAAEVFHVLADDCCVGPQGRLMPPSTLEEILWARDQGHLHWI
RLGPERGWPQLRRIAPEQFPLQVVEEKGDERRVQAEDRAFGTFLQDLLQRASRIAGAWEMLPELPFADLATWSEGELAWL
REPLDPRAPADQRWVAGLPKIELHCHLGGFATHGELLRRVRNAAENPGKLPPLEEPRLPEGWPLPAQPIPLAEYMKLGNA
NGTALLRDPGCLREQCRLLYRHLVDQGVCYAEVRCSPANYAEVRSPWDVLADIRAAFQECMEGARTAPGGLPACHVNLIL
IATRRASGDYRAAIARHLALAVTAAEHWRDENACRVVGVDLAGYEDEKTRAHYFREEFTAVHRCGLAVTVHAGENDDAEG
IWRAVFDLNARRLGHALSLGQSRELLRSVADRGIGVELCPYANLQIKGFRLDGSDRAGPADPRHEAHAPGPYPLLDYLRE
GVRVTVNTDNIGISAASLTDNLLLAARLCPGLTRLDLLHLQRHALETAFCTATQRLTLLRRISSGIPRPHHHHHH
;
A,B,C,D,E,F
2 'polyribonucleotide' AAAAAA H,I
#
loop_
_chem_comp.id
_chem_comp.type
_chem_comp.name
_chem_comp.formula
A RNA linking ADENOSINE-5'-MONOPHOSPHATE 'C10 H14 N5 O7 P'
ATP non-polymer ADENOSINE-5'-TRIPHOSPHATE 'C10 H16 N5 O13 P3'
ZN non-polymer 'ZINC ION' 'Zn 2'
#
# COMPACT_ATOMS: atom_id res chain seq x y z
N ASN A 2 -37.72 -5.03 -64.61
CA ASN A 2 -37.32 -4.13 -65.66
C ASN A 2 -37.74 -4.67 -67.02
N VAL A 3 -36.81 -5.32 -67.70
CA VAL A 3 -37.04 -5.85 -69.03
C VAL A 3 -37.37 -7.32 -68.92
N GLN A 4 -37.93 -7.87 -70.00
CA GLN A 4 -38.21 -9.29 -70.12
C GLN A 4 -39.12 -9.78 -68.99
N ALA A 5 -40.34 -9.24 -68.99
CA ALA A 5 -41.35 -9.69 -68.05
C ALA A 5 -41.91 -11.02 -68.50
N HIS A 6 -41.81 -12.04 -67.64
CA HIS A 6 -42.35 -13.35 -67.93
C HIS A 6 -43.74 -13.47 -67.32
N LEU A 7 -44.48 -14.48 -67.78
CA LEU A 7 -45.83 -14.74 -67.29
C LEU A 7 -45.94 -16.19 -66.87
N PHE A 8 -46.47 -16.43 -65.69
CA PHE A 8 -46.74 -17.77 -65.18
C PHE A 8 -48.24 -17.89 -64.95
N VAL A 9 -48.89 -18.76 -65.71
CA VAL A 9 -50.33 -18.97 -65.59
C VAL A 9 -50.60 -20.47 -65.55
N SER A 10 -51.69 -20.82 -64.87
CA SER A 10 -52.15 -22.20 -64.80
C SER A 10 -53.63 -22.23 -65.11
N LEU A 11 -54.02 -23.08 -66.06
CA LEU A 11 -55.41 -23.13 -66.49
C LEU A 11 -55.97 -24.53 -66.32
N GLY A 12 -57.30 -24.59 -66.24
CA GLY A 12 -58.01 -25.84 -66.31
C GLY A 12 -58.56 -26.03 -67.71
N THR A 13 -59.86 -26.26 -67.83
CA THR A 13 -60.50 -26.48 -69.12
C THR A 13 -61.09 -25.21 -69.71
N ALA A 14 -60.46 -24.05 -69.45
CA ALA A 14 -60.89 -22.77 -70.00
C ALA A 14 -59.70 -22.17 -70.75
N PRO A 15 -59.50 -22.55 -72.01
CA PRO A 15 -58.29 -22.14 -72.72
C PRO A 15 -58.13 -20.63 -72.86
N ALA A 16 -59.22 -19.88 -72.82
CA ALA A 16 -59.15 -18.45 -73.09
C ALA A 16 -58.40 -17.68 -72.01
N ILE A 17 -58.10 -18.31 -70.87
CA ILE A 17 -57.44 -17.59 -69.78
C ILE A 17 -56.10 -17.06 -70.22
N VAL A 18 -55.28 -17.91 -70.85
CA VAL A 18 -53.90 -17.53 -71.16
C VAL A 18 -53.83 -16.32 -72.09
N PRO A 19 -54.55 -16.27 -73.21
CA PRO A 19 -54.53 -15.05 -74.01
C PRO A 19 -55.05 -13.83 -73.28
N GLU A 20 -56.04 -14.01 -72.40
CA GLU A 20 -56.56 -12.88 -71.64
C GLU A 20 -55.50 -12.30 -70.72
N ALA A 21 -54.79 -13.16 -69.99
CA ALA A 21 -53.77 -12.67 -69.08
C ALA A 21 -52.58 -12.09 -69.83
N PHE A 22 -52.30 -12.61 -71.03
CA PHE A 22 -51.14 -12.12 -71.78
C PHE A 22 -51.26 -10.64 -72.10
N LEU A 23 -52.42 -10.21 -72.59
CA LEU A 23 -52.62 -8.80 -72.92
C LEU A 23 -53.08 -8.01 -71.69
N LEU A 24 -52.37 -8.20 -70.59
CA LEU A 24 -52.55 -7.38 -69.41
C LEU A 24 -51.98 -6.00 -69.67
N PRO A 25 -52.72 -4.93 -69.45
CA PRO A 25 -52.22 -3.59 -69.81
C PRO A 25 -50.86 -3.33 -69.20
N GLY A 26 -49.96 -2.76 -70.00
CA GLY A 26 -48.58 -2.64 -69.60
C GLY A 26 -47.85 -3.96 -69.50
N ALA A 27 -48.12 -4.89 -70.43
CA ALA A 27 -47.55 -6.22 -70.33
C ALA A 27 -46.09 -6.26 -70.76
N ARG A 28 -45.86 -6.02 -72.05
CA ARG A 28 -44.54 -6.14 -72.65
C ARG A 28 -43.91 -7.51 -72.30
N PHE A 29 -44.72 -8.56 -72.41
CA PHE A 29 -44.21 -9.89 -72.10
C PHE A 29 -43.27 -10.38 -73.20
N VAL A 30 -42.38 -11.29 -72.82
CA VAL A 30 -41.47 -11.90 -73.78
C VAL A 30 -41.47 -13.41 -73.71
N SER A 31 -41.95 -14.04 -72.64
CA SER A 31 -41.99 -15.49 -72.57
C SER A 31 -43.09 -15.90 -71.60
N VAL A 32 -44.17 -16.44 -72.12
CA VAL A 32 -45.28 -16.90 -71.29
C VAL A 32 -45.10 -18.38 -71.00
N HIS A 33 -45.31 -18.76 -69.73
CA HIS A 33 -45.18 -20.13 -69.29
C HIS A 33 -46.53 -20.59 -68.79
N VAL A 34 -46.98 -21.75 -69.27
CA VAL A 34 -48.34 -22.23 -69.06
C VAL A 34 -48.27 -23.55 -68.32
N LEU A 35 -49.07 -23.68 -67.26
CA LEU A 35 -49.09 -24.89 -66.44
C LEU A 35 -50.46 -25.55 -66.58
N THR A 36 -50.46 -26.82 -66.99
CA THR A 36 -51.68 -27.54 -67.32
C THR A 36 -51.83 -28.76 -66.40
N THR A 37 -52.83 -29.58 -66.71
CA THR A 37 -53.22 -30.67 -65.81
C THR A 37 -53.53 -31.96 -66.56
N GLU A 38 -52.98 -32.12 -67.76
CA GLU A 38 -53.04 -33.38 -68.51
C GLU A 38 -54.48 -33.76 -68.85
N ARG A 39 -55.21 -32.77 -69.35
CA ARG A 39 -56.60 -32.94 -69.78
C ARG A 39 -56.97 -31.88 -70.82
N PRO A 40 -56.92 -30.58 -70.51
CA PRO A 40 -57.49 -29.59 -71.42
C PRO A 40 -56.71 -29.48 -72.72
N ASP A 41 -57.41 -29.12 -73.79
CA ASP A 41 -56.76 -28.86 -75.06
C ASP A 41 -55.99 -27.55 -75.01
N VAL A 42 -54.85 -27.52 -75.70
CA VAL A 42 -54.02 -26.33 -75.77
C VAL A 42 -53.87 -25.83 -77.19
N THR A 43 -54.63 -26.40 -78.14
CA THR A 43 -54.54 -25.97 -79.53
C THR A 43 -54.98 -24.53 -79.71
N LEU A 44 -55.80 -23.99 -78.79
CA LEU A 44 -56.19 -22.60 -78.88
C LEU A 44 -55.07 -21.67 -78.44
N ILE A 45 -54.45 -21.98 -77.29
CA ILE A 45 -53.33 -21.16 -76.82
C ILE A 45 -52.22 -21.18 -77.85
N ARG A 46 -51.93 -22.34 -78.42
CA ARG A 46 -50.93 -22.41 -79.48
C ARG A 46 -51.34 -21.56 -80.67
N GLU A 47 -52.62 -21.62 -81.05
CA GLU A 47 -53.09 -20.82 -82.18
C GLU A 47 -53.01 -19.33 -81.88
N PHE A 48 -53.42 -18.91 -80.68
CA PHE A 48 -53.42 -17.49 -80.35
C PHE A 48 -52.01 -16.92 -80.41
N PHE A 49 -51.04 -17.66 -79.89
CA PHE A 49 -49.66 -17.20 -79.90
C PHE A 49 -48.95 -17.53 -81.20
N ARG A 50 -49.64 -18.08 -82.18
CA ARG A 50 -49.03 -18.33 -83.48
C ARG A 50 -49.36 -17.23 -84.48
N ARG A 51 -50.54 -16.62 -84.36
CA ARG A 51 -51.00 -15.68 -85.37
C ARG A 51 -50.57 -14.25 -85.06
N HIS A 52 -50.87 -13.78 -83.86
CA HIS A 52 -50.55 -12.42 -83.46
C HIS A 52 -49.78 -12.42 -82.15
N ALA A 53 -48.75 -13.26 -82.10
CA ALA A 53 -47.75 -13.23 -81.03
C ALA A 53 -46.51 -13.97 -81.52
N PRO A 54 -45.75 -13.35 -82.42
CA PRO A 54 -44.69 -14.08 -83.14
C PRO A 54 -43.66 -14.72 -82.22
N GLY A 55 -42.97 -13.92 -81.41
CA GLY A 55 -42.04 -14.50 -80.47
C GLY A 55 -42.48 -14.32 -79.04
N VAL A 56 -43.00 -15.40 -78.43
CA VAL A 56 -43.47 -15.36 -77.06
C VAL A 56 -42.97 -16.57 -76.30
N ASN A 57 -42.41 -17.55 -77.01
CA ASN A 57 -41.69 -18.66 -76.40
C ASN A 57 -42.52 -19.37 -75.33
N LEU A 58 -43.59 -20.02 -75.78
CA LEU A 58 -44.44 -20.76 -74.84
C LEU A 58 -43.69 -21.93 -74.23
N THR A 59 -44.06 -22.27 -73.01
CA THR A 59 -43.67 -23.52 -72.38
C THR A 59 -44.92 -24.07 -71.68
N ILE A 60 -45.41 -25.20 -72.15
CA ILE A 60 -46.64 -25.79 -71.63
C ILE A 60 -46.24 -27.01 -70.82
N THR A 61 -46.04 -26.81 -69.52
CA THR A 61 -45.85 -27.94 -68.61
C THR A 61 -47.20 -28.63 -68.39
N ARG A 62 -47.12 -29.93 -68.10
CA ARG A 62 -48.32 -30.76 -68.18
C ARG A 62 -48.61 -31.60 -66.94
N VAL A 63 -47.63 -31.84 -66.06
CA VAL A 63 -47.87 -32.55 -64.80
C VAL A 63 -48.42 -33.94 -65.08
N ALA A 64 -47.54 -34.87 -65.44
CA ALA A 64 -47.95 -36.23 -65.76
C ALA A 64 -48.72 -36.87 -64.63
N GLY A 65 -49.78 -37.59 -64.98
CA GLY A 65 -50.58 -38.33 -64.02
C GLY A 65 -51.38 -37.48 -63.05
N PHE A 66 -51.99 -36.40 -63.53
CA PHE A 66 -52.83 -35.52 -62.71
C PHE A 66 -54.13 -35.22 -63.44
N GLN A 67 -54.78 -36.27 -63.97
CA GLN A 67 -55.98 -36.06 -64.77
C GLN A 67 -57.12 -35.50 -63.93
N ASP A 68 -57.27 -35.96 -62.69
CA ASP A 68 -58.36 -35.51 -61.84
C ASP A 68 -57.84 -35.35 -60.41
N LEU A 69 -58.74 -34.90 -59.54
CA LEU A 69 -58.41 -34.52 -58.17
C LEU A 69 -59.08 -35.44 -57.15
N LYS A 70 -59.01 -36.75 -57.39
CA LYS A 70 -59.68 -37.71 -56.52
C LYS A 70 -59.27 -37.54 -55.06
N SER A 71 -57.97 -37.46 -54.80
CA SER A 71 -57.47 -37.34 -53.44
C SER A 71 -56.37 -36.30 -53.39
N GLU A 72 -55.95 -35.97 -52.16
CA GLU A 72 -54.95 -34.93 -51.98
C GLU A 72 -53.59 -35.32 -52.57
N GLU A 73 -53.31 -36.61 -52.70
CA GLU A 73 -52.08 -37.03 -53.35
C GLU A 73 -51.98 -36.46 -54.76
N ASP A 74 -53.13 -36.27 -55.41
CA ASP A 74 -53.14 -35.59 -56.70
C ASP A 74 -52.66 -34.16 -56.54
N HIS A 75 -53.08 -33.48 -55.47
CA HIS A 75 -52.68 -32.10 -55.26
C HIS A 75 -51.23 -31.98 -54.84
N PHE A 76 -50.77 -32.89 -53.97
CA PHE A 76 -49.38 -32.83 -53.51
C PHE A 76 -48.42 -32.99 -54.68
N ARG A 77 -48.72 -33.90 -55.60
CA ARG A 77 -47.90 -34.04 -56.79
C ARG A 77 -47.86 -32.75 -57.59
N PHE A 78 -48.93 -31.95 -57.53
CA PHE A 78 -48.96 -30.70 -58.27
C PHE A 78 -48.07 -29.65 -57.62
N GLU A 79 -48.10 -29.56 -56.28
CA GLU A 79 -47.34 -28.51 -55.61
C GLU A 79 -45.84 -28.67 -55.85
N GLU A 80 -45.34 -29.90 -55.75
CA GLU A 80 -43.91 -30.13 -55.99
C GLU A 80 -43.54 -29.77 -57.42
N VAL A 81 -44.38 -30.14 -58.38
CA VAL A 81 -44.10 -29.80 -59.77
C VAL A 81 -44.17 -28.30 -59.98
N MET A 82 -45.16 -27.64 -59.39
CA MET A 82 -45.34 -26.21 -59.59
C MET A 82 -44.12 -25.43 -59.13
N PHE A 83 -43.62 -25.75 -57.92
CA PHE A 83 -42.47 -25.03 -57.39
C PHE A 83 -41.25 -25.25 -58.26
N ARG A 84 -40.98 -26.51 -58.61
CA ARG A 84 -39.83 -26.80 -59.46
C ARG A 84 -40.00 -26.18 -60.84
N TRP A 85 -41.23 -26.01 -61.29
CA TRP A 85 -41.48 -25.36 -62.57
C TRP A 85 -41.02 -23.92 -62.57
N PHE A 86 -41.23 -23.22 -61.46
CA PHE A 86 -40.75 -21.85 -61.34
C PHE A 86 -39.24 -21.79 -61.48
N LEU A 87 -38.53 -22.64 -60.75
CA LEU A 87 -37.07 -22.63 -60.76
C LEU A 87 -36.50 -23.06 -62.10
N ALA A 88 -37.23 -23.88 -62.86
CA ALA A 88 -36.73 -24.32 -64.16
C ALA A 88 -36.55 -23.16 -65.12
N SER A 89 -37.25 -22.05 -64.90
CA SER A 89 -37.07 -20.83 -65.65
C SER A 89 -36.22 -19.90 -64.81
N ARG A 90 -35.03 -19.57 -65.30
CA ARG A 90 -34.09 -18.76 -64.54
C ARG A 90 -34.59 -17.32 -64.54
N THR A 91 -35.49 -17.02 -63.61
CA THR A 91 -36.17 -15.72 -63.60
C THR A 91 -36.11 -15.15 -62.19
N GLY A 92 -35.82 -13.87 -62.08
CA GLY A 92 -35.80 -13.20 -60.80
C GLY A 92 -37.19 -12.81 -60.35
N PRO A 93 -37.28 -12.33 -59.11
CA PRO A 93 -38.58 -11.86 -58.61
C PRO A 93 -39.16 -10.72 -59.40
N GLU A 94 -38.32 -9.84 -59.93
CA GLU A 94 -38.78 -8.69 -60.69
C GLU A 94 -39.22 -9.04 -62.10
N GLN A 95 -39.25 -10.32 -62.44
CA GLN A 95 -39.65 -10.75 -63.76
C GLN A 95 -40.90 -11.62 -63.78
N ARG A 96 -41.27 -12.22 -62.66
CA ARG A 96 -42.43 -13.09 -62.62
C ARG A 96 -43.72 -12.27 -62.50
N PHE A 97 -44.68 -12.55 -63.37
CA PHE A 97 -45.97 -11.89 -63.34
C PHE A 97 -47.06 -12.92 -63.09
N VAL A 98 -46.86 -13.76 -62.08
CA VAL A 98 -47.73 -14.89 -61.75
C VAL A 98 -49.21 -14.52 -61.82
N CYS A 99 -49.98 -15.32 -62.55
CA CYS A 99 -51.43 -15.17 -62.64
C CYS A 99 -52.08 -16.41 -62.06
N LEU A 100 -53.08 -16.22 -61.20
CA LEU A 100 -53.80 -17.31 -60.57
C LEU A 100 -55.23 -17.29 -61.09
N THR A 101 -55.44 -17.98 -62.21
CA THR A 101 -56.77 -18.06 -62.81
C THR A 101 -56.78 -19.30 -63.69
N GLY A 102 -57.55 -20.30 -63.29
CA GLY A 102 -57.63 -21.55 -64.02
C GLY A 102 -57.37 -22.71 -63.09
N GLY A 103 -57.89 -23.86 -63.45
CA GLY A 103 -57.71 -25.04 -62.63
C GLY A 103 -58.57 -24.98 -61.38
N PHE A 104 -58.40 -26.00 -60.56
CA PHE A 104 -59.16 -26.10 -59.32
C PHE A 104 -58.76 -25.00 -58.36
N LYS A 105 -59.61 -24.79 -57.36
CA LYS A 105 -59.33 -23.74 -56.38
C LYS A 105 -58.03 -24.02 -55.62
N THR A 106 -57.79 -25.28 -55.27
CA THR A 106 -56.51 -25.64 -54.68
C THR A 106 -55.37 -25.41 -55.66
N MET A 107 -55.61 -25.72 -56.93
CA MET A 107 -54.60 -25.45 -57.96
C MET A 107 -54.30 -23.95 -58.04
N SER A 108 -55.34 -23.12 -57.97
CA SER A 108 -55.11 -21.68 -58.01
C SER A 108 -54.51 -21.19 -56.69
N ALA A 109 -54.98 -21.73 -55.57
CA ALA A 109 -54.45 -21.31 -54.28
C ALA A 109 -52.97 -21.64 -54.14
N ALA A 110 -52.53 -22.74 -54.77
CA ALA A 110 -51.12 -23.08 -54.74
C ALA A 110 -50.29 -22.05 -55.48
N MET A 111 -50.85 -21.47 -56.54
CA MET A 111 -50.13 -20.42 -57.27
C MET A 111 -49.92 -19.20 -56.38
N GLN A 112 -50.92 -18.86 -55.56
CA GLN A 112 -50.76 -17.76 -54.62
C GLN A 112 -49.62 -18.04 -53.64
N LYS A 113 -49.58 -19.25 -53.09
CA LYS A 113 -48.55 -19.56 -52.10
C LYS A 113 -47.16 -19.52 -52.71
N ALA A 114 -47.02 -20.02 -53.94
CA ALA A 114 -45.70 -20.05 -54.58
C ALA A 114 -45.16 -18.64 -54.77
N ALA A 115 -46.01 -17.71 -55.21
CA ALA A 115 -45.53 -16.36 -55.45
C ALA A 115 -45.09 -15.69 -54.15
N THR A 116 -45.82 -15.91 -53.06
CA THR A 116 -45.48 -15.25 -51.81
C THR A 116 -44.15 -15.74 -51.26
N VAL A 117 -43.85 -17.04 -51.39
CA VAL A 117 -42.64 -17.61 -50.82
C VAL A 117 -41.53 -17.72 -51.85
N LEU A 118 -41.76 -17.26 -53.07
CA LEU A 118 -40.70 -17.15 -54.06
C LEU A 118 -40.53 -15.76 -54.64
N GLY A 119 -41.44 -14.84 -54.36
CA GLY A 119 -41.28 -13.51 -54.93
C GLY A 119 -41.83 -13.43 -56.34
N ALA A 120 -42.64 -12.40 -56.57
CA ALA A 120 -43.25 -12.18 -57.88
C ALA A 120 -43.49 -10.69 -58.05
N ALA A 121 -43.09 -10.15 -59.19
CA ALA A 121 -43.21 -8.71 -59.40
C ALA A 121 -44.66 -8.27 -59.43
N GLU A 122 -45.58 -9.15 -59.79
CA GLU A 122 -47.00 -8.83 -59.78
C GLU A 122 -47.81 -10.11 -59.80
N VAL A 123 -48.78 -10.20 -58.89
CA VAL A 123 -49.72 -11.31 -58.84
C VAL A 123 -51.10 -10.75 -59.14
N PHE A 124 -51.73 -11.27 -60.19
CA PHE A 124 -53.01 -10.73 -60.64
C PHE A 124 -53.94 -11.88 -60.96
N HIS A 125 -55.17 -11.52 -61.32
CA HIS A 125 -56.22 -12.49 -61.61
C HIS A 125 -57.14 -11.87 -62.65
N VAL A 126 -57.32 -12.57 -63.77
CA VAL A 126 -58.04 -12.03 -64.91
C VAL A 126 -59.49 -12.46 -64.83
N LEU A 127 -60.40 -11.52 -65.04
CA LEU A 127 -61.83 -11.79 -65.09
C LEU A 127 -62.35 -11.50 -66.49
N ALA A 128 -63.57 -11.98 -66.75
CA ALA A 128 -64.23 -11.74 -68.02
C ALA A 128 -65.72 -11.73 -67.80
N ASP A 129 -66.34 -10.56 -67.94
CA ASP A 129 -67.78 -10.45 -67.83
C ASP A 129 -68.45 -11.09 -69.04
N ASP A 130 -69.61 -11.70 -68.82
CA ASP A 130 -70.30 -12.42 -69.87
C ASP A 130 -70.69 -11.51 -71.01
N CYS A 131 -70.05 -11.65 -72.16
CA CYS A 131 -70.42 -10.87 -73.34
C CYS A 131 -70.53 -11.69 -74.62
N CYS A 132 -69.88 -12.85 -74.72
CA CYS A 132 -70.04 -13.69 -75.89
C CYS A 132 -71.43 -14.30 -75.86
N VAL A 133 -72.22 -14.04 -76.91
CA VAL A 133 -73.63 -14.42 -76.88
C VAL A 133 -73.77 -15.94 -76.78
N GLY A 134 -73.05 -16.67 -77.62
CA GLY A 134 -73.00 -18.11 -77.53
C GLY A 134 -74.34 -18.79 -77.75
N PRO A 135 -74.41 -20.09 -77.46
CA PRO A 135 -75.68 -20.81 -77.61
C PRO A 135 -76.69 -20.37 -76.56
N GLN A 136 -76.29 -20.41 -75.30
CA GLN A 136 -77.06 -19.86 -74.20
C GLN A 136 -76.58 -18.45 -73.93
N GLY A 137 -77.49 -17.60 -73.46
CA GLY A 137 -77.14 -16.19 -73.31
C GLY A 137 -76.04 -15.99 -72.30
N ARG A 138 -75.19 -15.00 -72.57
CA ARG A 138 -74.21 -14.47 -71.61
C ARG A 138 -73.22 -15.54 -71.17
N LEU A 139 -72.39 -15.96 -72.12
CA LEU A 139 -71.21 -16.75 -71.82
C LEU A 139 -69.95 -15.91 -71.95
N MET A 140 -69.03 -16.11 -71.00
CA MET A 140 -67.73 -15.48 -71.07
C MET A 140 -66.98 -15.98 -72.30
N PRO A 141 -66.10 -15.17 -72.89
CA PRO A 141 -65.63 -15.43 -74.26
C PRO A 141 -64.77 -16.68 -74.35
N PRO A 142 -65.27 -17.75 -74.98
CA PRO A 142 -64.44 -18.94 -75.20
C PRO A 142 -63.88 -19.02 -76.61
N SER A 143 -64.37 -18.17 -77.51
CA SER A 143 -64.27 -18.44 -78.94
C SER A 143 -63.01 -17.80 -79.51
N THR A 144 -61.89 -18.45 -79.23
CA THR A 144 -60.60 -18.22 -79.87
C THR A 144 -60.22 -16.74 -79.86
N LEU A 145 -59.44 -16.33 -80.85
CA LEU A 145 -58.90 -14.98 -80.88
C LEU A 145 -59.95 -13.96 -81.31
N GLU A 146 -60.96 -14.38 -82.07
CA GLU A 146 -61.91 -13.43 -82.63
C GLU A 146 -62.69 -12.71 -81.55
N GLU A 147 -62.91 -13.36 -80.40
CA GLU A 147 -63.68 -12.76 -79.32
C GLU A 147 -62.79 -12.22 -78.21
N ILE A 148 -61.68 -12.90 -77.93
CA ILE A 148 -60.75 -12.40 -76.91
C ILE A 148 -60.23 -11.03 -77.30
N LEU A 149 -59.84 -10.86 -78.57
CA LEU A 149 -59.47 -9.54 -79.04
C LEU A 149 -60.64 -8.58 -78.97
N TRP A 150 -61.84 -9.05 -79.32
CA TRP A 150 -63.03 -8.22 -79.21
C TRP A 150 -63.36 -7.92 -77.76
N ALA A 151 -62.92 -8.76 -76.83
CA ALA A 151 -63.20 -8.50 -75.42
C ALA A 151 -62.32 -7.39 -74.88
N ARG A 152 -61.06 -7.31 -75.34
CA ARG A 152 -60.14 -6.33 -74.80
C ARG A 152 -60.57 -4.91 -75.17
N ASP A 153 -60.84 -4.66 -76.45
CA ASP A 153 -61.18 -3.33 -76.90
C ASP A 153 -62.60 -2.93 -76.54
N GLN A 154 -63.41 -3.84 -76.02
CA GLN A 154 -64.76 -3.53 -75.59
C GLN A 154 -64.83 -3.23 -74.10
N GLY A 155 -63.69 -3.13 -73.44
CA GLY A 155 -63.68 -2.83 -72.01
C GLY A 155 -64.35 -3.91 -71.18
N HIS A 156 -64.07 -5.18 -71.48
CA HIS A 156 -64.70 -6.29 -70.80
C HIS A 156 -63.77 -7.00 -69.82
N LEU A 157 -62.59 -7.39 -70.27
CA LEU A 157 -61.66 -8.10 -69.41
C LEU A 157 -61.23 -7.21 -68.25
N HIS A 158 -61.21 -7.78 -67.05
CA HIS A 158 -60.80 -7.08 -65.85
C HIS A 158 -59.59 -7.77 -65.26
N TRP A 159 -58.61 -6.97 -64.83
CA TRP A 159 -57.37 -7.49 -64.25
C TRP A 159 -57.27 -6.97 -62.82
N ILE A 160 -57.73 -7.76 -61.87
CA ILE A 160 -57.53 -7.43 -60.47
C ILE A 160 -56.11 -7.86 -60.08
N ARG A 161 -55.25 -6.88 -59.80
CA ARG A 161 -53.86 -7.13 -59.49
C ARG A 161 -53.62 -6.98 -58.00
N LEU A 162 -52.95 -7.95 -57.40
CA LEU A 162 -52.76 -8.00 -55.97
C LEU A 162 -51.43 -7.42 -55.52
N GLY A 163 -50.68 -6.81 -56.42
CA GLY A 163 -49.43 -6.17 -56.07
C GLY A 163 -48.28 -7.15 -55.99
N PRO A 164 -47.08 -6.62 -55.75
CA PRO A 164 -45.87 -7.45 -55.77
C PRO A 164 -45.76 -8.32 -54.53
N GLU A 165 -44.81 -9.26 -54.59
CA GLU A 165 -44.48 -10.12 -53.48
C GLU A 165 -42.96 -10.27 -53.44
N ARG A 166 -42.34 -9.94 -52.32
CA ARG A 166 -40.89 -9.92 -52.28
C ARG A 166 -40.30 -11.33 -52.17
N GLY A 167 -40.95 -12.22 -51.43
CA GLY A 167 -40.47 -13.58 -51.31
C GLY A 167 -39.30 -13.72 -50.36
N TRP A 168 -39.07 -14.93 -49.87
CA TRP A 168 -38.02 -15.12 -48.87
C TRP A 168 -36.64 -14.95 -49.49
N PRO A 169 -35.68 -14.41 -48.73
CA PRO A 169 -34.40 -13.99 -49.34
C PRO A 169 -33.60 -15.13 -49.95
N GLN A 170 -33.73 -16.34 -49.43
CA GLN A 170 -32.99 -17.47 -49.97
C GLN A 170 -33.88 -18.44 -50.73
N LEU A 171 -35.02 -17.97 -51.25
CA LEU A 171 -35.86 -18.78 -52.10
C LEU A 171 -35.95 -18.28 -53.54
N ARG A 172 -35.71 -16.99 -53.77
CA ARG A 172 -35.99 -16.36 -55.05
C ARG A 172 -34.92 -16.60 -56.12
N ARG A 173 -33.86 -17.36 -55.83
CA ARG A 173 -33.02 -17.87 -56.90
C ARG A 173 -32.93 -19.40 -56.88
N ILE A 174 -32.56 -19.99 -55.74
CA ILE A 174 -32.22 -21.42 -55.63
C ILE A 174 -31.38 -21.81 -56.85
N ALA A 175 -31.75 -22.92 -57.49
CA ALA A 175 -31.14 -23.42 -58.71
C ALA A 175 -32.00 -24.57 -59.22
N PRO A 176 -32.28 -24.63 -60.52
CA PRO A 176 -33.08 -25.74 -61.04
C PRO A 176 -32.42 -27.10 -60.90
N GLU A 177 -31.08 -27.14 -60.84
CA GLU A 177 -30.40 -28.42 -60.71
C GLU A 177 -30.51 -29.01 -59.32
N GLN A 178 -30.81 -28.19 -58.31
CA GLN A 178 -31.09 -28.74 -56.98
C GLN A 178 -32.34 -29.61 -57.01
N PHE A 179 -33.35 -29.17 -57.74
CA PHE A 179 -34.64 -29.86 -57.82
C PHE A 179 -35.00 -30.01 -59.30
N PRO A 180 -34.38 -30.95 -59.99
CA PRO A 180 -34.60 -31.08 -61.44
C PRO A 180 -35.98 -31.63 -61.73
N LEU A 181 -36.43 -31.39 -62.96
CA LEU A 181 -37.70 -31.88 -63.45
C LEU A 181 -37.43 -33.11 -64.31
N GLN A 182 -38.18 -34.19 -64.05
CA GLN A 182 -38.07 -35.40 -64.87
C GLN A 182 -38.95 -35.22 -66.09
N VAL A 183 -38.37 -34.65 -67.15
CA VAL A 183 -39.07 -34.57 -68.42
C VAL A 183 -39.38 -35.97 -68.91
N VAL A 184 -40.65 -36.20 -69.26
CA VAL A 184 -41.06 -37.42 -69.93
C VAL A 184 -42.01 -37.05 -71.05
N GLU A 185 -41.73 -37.54 -72.25
CA GLU A 185 -42.66 -37.44 -73.38
C GLU A 185 -43.02 -35.99 -73.67
N GLU A 186 -42.00 -35.23 -74.08
CA GLU A 186 -42.18 -33.83 -74.45
C GLU A 186 -42.17 -33.70 -75.97
N LYS A 187 -43.22 -33.08 -76.50
CA LYS A 187 -43.29 -32.74 -77.91
C LYS A 187 -42.80 -31.30 -78.07
N GLY A 188 -43.05 -30.70 -79.23
CA GLY A 188 -42.72 -29.31 -79.43
C GLY A 188 -43.44 -28.41 -78.44
N ASP A 189 -42.66 -27.61 -77.70
CA ASP A 189 -43.14 -26.64 -76.72
C ASP A 189 -44.31 -27.17 -75.89
N GLU A 190 -44.26 -28.45 -75.54
CA GLU A 190 -45.33 -29.06 -74.74
C GLU A 190 -44.70 -30.20 -73.96
N ARG A 191 -44.38 -29.94 -72.70
CA ARG A 191 -43.60 -30.85 -71.88
C ARG A 191 -44.45 -31.42 -70.75
N ARG A 192 -44.32 -32.73 -70.53
CA ARG A 192 -44.99 -33.41 -69.42
C ARG A 192 -43.96 -33.60 -68.31
N VAL A 193 -43.89 -32.62 -67.42
CA VAL A 193 -42.92 -32.63 -66.33
C VAL A 193 -43.31 -33.65 -65.28
N GLN A 194 -42.38 -33.95 -64.37
CA GLN A 194 -42.59 -34.98 -63.35
C GLN A 194 -41.51 -34.81 -62.29
N ALA A 195 -41.85 -35.12 -61.05
CA ALA A 195 -40.93 -35.00 -59.93
C ALA A 195 -40.73 -36.36 -59.27
N GLU A 196 -39.46 -36.74 -59.09
CA GLU A 196 -39.15 -38.03 -58.47
C GLU A 196 -39.41 -38.03 -56.97
N ASP A 197 -39.39 -36.87 -56.33
CA ASP A 197 -39.59 -36.78 -54.89
C ASP A 197 -40.12 -35.40 -54.56
N ARG A 198 -40.64 -35.26 -53.35
CA ARG A 198 -41.21 -34.01 -52.86
C ARG A 198 -40.23 -33.29 -51.95
N ALA A 199 -38.95 -33.31 -52.31
CA ALA A 199 -37.93 -32.72 -51.45
C ALA A 199 -38.18 -31.24 -51.22
N PHE A 200 -38.58 -30.51 -52.26
CA PHE A 200 -38.77 -29.07 -52.10
C PHE A 200 -39.86 -28.77 -51.08
N GLY A 201 -40.96 -29.53 -51.12
CA GLY A 201 -42.01 -29.33 -50.13
C GLY A 201 -41.50 -29.51 -48.72
N THR A 202 -40.68 -30.53 -48.49
CA THR A 202 -40.04 -30.69 -47.20
C THR A 202 -39.05 -29.57 -46.92
N PHE A 203 -38.27 -29.19 -47.93
CA PHE A 203 -37.29 -28.12 -47.75
C PHE A 203 -37.97 -26.80 -47.42
N LEU A 204 -39.04 -26.48 -48.15
CA LEU A 204 -39.75 -25.24 -47.89
C LEU A 204 -40.39 -25.25 -46.51
N GLN A 205 -41.00 -26.36 -46.12
CA GLN A 205 -41.66 -26.44 -44.82
C GLN A 205 -40.67 -26.23 -43.69
N ASP A 206 -39.48 -26.82 -43.81
CA ASP A 206 -38.47 -26.64 -42.78
C ASP A 206 -38.11 -25.17 -42.62
N LEU A 207 -38.05 -24.44 -43.73
CA LEU A 207 -37.62 -23.05 -43.67
C LEU A 207 -38.69 -22.15 -43.05
N LEU A 208 -39.95 -22.38 -43.41
CA LEU A 208 -41.02 -21.59 -42.79
C LEU A 208 -41.11 -21.85 -41.30
N GLN A 209 -41.00 -23.11 -40.88
CA GLN A 209 -41.17 -23.42 -39.46
C GLN A 209 -39.99 -22.90 -38.65
N ARG A 210 -38.77 -22.95 -39.20
CA ARG A 210 -37.64 -22.39 -38.47
C ARG A 210 -37.70 -20.87 -38.45
N ALA A 211 -38.22 -20.26 -39.52
CA ALA A 211 -38.44 -18.82 -39.52
C ALA A 211 -39.53 -18.44 -38.51
N SER A 212 -40.54 -19.29 -38.36
CA SER A 212 -41.56 -19.03 -37.35
C SER A 212 -40.98 -19.15 -35.95
N ARG A 213 -40.24 -20.23 -35.70
CA ARG A 213 -39.69 -20.46 -34.37
C ARG A 213 -38.71 -19.36 -33.97
N ILE A 214 -37.84 -18.96 -34.91
CA ILE A 214 -36.86 -17.94 -34.59
C ILE A 214 -37.55 -16.61 -34.30
N ALA A 215 -38.59 -16.28 -35.07
CA ALA A 215 -39.32 -15.05 -34.82
C ALA A 215 -40.07 -15.12 -33.49
N GLY A 216 -40.67 -16.27 -33.19
CA GLY A 216 -41.43 -16.39 -31.96
C GLY A 216 -40.59 -16.31 -30.71
N ALA A 217 -39.31 -16.64 -30.83
CA ALA A 217 -38.39 -16.60 -29.69
C ALA A 217 -37.29 -15.56 -29.86
N TRP A 218 -37.50 -14.57 -30.73
CA TRP A 218 -36.46 -13.59 -30.98
C TRP A 218 -36.43 -12.47 -29.95
N GLU A 219 -37.38 -12.44 -29.02
CA GLU A 219 -37.43 -11.32 -28.10
C GLU A 219 -36.33 -11.39 -27.06
N MET A 220 -35.76 -12.56 -26.82
CA MET A 220 -34.88 -12.74 -25.67
C MET A 220 -33.57 -13.43 -26.02
N LEU A 221 -33.03 -13.17 -27.21
CA LEU A 221 -31.71 -13.70 -27.57
C LEU A 221 -30.63 -13.38 -26.55
N PRO A 222 -30.62 -12.19 -25.94
CA PRO A 222 -29.60 -11.92 -24.92
C PRO A 222 -29.51 -12.98 -23.84
N GLU A 223 -30.65 -13.54 -23.43
CA GLU A 223 -30.62 -14.61 -22.42
C GLU A 223 -30.20 -15.94 -23.00
N LEU A 224 -30.54 -16.20 -24.25
CA LEU A 224 -30.21 -17.49 -24.84
C LEU A 224 -28.70 -17.62 -25.03
N PRO A 225 -28.06 -18.64 -24.46
CA PRO A 225 -26.60 -18.73 -24.57
C PRO A 225 -26.11 -18.86 -26.00
N PHE A 226 -26.85 -19.54 -26.86
CA PHE A 226 -26.44 -19.75 -28.24
C PHE A 226 -27.55 -19.30 -29.17
N ALA A 227 -27.19 -19.04 -30.42
CA ALA A 227 -28.16 -18.60 -31.41
C ALA A 227 -29.04 -19.72 -31.92
N ASP A 228 -28.52 -20.95 -31.96
CA ASP A 228 -29.29 -22.06 -32.52
C ASP A 228 -30.47 -22.44 -31.64
N LEU A 229 -30.44 -22.12 -30.35
CA LEU A 229 -31.59 -22.38 -29.50
C LEU A 229 -32.82 -21.60 -29.94
N ALA A 230 -32.62 -20.48 -30.64
CA ALA A 230 -33.74 -19.71 -31.15
C ALA A 230 -34.57 -20.46 -32.17
N THR A 231 -34.06 -21.55 -32.73
CA THR A 231 -34.77 -22.34 -33.72
C THR A 231 -35.48 -23.54 -33.10
N TRP A 232 -35.87 -23.43 -31.83
CA TRP A 232 -36.53 -24.52 -31.12
C TRP A 232 -38.00 -24.19 -30.90
N SER A 233 -38.80 -25.23 -30.74
CA SER A 233 -40.22 -25.04 -30.49
C SER A 233 -40.44 -24.50 -29.08
N GLU A 234 -41.65 -24.00 -28.84
CA GLU A 234 -41.97 -23.46 -27.52
C GLU A 234 -41.89 -24.55 -26.46
N GLY A 235 -42.38 -25.75 -26.78
CA GLY A 235 -42.32 -26.83 -25.82
C GLY A 235 -40.89 -27.21 -25.46
N GLU A 236 -40.03 -27.33 -26.46
CA GLU A 236 -38.63 -27.65 -26.20
C GLU A 236 -37.97 -26.56 -25.38
N LEU A 237 -38.23 -25.30 -25.72
CA LEU A 237 -37.68 -24.20 -24.93
C LEU A 237 -38.21 -24.22 -23.51
N ALA A 238 -39.51 -24.50 -23.34
CA ALA A 238 -40.06 -24.66 -22.00
C ALA A 238 -39.44 -25.86 -21.29
N TRP A 239 -39.25 -26.95 -22.01
CA TRP A 239 -38.57 -28.12 -21.44
C TRP A 239 -37.14 -27.81 -21.06
N LEU A 240 -36.53 -26.81 -21.68
CA LEU A 240 -35.15 -26.46 -21.39
C LEU A 240 -35.00 -25.71 -20.07
N ARG A 241 -36.07 -25.12 -19.56
CA ARG A 241 -36.01 -24.34 -18.32
C ARG A 241 -36.52 -25.12 -17.12
N GLU A 242 -36.81 -26.38 -17.28
CA GLU A 242 -37.18 -27.15 -16.12
C GLU A 242 -35.95 -27.72 -15.43
N PRO A 243 -36.03 -28.00 -14.13
CA PRO A 243 -34.86 -28.57 -13.44
C PRO A 243 -34.44 -29.90 -14.06
N LEU A 244 -33.13 -30.11 -14.10
CA LEU A 244 -32.59 -31.35 -14.65
C LEU A 244 -32.93 -32.53 -13.75
N ASP A 245 -33.19 -33.68 -14.36
CA ASP A 245 -33.50 -34.91 -13.64
C ASP A 245 -32.46 -35.97 -14.02
N PRO A 246 -31.36 -36.07 -13.27
CA PRO A 246 -30.33 -37.06 -13.62
C PRO A 246 -30.83 -38.49 -13.54
N ARG A 247 -31.89 -38.75 -12.79
CA ARG A 247 -32.43 -40.11 -12.73
C ARG A 247 -33.08 -40.52 -14.04
N ALA A 248 -33.72 -39.58 -14.73
CA ALA A 248 -34.42 -39.91 -15.96
C ALA A 248 -33.42 -40.31 -17.05
N PRO A 249 -33.60 -41.47 -17.68
CA PRO A 249 -32.69 -41.86 -18.77
C PRO A 249 -32.69 -40.88 -19.93
N ALA A 250 -33.83 -40.23 -20.20
CA ALA A 250 -33.87 -39.28 -21.31
C ALA A 250 -32.92 -38.13 -21.08
N ASP A 251 -32.86 -37.61 -19.84
CA ASP A 251 -31.93 -36.53 -19.55
C ASP A 251 -30.49 -37.00 -19.66
N GLN A 252 -30.20 -38.22 -19.22
CA GLN A 252 -28.83 -38.74 -19.27
C GLN A 252 -28.35 -38.85 -20.71
N ARG A 253 -29.21 -39.32 -21.62
CA ARG A 253 -28.82 -39.40 -23.02
C ARG A 253 -28.56 -38.01 -23.59
N TRP A 254 -29.40 -37.04 -23.24
CA TRP A 254 -29.25 -35.71 -23.80
C TRP A 254 -27.94 -35.06 -23.38
N VAL A 255 -27.57 -35.20 -22.10
CA VAL A 255 -26.34 -34.60 -21.62
C VAL A 255 -25.13 -35.23 -22.31
N ALA A 256 -25.17 -36.55 -22.50
CA ALA A 256 -24.06 -37.24 -23.14
C ALA A 256 -23.83 -36.74 -24.56
N GLY A 257 -24.88 -36.28 -25.23
CA GLY A 257 -24.75 -35.80 -26.59
C GLY A 257 -24.33 -34.36 -26.74
N LEU A 258 -24.31 -33.59 -25.65
CA LEU A 258 -23.96 -32.19 -25.75
C LEU A 258 -22.50 -32.04 -26.16
N PRO A 259 -22.19 -31.07 -27.03
CA PRO A 259 -20.78 -30.70 -27.23
C PRO A 259 -20.26 -29.95 -26.02
N LYS A 260 -19.24 -30.51 -25.38
CA LYS A 260 -18.76 -30.01 -24.11
C LYS A 260 -17.38 -29.41 -24.28
N ILE A 261 -16.99 -28.58 -23.31
CA ILE A 261 -15.67 -27.98 -23.26
C ILE A 261 -15.05 -28.30 -21.92
N GLU A 262 -13.86 -28.90 -21.94
CA GLU A 262 -13.15 -29.31 -20.74
C GLU A 262 -11.98 -28.36 -20.51
N LEU A 263 -11.84 -27.87 -19.28
CA LEU A 263 -10.80 -26.91 -18.95
C LEU A 263 -9.86 -27.35 -17.83
N HIS A 264 -10.28 -28.28 -16.98
CA HIS A 264 -9.49 -28.71 -15.83
C HIS A 264 -9.43 -30.23 -15.86
N CYS A 265 -8.47 -30.78 -16.60
CA CYS A 265 -8.27 -32.22 -16.68
C CYS A 265 -6.79 -32.52 -16.59
N HIS A 266 -6.44 -33.52 -15.78
CA HIS A 266 -5.05 -33.87 -15.52
C HIS A 266 -4.65 -35.08 -16.33
N LEU A 267 -3.51 -35.00 -17.01
CA LEU A 267 -3.04 -36.12 -17.80
C LEU A 267 -2.60 -37.29 -16.94
N GLY A 268 -2.09 -37.02 -15.74
CA GLY A 268 -1.56 -38.05 -14.88
C GLY A 268 -2.58 -38.84 -14.10
N GLY A 269 -3.86 -38.56 -14.27
CA GLY A 269 -4.88 -39.28 -13.54
C GLY A 269 -5.98 -39.83 -14.42
N PHE A 270 -5.63 -40.29 -15.61
CA PHE A 270 -6.63 -40.76 -16.55
C PHE A 270 -7.01 -42.23 -16.33
N ALA A 271 -6.04 -43.12 -16.41
CA ALA A 271 -6.29 -44.55 -16.36
C ALA A 271 -5.56 -45.13 -15.15
N THR A 272 -6.21 -45.12 -14.00
CA THR A 272 -5.64 -45.64 -12.78
C THR A 272 -6.29 -46.95 -12.33
N HIS A 273 -7.26 -47.46 -13.09
CA HIS A 273 -7.99 -48.65 -12.68
C HIS A 273 -8.52 -49.35 -13.92
N GLY A 274 -9.00 -50.58 -13.72
CA GLY A 274 -9.71 -51.27 -14.76
C GLY A 274 -8.82 -51.71 -15.91
N GLU A 275 -9.47 -52.01 -17.04
CA GLU A 275 -8.76 -52.49 -18.21
C GLU A 275 -7.85 -51.42 -18.80
N LEU A 276 -8.21 -50.14 -18.62
CA LEU A 276 -7.41 -49.06 -19.19
C LEU A 276 -5.99 -49.06 -18.63
N LEU A 277 -5.84 -49.36 -17.33
CA LEU A 277 -4.50 -49.45 -16.76
C LEU A 277 -3.70 -50.55 -17.43
N ARG A 278 -4.33 -51.69 -17.69
CA ARG A 278 -3.63 -52.77 -18.39
C ARG A 278 -3.26 -52.36 -19.81
N ARG A 279 -4.10 -51.57 -20.47
CA ARG A 279 -3.81 -51.16 -21.84
C ARG A 279 -2.53 -50.35 -21.91
N VAL A 280 -2.32 -49.45 -20.95
CA VAL A 280 -1.09 -48.66 -20.93
C VAL A 280 0.11 -49.57 -20.67
N ARG A 281 -0.01 -50.48 -19.71
CA ARG A 281 1.10 -51.40 -19.43
C ARG A 281 1.37 -52.33 -20.60
N ASN A 282 0.33 -52.69 -21.35
CA ASN A 282 0.51 -53.55 -22.52
C ASN A 282 1.26 -52.86 -23.65
N ALA A 283 1.42 -51.54 -23.60
CA ALA A 283 2.17 -50.79 -24.60
C ALA A 283 3.29 -50.06 -23.86
N ALA A 284 4.41 -50.76 -23.67
CA ALA A 284 5.56 -50.19 -22.99
C ALA A 284 6.83 -50.57 -23.74
N GLU A 285 7.75 -49.61 -23.86
CA GLU A 285 9.00 -49.89 -24.55
C GLU A 285 9.94 -50.76 -23.71
N ASN A 286 9.82 -50.67 -22.38
CA ASN A 286 10.66 -51.43 -21.46
C ASN A 286 9.76 -52.17 -20.49
N PRO A 287 9.13 -53.27 -20.92
CA PRO A 287 8.25 -54.01 -20.01
C PRO A 287 8.94 -54.58 -18.80
N GLY A 288 10.28 -54.72 -18.84
CA GLY A 288 10.99 -55.24 -17.69
C GLY A 288 11.06 -54.26 -16.53
N LYS A 289 10.90 -52.97 -16.81
CA LYS A 289 11.08 -51.93 -15.80
C LYS A 289 9.77 -51.37 -15.26
N LEU A 290 8.64 -51.79 -15.81
CA LEU A 290 7.37 -51.33 -15.24
C LEU A 290 7.18 -51.93 -13.85
N PRO A 291 6.72 -51.14 -12.89
CA PRO A 291 6.53 -51.67 -11.54
C PRO A 291 5.40 -52.68 -11.51
N PRO A 292 5.39 -53.60 -10.54
CA PRO A 292 4.33 -54.61 -10.49
C PRO A 292 2.97 -54.00 -10.28
N LEU A 293 1.94 -54.70 -10.76
CA LEU A 293 0.57 -54.22 -10.64
C LEU A 293 0.21 -54.01 -9.17
N GLU A 294 -0.02 -52.76 -8.79
CA GLU A 294 -0.35 -52.38 -7.43
C GLU A 294 -1.59 -51.51 -7.43
N GLU A 295 -2.63 -51.99 -8.12
CA GLU A 295 -3.88 -51.27 -8.26
C GLU A 295 -4.48 -51.00 -6.88
N PRO A 296 -4.71 -49.74 -6.51
CA PRO A 296 -5.18 -49.45 -5.16
C PRO A 296 -6.62 -49.89 -4.95
N ARG A 297 -6.99 -49.99 -3.69
CA ARG A 297 -8.35 -50.33 -3.29
C ARG A 297 -9.12 -49.04 -3.03
N LEU A 298 -10.26 -48.89 -3.72
CA LEU A 298 -11.06 -47.69 -3.57
C LEU A 298 -11.86 -47.74 -2.28
N PRO A 299 -12.19 -46.57 -1.73
CA PRO A 299 -13.07 -46.55 -0.54
C PRO A 299 -14.43 -47.12 -0.87
N GLU A 300 -15.10 -47.64 0.16
CA GLU A 300 -16.39 -48.27 -0.02
C GLU A 300 -17.37 -47.28 -0.66
N GLY A 301 -18.03 -47.71 -1.73
CA GLY A 301 -18.91 -46.84 -2.47
C GLY A 301 -18.17 -45.64 -3.03
N TRP A 302 -17.05 -45.88 -3.68
CA TRP A 302 -16.10 -44.80 -3.99
C TRP A 302 -16.70 -43.66 -4.80
N PRO A 303 -17.42 -43.90 -5.90
CA PRO A 303 -17.88 -42.74 -6.70
C PRO A 303 -18.70 -41.75 -5.91
N LEU A 304 -19.45 -42.20 -4.91
CA LEU A 304 -20.17 -41.33 -3.98
C LEU A 304 -19.83 -41.78 -2.57
N PRO A 305 -18.67 -41.39 -2.06
CA PRO A 305 -18.24 -41.89 -0.75
C PRO A 305 -19.13 -41.38 0.37
N ALA A 306 -19.29 -42.22 1.39
CA ALA A 306 -20.08 -41.83 2.56
C ALA A 306 -19.43 -40.67 3.30
N GLN A 307 -18.10 -40.69 3.40
CA GLN A 307 -17.36 -39.65 4.08
C GLN A 307 -16.27 -39.11 3.18
N PRO A 308 -15.98 -37.82 3.24
CA PRO A 308 -14.87 -37.26 2.45
C PRO A 308 -13.54 -37.77 2.96
N ILE A 309 -12.58 -37.82 2.05
CA ILE A 309 -11.22 -38.23 2.40
C ILE A 309 -10.27 -37.05 2.19
N PRO A 310 -9.21 -36.94 2.97
CA PRO A 310 -8.23 -35.87 2.74
C PRO A 310 -7.50 -36.09 1.43
N LEU A 311 -6.86 -35.00 0.95
CA LEU A 311 -6.16 -35.06 -0.32
C LEU A 311 -5.01 -36.06 -0.30
N ALA A 312 -4.41 -36.28 0.88
CA ALA A 312 -3.30 -37.21 0.97
C ALA A 312 -3.69 -38.59 0.47
N GLU A 313 -4.80 -39.13 0.99
CA GLU A 313 -5.29 -40.41 0.49
C GLU A 313 -5.90 -40.31 -0.90
N TYR A 314 -6.35 -39.11 -1.29
CA TYR A 314 -6.94 -38.96 -2.62
C TYR A 314 -5.90 -39.20 -3.71
N MET A 315 -4.76 -38.51 -3.62
CA MET A 315 -3.71 -38.68 -4.63
C MET A 315 -3.14 -40.09 -4.62
N LYS A 316 -3.11 -40.74 -3.45
CA LYS A 316 -2.61 -42.10 -3.36
C LYS A 316 -3.46 -43.10 -4.11
N LEU A 317 -4.68 -42.72 -4.51
CA LEU A 317 -5.53 -43.61 -5.29
C LEU A 317 -5.09 -43.73 -6.74
N GLY A 318 -4.10 -42.94 -7.16
CA GLY A 318 -3.63 -42.99 -8.54
C GLY A 318 -2.17 -43.33 -8.66
N ASN A 319 -1.64 -44.09 -7.69
CA ASN A 319 -0.23 -44.47 -7.75
C ASN A 319 0.06 -45.42 -8.91
N ALA A 320 -0.92 -46.22 -9.31
CA ALA A 320 -0.70 -47.18 -10.38
C ALA A 320 -0.41 -46.51 -11.72
N ASN A 321 -0.77 -45.23 -11.87
CA ASN A 321 -0.58 -44.51 -13.13
C ASN A 321 0.01 -43.13 -12.87
N GLY A 322 0.83 -43.01 -11.84
CA GLY A 322 1.50 -41.76 -11.57
C GLY A 322 2.74 -41.60 -12.42
N THR A 323 3.84 -41.20 -11.79
CA THR A 323 5.12 -41.13 -12.50
C THR A 323 5.72 -42.51 -12.71
N ALA A 324 5.26 -43.51 -11.96
CA ALA A 324 5.85 -44.85 -12.07
C ALA A 324 5.64 -45.44 -13.46
N LEU A 325 4.45 -45.28 -14.00
CA LEU A 325 4.13 -45.91 -15.28
C LEU A 325 4.49 -45.03 -16.46
N LEU A 326 4.53 -43.71 -16.28
CA LEU A 326 4.68 -42.77 -17.39
C LEU A 326 6.12 -42.38 -17.67
N ARG A 327 7.08 -42.88 -16.89
CA ARG A 327 8.48 -42.58 -17.19
C ARG A 327 8.90 -43.23 -18.50
N ASP A 328 8.33 -44.38 -18.82
CA ASP A 328 8.62 -45.04 -20.09
C ASP A 328 7.97 -44.26 -21.23
N PRO A 329 8.73 -43.87 -22.26
CA PRO A 329 8.12 -43.11 -23.36
C PRO A 329 7.00 -43.85 -24.06
N GLY A 330 7.06 -45.18 -24.11
CA GLY A 330 6.00 -45.93 -24.77
C GLY A 330 4.66 -45.76 -24.09
N CYS A 331 4.65 -45.80 -22.76
CA CYS A 331 3.40 -45.63 -22.02
C CYS A 331 2.84 -44.22 -22.16
N LEU A 332 3.71 -43.22 -22.32
CA LEU A 332 3.23 -41.85 -22.43
C LEU A 332 2.41 -41.64 -23.69
N ARG A 333 2.87 -42.17 -24.83
CA ARG A 333 2.13 -42.03 -26.06
C ARG A 333 0.79 -42.76 -25.99
N GLU A 334 0.79 -43.95 -25.38
CA GLU A 334 -0.43 -44.74 -25.32
C GLU A 334 -1.52 -44.04 -24.52
N GLN A 335 -1.15 -43.46 -23.38
CA GLN A 335 -2.15 -42.77 -22.56
C GLN A 335 -2.71 -41.55 -23.29
N CYS A 336 -1.85 -40.80 -23.96
CA CYS A 336 -2.34 -39.63 -24.68
C CYS A 336 -3.33 -40.02 -25.76
N ARG A 337 -3.05 -41.12 -26.48
CA ARG A 337 -4.03 -41.63 -27.44
C ARG A 337 -5.31 -42.07 -26.75
N LEU A 338 -5.17 -42.77 -25.61
CA LEU A 338 -6.34 -43.25 -24.90
C LEU A 338 -7.14 -42.10 -24.31
N LEU A 339 -6.47 -41.09 -23.76
CA LEU A 339 -7.18 -39.94 -23.22
C LEU A 339 -7.89 -39.17 -24.33
N TYR A 340 -7.24 -39.00 -25.48
CA TYR A 340 -7.88 -38.29 -26.58
C TYR A 340 -9.10 -39.05 -27.09
N ARG A 341 -8.99 -40.37 -27.21
CA ARG A 341 -10.13 -41.16 -27.66
C ARG A 341 -11.28 -41.07 -26.66
N HIS A 342 -10.97 -41.05 -25.37
CA HIS A 342 -12.00 -40.89 -24.36
C HIS A 342 -12.70 -39.55 -24.49
N LEU A 343 -11.93 -38.49 -24.75
CA LEU A 343 -12.53 -37.16 -24.86
C LEU A 343 -13.48 -37.08 -26.05
N VAL A 344 -13.09 -37.65 -27.19
CA VAL A 344 -13.96 -37.61 -28.36
C VAL A 344 -15.24 -38.39 -28.09
N ASP A 345 -15.13 -39.56 -27.46
CA ASP A 345 -16.31 -40.33 -27.11
C ASP A 345 -17.22 -39.53 -26.17
N GLN A 346 -16.63 -38.77 -25.26
CA GLN A 346 -17.41 -37.91 -24.39
C GLN A 346 -18.11 -36.80 -25.17
N GLY A 347 -17.61 -36.47 -26.35
CA GLY A 347 -18.14 -35.39 -27.14
C GLY A 347 -17.46 -34.06 -26.96
N VAL A 348 -16.32 -34.01 -26.26
CA VAL A 348 -15.67 -32.74 -25.99
C VAL A 348 -15.14 -32.17 -27.30
N CYS A 349 -15.49 -30.91 -27.57
CA CYS A 349 -15.04 -30.21 -28.77
C CYS A 349 -13.78 -29.39 -28.53
N TYR A 350 -13.36 -29.23 -27.29
CA TYR A 350 -12.17 -28.46 -26.96
C TYR A 350 -11.76 -28.78 -25.53
N ALA A 351 -10.51 -29.16 -25.35
CA ALA A 351 -10.02 -29.53 -24.02
C ALA A 351 -8.66 -28.89 -23.80
N GLU A 352 -8.33 -28.68 -22.53
CA GLU A 352 -7.04 -28.15 -22.11
C GLU A 352 -6.47 -29.10 -21.07
N VAL A 353 -5.72 -30.10 -21.52
CA VAL A 353 -5.24 -31.15 -20.64
C VAL A 353 -4.03 -30.64 -19.88
N ARG A 354 -4.13 -30.63 -18.56
CA ARG A 354 -3.01 -30.26 -17.70
C ARG A 354 -1.94 -31.35 -17.71
N CYS A 355 -0.69 -30.93 -17.54
CA CYS A 355 0.41 -31.88 -17.52
C CYS A 355 1.60 -31.27 -16.81
N SER A 356 2.51 -32.14 -16.37
CA SER A 356 3.76 -31.72 -15.74
C SER A 356 4.88 -32.61 -16.26
N PRO A 357 5.55 -32.19 -17.34
CA PRO A 357 6.58 -33.05 -17.94
C PRO A 357 7.74 -33.36 -17.00
N ALA A 358 8.03 -32.48 -16.05
CA ALA A 358 9.19 -32.67 -15.19
C ALA A 358 9.05 -33.92 -14.34
N ASN A 359 7.82 -34.25 -13.94
CA ASN A 359 7.60 -35.45 -13.14
C ASN A 359 8.00 -36.70 -13.90
N TYR A 360 7.69 -36.76 -15.19
CA TYR A 360 8.01 -37.92 -16.01
C TYR A 360 9.35 -37.77 -16.71
N ALA A 361 10.40 -37.45 -15.96
CA ALA A 361 11.71 -37.20 -16.55
C ALA A 361 12.77 -37.72 -15.59
N GLU A 362 13.22 -38.96 -15.82
CA GLU A 362 14.35 -39.53 -15.11
C GLU A 362 15.61 -39.53 -15.97
N VAL A 363 15.54 -40.13 -17.15
CA VAL A 363 16.64 -40.11 -18.09
C VAL A 363 16.46 -39.04 -19.15
N ARG A 364 15.28 -39.01 -19.77
CA ARG A 364 14.99 -38.00 -20.77
C ARG A 364 14.73 -36.65 -20.11
N SER A 365 15.00 -35.59 -20.84
CA SER A 365 14.80 -34.24 -20.35
C SER A 365 13.33 -33.89 -20.33
N PRO A 366 12.93 -32.91 -19.53
CA PRO A 366 11.53 -32.47 -19.54
C PRO A 366 11.06 -32.01 -20.91
N TRP A 367 11.95 -31.42 -21.71
CA TRP A 367 11.56 -31.00 -23.06
C TRP A 367 11.19 -32.20 -23.92
N ASP A 368 11.92 -33.31 -23.77
CA ASP A 368 11.56 -34.52 -24.50
C ASP A 368 10.17 -35.00 -24.10
N VAL A 369 9.84 -34.91 -22.82
CA VAL A 369 8.51 -35.31 -22.36
C VAL A 369 7.45 -34.41 -22.99
N LEU A 370 7.68 -33.10 -22.96
CA LEU A 370 6.73 -32.17 -23.55
C LEU A 370 6.63 -32.36 -25.06
N ALA A 371 7.76 -32.60 -25.73
CA ALA A 371 7.73 -32.83 -27.16
C ALA A 371 6.96 -34.08 -27.50
N ASP A 372 7.15 -35.16 -26.73
CA ASP A 372 6.38 -36.37 -26.96
C ASP A 372 4.90 -36.17 -26.67
N ILE A 373 4.57 -35.43 -25.61
CA ILE A 373 3.17 -35.19 -25.28
C ILE A 373 2.49 -34.42 -26.40
N ARG A 374 3.10 -33.33 -26.85
CA ARG A 374 2.50 -32.53 -27.90
C ARG A 374 2.41 -33.32 -29.20
N ALA A 375 3.45 -34.08 -29.54
CA ALA A 375 3.41 -34.90 -30.74
C ALA A 375 2.33 -35.97 -30.65
N ALA A 376 2.16 -36.57 -29.46
CA ALA A 376 1.14 -37.59 -29.31
C ALA A 376 -0.25 -37.03 -29.52
N PHE A 377 -0.53 -35.84 -28.99
CA PHE A 377 -1.82 -35.22 -29.20
C PHE A 377 -1.97 -34.71 -30.63
N GLN A 378 -0.91 -34.13 -31.18
CA GLN A 378 -0.98 -33.61 -32.54
C GLN A 378 -1.23 -34.73 -33.54
N GLU A 379 -0.61 -35.89 -33.33
CA GLU A 379 -0.87 -37.03 -34.20
C GLU A 379 -2.32 -37.46 -34.12
N CYS A 380 -2.87 -37.54 -32.90
CA CYS A 380 -4.26 -37.95 -32.74
C CYS A 380 -5.21 -36.96 -33.39
N MET A 381 -4.95 -35.66 -33.21
CA MET A 381 -5.81 -34.66 -33.83
C MET A 381 -5.76 -34.74 -35.35
N GLU A 382 -4.56 -34.97 -35.90
CA GLU A 382 -4.44 -35.15 -37.34
C GLU A 382 -5.17 -36.41 -37.79
N GLY A 383 -5.00 -37.51 -37.06
CA GLY A 383 -5.64 -38.75 -37.44
C GLY A 383 -7.16 -38.70 -37.33
N ALA A 384 -7.66 -38.13 -36.23
CA ALA A 384 -9.10 -38.01 -36.02
C ALA A 384 -9.67 -36.82 -36.79
N ARG A 385 -9.49 -36.89 -38.12
CA ARG A 385 -9.92 -35.81 -39.00
C ARG A 385 -11.36 -36.03 -39.41
N THR A 386 -12.23 -35.12 -39.00
CA THR A 386 -13.65 -35.19 -39.28
C THR A 386 -14.22 -33.78 -39.16
N ALA A 387 -15.54 -33.67 -39.02
CA ALA A 387 -16.24 -32.42 -38.74
C ALA A 387 -16.18 -31.49 -39.95
N PRO A 388 -17.10 -30.52 -40.05
CA PRO A 388 -17.05 -29.58 -41.19
C PRO A 388 -15.75 -28.79 -41.20
N GLY A 389 -15.25 -28.54 -42.40
CA GLY A 389 -14.04 -27.76 -42.58
C GLY A 389 -12.75 -28.49 -42.31
N GLY A 390 -12.80 -29.79 -42.04
CA GLY A 390 -11.58 -30.53 -41.75
C GLY A 390 -10.92 -30.17 -40.44
N LEU A 391 -11.67 -29.73 -39.44
CA LEU A 391 -11.10 -29.44 -38.15
C LEU A 391 -11.09 -30.70 -37.28
N PRO A 392 -10.13 -30.81 -36.36
CA PRO A 392 -10.07 -32.00 -35.51
C PRO A 392 -11.33 -32.14 -34.67
N ALA A 393 -11.68 -33.39 -34.38
CA ALA A 393 -12.89 -33.66 -33.60
C ALA A 393 -12.81 -33.00 -32.23
N CYS A 394 -11.66 -33.12 -31.56
CA CYS A 394 -11.43 -32.44 -30.29
C CYS A 394 -10.10 -31.73 -30.37
N HIS A 395 -10.10 -30.44 -30.07
CA HIS A 395 -8.89 -29.65 -30.06
C HIS A 395 -8.31 -29.63 -28.65
N VAL A 396 -7.08 -30.09 -28.52
CA VAL A 396 -6.45 -30.27 -27.22
C VAL A 396 -5.27 -29.31 -27.11
N ASN A 397 -5.28 -28.48 -26.08
CA ASN A 397 -4.16 -27.61 -25.76
C ASN A 397 -3.56 -28.06 -24.43
N LEU A 398 -2.40 -27.52 -24.10
CA LEU A 398 -1.64 -27.95 -22.95
C LEU A 398 -1.48 -26.81 -21.96
N ILE A 399 -1.66 -27.13 -20.69
CA ILE A 399 -1.37 -26.22 -19.59
C ILE A 399 -0.44 -26.93 -18.62
N LEU A 400 0.66 -26.28 -18.27
CA LEU A 400 1.69 -26.90 -17.45
C LEU A 400 1.42 -26.64 -15.97
N ILE A 401 1.64 -27.67 -15.15
CA ILE A 401 1.46 -27.57 -13.71
C ILE A 401 2.83 -27.64 -13.05
N ALA A 402 2.96 -26.93 -11.93
CA ALA A 402 4.13 -27.09 -11.08
C ALA A 402 4.19 -28.50 -10.53
N THR A 403 5.40 -29.02 -10.37
CA THR A 403 5.58 -30.40 -9.95
C THR A 403 4.95 -30.64 -8.58
N ARG A 404 4.23 -31.75 -8.46
CA ARG A 404 3.63 -32.12 -7.18
C ARG A 404 4.68 -32.49 -6.14
N ARG A 405 5.91 -32.75 -6.57
CA ARG A 405 6.96 -33.16 -5.64
C ARG A 405 7.29 -32.04 -4.67
N ALA A 406 7.37 -32.39 -3.38
CA ALA A 406 7.71 -31.44 -2.33
C ALA A 406 9.18 -31.48 -1.94
N SER A 407 9.97 -32.36 -2.56
CA SER A 407 11.40 -32.44 -2.29
C SER A 407 12.18 -31.71 -3.38
N GLY A 408 13.34 -31.21 -3.00
CA GLY A 408 14.13 -30.38 -3.89
C GLY A 408 13.80 -28.90 -3.75
N ASP A 409 14.69 -28.07 -4.30
CA ASP A 409 14.52 -26.63 -4.19
C ASP A 409 13.26 -26.18 -4.90
N TYR A 410 12.54 -25.25 -4.27
CA TYR A 410 11.23 -24.83 -4.79
C TYR A 410 11.37 -23.69 -5.80
N ARG A 411 12.26 -22.73 -5.54
CA ARG A 411 12.40 -21.60 -6.44
C ARG A 411 12.84 -22.06 -7.83
N ALA A 412 13.79 -22.98 -7.90
CA ALA A 412 14.21 -23.51 -9.19
C ALA A 412 13.11 -24.36 -9.82
N ALA A 413 12.37 -25.11 -9.01
CA ALA A 413 11.33 -25.99 -9.54
C ALA A 413 10.27 -25.19 -10.29
N ILE A 414 9.82 -24.08 -9.71
CA ILE A 414 8.89 -23.21 -10.43
C ILE A 414 9.60 -22.48 -11.55
N ALA A 415 10.89 -22.17 -11.37
CA ALA A 415 11.64 -21.51 -12.44
C ALA A 415 11.74 -22.42 -13.66
N ARG A 416 12.04 -23.69 -13.45
CA ARG A 416 12.03 -24.65 -14.55
C ARG A 416 10.65 -24.73 -15.18
N HIS A 417 9.61 -24.73 -14.35
CA HIS A 417 8.24 -24.80 -14.84
C HIS A 417 7.93 -23.63 -15.77
N LEU A 418 8.18 -22.42 -15.31
CA LEU A 418 7.85 -21.25 -16.12
C LEU A 418 8.77 -21.15 -17.34
N ALA A 419 10.06 -21.41 -17.16
CA ALA A 419 10.99 -21.31 -18.28
C ALA A 419 10.65 -22.32 -19.36
N LEU A 420 10.25 -23.52 -18.96
CA LEU A 420 9.82 -24.51 -19.95
C LEU A 420 8.58 -24.04 -20.69
N ALA A 421 7.62 -23.45 -19.98
CA ALA A 421 6.40 -23.02 -20.62
C ALA A 421 6.64 -21.84 -21.56
N VAL A 422 7.47 -20.88 -21.15
CA VAL A 422 7.68 -19.69 -21.96
C VAL A 422 8.28 -20.05 -23.31
N THR A 423 9.30 -20.92 -23.30
CA THR A 423 9.89 -21.34 -24.56
C THR A 423 8.99 -22.30 -25.32
N ALA A 424 8.14 -23.04 -24.60
CA ALA A 424 7.21 -23.93 -25.29
C ALA A 424 6.21 -23.13 -26.12
N ALA A 425 5.71 -22.01 -25.58
CA ALA A 425 4.78 -21.18 -26.32
C ALA A 425 5.40 -20.60 -27.57
N GLU A 426 6.70 -20.31 -27.55
CA GLU A 426 7.38 -19.79 -28.73
C GLU A 426 7.75 -20.89 -29.71
N HIS A 427 8.07 -22.08 -29.23
CA HIS A 427 8.47 -23.16 -30.12
C HIS A 427 7.32 -23.59 -31.02
N TRP A 428 6.15 -23.84 -30.44
CA TRP A 428 4.96 -24.18 -31.20
C TRP A 428 4.05 -22.96 -31.25
N ARG A 429 3.91 -22.38 -32.44
CA ARG A 429 3.16 -21.15 -32.60
C ARG A 429 2.01 -21.26 -33.59
N ASP A 430 1.90 -22.38 -34.29
CA ASP A 430 0.77 -22.56 -35.20
C ASP A 430 -0.54 -22.54 -34.43
N GLU A 431 -1.53 -21.81 -34.97
CA GLU A 431 -2.76 -21.60 -34.23
C GLU A 431 -3.58 -22.88 -34.12
N ASN A 432 -3.64 -23.67 -35.19
CA ASN A 432 -4.51 -24.83 -35.24
C ASN A 432 -3.88 -26.08 -34.63
N ALA A 433 -2.65 -26.00 -34.16
CA ALA A 433 -1.97 -27.17 -33.61
C ALA A 433 -2.14 -27.23 -32.09
N CYS A 434 -1.70 -28.33 -31.51
CA CYS A 434 -1.72 -28.50 -30.07
C CYS A 434 -0.68 -27.57 -29.47
N ARG A 435 -1.13 -26.43 -28.97
CA ARG A 435 -0.26 -25.36 -28.52
C ARG A 435 -0.39 -25.17 -27.02
N VAL A 436 0.74 -24.92 -26.36
CA VAL A 436 0.73 -24.64 -24.93
C VAL A 436 0.20 -23.23 -24.72
N VAL A 437 -0.88 -23.11 -23.95
CA VAL A 437 -1.62 -21.85 -23.86
C VAL A 437 -1.52 -21.20 -22.50
N GLY A 438 -1.18 -21.93 -21.44
CA GLY A 438 -1.16 -21.33 -20.13
C GLY A 438 -0.35 -22.13 -19.14
N VAL A 439 -0.25 -21.59 -17.93
CA VAL A 439 0.49 -22.20 -16.84
C VAL A 439 -0.40 -22.27 -15.61
N ASP A 440 -0.08 -23.21 -14.74
CA ASP A 440 -0.75 -23.35 -13.44
C ASP A 440 0.26 -23.03 -12.35
N LEU A 441 -0.17 -22.27 -11.34
CA LEU A 441 0.74 -21.82 -10.31
C LEU A 441 0.24 -22.25 -8.93
N ALA A 442 -0.16 -23.51 -8.80
CA ALA A 442 -0.56 -24.09 -7.54
C ALA A 442 0.63 -24.85 -6.96
N GLY A 443 0.95 -24.58 -5.69
CA GLY A 443 2.10 -25.19 -5.04
C GLY A 443 3.32 -24.32 -4.98
N TYR A 444 3.41 -23.28 -5.81
CA TYR A 444 4.49 -22.31 -5.74
C TYR A 444 4.35 -21.35 -4.56
N GLU A 445 3.11 -20.96 -4.23
CA GLU A 445 2.84 -20.14 -3.06
C GLU A 445 2.58 -21.04 -1.86
N ASP A 446 2.06 -20.45 -0.78
CA ASP A 446 1.72 -21.18 0.44
C ASP A 446 2.94 -21.92 1.00
N GLU A 447 4.08 -21.24 0.99
CA GLU A 447 5.32 -21.80 1.54
C GLU A 447 6.08 -20.65 2.20
N LYS A 448 5.88 -20.49 3.50
CA LYS A 448 6.48 -19.39 4.27
C LYS A 448 6.16 -18.04 3.63
N THR A 449 4.87 -17.85 3.31
CA THR A 449 4.39 -16.65 2.64
C THR A 449 5.14 -16.41 1.33
N ARG A 450 5.02 -17.39 0.43
CA ARG A 450 5.68 -17.34 -0.87
C ARG A 450 4.95 -16.46 -1.88
N ALA A 451 4.01 -15.63 -1.43
CA ALA A 451 3.33 -14.73 -2.35
C ALA A 451 4.29 -13.72 -2.97
N HIS A 452 5.16 -13.14 -2.14
CA HIS A 452 6.08 -12.12 -2.64
C HIS A 452 7.02 -12.68 -3.69
N TYR A 453 7.57 -13.87 -3.45
CA TYR A 453 8.43 -14.50 -4.46
C TYR A 453 7.63 -14.80 -5.72
N PHE A 454 6.41 -15.31 -5.57
CA PHE A 454 5.59 -15.60 -6.75
C PHE A 454 5.14 -14.32 -7.45
N ARG A 455 4.93 -13.24 -6.69
CA ARG A 455 4.49 -11.99 -7.29
C ARG A 455 5.57 -11.31 -8.12
N GLU A 456 6.82 -11.74 -8.01
CA GLU A 456 7.91 -11.16 -8.78
C GLU A 456 8.62 -12.15 -9.70
N GLU A 457 8.55 -13.45 -9.42
CA GLU A 457 9.20 -14.46 -10.25
C GLU A 457 8.24 -15.02 -11.30
N PHE A 458 7.04 -14.46 -11.38
CA PHE A 458 6.07 -14.87 -12.39
C PHE A 458 5.78 -13.78 -13.41
N THR A 459 6.49 -12.66 -13.36
CA THR A 459 6.23 -11.58 -14.32
C THR A 459 6.60 -11.99 -15.74
N ALA A 460 7.52 -12.95 -15.88
CA ALA A 460 7.94 -13.36 -17.23
C ALA A 460 6.78 -13.96 -18.01
N VAL A 461 5.86 -14.64 -17.33
CA VAL A 461 4.72 -15.25 -18.02
C VAL A 461 3.86 -14.17 -18.67
N HIS A 462 3.58 -13.09 -17.94
CA HIS A 462 2.78 -12.01 -18.50
C HIS A 462 3.55 -11.28 -19.60
N ARG A 463 4.86 -11.14 -19.44
CA ARG A 463 5.66 -10.51 -20.48
C ARG A 463 5.63 -11.30 -21.78
N CYS A 464 5.66 -12.64 -21.70
CA CYS A 464 5.67 -13.48 -22.88
C CYS A 464 4.28 -13.76 -23.44
N GLY A 465 3.23 -13.39 -22.73
CA GLY A 465 1.88 -13.51 -23.25
C GLY A 465 1.13 -14.77 -22.88
N LEU A 466 1.71 -15.65 -22.08
CA LEU A 466 0.99 -16.85 -21.67
C LEU A 466 -0.13 -16.50 -20.69
N ALA A 467 -1.07 -17.43 -20.54
CA ALA A 467 -2.16 -17.28 -19.59
C ALA A 467 -1.80 -17.94 -18.27
N VAL A 468 -2.45 -17.50 -17.20
CA VAL A 468 -2.17 -17.98 -15.86
C VAL A 468 -3.48 -18.44 -15.23
N THR A 469 -3.49 -19.68 -14.74
CA THR A 469 -4.59 -20.20 -13.94
C THR A 469 -4.03 -20.63 -12.59
N VAL A 470 -4.76 -20.32 -11.51
CA VAL A 470 -4.33 -20.61 -10.16
C VAL A 470 -5.31 -21.60 -9.55
N HIS A 471 -4.80 -22.75 -9.13
CA HIS A 471 -5.61 -23.79 -8.52
C HIS A 471 -5.55 -23.59 -7.01
N ALA A 472 -6.61 -23.00 -6.45
CA ALA A 472 -6.68 -22.81 -5.01
C ALA A 472 -6.62 -24.15 -4.29
N GLY A 473 -5.73 -24.25 -3.32
CA GLY A 473 -5.47 -25.51 -2.64
C GLY A 473 -6.50 -25.82 -1.57
N GLU A 474 -6.03 -26.49 -0.52
CA GLU A 474 -6.89 -26.84 0.61
C GLU A 474 -7.30 -25.57 1.33
N ASN A 475 -8.41 -25.64 2.07
CA ASN A 475 -8.96 -24.56 2.90
C ASN A 475 -8.74 -23.18 2.30
N ASP A 476 -9.19 -23.00 1.05
CA ASP A 476 -8.93 -21.77 0.31
C ASP A 476 -9.59 -20.57 0.98
N ASP A 477 -8.77 -19.72 1.60
CA ASP A 477 -9.29 -18.52 2.23
C ASP A 477 -9.49 -17.43 1.19
N ALA A 478 -10.28 -16.43 1.56
CA ALA A 478 -10.56 -15.33 0.64
C ALA A 478 -9.29 -14.58 0.28
N GLU A 479 -8.38 -14.40 1.24
CA GLU A 479 -7.13 -13.73 0.94
C GLU A 479 -6.30 -14.51 -0.07
N GLY A 480 -6.27 -15.83 0.04
CA GLY A 480 -5.55 -16.64 -0.93
C GLY A 480 -6.12 -16.49 -2.33
N ILE A 481 -7.45 -16.45 -2.44
CA ILE A 481 -8.06 -16.19 -3.74
C ILE A 481 -7.80 -14.75 -4.16
N TRP A 482 -7.83 -13.82 -3.20
CA TRP A 482 -7.69 -12.40 -3.53
C TRP A 482 -6.35 -12.13 -4.20
N ARG A 483 -5.26 -12.68 -3.64
CA ARG A 483 -3.97 -12.51 -4.27
C ARG A 483 -3.91 -13.24 -5.61
N ALA A 484 -4.62 -14.36 -5.72
CA ALA A 484 -4.66 -15.09 -6.98
C ALA A 484 -5.34 -14.28 -8.07
N VAL A 485 -6.24 -13.37 -7.67
CA VAL A 485 -6.95 -12.57 -8.66
C VAL A 485 -6.17 -11.32 -9.01
N PHE A 486 -5.58 -10.66 -8.02
CA PHE A 486 -4.99 -9.34 -8.20
C PHE A 486 -3.48 -9.32 -8.17
N ASP A 487 -2.85 -10.04 -7.23
CA ASP A 487 -1.39 -9.99 -7.12
C ASP A 487 -0.74 -10.61 -8.34
N LEU A 488 -0.99 -11.90 -8.57
CA LEU A 488 -0.60 -12.56 -9.81
C LEU A 488 -1.85 -12.69 -10.67
N ASN A 489 -1.80 -12.08 -11.86
CA ASN A 489 -3.00 -11.84 -12.65
C ASN A 489 -3.48 -13.14 -13.28
N ALA A 490 -4.14 -13.97 -12.49
CA ALA A 490 -4.74 -15.19 -13.02
C ALA A 490 -6.05 -14.88 -13.73
N ARG A 491 -6.36 -15.71 -14.72
CA ARG A 491 -7.60 -15.57 -15.47
C ARG A 491 -8.60 -16.68 -15.16
N ARG A 492 -8.18 -17.73 -14.46
CA ARG A 492 -9.09 -18.80 -14.05
C ARG A 492 -8.64 -19.29 -12.69
N LEU A 493 -9.61 -19.64 -11.85
CA LEU A 493 -9.34 -20.14 -10.50
C LEU A 493 -9.90 -21.55 -10.39
N GLY A 494 -9.02 -22.52 -10.15
CA GLY A 494 -9.48 -23.88 -9.94
C GLY A 494 -10.21 -24.00 -8.61
N HIS A 495 -11.28 -24.78 -8.62
CA HIS A 495 -12.12 -24.96 -7.44
C HIS A 495 -12.60 -23.62 -6.89
N ALA A 496 -11.96 -23.15 -5.82
CA ALA A 496 -12.33 -21.91 -5.16
C ALA A 496 -13.80 -21.95 -4.72
N LEU A 497 -14.17 -23.03 -4.02
CA LEU A 497 -15.54 -23.16 -3.54
C LEU A 497 -15.89 -22.05 -2.55
N SER A 498 -14.95 -21.72 -1.65
CA SER A 498 -15.20 -20.73 -0.61
C SER A 498 -14.94 -19.34 -1.17
N LEU A 499 -15.90 -18.86 -1.95
CA LEU A 499 -15.85 -17.49 -2.46
C LEU A 499 -17.10 -16.69 -2.16
N GLY A 500 -18.22 -17.35 -1.84
CA GLY A 500 -19.43 -16.61 -1.50
C GLY A 500 -19.31 -15.87 -0.18
N GLN A 501 -18.41 -16.31 0.70
CA GLN A 501 -18.21 -15.62 1.97
C GLN A 501 -17.71 -14.20 1.74
N SER A 502 -16.76 -14.03 0.81
CA SER A 502 -16.22 -12.71 0.50
C SER A 502 -17.07 -12.10 -0.60
N ARG A 503 -18.08 -11.32 -0.18
CA ARG A 503 -19.01 -10.74 -1.14
C ARG A 503 -18.31 -9.77 -2.08
N GLU A 504 -17.42 -8.94 -1.55
CA GLU A 504 -16.73 -7.96 -2.39
C GLU A 504 -15.82 -8.65 -3.40
N LEU A 505 -15.12 -9.71 -2.99
CA LEU A 505 -14.26 -10.44 -3.92
C LEU A 505 -15.09 -11.13 -4.99
N LEU A 506 -16.24 -11.69 -4.61
CA LEU A 506 -17.10 -12.33 -5.58
C LEU A 506 -17.61 -11.33 -6.61
N ARG A 507 -17.93 -10.12 -6.17
CA ARG A 507 -18.28 -9.06 -7.11
C ARG A 507 -17.13 -8.76 -8.05
N SER A 508 -15.91 -8.71 -7.51
CA SER A 508 -14.74 -8.43 -8.34
C SER A 508 -14.49 -9.53 -9.36
N VAL A 509 -14.63 -10.79 -8.93
CA VAL A 509 -14.40 -11.92 -9.84
C VAL A 509 -15.42 -11.89 -10.97
N ALA A 510 -16.70 -11.68 -10.64
CA ALA A 510 -17.72 -11.64 -11.68
C ALA A 510 -17.53 -10.45 -12.61
N ASP A 511 -17.21 -9.28 -12.05
CA ASP A 511 -17.06 -8.09 -12.86
C ASP A 511 -15.90 -8.21 -13.84
N ARG A 512 -14.78 -8.77 -13.39
CA ARG A 512 -13.64 -8.96 -14.27
C ARG A 512 -13.79 -10.14 -15.20
N GLY A 513 -14.82 -10.96 -15.01
CA GLY A 513 -15.02 -12.12 -15.86
C GLY A 513 -13.95 -13.18 -15.72
N ILE A 514 -13.49 -13.43 -14.50
CA ILE A 514 -12.48 -14.45 -14.25
C ILE A 514 -13.17 -15.78 -14.02
N GLY A 515 -12.78 -16.79 -14.78
CA GLY A 515 -13.45 -18.07 -14.71
C GLY A 515 -13.18 -18.79 -13.41
N VAL A 516 -14.09 -19.71 -13.09
CA VAL A 516 -13.97 -20.58 -11.93
C VAL A 516 -14.18 -22.02 -12.40
N GLU A 517 -13.28 -22.89 -12.03
CA GLU A 517 -13.25 -24.27 -12.52
C GLU A 517 -13.70 -25.20 -11.39
N LEU A 518 -15.01 -25.42 -11.31
CA LEU A 518 -15.54 -26.40 -10.37
C LEU A 518 -15.56 -27.79 -11.00
N CYS A 519 -15.47 -28.80 -10.16
CA CYS A 519 -15.54 -30.20 -10.60
C CYS A 519 -16.24 -31.02 -9.52
N PRO A 520 -17.47 -31.48 -9.79
CA PRO A 520 -18.33 -32.03 -8.73
C PRO A 520 -17.76 -33.24 -7.99
N TYR A 521 -17.51 -34.35 -8.70
CA TYR A 521 -17.02 -35.56 -8.04
C TYR A 521 -15.73 -35.30 -7.27
N ALA A 522 -14.80 -34.55 -7.85
CA ALA A 522 -13.59 -34.23 -7.12
C ALA A 522 -13.91 -33.50 -5.83
N ASN A 523 -14.79 -32.48 -5.90
CA ASN A 523 -15.16 -31.74 -4.72
C ASN A 523 -15.92 -32.60 -3.73
N LEU A 524 -16.84 -33.44 -4.22
CA LEU A 524 -17.59 -34.31 -3.32
C LEU A 524 -16.68 -35.33 -2.64
N GLN A 525 -15.73 -35.88 -3.39
CA GLN A 525 -14.86 -36.92 -2.87
C GLN A 525 -13.66 -36.37 -2.10
N ILE A 526 -13.48 -35.06 -2.05
CA ILE A 526 -12.38 -34.49 -1.28
C ILE A 526 -12.84 -33.57 -0.17
N LYS A 527 -14.02 -32.98 -0.26
CA LYS A 527 -14.49 -32.06 0.77
C LYS A 527 -15.84 -32.46 1.33
N GLY A 528 -16.65 -33.18 0.57
CA GLY A 528 -17.95 -33.60 1.05
C GLY A 528 -18.98 -32.51 0.92
N PHE A 529 -20.15 -32.84 0.39
CA PHE A 529 -21.18 -31.83 0.17
C PHE A 529 -22.54 -32.47 0.34
N ARG A 530 -23.53 -31.63 0.63
CA ARG A 530 -24.90 -32.10 0.83
C ARG A 530 -25.44 -32.59 -0.49
N LEU A 531 -25.49 -33.91 -0.67
CA LEU A 531 -25.96 -34.49 -1.90
C LEU A 531 -27.48 -34.65 -1.85
N ASP A 532 -28.13 -34.32 -2.97
CA ASP A 532 -29.60 -34.29 -3.08
C ASP A 532 -30.12 -33.35 -1.99
N GLY A 533 -31.08 -33.77 -1.18
CA GLY A 533 -31.59 -32.94 -0.11
C GLY A 533 -31.03 -33.30 1.25
N PRO A 549 -19.64 -28.54 6.05
CA PRO A 549 -19.70 -28.22 4.62
C PRO A 549 -21.05 -27.67 4.19
N GLY A 550 -21.06 -26.49 3.60
CA GLY A 550 -22.28 -25.86 3.16
C GLY A 550 -22.75 -26.41 1.84
N PRO A 551 -23.78 -25.79 1.26
CA PRO A 551 -24.27 -26.23 -0.04
C PRO A 551 -23.23 -25.97 -1.13
N TYR A 552 -23.28 -26.78 -2.17
CA TYR A 552 -22.36 -26.62 -3.29
C TYR A 552 -22.60 -25.26 -3.93
N PRO A 553 -21.56 -24.47 -4.17
CA PRO A 553 -21.74 -23.09 -4.63
C PRO A 553 -21.97 -22.94 -6.12
N LEU A 554 -22.25 -24.03 -6.85
CA LEU A 554 -22.38 -23.92 -8.30
C LEU A 554 -23.55 -23.04 -8.70
N LEU A 555 -24.74 -23.33 -8.15
CA LEU A 555 -25.92 -22.56 -8.53
C LEU A 555 -25.81 -21.11 -8.07
N ASP A 556 -25.31 -20.89 -6.85
CA ASP A 556 -25.20 -19.53 -6.33
C ASP A 556 -24.25 -18.69 -7.17
N TYR A 557 -23.11 -19.27 -7.56
CA TYR A 557 -22.15 -18.50 -8.34
C TYR A 557 -22.71 -18.13 -9.70
N LEU A 558 -23.46 -19.05 -10.31
CA LEU A 558 -23.97 -18.80 -11.66
C LEU A 558 -24.97 -17.65 -11.66
N ARG A 559 -25.81 -17.55 -10.63
CA ARG A 559 -26.76 -16.45 -10.56
C ARG A 559 -26.05 -15.12 -10.41
N GLU A 560 -24.98 -15.07 -9.63
CA GLU A 560 -24.25 -13.82 -9.44
C GLU A 560 -23.64 -13.33 -10.75
N GLY A 561 -23.13 -14.24 -11.56
CA GLY A 561 -22.53 -13.88 -12.82
C GLY A 561 -21.14 -14.42 -12.98
N VAL A 562 -20.73 -15.25 -12.01
CA VAL A 562 -19.38 -15.79 -12.01
C VAL A 562 -19.23 -16.77 -13.18
N ARG A 563 -18.12 -16.67 -13.90
CA ARG A 563 -17.89 -17.52 -15.06
C ARG A 563 -17.54 -18.92 -14.57
N VAL A 564 -18.56 -19.70 -14.31
CA VAL A 564 -18.39 -21.00 -13.68
C VAL A 564 -18.44 -22.09 -14.73
N THR A 565 -17.51 -23.04 -14.65
CA THR A 565 -17.47 -24.19 -15.53
C THR A 565 -17.56 -25.46 -14.70
N VAL A 566 -17.91 -26.56 -15.37
CA VAL A 566 -17.94 -27.88 -14.76
C VAL A 566 -16.90 -28.72 -15.49
N ASN A 567 -15.86 -29.13 -14.77
CA ASN A 567 -14.76 -29.86 -15.33
C ASN A 567 -14.68 -31.26 -14.72
N THR A 568 -13.64 -32.01 -15.08
CA THR A 568 -13.49 -33.38 -14.62
C THR A 568 -12.41 -33.56 -13.56
N ASP A 569 -11.39 -32.70 -13.56
CA ASP A 569 -10.20 -32.86 -12.71
C ASP A 569 -9.62 -34.23 -13.06
N ASN A 570 -9.24 -35.05 -12.09
CA ASN A 570 -8.77 -36.39 -12.38
C ASN A 570 -9.92 -37.27 -12.79
N ILE A 571 -9.71 -38.06 -13.84
CA ILE A 571 -10.76 -38.94 -14.36
C ILE A 571 -10.70 -40.28 -13.66
N GLY A 572 -9.56 -40.97 -13.78
CA GLY A 572 -9.43 -42.28 -13.17
C GLY A 572 -9.49 -42.23 -11.67
N ILE A 573 -8.84 -41.24 -11.05
CA ILE A 573 -8.86 -41.12 -9.61
C ILE A 573 -10.26 -40.87 -9.08
N SER A 574 -11.12 -40.23 -9.87
CA SER A 574 -12.51 -40.02 -9.49
C SER A 574 -13.47 -41.02 -10.12
N ALA A 575 -13.03 -41.77 -11.13
CA ALA A 575 -13.85 -42.78 -11.79
C ALA A 575 -15.16 -42.18 -12.30
N ALA A 576 -15.07 -40.98 -12.88
CA ALA A 576 -16.25 -40.30 -13.38
C ALA A 576 -15.88 -39.39 -14.53
N SER A 577 -16.63 -39.46 -15.62
CA SER A 577 -16.35 -38.70 -16.82
C SER A 577 -16.98 -37.31 -16.72
N LEU A 578 -16.76 -36.51 -17.77
CA LEU A 578 -17.34 -35.16 -17.80
C LEU A 578 -18.86 -35.22 -17.88
N THR A 579 -19.40 -36.19 -18.61
CA THR A 579 -20.85 -36.34 -18.67
C THR A 579 -21.42 -36.58 -17.28
N ASP A 580 -20.74 -37.41 -16.49
CA ASP A 580 -21.20 -37.63 -15.11
C ASP A 580 -21.03 -36.38 -14.27
N ASN A 581 -20.05 -35.54 -14.59
CA ASN A 581 -19.83 -34.33 -13.82
C ASN A 581 -21.03 -33.39 -13.94
N LEU A 582 -21.56 -33.24 -15.15
CA LEU A 582 -22.70 -32.37 -15.35
C LEU A 582 -23.95 -32.92 -14.66
N LEU A 583 -24.14 -34.23 -14.69
CA LEU A 583 -25.29 -34.84 -14.03
C LEU A 583 -25.20 -34.68 -12.51
N LEU A 584 -24.02 -34.87 -11.94
CA LEU A 584 -23.90 -34.77 -10.49
C LEU A 584 -24.17 -33.35 -10.01
N ALA A 585 -23.82 -32.35 -10.81
CA ALA A 585 -24.08 -30.96 -10.41
C ALA A 585 -25.55 -30.72 -10.13
N ALA A 586 -26.43 -31.41 -10.85
CA ALA A 586 -27.85 -31.34 -10.54
C ALA A 586 -28.14 -31.92 -9.16
N ARG A 587 -27.48 -33.03 -8.81
CA ARG A 587 -27.71 -33.64 -7.50
C ARG A 587 -27.10 -32.80 -6.38
N LEU A 588 -25.93 -32.23 -6.62
CA LEU A 588 -25.32 -31.35 -5.61
C LEU A 588 -26.11 -30.07 -5.41
N CYS A 589 -26.81 -29.60 -6.45
CA CYS A 589 -27.59 -28.37 -6.35
C CYS A 589 -28.94 -28.60 -7.02
N PRO A 590 -29.94 -29.03 -6.26
CA PRO A 590 -31.28 -29.17 -6.84
C PRO A 590 -31.81 -27.82 -7.29
N GLY A 591 -31.96 -27.68 -8.60
CA GLY A 591 -32.43 -26.42 -9.15
C GLY A 591 -31.80 -26.04 -10.48
N LEU A 592 -30.76 -26.76 -10.90
CA LEU A 592 -30.17 -26.50 -12.20
C LEU A 592 -31.16 -26.78 -13.32
N THR A 593 -31.51 -25.75 -14.06
CA THR A 593 -32.28 -25.92 -15.28
C THR A 593 -31.39 -26.49 -16.37
N ARG A 594 -31.99 -27.19 -17.32
CA ARG A 594 -31.22 -27.69 -18.45
C ARG A 594 -30.61 -26.57 -19.27
N LEU A 595 -31.18 -25.37 -19.19
CA LEU A 595 -30.55 -24.21 -19.79
C LEU A 595 -29.23 -23.87 -19.10
N ASP A 596 -29.15 -24.10 -17.79
CA ASP A 596 -27.95 -23.74 -17.05
C ASP A 596 -26.75 -24.55 -17.51
N LEU A 597 -26.94 -25.83 -17.79
CA LEU A 597 -25.84 -26.64 -18.31
C LEU A 597 -25.29 -26.06 -19.60
N LEU A 598 -26.15 -25.48 -20.43
CA LEU A 598 -25.67 -24.81 -21.63
C LEU A 598 -24.92 -23.53 -21.27
N HIS A 599 -25.33 -22.83 -20.22
CA HIS A 599 -24.60 -21.65 -19.78
C HIS A 599 -23.18 -22.02 -19.35
N LEU A 600 -23.04 -23.14 -18.63
CA LEU A 600 -21.72 -23.56 -18.18
C LEU A 600 -20.79 -23.79 -19.37
N GLN A 601 -21.31 -24.39 -20.45
CA GLN A 601 -20.48 -24.61 -21.62
C GLN A 601 -20.07 -23.31 -22.27
N ARG A 602 -20.98 -22.34 -22.37
CA ARG A 602 -20.60 -21.05 -22.92
C ARG A 602 -19.60 -20.34 -22.01
N HIS A 603 -19.79 -20.42 -20.69
CA HIS A 603 -18.83 -19.83 -19.78
C HIS A 603 -17.45 -20.44 -19.98
N ALA A 604 -17.39 -21.76 -20.17
CA ALA A 604 -16.13 -22.40 -20.47
C ALA A 604 -15.55 -21.91 -21.78
N LEU A 605 -16.40 -21.70 -22.78
CA LEU A 605 -15.93 -21.23 -24.07
C LEU A 605 -15.35 -19.82 -23.97
N GLU A 606 -16.05 -18.93 -23.28
CA GLU A 606 -15.61 -17.54 -23.21
C GLU A 606 -14.49 -17.31 -22.22
N THR A 607 -14.13 -18.31 -21.42
CA THR A 607 -12.98 -18.19 -20.52
C THR A 607 -11.85 -19.12 -20.90
N ALA A 608 -11.97 -19.85 -22.00
CA ALA A 608 -10.88 -20.70 -22.45
C ALA A 608 -9.74 -19.85 -23.00
N PHE A 609 -8.56 -20.48 -23.08
CA PHE A 609 -7.35 -19.79 -23.50
C PHE A 609 -7.10 -19.88 -24.99
N CYS A 610 -8.14 -20.16 -25.78
CA CYS A 610 -8.01 -20.19 -27.22
C CYS A 610 -8.00 -18.77 -27.77
N THR A 611 -7.80 -18.65 -29.08
CA THR A 611 -7.76 -17.35 -29.72
C THR A 611 -9.15 -16.94 -30.19
N ALA A 612 -9.27 -15.70 -30.67
CA ALA A 612 -10.57 -15.17 -31.07
C ALA A 612 -11.13 -15.95 -32.26
N THR A 613 -10.30 -16.23 -33.25
CA THR A 613 -10.79 -16.98 -34.41
C THR A 613 -11.23 -18.38 -34.01
N GLN A 614 -10.45 -19.05 -33.17
CA GLN A 614 -10.83 -20.37 -32.71
C GLN A 614 -12.06 -20.33 -31.82
N ARG A 615 -12.23 -19.25 -31.05
CA ARG A 615 -13.40 -19.13 -30.19
C ARG A 615 -14.68 -19.02 -31.00
N LEU A 616 -14.65 -18.24 -32.09
CA LEU A 616 -15.84 -18.12 -32.93
C LEU A 616 -16.20 -19.46 -33.56
N THR A 617 -15.20 -20.20 -34.04
CA THR A 617 -15.48 -21.49 -34.65
C THR A 617 -16.11 -22.45 -33.66
N LEU A 618 -15.58 -22.51 -32.43
CA LEU A 618 -16.17 -23.36 -31.42
C LEU A 618 -17.59 -22.93 -31.09
N LEU A 619 -17.84 -21.61 -31.07
CA LEU A 619 -19.17 -21.12 -30.72
C LEU A 619 -20.22 -21.63 -31.70
N ARG A 620 -19.92 -21.57 -33.00
CA ARG A 620 -20.86 -22.07 -33.98
C ARG A 620 -20.86 -23.58 -34.06
N ARG A 621 -19.72 -24.23 -33.80
CA ARG A 621 -19.68 -25.68 -33.73
C ARG A 621 -20.53 -26.21 -32.59
N ILE A 622 -20.44 -25.60 -31.41
CA ILE A 622 -21.31 -25.98 -30.31
C ILE A 622 -22.76 -25.59 -30.58
N SER A 623 -22.98 -24.43 -31.22
CA SER A 623 -24.33 -23.94 -31.43
C SER A 623 -25.17 -24.96 -32.20
N SER A 624 -24.68 -25.39 -33.35
CA SER A 624 -25.38 -26.44 -34.11
C SER A 624 -24.86 -27.82 -33.74
N GLY A 625 -24.82 -28.11 -32.45
CA GLY A 625 -24.41 -29.42 -31.98
C GLY A 625 -25.29 -29.91 -30.85
N ILE A 626 -26.10 -29.02 -30.30
CA ILE A 626 -26.97 -29.35 -29.16
C ILE A 626 -28.05 -30.30 -29.64
N PRO A 627 -28.18 -31.48 -29.04
CA PRO A 627 -29.21 -32.42 -29.48
C PRO A 627 -30.58 -32.00 -28.98
N ARG A 628 -31.55 -31.99 -29.88
CA ARG A 628 -32.92 -31.65 -29.49
C ARG A 628 -33.55 -32.85 -28.80
N PRO A 629 -34.51 -32.60 -27.87
CA PRO A 629 -35.19 -33.67 -27.14
C PRO A 629 -35.92 -34.66 -28.05
N ASN B 2 -61.73 -34.44 -28.47
CA ASN B 2 -62.25 -33.67 -27.34
C ASN B 2 -62.34 -32.19 -27.71
N VAL B 3 -61.62 -31.81 -28.78
CA VAL B 3 -61.65 -30.42 -29.22
C VAL B 3 -63.04 -30.07 -29.75
N GLN B 4 -63.35 -28.76 -29.71
CA GLN B 4 -64.67 -28.32 -30.12
C GLN B 4 -64.84 -28.37 -31.63
N ALA B 5 -63.74 -28.24 -32.38
CA ALA B 5 -63.73 -28.44 -33.83
C ALA B 5 -64.70 -27.50 -34.55
N HIS B 6 -64.35 -26.22 -34.50
CA HIS B 6 -65.06 -25.24 -35.30
C HIS B 6 -64.79 -25.47 -36.79
N LEU B 7 -65.64 -24.92 -37.63
CA LEU B 7 -65.46 -24.97 -39.08
C LEU B 7 -65.50 -23.58 -39.65
N PHE B 8 -64.64 -23.33 -40.62
CA PHE B 8 -64.60 -22.08 -41.36
C PHE B 8 -64.79 -22.38 -42.83
N VAL B 9 -65.62 -21.60 -43.51
CA VAL B 9 -65.93 -21.85 -44.91
C VAL B 9 -66.36 -20.55 -45.57
N SER B 10 -66.09 -20.44 -46.86
CA SER B 10 -66.47 -19.30 -47.67
C SER B 10 -67.56 -19.71 -48.65
N LEU B 11 -68.51 -18.83 -48.90
CA LEU B 11 -69.66 -19.11 -49.73
C LEU B 11 -69.68 -18.20 -50.95
N GLY B 12 -69.80 -18.80 -52.12
CA GLY B 12 -70.03 -18.07 -53.36
C GLY B 12 -71.49 -18.08 -53.74
N THR B 13 -71.74 -17.76 -55.01
CA THR B 13 -73.13 -17.73 -55.48
C THR B 13 -73.76 -19.11 -55.52
N ALA B 14 -72.97 -20.17 -55.40
CA ALA B 14 -73.51 -21.52 -55.40
C ALA B 14 -73.50 -22.08 -53.99
N PRO B 15 -74.63 -22.02 -53.28
CA PRO B 15 -74.67 -22.52 -51.91
C PRO B 15 -74.63 -24.04 -51.87
N ALA B 16 -74.85 -24.60 -50.69
CA ALA B 16 -74.78 -26.03 -50.39
C ALA B 16 -73.35 -26.53 -50.27
N ILE B 17 -72.36 -25.66 -50.45
CA ILE B 17 -70.99 -26.03 -50.09
C ILE B 17 -70.90 -26.28 -48.59
N VAL B 18 -71.55 -25.41 -47.80
CA VAL B 18 -71.44 -25.52 -46.35
C VAL B 18 -71.94 -26.86 -45.82
N PRO B 19 -73.12 -27.36 -46.22
CA PRO B 19 -73.50 -28.70 -45.78
C PRO B 19 -72.50 -29.76 -46.17
N GLU B 20 -71.91 -29.65 -47.36
CA GLU B 20 -70.87 -30.61 -47.76
C GLU B 20 -69.66 -30.49 -46.85
N ALA B 21 -69.22 -29.27 -46.55
CA ALA B 21 -68.09 -29.08 -45.66
C ALA B 21 -68.40 -29.57 -44.26
N PHE B 22 -69.63 -29.33 -43.79
CA PHE B 22 -70.02 -29.82 -42.48
C PHE B 22 -70.02 -31.34 -42.43
N LEU B 23 -70.21 -31.99 -43.57
CA LEU B 23 -70.25 -33.44 -43.66
C LEU B 23 -68.88 -34.07 -43.83
N LEU B 24 -67.83 -33.38 -43.45
CA LEU B 24 -66.49 -33.96 -43.50
C LEU B 24 -66.42 -35.13 -42.53
N PRO B 25 -66.13 -36.34 -42.99
CA PRO B 25 -66.18 -37.49 -42.09
C PRO B 25 -65.18 -37.38 -40.97
N GLY B 26 -65.54 -37.92 -39.81
CA GLY B 26 -64.64 -37.98 -38.68
C GLY B 26 -64.58 -36.73 -37.81
N ALA B 27 -65.55 -35.84 -37.92
CA ALA B 27 -65.54 -34.63 -37.10
C ALA B 27 -66.97 -34.19 -36.84
N ARG B 28 -67.25 -33.80 -35.60
CA ARG B 28 -68.55 -33.27 -35.20
C ARG B 28 -68.37 -31.77 -34.97
N PHE B 29 -68.48 -31.01 -36.05
CA PHE B 29 -68.25 -29.57 -36.00
C PHE B 29 -69.30 -28.87 -35.17
N VAL B 30 -68.92 -27.73 -34.60
CA VAL B 30 -69.83 -26.84 -33.92
C VAL B 30 -69.42 -25.41 -34.25
N SER B 31 -70.40 -24.52 -34.32
CA SER B 31 -70.18 -23.11 -34.65
C SER B 31 -69.54 -22.94 -36.03
N VAL B 32 -70.32 -23.33 -37.06
CA VAL B 32 -69.93 -23.03 -38.43
C VAL B 32 -69.94 -21.52 -38.64
N HIS B 33 -69.05 -21.04 -39.51
CA HIS B 33 -68.68 -19.62 -39.60
C HIS B 33 -68.64 -19.15 -41.06
N VAL B 34 -69.73 -19.37 -41.79
CA VAL B 34 -69.77 -19.09 -43.22
C VAL B 34 -69.39 -17.64 -43.53
N LEU B 35 -68.66 -17.46 -44.63
CA LEU B 35 -68.42 -16.17 -45.26
C LEU B 35 -69.26 -16.01 -46.50
N THR B 36 -69.81 -14.82 -46.69
CA THR B 36 -70.54 -14.45 -47.90
C THR B 36 -70.17 -13.02 -48.25
N THR B 37 -70.56 -12.58 -49.45
CA THR B 37 -70.28 -11.21 -49.88
C THR B 37 -71.51 -10.54 -50.52
N GLU B 38 -72.36 -9.98 -49.66
CA GLU B 38 -73.48 -9.11 -50.03
C GLU B 38 -74.22 -9.60 -51.26
N ARG B 39 -74.45 -10.90 -51.36
CA ARG B 39 -75.13 -11.40 -52.55
C ARG B 39 -75.65 -12.83 -52.38
N PRO B 40 -74.80 -13.82 -52.09
CA PRO B 40 -75.27 -15.21 -52.15
C PRO B 40 -76.40 -15.47 -51.17
N ASP B 41 -77.34 -16.29 -51.60
CA ASP B 41 -78.45 -16.68 -50.74
C ASP B 41 -77.96 -17.61 -49.65
N VAL B 42 -78.66 -17.59 -48.51
CA VAL B 42 -78.26 -18.39 -47.37
C VAL B 42 -79.45 -19.16 -46.80
N THR B 43 -80.60 -19.08 -47.47
CA THR B 43 -81.78 -19.78 -46.97
C THR B 43 -81.55 -21.28 -46.95
N LEU B 44 -80.92 -21.82 -47.98
CA LEU B 44 -80.67 -23.26 -48.04
C LEU B 44 -79.76 -23.71 -46.89
N ILE B 45 -78.70 -22.94 -46.64
CA ILE B 45 -77.78 -23.30 -45.56
C ILE B 45 -78.48 -23.21 -44.22
N ARG B 46 -79.27 -22.15 -44.01
CA ARG B 46 -80.00 -22.01 -42.76
C ARG B 46 -80.98 -23.16 -42.56
N GLU B 47 -81.67 -23.56 -43.63
CA GLU B 47 -82.63 -24.65 -43.53
C GLU B 47 -81.93 -25.96 -43.17
N PHE B 48 -80.78 -26.22 -43.78
CA PHE B 48 -80.10 -27.50 -43.55
C PHE B 48 -79.73 -27.66 -42.08
N PHE B 49 -79.20 -26.60 -41.47
CA PHE B 49 -78.84 -26.69 -40.07
C PHE B 49 -80.07 -26.68 -39.17
N ARG B 50 -81.15 -26.05 -39.62
CA ARG B 50 -82.40 -26.10 -38.86
C ARG B 50 -82.91 -27.52 -38.76
N ARG B 51 -82.79 -28.29 -39.84
CA ARG B 51 -83.43 -29.60 -39.95
C ARG B 51 -82.48 -30.77 -39.76
N HIS B 52 -81.18 -30.60 -39.99
CA HIS B 52 -80.24 -31.71 -39.95
C HIS B 52 -79.07 -31.47 -39.01
N ALA B 53 -79.12 -30.41 -38.20
CA ALA B 53 -78.03 -30.09 -37.29
C ALA B 53 -78.54 -29.17 -36.19
N PRO B 54 -79.27 -29.70 -35.19
CA PRO B 54 -80.03 -28.86 -34.27
C PRO B 54 -79.30 -27.64 -33.72
N GLY B 55 -78.14 -27.83 -33.11
CA GLY B 55 -77.50 -26.74 -32.41
C GLY B 55 -76.05 -26.47 -32.78
N VAL B 56 -75.72 -26.57 -34.06
CA VAL B 56 -74.33 -26.44 -34.49
C VAL B 56 -73.93 -24.98 -34.57
N ASN B 57 -74.83 -24.08 -34.18
CA ASN B 57 -74.50 -22.67 -33.96
C ASN B 57 -73.93 -22.00 -35.21
N LEU B 58 -74.76 -21.95 -36.25
CA LEU B 58 -74.36 -21.27 -37.47
C LEU B 58 -74.19 -19.78 -37.24
N THR B 59 -73.16 -19.20 -37.87
CA THR B 59 -73.02 -17.75 -37.97
C THR B 59 -72.65 -17.42 -39.40
N ILE B 60 -73.10 -16.25 -39.87
CA ILE B 60 -72.83 -15.80 -41.22
C ILE B 60 -72.42 -14.33 -41.16
N THR B 61 -71.39 -13.97 -41.91
CA THR B 61 -70.96 -12.59 -42.05
C THR B 61 -70.89 -12.23 -43.53
N ARG B 62 -71.06 -10.94 -43.83
CA ARG B 62 -71.38 -10.50 -45.17
C ARG B 62 -70.29 -9.68 -45.85
N VAL B 63 -69.26 -9.26 -45.12
CA VAL B 63 -68.10 -8.57 -45.68
C VAL B 63 -68.49 -7.28 -46.40
N ALA B 64 -68.85 -6.26 -45.62
CA ALA B 64 -68.83 -4.86 -46.04
C ALA B 64 -69.67 -4.65 -47.30
N GLY B 65 -69.36 -3.61 -48.06
CA GLY B 65 -70.05 -3.29 -49.28
C GLY B 65 -69.38 -3.85 -50.51
N PHE B 66 -68.88 -5.09 -50.40
CA PHE B 66 -68.22 -5.77 -51.51
C PHE B 66 -69.18 -6.83 -52.04
N GLN B 67 -69.55 -6.71 -53.31
CA GLN B 67 -70.52 -7.60 -53.92
C GLN B 67 -70.09 -8.15 -55.26
N ASP B 68 -69.11 -7.56 -55.92
CA ASP B 68 -68.66 -8.05 -57.22
C ASP B 68 -67.20 -7.68 -57.39
N LEU B 69 -66.36 -8.68 -57.65
CA LEU B 69 -64.93 -8.44 -57.81
C LEU B 69 -64.67 -7.53 -58.99
N LYS B 70 -64.24 -6.32 -58.74
CA LYS B 70 -64.01 -5.37 -59.81
C LYS B 70 -62.62 -4.74 -59.76
N SER B 71 -62.07 -4.50 -58.58
CA SER B 71 -60.74 -3.93 -58.43
C SER B 71 -60.06 -4.56 -57.23
N GLU B 72 -58.75 -4.31 -57.10
CA GLU B 72 -58.00 -4.88 -56.01
C GLU B 72 -58.49 -4.37 -54.65
N GLU B 73 -59.03 -3.16 -54.61
CA GLU B 73 -59.59 -2.66 -53.36
C GLU B 73 -60.77 -3.51 -52.91
N ASP B 74 -61.49 -4.11 -53.86
CA ASP B 74 -62.56 -5.03 -53.48
C ASP B 74 -61.99 -6.25 -52.78
N HIS B 75 -60.88 -6.80 -53.28
CA HIS B 75 -60.29 -7.97 -52.65
C HIS B 75 -59.63 -7.63 -51.32
N PHE B 76 -58.87 -6.54 -51.29
CA PHE B 76 -58.18 -6.15 -50.07
C PHE B 76 -59.16 -5.89 -48.95
N ARG B 77 -60.32 -5.33 -49.26
CA ARG B 77 -61.36 -5.16 -48.27
C ARG B 77 -61.80 -6.51 -47.71
N PHE B 78 -61.95 -7.50 -48.58
CA PHE B 78 -62.36 -8.83 -48.14
C PHE B 78 -61.30 -9.49 -47.27
N GLU B 79 -60.03 -9.31 -47.63
CA GLU B 79 -58.96 -10.01 -46.91
C GLU B 79 -58.90 -9.60 -45.45
N GLU B 80 -58.89 -8.29 -45.19
CA GLU B 80 -58.80 -7.82 -43.81
C GLU B 80 -60.05 -8.13 -43.01
N VAL B 81 -61.21 -8.10 -43.67
CA VAL B 81 -62.43 -8.56 -43.01
C VAL B 81 -62.32 -10.02 -42.64
N MET B 82 -61.74 -10.82 -43.54
CA MET B 82 -61.56 -12.24 -43.26
C MET B 82 -60.65 -12.46 -42.07
N PHE B 83 -59.52 -11.74 -42.02
CA PHE B 83 -58.56 -11.96 -40.95
C PHE B 83 -59.15 -11.61 -39.60
N ARG B 84 -59.82 -10.47 -39.50
CA ARG B 84 -60.46 -10.10 -38.25
C ARG B 84 -61.55 -11.08 -37.88
N TRP B 85 -62.32 -11.55 -38.88
CA TRP B 85 -63.34 -12.55 -38.62
C TRP B 85 -62.73 -13.82 -38.04
N PHE B 86 -61.55 -14.19 -38.50
CA PHE B 86 -60.82 -15.30 -37.89
C PHE B 86 -60.55 -15.03 -36.43
N LEU B 87 -60.07 -13.83 -36.11
CA LEU B 87 -59.73 -13.50 -34.73
C LEU B 87 -60.99 -13.32 -33.88
N ALA B 88 -62.04 -12.75 -34.46
CA ALA B 88 -63.28 -12.57 -33.71
C ALA B 88 -63.80 -13.91 -33.21
N SER B 89 -63.79 -14.92 -34.06
CA SER B 89 -63.98 -16.28 -33.60
C SER B 89 -62.80 -16.63 -32.69
N ARG B 90 -63.10 -17.11 -31.50
CA ARG B 90 -62.04 -17.37 -30.53
C ARG B 90 -61.31 -18.66 -30.89
N THR B 91 -60.48 -19.12 -29.96
CA THR B 91 -59.76 -20.39 -30.03
C THR B 91 -58.68 -20.38 -31.10
N GLY B 92 -57.71 -21.28 -30.96
CA GLY B 92 -56.53 -21.26 -31.79
C GLY B 92 -56.48 -22.38 -32.81
N PRO B 93 -55.26 -22.74 -33.23
CA PRO B 93 -55.11 -23.68 -34.36
C PRO B 93 -55.78 -25.02 -34.17
N GLU B 94 -55.79 -25.56 -32.94
CA GLU B 94 -56.31 -26.90 -32.75
C GLU B 94 -57.81 -26.99 -33.01
N GLN B 95 -58.50 -25.86 -33.12
CA GLN B 95 -59.93 -25.86 -33.32
C GLN B 95 -60.33 -25.60 -34.76
N ARG B 96 -59.51 -24.88 -35.51
CA ARG B 96 -59.90 -24.40 -36.84
C ARG B 96 -59.97 -25.53 -37.84
N PHE B 97 -60.99 -25.47 -38.71
CA PHE B 97 -61.14 -26.38 -39.84
C PHE B 97 -61.60 -25.52 -41.01
N VAL B 98 -60.64 -25.00 -41.76
CA VAL B 98 -60.98 -24.11 -42.86
C VAL B 98 -61.35 -24.94 -44.08
N CYS B 99 -62.10 -24.32 -44.98
CA CYS B 99 -62.53 -24.96 -46.23
C CYS B 99 -62.48 -23.90 -47.33
N LEU B 100 -61.39 -23.88 -48.09
CA LEU B 100 -61.17 -22.86 -49.11
C LEU B 100 -62.10 -23.02 -50.31
N THR B 101 -62.99 -23.99 -50.30
CA THR B 101 -63.96 -24.15 -51.38
C THR B 101 -64.94 -22.98 -51.37
N GLY B 102 -65.38 -22.58 -52.56
CA GLY B 102 -66.39 -21.56 -52.68
C GLY B 102 -65.80 -20.17 -52.85
N GLY B 103 -66.61 -19.30 -53.43
CA GLY B 103 -66.18 -17.93 -53.65
C GLY B 103 -65.28 -17.80 -54.88
N PHE B 104 -64.75 -16.59 -55.04
CA PHE B 104 -63.85 -16.31 -56.14
C PHE B 104 -62.53 -17.04 -55.95
N LYS B 105 -61.73 -17.07 -57.02
CA LYS B 105 -60.41 -17.67 -56.92
C LYS B 105 -59.56 -16.94 -55.89
N THR B 106 -59.64 -15.61 -55.87
CA THR B 106 -58.91 -14.84 -54.86
C THR B 106 -59.41 -15.17 -53.46
N MET B 107 -60.72 -15.30 -53.29
CA MET B 107 -61.27 -15.66 -51.98
C MET B 107 -60.74 -17.00 -51.52
N SER B 108 -60.72 -17.99 -52.42
CA SER B 108 -60.18 -19.29 -52.06
C SER B 108 -58.69 -19.21 -51.76
N ALA B 109 -57.94 -18.46 -52.56
CA ALA B 109 -56.51 -18.32 -52.34
C ALA B 109 -56.22 -17.61 -51.02
N ALA B 110 -57.00 -16.56 -50.72
CA ALA B 110 -56.80 -15.85 -49.47
C ALA B 110 -57.12 -16.74 -48.27
N MET B 111 -58.08 -17.65 -48.42
CA MET B 111 -58.43 -18.52 -47.31
C MET B 111 -57.25 -19.42 -46.93
N GLN B 112 -56.57 -19.99 -47.91
CA GLN B 112 -55.43 -20.84 -47.62
C GLN B 112 -54.30 -20.05 -46.98
N LYS B 113 -54.04 -18.84 -47.48
CA LYS B 113 -53.02 -17.99 -46.86
C LYS B 113 -53.38 -17.67 -45.42
N ALA B 114 -54.66 -17.44 -45.16
CA ALA B 114 -55.08 -17.15 -43.79
C ALA B 114 -54.75 -18.31 -42.86
N ALA B 115 -55.07 -19.54 -43.28
CA ALA B 115 -54.78 -20.69 -42.44
C ALA B 115 -53.27 -20.88 -42.26
N THR B 116 -52.48 -20.54 -43.27
CA THR B 116 -51.04 -20.77 -43.21
C THR B 116 -50.37 -19.87 -42.20
N VAL B 117 -50.67 -18.57 -42.24
CA VAL B 117 -50.00 -17.60 -41.38
C VAL B 117 -50.75 -17.36 -40.08
N LEU B 118 -51.76 -18.17 -39.79
CA LEU B 118 -52.57 -17.99 -38.60
C LEU B 118 -52.83 -19.27 -37.82
N GLY B 119 -52.57 -20.43 -38.41
CA GLY B 119 -52.76 -21.69 -37.71
C GLY B 119 -54.11 -22.32 -37.97
N ALA B 120 -54.12 -23.61 -38.28
CA ALA B 120 -55.38 -24.32 -38.55
C ALA B 120 -55.14 -25.80 -38.35
N ALA B 121 -56.11 -26.48 -37.73
CA ALA B 121 -56.00 -27.91 -37.50
C ALA B 121 -56.22 -28.72 -38.77
N GLU B 122 -56.80 -28.14 -39.81
CA GLU B 122 -57.06 -28.85 -41.05
C GLU B 122 -57.45 -27.87 -42.13
N VAL B 123 -56.89 -28.05 -43.32
CA VAL B 123 -57.25 -27.28 -44.49
C VAL B 123 -57.67 -28.28 -45.56
N PHE B 124 -58.94 -28.21 -45.98
CA PHE B 124 -59.45 -29.17 -46.94
C PHE B 124 -60.28 -28.46 -48.00
N HIS B 125 -60.70 -29.22 -49.00
CA HIS B 125 -61.44 -28.71 -50.14
C HIS B 125 -62.45 -29.76 -50.55
N VAL B 126 -63.68 -29.34 -50.82
CA VAL B 126 -64.79 -30.26 -51.07
C VAL B 126 -65.05 -30.31 -52.56
N LEU B 127 -65.05 -31.52 -53.12
CA LEU B 127 -65.38 -31.76 -54.51
C LEU B 127 -66.66 -32.58 -54.58
N ALA B 128 -67.64 -32.07 -55.31
CA ALA B 128 -68.91 -32.76 -55.47
C ALA B 128 -68.95 -33.40 -56.85
N ASP B 129 -69.17 -34.70 -56.88
CA ASP B 129 -69.20 -35.41 -58.15
C ASP B 129 -70.45 -35.04 -58.94
N ASP B 130 -70.38 -35.29 -60.25
CA ASP B 130 -71.49 -34.98 -61.16
C ASP B 130 -72.52 -36.11 -61.14
N CYS B 131 -73.11 -36.32 -59.95
CA CYS B 131 -74.00 -37.45 -59.73
C CYS B 131 -75.44 -37.03 -59.48
N CYS B 132 -75.79 -35.79 -59.76
CA CYS B 132 -77.18 -35.35 -59.71
C CYS B 132 -77.65 -34.91 -61.09
N VAL B 133 -78.96 -34.82 -61.26
CA VAL B 133 -79.55 -34.53 -62.56
C VAL B 133 -80.20 -33.16 -62.54
N GLY B 134 -80.69 -32.73 -63.69
CA GLY B 134 -81.32 -31.44 -63.83
C GLY B 134 -81.55 -31.07 -65.27
N PRO B 135 -81.61 -29.76 -65.56
CA PRO B 135 -81.83 -29.34 -66.95
C PRO B 135 -80.76 -29.83 -67.91
N GLN B 136 -79.51 -29.91 -67.46
CA GLN B 136 -78.40 -30.38 -68.29
C GLN B 136 -78.19 -31.88 -68.16
N GLY B 137 -78.34 -32.41 -66.97
CA GLY B 137 -78.00 -33.79 -66.68
C GLY B 137 -76.63 -33.91 -66.04
N ARG B 138 -76.43 -35.05 -65.37
CA ARG B 138 -75.20 -35.40 -64.64
C ARG B 138 -74.57 -34.17 -63.99
N LEU B 139 -75.38 -33.39 -63.29
CA LEU B 139 -74.97 -32.10 -62.77
C LEU B 139 -74.60 -32.22 -61.29
N MET B 140 -74.05 -31.14 -60.75
CA MET B 140 -73.73 -30.99 -59.33
C MET B 140 -74.96 -31.25 -58.47
N PRO B 141 -74.79 -31.47 -57.16
CA PRO B 141 -75.93 -31.44 -56.25
C PRO B 141 -76.15 -30.03 -55.70
N PRO B 142 -76.74 -29.14 -56.49
CA PRO B 142 -76.67 -27.71 -56.14
C PRO B 142 -77.59 -27.32 -54.99
N SER B 143 -78.79 -27.86 -54.98
CA SER B 143 -79.83 -27.41 -54.07
C SER B 143 -80.43 -28.60 -53.33
N THR B 144 -81.54 -28.34 -52.64
CA THR B 144 -82.33 -29.34 -51.94
C THR B 144 -81.56 -29.96 -50.78
N LEU B 145 -82.29 -30.69 -49.93
CA LEU B 145 -81.69 -31.37 -48.80
C LEU B 145 -81.38 -32.83 -49.10
N GLU B 146 -82.20 -33.47 -49.92
CA GLU B 146 -81.98 -34.88 -50.25
C GLU B 146 -80.71 -35.06 -51.06
N GLU B 147 -80.46 -34.17 -52.03
CA GLU B 147 -79.32 -34.35 -52.92
C GLU B 147 -78.00 -34.35 -52.16
N ILE B 148 -77.82 -33.40 -51.24
CA ILE B 148 -76.62 -33.38 -50.43
C ILE B 148 -76.54 -34.61 -49.55
N LEU B 149 -77.66 -34.96 -48.90
CA LEU B 149 -77.69 -36.17 -48.09
C LEU B 149 -77.49 -37.41 -48.94
N TRP B 150 -78.09 -37.43 -50.14
CA TRP B 150 -77.83 -38.52 -51.07
C TRP B 150 -76.37 -38.55 -51.48
N ALA B 151 -75.76 -37.37 -51.66
CA ALA B 151 -74.36 -37.31 -52.02
C ALA B 151 -73.48 -37.95 -50.95
N ARG B 152 -73.74 -37.64 -49.69
CA ARG B 152 -73.00 -38.27 -48.60
C ARG B 152 -73.27 -39.76 -48.55
N ASP B 153 -74.54 -40.15 -48.55
CA ASP B 153 -74.90 -41.55 -48.35
C ASP B 153 -74.40 -42.42 -49.49
N GLN B 154 -74.62 -41.99 -50.73
CA GLN B 154 -74.06 -42.73 -51.86
C GLN B 154 -72.55 -42.72 -51.80
N GLY B 155 -71.96 -41.60 -51.42
CA GLY B 155 -70.52 -41.50 -51.21
C GLY B 155 -69.77 -40.74 -52.26
N HIS B 156 -70.42 -40.11 -53.23
CA HIS B 156 -69.70 -39.39 -54.28
C HIS B 156 -69.35 -37.96 -53.83
N LEU B 157 -68.60 -37.91 -52.73
CA LEU B 157 -67.93 -36.70 -52.25
C LEU B 157 -66.52 -37.09 -51.85
N HIS B 158 -65.59 -36.14 -51.93
CA HIS B 158 -64.18 -36.51 -51.84
C HIS B 158 -63.46 -35.90 -50.64
N TRP B 159 -63.55 -34.59 -50.42
CA TRP B 159 -62.89 -33.92 -49.31
C TRP B 159 -61.38 -34.16 -49.33
N ILE B 160 -60.73 -33.59 -50.35
CA ILE B 160 -59.27 -33.61 -50.37
C ILE B 160 -58.76 -32.78 -49.20
N ARG B 161 -57.86 -33.37 -48.42
CA ARG B 161 -57.39 -32.77 -47.17
C ARG B 161 -55.91 -32.45 -47.31
N LEU B 162 -55.54 -31.19 -47.04
CA LEU B 162 -54.18 -30.71 -47.22
C LEU B 162 -53.38 -30.69 -45.93
N GLY B 163 -53.90 -31.26 -44.85
CA GLY B 163 -53.16 -31.36 -43.62
C GLY B 163 -53.08 -30.06 -42.86
N PRO B 164 -52.82 -30.14 -41.56
CA PRO B 164 -52.82 -28.94 -40.72
C PRO B 164 -51.64 -28.03 -41.02
N GLU B 165 -51.63 -26.90 -40.34
CA GLU B 165 -50.57 -25.92 -40.48
C GLU B 165 -50.09 -25.48 -39.10
N ARG B 166 -48.83 -25.06 -39.04
CA ARG B 166 -48.24 -24.67 -37.77
C ARG B 166 -48.75 -23.31 -37.31
N GLY B 167 -48.57 -22.29 -38.13
CA GLY B 167 -48.97 -20.95 -37.76
C GLY B 167 -47.95 -20.27 -36.88
N TRP B 168 -47.68 -19.01 -37.17
CA TRP B 168 -46.68 -18.27 -36.39
C TRP B 168 -47.18 -18.07 -34.96
N PRO B 169 -46.37 -18.39 -33.95
CA PRO B 169 -46.90 -18.39 -32.57
C PRO B 169 -47.46 -17.05 -32.13
N GLN B 170 -46.84 -15.93 -32.54
CA GLN B 170 -47.38 -14.63 -32.20
C GLN B 170 -48.66 -14.32 -32.96
N LEU B 171 -48.95 -15.06 -34.01
CA LEU B 171 -50.18 -14.91 -34.78
C LEU B 171 -51.21 -15.99 -34.49
N ARG B 172 -51.02 -16.78 -33.44
CA ARG B 172 -51.98 -17.84 -33.17
C ARG B 172 -53.17 -17.37 -32.34
N ARG B 173 -53.01 -16.33 -31.55
CA ARG B 173 -54.15 -15.79 -30.80
C ARG B 173 -54.36 -14.31 -31.02
N ILE B 174 -53.30 -13.51 -31.07
CA ILE B 174 -53.33 -12.06 -31.05
C ILE B 174 -54.32 -11.67 -29.97
N ALA B 175 -55.35 -10.91 -30.32
CA ALA B 175 -56.48 -10.57 -29.47
C ALA B 175 -57.57 -9.97 -30.34
N PRO B 176 -58.81 -10.48 -30.27
CA PRO B 176 -59.89 -9.88 -31.06
C PRO B 176 -60.13 -8.42 -30.70
N GLU B 177 -59.91 -8.06 -29.44
CA GLU B 177 -60.12 -6.69 -29.01
C GLU B 177 -59.10 -5.74 -29.64
N GLN B 178 -57.90 -6.22 -29.93
CA GLN B 178 -56.88 -5.37 -30.53
C GLN B 178 -57.24 -4.97 -31.95
N PHE B 179 -57.95 -5.83 -32.67
CA PHE B 179 -58.36 -5.57 -34.06
C PHE B 179 -59.85 -5.81 -34.17
N PRO B 180 -60.65 -4.89 -33.63
CA PRO B 180 -62.10 -5.10 -33.64
C PRO B 180 -62.65 -5.10 -35.05
N LEU B 181 -63.70 -5.87 -35.25
CA LEU B 181 -64.40 -5.96 -36.53
C LEU B 181 -65.70 -5.22 -36.39
N GLN B 182 -65.76 -4.01 -36.94
CA GLN B 182 -66.96 -3.18 -36.81
C GLN B 182 -68.15 -3.87 -37.45
N VAL B 183 -69.27 -3.87 -36.74
CA VAL B 183 -70.47 -4.59 -37.13
C VAL B 183 -71.53 -3.59 -37.58
N VAL B 184 -72.11 -3.83 -38.75
CA VAL B 184 -73.19 -3.01 -39.28
C VAL B 184 -74.43 -3.88 -39.18
N GLU B 185 -75.58 -3.36 -39.64
CA GLU B 185 -76.89 -3.95 -39.40
C GLU B 185 -76.89 -5.47 -39.41
N GLU B 186 -77.41 -6.08 -38.34
CA GLU B 186 -77.39 -7.52 -38.18
C GLU B 186 -78.75 -8.01 -37.69
N LYS B 187 -79.24 -9.06 -38.32
CA LYS B 187 -80.33 -9.85 -37.77
C LYS B 187 -79.70 -11.02 -37.01
N GLY B 188 -80.50 -12.02 -36.64
CA GLY B 188 -79.94 -13.24 -36.10
C GLY B 188 -79.09 -13.95 -37.13
N ASP B 189 -78.15 -14.76 -36.61
CA ASP B 189 -77.22 -15.48 -37.47
C ASP B 189 -76.47 -14.52 -38.38
N GLU B 190 -76.94 -14.39 -39.62
CA GLU B 190 -76.24 -13.59 -40.61
C GLU B 190 -76.10 -12.15 -40.16
N ARG B 191 -74.97 -11.54 -40.51
CA ARG B 191 -74.69 -10.17 -40.15
C ARG B 191 -73.73 -9.58 -41.18
N ARG B 192 -73.59 -8.26 -41.14
CA ARG B 192 -72.73 -7.53 -42.06
C ARG B 192 -71.67 -6.80 -41.26
N VAL B 193 -70.40 -6.99 -41.65
CA VAL B 193 -69.28 -6.37 -40.95
C VAL B 193 -68.42 -5.65 -41.98
N GLN B 194 -67.61 -4.72 -41.48
CA GLN B 194 -66.71 -3.96 -42.34
C GLN B 194 -65.53 -3.48 -41.51
N ALA B 195 -64.32 -3.60 -42.07
CA ALA B 195 -63.13 -3.18 -41.36
C ALA B 195 -62.89 -1.69 -41.55
N GLU B 196 -62.58 -1.00 -40.46
CA GLU B 196 -62.43 0.45 -40.53
C GLU B 196 -61.11 0.86 -41.16
N ASP B 197 -60.04 0.11 -40.91
CA ASP B 197 -58.73 0.43 -41.43
C ASP B 197 -57.96 -0.85 -41.72
N ARG B 198 -56.91 -0.72 -42.51
CA ARG B 198 -56.08 -1.86 -42.91
C ARG B 198 -55.01 -2.15 -41.88
N ALA B 199 -55.41 -2.26 -40.61
CA ALA B 199 -54.45 -2.43 -39.52
C ALA B 199 -53.81 -3.80 -39.54
N PHE B 200 -54.62 -4.86 -39.66
CA PHE B 200 -54.06 -6.20 -39.58
C PHE B 200 -53.16 -6.53 -40.76
N GLY B 201 -53.53 -6.07 -41.95
CA GLY B 201 -52.72 -6.36 -43.13
C GLY B 201 -51.30 -5.84 -42.99
N THR B 202 -51.16 -4.59 -42.55
CA THR B 202 -49.83 -4.05 -42.32
C THR B 202 -49.12 -4.76 -41.18
N PHE B 203 -49.86 -5.14 -40.13
CA PHE B 203 -49.25 -5.88 -39.03
C PHE B 203 -48.69 -7.21 -39.51
N LEU B 204 -49.50 -7.96 -40.25
CA LEU B 204 -49.03 -9.23 -40.79
C LEU B 204 -47.90 -9.03 -41.79
N GLN B 205 -48.01 -8.00 -42.64
CA GLN B 205 -46.95 -7.70 -43.58
C GLN B 205 -45.67 -7.34 -42.85
N ASP B 206 -45.79 -6.62 -41.72
CA ASP B 206 -44.62 -6.26 -40.95
C ASP B 206 -43.90 -7.49 -40.41
N LEU B 207 -44.65 -8.46 -39.89
CA LEU B 207 -44.02 -9.65 -39.34
C LEU B 207 -43.30 -10.44 -40.42
N LEU B 208 -44.01 -10.73 -41.51
CA LEU B 208 -43.42 -11.53 -42.58
C LEU B 208 -42.19 -10.85 -43.17
N GLN B 209 -42.28 -9.53 -43.39
CA GLN B 209 -41.13 -8.80 -43.90
C GLN B 209 -39.96 -8.87 -42.94
N ARG B 210 -40.23 -8.71 -41.64
CA ARG B 210 -39.15 -8.84 -40.67
C ARG B 210 -38.64 -10.26 -40.58
N ALA B 211 -39.55 -11.24 -40.67
CA ALA B 211 -39.13 -12.64 -40.61
C ALA B 211 -38.25 -13.00 -41.79
N SER B 212 -38.57 -12.49 -42.98
CA SER B 212 -37.74 -12.77 -44.15
C SER B 212 -36.34 -12.21 -43.96
N ARG B 213 -36.23 -10.95 -43.57
CA ARG B 213 -34.92 -10.33 -43.41
C ARG B 213 -34.12 -11.02 -42.32
N ILE B 214 -34.77 -11.35 -41.20
CA ILE B 214 -34.05 -11.98 -40.10
C ILE B 214 -33.61 -13.39 -40.47
N ALA B 215 -34.35 -14.06 -41.37
CA ALA B 215 -33.97 -15.41 -41.77
C ALA B 215 -32.75 -15.38 -42.67
N GLY B 216 -32.73 -14.48 -43.65
CA GLY B 216 -31.63 -14.45 -44.60
C GLY B 216 -30.32 -14.03 -43.95
N ALA B 217 -30.36 -13.01 -43.11
CA ALA B 217 -29.16 -12.52 -42.44
C ALA B 217 -29.05 -13.18 -41.06
N TRP B 218 -28.92 -14.49 -41.09
CA TRP B 218 -28.84 -15.29 -39.87
C TRP B 218 -27.54 -16.07 -39.75
N GLU B 219 -27.07 -16.68 -40.84
CA GLU B 219 -25.85 -17.47 -40.78
C GLU B 219 -24.64 -16.64 -40.40
N MET B 220 -24.70 -15.32 -40.57
CA MET B 220 -23.60 -14.44 -40.19
C MET B 220 -24.02 -13.48 -39.10
N LEU B 221 -24.99 -13.87 -38.29
CA LEU B 221 -25.44 -13.01 -37.19
C LEU B 221 -24.31 -12.60 -36.24
N PRO B 222 -23.39 -13.48 -35.83
CA PRO B 222 -22.34 -13.04 -34.89
C PRO B 222 -21.54 -11.85 -35.36
N GLU B 223 -21.31 -11.71 -36.67
CA GLU B 223 -20.62 -10.52 -37.17
C GLU B 223 -21.39 -9.25 -36.84
N LEU B 224 -22.70 -9.34 -36.70
CA LEU B 224 -23.49 -8.20 -36.30
C LEU B 224 -23.25 -7.91 -34.82
N PRO B 225 -22.97 -6.65 -34.45
CA PRO B 225 -22.79 -6.35 -33.02
C PRO B 225 -24.07 -6.54 -32.21
N PHE B 226 -25.18 -5.99 -32.69
CA PHE B 226 -26.45 -6.05 -31.98
C PHE B 226 -27.41 -6.97 -32.73
N ALA B 227 -28.09 -7.84 -31.99
CA ALA B 227 -29.01 -8.80 -32.61
C ALA B 227 -30.13 -8.09 -33.35
N ASP B 228 -30.65 -7.01 -32.77
CA ASP B 228 -31.75 -6.28 -33.40
C ASP B 228 -31.38 -5.68 -34.74
N LEU B 229 -30.08 -5.58 -35.05
CA LEU B 229 -29.68 -5.07 -36.35
C LEU B 229 -30.14 -5.99 -37.47
N ALA B 230 -30.31 -7.28 -37.18
CA ALA B 230 -30.60 -8.26 -38.22
C ALA B 230 -32.06 -8.26 -38.60
N THR B 231 -32.62 -7.08 -38.86
CA THR B 231 -33.96 -6.94 -39.40
C THR B 231 -33.97 -5.93 -40.53
N TRP B 232 -32.83 -5.73 -41.17
CA TRP B 232 -32.66 -4.70 -42.19
C TRP B 232 -32.69 -5.33 -43.57
N SER B 233 -32.89 -4.47 -44.58
CA SER B 233 -32.87 -4.94 -45.95
C SER B 233 -31.46 -5.34 -46.34
N GLU B 234 -31.37 -6.15 -47.41
CA GLU B 234 -30.07 -6.55 -47.92
C GLU B 234 -29.24 -5.34 -48.32
N GLY B 235 -29.88 -4.36 -48.98
CA GLY B 235 -29.18 -3.14 -49.31
C GLY B 235 -28.77 -2.35 -48.09
N GLU B 236 -29.66 -2.29 -47.09
CA GLU B 236 -29.32 -1.58 -45.86
C GLU B 236 -28.12 -2.21 -45.17
N LEU B 237 -28.08 -3.54 -45.11
CA LEU B 237 -26.89 -4.22 -44.62
C LEU B 237 -25.68 -3.91 -45.49
N ALA B 238 -25.87 -3.93 -46.82
CA ALA B 238 -24.79 -3.58 -47.72
C ALA B 238 -24.36 -2.13 -47.53
N TRP B 239 -25.34 -1.23 -47.36
CA TRP B 239 -25.01 0.17 -47.12
C TRP B 239 -24.31 0.34 -45.78
N LEU B 240 -24.61 -0.51 -44.81
CA LEU B 240 -24.00 -0.39 -43.49
C LEU B 240 -22.53 -0.83 -43.49
N ARG B 241 -22.07 -1.54 -44.52
CA ARG B 241 -20.70 -2.00 -44.55
C ARG B 241 -19.78 -1.11 -45.38
N GLU B 242 -20.30 -0.35 -46.33
CA GLU B 242 -19.44 0.53 -47.10
C GLU B 242 -18.92 1.66 -46.19
N PRO B 243 -17.71 2.16 -46.46
CA PRO B 243 -17.05 3.05 -45.50
C PRO B 243 -17.84 4.32 -45.25
N LEU B 244 -17.71 4.83 -44.03
CA LEU B 244 -18.44 6.02 -43.62
C LEU B 244 -17.92 7.24 -44.37
N ASP B 245 -18.83 8.17 -44.68
CA ASP B 245 -18.49 9.43 -45.34
C ASP B 245 -18.76 10.58 -44.39
N PRO B 246 -17.75 11.09 -43.70
CA PRO B 246 -17.99 12.21 -42.77
C PRO B 246 -18.54 13.45 -43.45
N ARG B 247 -18.17 13.69 -44.71
CA ARG B 247 -18.65 14.88 -45.40
C ARG B 247 -20.10 14.74 -45.82
N ALA B 248 -20.60 13.52 -45.96
CA ALA B 248 -21.96 13.31 -46.42
C ALA B 248 -22.96 13.77 -45.37
N PRO B 249 -23.87 14.69 -45.69
CA PRO B 249 -24.87 15.11 -44.70
C PRO B 249 -25.79 13.98 -44.25
N ALA B 250 -26.04 12.99 -45.12
CA ALA B 250 -26.88 11.87 -44.72
C ALA B 250 -26.24 11.07 -43.59
N ASP B 251 -24.94 10.80 -43.70
CA ASP B 251 -24.25 10.10 -42.63
C ASP B 251 -24.16 10.94 -41.36
N GLN B 252 -23.96 12.24 -41.52
CA GLN B 252 -23.85 13.12 -40.36
C GLN B 252 -25.13 13.11 -39.54
N ARG B 253 -26.29 13.16 -40.23
CA ARG B 253 -27.55 13.05 -39.51
C ARG B 253 -27.72 11.67 -38.90
N TRP B 254 -27.24 10.64 -39.57
CA TRP B 254 -27.37 9.29 -39.03
C TRP B 254 -26.60 9.14 -37.73
N VAL B 255 -25.32 9.52 -37.73
CA VAL B 255 -24.48 9.34 -36.55
C VAL B 255 -25.04 10.14 -35.38
N ALA B 256 -25.58 11.32 -35.65
CA ALA B 256 -26.21 12.09 -34.60
C ALA B 256 -27.43 11.40 -34.02
N GLY B 257 -27.97 10.40 -34.71
CA GLY B 257 -29.11 9.66 -34.22
C GLY B 257 -28.79 8.38 -33.49
N LEU B 258 -27.55 7.92 -33.55
CA LEU B 258 -27.19 6.70 -32.84
C LEU B 258 -27.31 6.90 -31.33
N PRO B 259 -27.70 5.88 -30.59
CA PRO B 259 -27.59 5.92 -29.13
C PRO B 259 -26.17 5.59 -28.71
N LYS B 260 -25.45 6.61 -28.23
CA LYS B 260 -24.05 6.46 -27.92
C LYS B 260 -23.86 6.13 -26.44
N ILE B 261 -22.66 5.64 -26.12
CA ILE B 261 -22.22 5.46 -24.75
C ILE B 261 -20.91 6.20 -24.57
N GLU B 262 -20.86 7.08 -23.57
CA GLU B 262 -19.67 7.85 -23.27
C GLU B 262 -19.00 7.29 -22.02
N LEU B 263 -17.71 6.96 -22.13
CA LEU B 263 -16.98 6.38 -21.02
C LEU B 263 -15.89 7.27 -20.46
N HIS B 264 -15.37 8.21 -21.25
CA HIS B 264 -14.20 9.00 -20.87
C HIS B 264 -14.53 10.47 -21.12
N CYS B 265 -15.17 11.10 -20.14
CA CYS B 265 -15.55 12.50 -20.19
C CYS B 265 -15.30 13.12 -18.83
N HIS B 266 -14.74 14.32 -18.82
CA HIS B 266 -14.31 14.99 -17.59
C HIS B 266 -15.30 16.09 -17.23
N LEU B 267 -15.79 16.07 -15.99
CA LEU B 267 -16.51 17.23 -15.48
C LEU B 267 -15.59 18.42 -15.37
N GLY B 268 -14.39 18.22 -14.82
CA GLY B 268 -13.38 19.26 -14.85
C GLY B 268 -12.97 19.45 -16.29
N GLY B 269 -13.42 20.54 -16.88
CA GLY B 269 -13.47 20.70 -18.31
C GLY B 269 -14.83 21.19 -18.74
N PHE B 270 -15.20 20.81 -19.96
CA PHE B 270 -16.50 21.16 -20.53
C PHE B 270 -16.45 22.65 -20.88
N ALA B 271 -17.57 23.36 -20.68
CA ALA B 271 -17.70 24.75 -21.08
C ALA B 271 -16.50 25.58 -20.65
N THR B 272 -15.76 26.08 -21.63
CA THR B 272 -14.64 26.98 -21.37
C THR B 272 -14.64 28.20 -22.27
N HIS B 273 -15.50 28.26 -23.28
CA HIS B 273 -15.57 29.41 -24.16
C HIS B 273 -17.00 29.60 -24.61
N GLY B 274 -17.30 30.80 -25.09
CA GLY B 274 -18.60 31.04 -25.66
C GLY B 274 -19.70 31.15 -24.62
N GLU B 275 -20.94 30.99 -25.09
CA GLU B 275 -22.10 31.19 -24.24
C GLU B 275 -22.15 30.18 -23.10
N LEU B 276 -21.62 28.98 -23.33
CA LEU B 276 -21.72 27.92 -22.33
C LEU B 276 -21.02 28.32 -21.04
N LEU B 277 -19.82 28.90 -21.14
CA LEU B 277 -19.15 29.37 -19.94
C LEU B 277 -19.93 30.50 -19.26
N ARG B 278 -20.49 31.41 -20.07
CA ARG B 278 -21.25 32.51 -19.51
C ARG B 278 -22.45 31.99 -18.72
N ARG B 279 -23.10 30.95 -19.21
CA ARG B 279 -24.28 30.41 -18.54
C ARG B 279 -23.92 29.91 -17.14
N VAL B 280 -22.75 29.30 -16.99
CA VAL B 280 -22.35 28.78 -15.69
C VAL B 280 -22.18 29.91 -14.69
N ARG B 281 -21.52 30.99 -15.11
CA ARG B 281 -21.21 32.08 -14.19
C ARG B 281 -22.43 32.93 -13.86
N ASN B 282 -23.52 32.78 -14.59
CA ASN B 282 -24.77 33.44 -14.24
C ASN B 282 -25.58 32.66 -13.22
N ALA B 283 -25.11 31.48 -12.81
CA ALA B 283 -25.77 30.68 -11.80
C ALA B 283 -24.98 30.63 -10.49
N ALA B 284 -23.89 31.38 -10.40
CA ALA B 284 -23.12 31.40 -9.16
C ALA B 284 -23.91 32.06 -8.05
N GLU B 285 -23.83 31.47 -6.85
CA GLU B 285 -24.49 32.03 -5.67
C GLU B 285 -23.56 32.91 -4.85
N ASN B 286 -22.29 33.03 -5.25
CA ASN B 286 -21.37 33.99 -4.66
C ASN B 286 -20.65 34.72 -5.79
N PRO B 287 -21.36 35.59 -6.51
CA PRO B 287 -20.79 36.20 -7.72
C PRO B 287 -19.52 37.00 -7.47
N GLY B 288 -19.34 37.53 -6.26
CA GLY B 288 -18.19 38.36 -6.00
C GLY B 288 -16.89 37.59 -5.88
N LYS B 289 -16.95 36.27 -5.71
CA LYS B 289 -15.76 35.48 -5.47
C LYS B 289 -15.17 34.88 -6.73
N LEU B 290 -15.96 34.71 -7.79
CA LEU B 290 -15.46 34.08 -8.99
C LEU B 290 -14.40 34.96 -9.66
N PRO B 291 -13.37 34.36 -10.24
CA PRO B 291 -12.31 35.13 -10.90
C PRO B 291 -12.85 35.86 -12.12
N PRO B 292 -12.17 36.90 -12.58
CA PRO B 292 -12.66 37.66 -13.74
C PRO B 292 -12.69 36.84 -15.02
N LEU B 293 -13.18 37.42 -16.10
CA LEU B 293 -13.36 36.71 -17.36
C LEU B 293 -12.06 36.75 -18.14
N GLU B 294 -11.35 35.62 -18.20
CA GLU B 294 -10.16 35.49 -19.03
C GLU B 294 -10.14 34.07 -19.59
N GLU B 295 -10.70 33.90 -20.78
CA GLU B 295 -10.68 32.60 -21.45
C GLU B 295 -9.41 32.47 -22.27
N PRO B 296 -8.59 31.44 -22.06
CA PRO B 296 -7.31 31.34 -22.77
C PRO B 296 -7.52 31.26 -24.27
N ARG B 297 -6.55 31.81 -25.01
CA ARG B 297 -6.68 31.90 -26.45
C ARG B 297 -6.38 30.56 -27.09
N LEU B 298 -7.39 29.96 -27.70
CA LEU B 298 -7.21 28.72 -28.45
C LEU B 298 -6.36 28.97 -29.69
N PRO B 299 -5.50 28.01 -30.06
CA PRO B 299 -4.65 28.20 -31.25
C PRO B 299 -5.45 28.29 -32.53
N GLU B 300 -4.78 28.55 -33.66
CA GLU B 300 -5.49 28.75 -34.92
C GLU B 300 -6.26 27.48 -35.31
N GLY B 301 -7.53 27.67 -35.66
CA GLY B 301 -8.41 26.56 -35.98
C GLY B 301 -8.38 25.45 -34.95
N TRP B 302 -8.84 25.76 -33.74
CA TRP B 302 -8.64 24.82 -32.64
C TRP B 302 -9.25 23.45 -32.85
N PRO B 303 -10.47 23.29 -33.39
CA PRO B 303 -10.98 21.92 -33.62
C PRO B 303 -10.04 21.05 -34.44
N LEU B 304 -9.34 21.63 -35.41
CA LEU B 304 -8.37 20.92 -36.24
C LEU B 304 -7.09 21.74 -36.31
N PRO B 305 -6.31 21.76 -35.24
CA PRO B 305 -5.12 22.61 -35.22
C PRO B 305 -4.06 22.15 -36.23
N ALA B 306 -3.31 23.13 -36.74
CA ALA B 306 -2.23 22.80 -37.65
C ALA B 306 -1.07 22.12 -36.93
N GLN B 307 -0.79 22.54 -35.69
CA GLN B 307 0.34 22.01 -34.96
C GLN B 307 -0.12 21.34 -33.66
N PRO B 308 0.53 20.24 -33.28
CA PRO B 308 0.14 19.53 -32.05
C PRO B 308 0.74 20.18 -30.82
N ILE B 309 -0.13 20.72 -29.97
CA ILE B 309 0.30 21.31 -28.69
C ILE B 309 0.65 20.16 -27.75
N PRO B 310 1.49 20.39 -26.74
CA PRO B 310 1.86 19.29 -25.83
C PRO B 310 0.89 19.13 -24.67
N LEU B 311 1.15 18.15 -23.81
CA LEU B 311 0.21 17.83 -22.74
C LEU B 311 0.08 18.97 -21.73
N ALA B 312 1.21 19.58 -21.36
CA ALA B 312 1.17 20.60 -20.33
C ALA B 312 0.31 21.79 -20.74
N GLU B 313 0.42 22.22 -22.00
CA GLU B 313 -0.42 23.29 -22.49
C GLU B 313 -1.89 22.86 -22.54
N TYR B 314 -2.16 21.65 -23.03
CA TYR B 314 -3.54 21.23 -23.23
C TYR B 314 -4.33 21.29 -21.93
N MET B 315 -3.70 20.96 -20.81
CA MET B 315 -4.39 21.05 -19.53
C MET B 315 -4.78 22.49 -19.22
N LYS B 316 -3.90 23.45 -19.51
CA LYS B 316 -4.19 24.84 -19.19
C LYS B 316 -5.08 25.51 -20.23
N LEU B 317 -5.28 24.89 -21.39
CA LEU B 317 -6.35 25.36 -22.26
C LEU B 317 -7.68 25.29 -21.52
N GLY B 318 -8.31 26.44 -21.33
CA GLY B 318 -9.56 26.48 -20.61
C GLY B 318 -9.40 26.38 -19.10
N ASN B 319 -8.63 27.30 -18.52
CA ASN B 319 -8.59 27.45 -17.08
C ASN B 319 -9.69 28.36 -16.57
N ALA B 320 -10.42 29.03 -17.46
CA ALA B 320 -11.55 29.85 -17.04
C ALA B 320 -12.66 29.02 -16.42
N ASN B 321 -12.64 27.70 -16.62
CA ASN B 321 -13.55 26.79 -15.95
C ASN B 321 -12.74 25.64 -15.38
N GLY B 322 -12.97 25.32 -14.13
CA GLY B 322 -12.25 24.24 -13.49
C GLY B 322 -12.05 24.45 -12.01
N THR B 323 -10.81 24.37 -11.56
CA THR B 323 -10.52 24.53 -10.14
C THR B 323 -10.90 25.92 -9.66
N ALA B 324 -10.66 26.94 -10.48
CA ALA B 324 -10.97 28.31 -10.07
C ALA B 324 -12.48 28.55 -10.09
N LEU B 325 -13.14 28.17 -11.17
CA LEU B 325 -14.53 28.56 -11.35
C LEU B 325 -15.48 27.73 -10.49
N LEU B 326 -15.32 26.40 -10.50
CA LEU B 326 -16.34 25.56 -9.91
C LEU B 326 -16.18 25.43 -8.40
N ARG B 327 -16.02 26.56 -7.73
CA ARG B 327 -15.97 26.58 -6.27
C ARG B 327 -17.29 27.00 -5.66
N ASP B 328 -18.00 27.88 -6.32
CA ASP B 328 -19.34 28.24 -5.87
C ASP B 328 -20.25 27.03 -6.01
N PRO B 329 -21.00 26.67 -4.96
CA PRO B 329 -21.91 25.52 -5.09
C PRO B 329 -22.93 25.68 -6.20
N GLY B 330 -23.31 26.91 -6.53
CA GLY B 330 -24.18 27.11 -7.69
C GLY B 330 -23.51 26.76 -8.99
N CYS B 331 -22.24 27.16 -9.14
CA CYS B 331 -21.51 26.83 -10.36
C CYS B 331 -21.39 25.32 -10.55
N LEU B 332 -21.08 24.60 -9.47
CA LEU B 332 -20.93 23.16 -9.57
C LEU B 332 -22.23 22.49 -10.01
N ARG B 333 -23.36 22.94 -9.46
CA ARG B 333 -24.64 22.38 -9.88
C ARG B 333 -24.93 22.72 -11.33
N GLU B 334 -24.64 23.95 -11.74
CA GLU B 334 -24.95 24.35 -13.12
C GLU B 334 -24.07 23.62 -14.12
N GLN B 335 -22.83 23.33 -13.76
CA GLN B 335 -21.98 22.52 -14.63
C GLN B 335 -22.60 21.15 -14.87
N CYS B 336 -23.10 20.52 -13.81
CA CYS B 336 -23.71 19.20 -13.96
C CYS B 336 -25.00 19.28 -14.76
N ARG B 337 -25.81 20.31 -14.53
CA ARG B 337 -27.05 20.45 -15.28
C ARG B 337 -26.80 20.65 -16.76
N LEU B 338 -25.82 21.49 -17.10
CA LEU B 338 -25.57 21.78 -18.52
C LEU B 338 -24.99 20.58 -19.23
N LEU B 339 -24.11 19.82 -18.56
CA LEU B 339 -23.52 18.65 -19.19
C LEU B 339 -24.58 17.59 -19.48
N TYR B 340 -25.50 17.38 -18.53
CA TYR B 340 -26.53 16.37 -18.73
C TYR B 340 -27.44 16.72 -19.90
N ARG B 341 -27.83 17.99 -20.01
CA ARG B 341 -28.63 18.41 -21.17
C ARG B 341 -27.85 18.23 -22.45
N HIS B 342 -26.55 18.52 -22.43
CA HIS B 342 -25.70 18.27 -23.59
C HIS B 342 -25.66 16.79 -23.94
N LEU B 343 -25.54 15.93 -22.94
CA LEU B 343 -25.45 14.50 -23.20
C LEU B 343 -26.75 13.97 -23.80
N VAL B 344 -27.89 14.35 -23.23
CA VAL B 344 -29.17 13.86 -23.74
C VAL B 344 -29.40 14.37 -25.16
N ASP B 345 -29.10 15.65 -25.41
CA ASP B 345 -29.22 16.18 -26.76
C ASP B 345 -28.31 15.43 -27.71
N GLN B 346 -27.14 14.98 -27.23
CA GLN B 346 -26.22 14.20 -28.05
C GLN B 346 -26.69 12.77 -28.25
N GLY B 347 -27.74 12.35 -27.56
CA GLY B 347 -28.26 11.01 -27.70
C GLY B 347 -27.60 9.97 -26.85
N VAL B 348 -26.69 10.35 -25.96
CA VAL B 348 -25.97 9.38 -25.16
C VAL B 348 -26.94 8.68 -24.21
N CYS B 349 -26.92 7.35 -24.22
CA CYS B 349 -27.77 6.56 -23.35
C CYS B 349 -27.09 6.17 -22.05
N TYR B 350 -25.80 6.42 -21.91
CA TYR B 350 -25.06 6.06 -20.71
C TYR B 350 -23.74 6.81 -20.72
N ALA B 351 -23.46 7.51 -19.63
CA ALA B 351 -22.22 8.28 -19.52
C ALA B 351 -21.57 8.01 -18.18
N GLU B 352 -20.26 8.21 -18.14
CA GLU B 352 -19.48 8.06 -16.90
C GLU B 352 -18.62 9.30 -16.76
N VAL B 353 -19.17 10.32 -16.08
CA VAL B 353 -18.48 11.59 -15.94
C VAL B 353 -17.36 11.46 -14.93
N ARG B 354 -16.19 11.96 -15.29
CA ARG B 354 -15.02 11.95 -14.42
C ARG B 354 -14.88 13.29 -13.72
N CYS B 355 -14.66 13.25 -12.41
CA CYS B 355 -14.60 14.46 -11.61
C CYS B 355 -13.57 14.29 -10.51
N SER B 356 -13.11 15.42 -9.97
CA SER B 356 -12.15 15.44 -8.87
C SER B 356 -12.72 16.33 -7.78
N PRO B 357 -13.62 15.80 -6.95
CA PRO B 357 -14.30 16.64 -5.96
C PRO B 357 -13.37 17.31 -4.97
N ALA B 358 -12.28 16.65 -4.57
CA ALA B 358 -11.39 17.23 -3.57
C ALA B 358 -10.64 18.45 -4.08
N ASN B 359 -10.69 18.72 -5.39
CA ASN B 359 -10.16 19.95 -5.92
C ASN B 359 -10.97 21.17 -5.49
N TYR B 360 -12.09 20.97 -4.79
CA TYR B 360 -13.03 22.05 -4.52
C TYR B 360 -13.34 22.02 -3.04
N ALA B 361 -12.52 22.68 -2.21
CA ALA B 361 -12.73 22.57 -0.77
C ALA B 361 -12.08 23.76 -0.06
N GLU B 362 -12.90 24.67 0.46
CA GLU B 362 -12.47 25.60 1.49
C GLU B 362 -13.24 25.39 2.79
N VAL B 363 -14.57 25.42 2.74
CA VAL B 363 -15.41 25.04 3.85
C VAL B 363 -16.19 23.77 3.56
N ARG B 364 -16.62 23.60 2.31
CA ARG B 364 -17.28 22.38 1.89
C ARG B 364 -16.25 21.28 1.74
N SER B 365 -16.39 20.22 2.53
CA SER B 365 -15.48 19.10 2.46
C SER B 365 -15.66 18.35 1.14
N PRO B 366 -14.64 17.62 0.69
CA PRO B 366 -14.75 16.88 -0.56
C PRO B 366 -15.95 15.94 -0.60
N TRP B 367 -16.30 15.33 0.53
CA TRP B 367 -17.50 14.51 0.56
C TRP B 367 -18.74 15.34 0.28
N ASP B 368 -18.80 16.56 0.81
CA ASP B 368 -19.93 17.44 0.55
C ASP B 368 -20.01 17.79 -0.94
N VAL B 369 -18.87 18.05 -1.56
CA VAL B 369 -18.86 18.40 -2.97
C VAL B 369 -19.33 17.23 -3.81
N LEU B 370 -18.83 16.03 -3.53
CA LEU B 370 -19.25 14.87 -4.29
C LEU B 370 -20.73 14.58 -4.08
N ALA B 371 -21.22 14.73 -2.85
CA ALA B 371 -22.64 14.54 -2.59
C ALA B 371 -23.48 15.51 -3.41
N ASP B 372 -23.01 16.74 -3.57
CA ASP B 372 -23.71 17.70 -4.41
C ASP B 372 -23.67 17.27 -5.88
N ILE B 373 -22.51 16.80 -6.35
CA ILE B 373 -22.39 16.37 -7.73
C ILE B 373 -23.33 15.19 -7.99
N ARG B 374 -23.31 14.21 -7.10
CA ARG B 374 -24.18 13.05 -7.25
C ARG B 374 -25.65 13.47 -7.20
N ALA B 375 -26.00 14.35 -6.28
CA ALA B 375 -27.38 14.83 -6.19
C ALA B 375 -27.76 15.65 -7.41
N ALA B 376 -26.82 16.42 -7.96
CA ALA B 376 -27.12 17.23 -9.14
C ALA B 376 -27.47 16.34 -10.32
N PHE B 377 -26.75 15.24 -10.51
CA PHE B 377 -27.06 14.34 -11.60
C PHE B 377 -28.31 13.52 -11.32
N GLN B 378 -28.49 13.10 -10.07
CA GLN B 378 -29.64 12.26 -9.74
C GLN B 378 -30.95 12.99 -9.98
N GLU B 379 -31.03 14.26 -9.58
CA GLU B 379 -32.25 15.01 -9.82
C GLU B 379 -32.45 15.27 -11.31
N CYS B 380 -31.36 15.41 -12.07
CA CYS B 380 -31.49 15.53 -13.52
C CYS B 380 -32.05 14.24 -14.12
N MET B 381 -31.56 13.09 -13.67
CA MET B 381 -32.06 11.82 -14.19
C MET B 381 -33.51 11.61 -13.83
N GLU B 382 -33.92 12.03 -12.63
CA GLU B 382 -35.33 11.96 -12.27
C GLU B 382 -36.18 12.86 -13.14
N GLY B 383 -35.66 14.05 -13.47
CA GLY B 383 -36.39 14.99 -14.29
C GLY B 383 -36.65 14.47 -15.69
N ALA B 384 -35.59 14.30 -16.48
CA ALA B 384 -35.70 13.77 -17.83
C ALA B 384 -35.80 12.24 -17.76
N ARG B 385 -36.96 11.78 -17.31
CA ARG B 385 -37.19 10.37 -17.05
C ARG B 385 -38.19 9.78 -18.04
N THR B 386 -38.11 10.19 -19.30
CA THR B 386 -39.02 9.63 -20.30
C THR B 386 -38.50 8.29 -20.82
N ALA B 387 -37.36 8.28 -21.52
CA ALA B 387 -36.66 7.10 -22.03
C ALA B 387 -37.60 6.09 -22.69
N PRO B 388 -37.15 4.87 -22.97
CA PRO B 388 -38.12 3.77 -23.10
C PRO B 388 -38.30 3.05 -21.77
N GLY B 389 -39.53 2.68 -21.45
CA GLY B 389 -39.81 1.98 -20.21
C GLY B 389 -39.85 2.82 -18.97
N GLY B 390 -40.00 4.13 -19.09
CA GLY B 390 -40.05 4.99 -17.91
C GLY B 390 -38.76 5.03 -17.13
N LEU B 391 -37.63 5.03 -17.82
CA LEU B 391 -36.30 5.09 -17.23
C LEU B 391 -35.73 6.49 -17.36
N PRO B 392 -34.57 6.75 -16.75
CA PRO B 392 -33.88 8.00 -17.04
C PRO B 392 -33.48 8.07 -18.51
N ALA B 393 -33.54 9.27 -19.08
CA ALA B 393 -33.15 9.43 -20.48
C ALA B 393 -31.69 9.08 -20.69
N CYS B 394 -30.82 9.52 -19.79
CA CYS B 394 -29.40 9.20 -19.82
C CYS B 394 -28.97 8.84 -18.41
N HIS B 395 -28.32 7.69 -18.26
CA HIS B 395 -27.81 7.24 -16.97
C HIS B 395 -26.36 7.68 -16.84
N VAL B 396 -26.06 8.40 -15.76
CA VAL B 396 -24.75 9.00 -15.55
C VAL B 396 -24.16 8.39 -14.29
N ASN B 397 -22.96 7.83 -14.41
CA ASN B 397 -22.20 7.35 -13.27
C ASN B 397 -20.98 8.24 -13.09
N LEU B 398 -20.24 8.01 -12.01
CA LEU B 398 -19.15 8.89 -11.63
C LEU B 398 -17.87 8.09 -11.45
N ILE B 399 -16.77 8.68 -11.90
CA ILE B 399 -15.42 8.15 -11.67
C ILE B 399 -14.57 9.27 -11.10
N LEU B 400 -13.94 9.02 -9.97
CA LEU B 400 -13.12 10.03 -9.31
C LEU B 400 -11.71 10.01 -9.90
N ILE B 401 -11.23 11.17 -10.29
CA ILE B 401 -9.91 11.30 -10.91
C ILE B 401 -8.85 11.45 -9.83
N ALA B 402 -7.65 10.99 -10.14
CA ALA B 402 -6.49 11.11 -9.25
C ALA B 402 -5.35 11.73 -10.06
N THR B 403 -5.07 13.01 -9.81
CA THR B 403 -4.12 13.77 -10.61
C THR B 403 -2.73 13.73 -9.96
N ARG B 404 -1.70 13.76 -10.80
CA ARG B 404 -0.30 13.69 -10.36
C ARG B 404 0.51 14.63 -11.24
N ARG B 405 0.67 15.88 -10.81
CA ARG B 405 1.16 16.86 -11.78
C ARG B 405 2.67 16.87 -11.94
N ALA B 406 3.39 17.47 -10.99
CA ALA B 406 4.85 17.43 -11.07
C ALA B 406 5.51 17.35 -9.69
N SER B 407 4.82 17.88 -8.68
CA SER B 407 5.45 18.15 -7.39
C SER B 407 4.36 18.55 -6.41
N GLY B 408 4.80 18.98 -5.22
CA GLY B 408 3.88 19.29 -4.15
C GLY B 408 3.39 18.03 -3.47
N ASP B 409 2.52 18.23 -2.48
CA ASP B 409 1.95 17.11 -1.74
C ASP B 409 0.72 16.57 -2.48
N TYR B 410 0.95 16.22 -3.76
CA TYR B 410 -0.14 15.72 -4.60
C TYR B 410 -0.54 14.31 -4.24
N ARG B 411 0.37 13.52 -3.64
CA ARG B 411 0.03 12.14 -3.31
C ARG B 411 -1.01 12.07 -2.20
N ALA B 412 -1.06 13.08 -1.33
CA ALA B 412 -2.15 13.14 -0.37
C ALA B 412 -3.48 13.33 -1.06
N ALA B 413 -3.51 14.14 -2.11
CA ALA B 413 -4.73 14.28 -2.90
C ALA B 413 -5.11 12.96 -3.55
N ILE B 414 -4.12 12.22 -4.06
CA ILE B 414 -4.40 10.89 -4.58
C ILE B 414 -4.92 9.99 -3.47
N ALA B 415 -4.29 10.03 -2.31
CA ALA B 415 -4.74 9.22 -1.19
C ALA B 415 -6.16 9.59 -0.79
N ARG B 416 -6.51 10.87 -0.90
CA ARG B 416 -7.85 11.30 -0.51
C ARG B 416 -8.89 10.86 -1.53
N HIS B 417 -8.59 11.01 -2.83
CA HIS B 417 -9.54 10.59 -3.86
C HIS B 417 -9.82 9.10 -3.77
N LEU B 418 -8.77 8.29 -3.68
CA LEU B 418 -8.96 6.84 -3.69
C LEU B 418 -9.71 6.40 -2.43
N ALA B 419 -9.42 7.01 -1.28
CA ALA B 419 -10.17 6.71 -0.07
C ALA B 419 -11.60 7.19 -0.17
N LEU B 420 -11.83 8.36 -0.75
CA LEU B 420 -13.19 8.88 -0.90
C LEU B 420 -14.02 7.98 -1.79
N ALA B 421 -13.43 7.50 -2.88
CA ALA B 421 -14.19 6.65 -3.80
C ALA B 421 -14.65 5.36 -3.12
N VAL B 422 -13.80 4.77 -2.30
CA VAL B 422 -14.15 3.53 -1.62
C VAL B 422 -15.35 3.75 -0.71
N THR B 423 -15.33 4.83 0.08
CA THR B 423 -16.45 5.13 0.97
C THR B 423 -17.70 5.51 0.18
N ALA B 424 -17.53 6.30 -0.88
CA ALA B 424 -18.68 6.78 -1.63
C ALA B 424 -19.35 5.64 -2.40
N ALA B 425 -18.56 4.81 -3.06
CA ALA B 425 -19.13 3.74 -3.88
C ALA B 425 -19.94 2.78 -3.03
N GLU B 426 -19.44 2.45 -1.84
CA GLU B 426 -20.17 1.56 -0.95
C GLU B 426 -21.36 2.25 -0.30
N HIS B 427 -21.36 3.57 -0.21
CA HIS B 427 -22.46 4.28 0.44
C HIS B 427 -23.71 4.30 -0.45
N TRP B 428 -23.54 4.53 -1.73
CA TRP B 428 -24.65 4.66 -2.68
C TRP B 428 -24.76 3.36 -3.47
N ARG B 429 -25.53 2.42 -2.94
CA ARG B 429 -25.70 1.11 -3.56
C ARG B 429 -26.97 1.01 -4.40
N ASP B 430 -27.73 2.09 -4.53
CA ASP B 430 -28.95 2.08 -5.34
C ASP B 430 -28.58 1.86 -6.80
N GLU B 431 -29.00 0.72 -7.35
CA GLU B 431 -28.57 0.36 -8.70
C GLU B 431 -29.09 1.35 -9.74
N ASN B 432 -30.34 1.76 -9.62
CA ASN B 432 -30.93 2.63 -10.62
C ASN B 432 -30.51 4.09 -10.49
N ALA B 433 -29.82 4.44 -9.41
CA ALA B 433 -29.37 5.80 -9.18
C ALA B 433 -27.89 5.96 -9.52
N CYS B 434 -27.49 7.20 -9.77
CA CYS B 434 -26.09 7.48 -10.05
C CYS B 434 -25.23 7.13 -8.84
N ARG B 435 -24.08 6.52 -9.10
CA ARG B 435 -23.21 6.07 -8.03
C ARG B 435 -21.79 5.98 -8.56
N VAL B 436 -20.83 6.17 -7.65
CA VAL B 436 -19.43 6.08 -8.02
C VAL B 436 -19.10 4.63 -8.35
N VAL B 437 -18.54 4.41 -9.53
CA VAL B 437 -18.28 3.05 -10.00
C VAL B 437 -16.81 2.77 -10.27
N GLY B 438 -15.95 3.78 -10.28
CA GLY B 438 -14.55 3.51 -10.55
C GLY B 438 -13.67 4.68 -10.17
N VAL B 439 -12.37 4.44 -10.25
CA VAL B 439 -11.37 5.47 -10.00
C VAL B 439 -10.58 5.67 -11.28
N ASP B 440 -9.61 6.58 -11.25
CA ASP B 440 -8.85 6.90 -12.44
C ASP B 440 -7.43 7.26 -12.04
N LEU B 441 -6.55 7.32 -13.03
CA LEU B 441 -5.19 7.80 -12.82
C LEU B 441 -4.83 8.67 -14.01
N ALA B 442 -4.95 9.99 -13.84
CA ALA B 442 -4.82 10.92 -14.95
C ALA B 442 -3.73 11.92 -14.59
N GLY B 443 -3.59 12.95 -15.43
CA GLY B 443 -2.62 13.99 -15.16
C GLY B 443 -1.37 13.85 -16.03
N TYR B 444 -0.23 14.14 -15.42
CA TYR B 444 1.05 14.16 -16.12
C TYR B 444 1.62 12.74 -16.16
N GLU B 445 1.57 12.10 -17.31
CA GLU B 445 2.16 10.78 -17.51
C GLU B 445 3.64 10.95 -17.81
N ASP B 446 4.48 10.30 -17.01
CA ASP B 446 5.92 10.41 -17.17
C ASP B 446 6.58 9.12 -16.71
N GLU B 447 7.80 8.89 -17.19
CA GLU B 447 8.56 7.72 -16.74
C GLU B 447 8.91 7.80 -15.26
N LYS B 448 8.92 9.00 -14.69
CA LYS B 448 9.18 9.15 -13.26
C LYS B 448 7.98 8.72 -12.41
N THR B 449 6.77 8.94 -12.92
CA THR B 449 5.54 8.50 -12.24
C THR B 449 4.72 7.79 -13.31
N ARG B 450 4.97 6.48 -13.50
CA ARG B 450 4.45 5.85 -14.70
C ARG B 450 3.11 5.16 -14.49
N ALA B 451 3.08 4.02 -13.81
CA ALA B 451 1.82 3.41 -13.43
C ALA B 451 1.91 2.70 -12.09
N HIS B 452 3.10 2.24 -11.73
CA HIS B 452 3.27 1.27 -10.68
C HIS B 452 3.82 1.86 -9.39
N TYR B 453 4.11 3.16 -9.36
CA TYR B 453 4.56 3.77 -8.12
C TYR B 453 3.43 3.99 -7.13
N PHE B 454 2.19 3.74 -7.55
CA PHE B 454 1.02 3.84 -6.68
C PHE B 454 0.38 2.47 -6.45
N ARG B 455 1.11 1.39 -6.73
CA ARG B 455 0.56 0.05 -6.52
C ARG B 455 0.22 -0.18 -5.06
N GLU B 456 1.09 0.26 -4.15
CA GLU B 456 0.80 0.17 -2.73
C GLU B 456 -0.44 0.98 -2.37
N GLU B 457 -0.66 2.09 -3.07
CA GLU B 457 -1.77 2.99 -2.75
C GLU B 457 -3.09 2.42 -3.22
N PHE B 458 -3.11 1.70 -4.34
CA PHE B 458 -4.34 1.18 -4.92
C PHE B 458 -4.78 -0.13 -4.32
N THR B 459 -4.05 -0.67 -3.35
CA THR B 459 -4.42 -1.97 -2.76
C THR B 459 -5.77 -1.89 -2.07
N ALA B 460 -6.04 -0.77 -1.40
CA ALA B 460 -7.30 -0.63 -0.68
C ALA B 460 -8.50 -0.67 -1.62
N VAL B 461 -8.37 -0.02 -2.78
CA VAL B 461 -9.49 0.04 -3.73
C VAL B 461 -9.83 -1.34 -4.24
N HIS B 462 -8.82 -2.14 -4.58
CA HIS B 462 -9.07 -3.49 -5.06
C HIS B 462 -9.72 -4.34 -3.97
N ARG B 463 -9.29 -4.16 -2.72
CA ARG B 463 -9.85 -4.95 -1.63
C ARG B 463 -11.35 -4.70 -1.47
N CYS B 464 -11.75 -3.43 -1.50
CA CYS B 464 -13.17 -3.12 -1.32
C CYS B 464 -13.97 -3.48 -2.57
N GLY B 465 -13.35 -3.39 -3.74
CA GLY B 465 -14.04 -3.72 -4.97
C GLY B 465 -14.48 -2.48 -5.72
N LEU B 466 -13.69 -2.07 -6.71
CA LEU B 466 -13.99 -0.91 -7.52
C LEU B 466 -13.20 -1.02 -8.81
N ALA B 467 -13.78 -0.48 -9.88
CA ALA B 467 -13.11 -0.46 -11.16
C ALA B 467 -11.96 0.52 -11.13
N VAL B 468 -10.93 0.24 -11.93
CA VAL B 468 -9.74 1.08 -12.00
C VAL B 468 -9.43 1.34 -13.47
N THR B 469 -9.38 2.61 -13.85
CA THR B 469 -8.91 3.03 -15.15
C THR B 469 -7.53 3.66 -15.01
N VAL B 470 -6.98 4.10 -16.13
CA VAL B 470 -5.66 4.71 -16.13
C VAL B 470 -5.45 5.44 -17.46
N HIS B 471 -4.64 6.49 -17.46
CA HIS B 471 -4.29 7.22 -18.67
C HIS B 471 -2.98 6.74 -19.27
N ALA B 472 -2.66 5.47 -19.10
CA ALA B 472 -1.41 4.93 -19.62
C ALA B 472 -1.37 5.05 -21.14
N GLY B 473 -0.19 5.35 -21.66
CA GLY B 473 -0.01 5.54 -23.08
C GLY B 473 -0.38 6.91 -23.60
N GLU B 474 -0.75 7.84 -22.72
CA GLU B 474 -1.08 9.20 -23.15
C GLU B 474 0.08 9.82 -23.91
N ASN B 475 1.29 9.73 -23.35
CA ASN B 475 2.49 10.16 -24.05
C ASN B 475 3.67 9.24 -23.83
N ASP B 476 3.49 8.14 -23.11
CA ASP B 476 4.59 7.25 -22.76
C ASP B 476 4.56 6.03 -23.67
N ASP B 477 5.55 5.14 -23.52
CA ASP B 477 5.71 4.01 -24.41
C ASP B 477 4.77 2.88 -23.97
N ALA B 478 4.92 1.70 -24.60
CA ALA B 478 4.09 0.56 -24.24
C ALA B 478 4.39 0.03 -22.85
N GLU B 479 5.59 0.29 -22.33
CA GLU B 479 5.94 -0.21 -21.01
C GLU B 479 5.04 0.39 -19.94
N GLY B 480 4.63 1.64 -20.12
CA GLY B 480 3.67 2.24 -19.21
C GLY B 480 2.35 1.50 -19.21
N ILE B 481 1.91 1.06 -20.39
CA ILE B 481 0.67 0.29 -20.48
C ILE B 481 0.80 -1.03 -19.75
N TRP B 482 1.93 -1.71 -19.91
CA TRP B 482 2.12 -3.00 -19.26
C TRP B 482 2.06 -2.86 -17.75
N ARG B 483 2.67 -1.80 -17.22
CA ARG B 483 2.61 -1.57 -15.78
C ARG B 483 1.18 -1.34 -15.32
N ALA B 484 0.42 -0.55 -16.06
CA ALA B 484 -0.96 -0.26 -15.66
C ALA B 484 -1.82 -1.52 -15.69
N VAL B 485 -1.65 -2.36 -16.70
CA VAL B 485 -2.50 -3.53 -16.84
C VAL B 485 -2.21 -4.56 -15.76
N PHE B 486 -0.94 -4.81 -15.47
CA PHE B 486 -0.56 -5.93 -14.62
C PHE B 486 -0.13 -5.54 -13.21
N ASP B 487 0.21 -4.28 -12.96
CA ASP B 487 0.56 -3.86 -11.61
C ASP B 487 -0.55 -3.09 -10.92
N LEU B 488 -1.44 -2.44 -11.68
CA LEU B 488 -2.62 -1.81 -11.13
C LEU B 488 -3.89 -2.61 -11.36
N ASN B 489 -3.82 -3.66 -12.17
CA ASN B 489 -5.00 -4.44 -12.55
C ASN B 489 -6.07 -3.55 -13.15
N ALA B 490 -5.64 -2.62 -14.01
CA ALA B 490 -6.57 -1.69 -14.64
C ALA B 490 -7.55 -2.44 -15.53
N ARG B 491 -8.78 -1.93 -15.59
CA ARG B 491 -9.81 -2.51 -16.43
C ARG B 491 -10.06 -1.73 -17.71
N ARG B 492 -9.63 -0.46 -17.78
CA ARG B 492 -9.76 0.33 -18.98
C ARG B 492 -8.54 1.23 -19.10
N LEU B 493 -7.88 1.17 -20.25
CA LEU B 493 -6.74 2.02 -20.53
C LEU B 493 -7.21 3.29 -21.23
N GLY B 494 -6.63 4.42 -20.85
CA GLY B 494 -6.99 5.70 -21.41
C GLY B 494 -5.96 6.16 -22.42
N HIS B 495 -6.42 6.42 -23.65
CA HIS B 495 -5.57 6.94 -24.71
C HIS B 495 -4.39 6.02 -24.98
N ALA B 496 -4.65 4.72 -24.98
CA ALA B 496 -3.58 3.76 -25.22
C ALA B 496 -3.16 3.80 -26.68
N LEU B 497 -2.36 4.80 -27.04
CA LEU B 497 -1.91 4.96 -28.42
C LEU B 497 -0.62 4.20 -28.71
N SER B 498 0.30 4.15 -27.77
CA SER B 498 1.56 3.41 -27.93
C SER B 498 1.39 1.95 -27.58
N LEU B 499 0.41 1.29 -28.20
CA LEU B 499 0.12 -0.10 -27.91
C LEU B 499 0.42 -1.03 -29.07
N GLY B 500 0.35 -0.54 -30.31
CA GLY B 500 0.62 -1.39 -31.46
C GLY B 500 2.06 -1.84 -31.56
N GLN B 501 2.98 -1.14 -30.91
CA GLN B 501 4.39 -1.50 -30.99
C GLN B 501 4.64 -2.86 -30.35
N SER B 502 4.18 -3.05 -29.13
CA SER B 502 4.43 -4.30 -28.41
C SER B 502 3.29 -5.27 -28.71
N ARG B 503 3.60 -6.29 -29.52
CA ARG B 503 2.55 -7.20 -29.98
C ARG B 503 1.97 -8.02 -28.83
N GLU B 504 2.82 -8.45 -27.90
CA GLU B 504 2.35 -9.27 -26.79
C GLU B 504 1.35 -8.52 -25.93
N LEU B 505 1.64 -7.26 -25.61
CA LEU B 505 0.69 -6.45 -24.85
C LEU B 505 -0.60 -6.24 -25.63
N LEU B 506 -0.50 -5.99 -26.94
CA LEU B 506 -1.70 -5.82 -27.74
C LEU B 506 -2.56 -7.07 -27.71
N ARG B 507 -1.93 -8.24 -27.81
CA ARG B 507 -2.68 -9.49 -27.72
C ARG B 507 -3.22 -9.70 -26.32
N SER B 508 -2.41 -9.41 -25.30
CA SER B 508 -2.84 -9.62 -23.92
C SER B 508 -4.03 -8.73 -23.57
N VAL B 509 -4.00 -7.47 -24.00
CA VAL B 509 -5.13 -6.58 -23.74
C VAL B 509 -6.38 -7.09 -24.43
N ALA B 510 -6.24 -7.53 -25.68
CA ALA B 510 -7.39 -8.07 -26.40
C ALA B 510 -7.91 -9.33 -25.74
N ASP B 511 -7.00 -10.24 -25.34
CA ASP B 511 -7.44 -11.50 -24.76
C ASP B 511 -8.14 -11.29 -23.43
N ARG B 512 -7.58 -10.43 -22.57
CA ARG B 512 -8.21 -10.19 -21.27
C ARG B 512 -9.49 -9.38 -21.42
N GLY B 513 -9.47 -8.38 -22.28
CA GLY B 513 -10.63 -7.55 -22.52
C GLY B 513 -10.57 -6.15 -21.92
N ILE B 514 -9.39 -5.58 -21.70
CA ILE B 514 -9.31 -4.22 -21.20
C ILE B 514 -9.78 -3.27 -22.28
N GLY B 515 -10.76 -2.43 -21.95
CA GLY B 515 -11.25 -1.46 -22.91
C GLY B 515 -10.24 -0.33 -23.10
N VAL B 516 -9.99 0.02 -24.35
CA VAL B 516 -9.06 1.09 -24.67
C VAL B 516 -9.90 2.32 -25.02
N GLU B 517 -9.77 3.37 -24.21
CA GLU B 517 -10.56 4.58 -24.35
C GLU B 517 -9.78 5.57 -25.22
N LEU B 518 -10.15 5.65 -26.49
CA LEU B 518 -9.57 6.63 -27.40
C LEU B 518 -10.46 7.85 -27.51
N CYS B 519 -9.89 8.92 -28.02
CA CYS B 519 -10.64 10.13 -28.31
C CYS B 519 -9.99 10.82 -29.50
N PRO B 520 -10.71 10.95 -30.61
CA PRO B 520 -10.08 11.43 -31.85
C PRO B 520 -9.60 12.87 -31.79
N TYR B 521 -10.47 13.79 -31.39
CA TYR B 521 -10.11 15.21 -31.43
C TYR B 521 -8.92 15.51 -30.52
N ALA B 522 -8.95 15.00 -29.29
CA ALA B 522 -7.87 15.29 -28.36
C ALA B 522 -6.56 14.69 -28.84
N ASN B 523 -6.59 13.47 -29.36
CA ASN B 523 -5.38 12.87 -29.89
C ASN B 523 -4.87 13.61 -31.12
N LEU B 524 -5.77 14.14 -31.96
CA LEU B 524 -5.34 15.00 -33.04
C LEU B 524 -4.82 16.34 -32.52
N GLN B 525 -5.38 16.83 -31.42
CA GLN B 525 -4.99 18.11 -30.87
C GLN B 525 -3.76 18.04 -29.98
N ILE B 526 -3.22 16.85 -29.73
CA ILE B 526 -2.06 16.67 -28.87
C ILE B 526 -0.91 16.01 -29.62
N LYS B 527 -1.17 14.87 -30.25
CA LYS B 527 -0.14 14.16 -31.00
C LYS B 527 -0.18 14.46 -32.49
N GLY B 528 -1.17 15.22 -32.96
CA GLY B 528 -1.18 15.68 -34.33
C GLY B 528 -1.20 14.58 -35.39
N PHE B 529 -2.07 13.59 -35.22
CA PHE B 529 -2.21 12.55 -36.24
C PHE B 529 -2.63 13.15 -37.57
N ARG B 530 -2.07 12.61 -38.65
CA ARG B 530 -2.42 13.09 -39.97
C ARG B 530 -3.87 12.76 -40.29
N LEU B 531 -4.51 13.64 -41.06
CA LEU B 531 -5.93 13.57 -41.31
C LEU B 531 -6.19 13.29 -42.79
N ASP B 532 -7.25 12.53 -43.05
CA ASP B 532 -7.65 12.14 -44.41
C ASP B 532 -6.54 11.38 -45.12
N GLY B 533 -5.78 10.58 -44.38
CA GLY B 533 -4.74 9.76 -44.98
C GLY B 533 -3.67 10.53 -45.70
N SER B 534 -3.30 11.70 -45.18
CA SER B 534 -2.29 12.55 -45.81
C SER B 534 -0.89 12.05 -45.47
N ALA B 548 6.24 13.37 -37.21
CA ALA B 548 5.37 12.30 -37.68
C ALA B 548 4.96 11.39 -36.53
N PRO B 549 3.70 11.44 -36.12
CA PRO B 549 3.23 10.61 -35.01
C PRO B 549 2.91 9.19 -35.44
N GLY B 550 2.50 9.01 -36.69
CA GLY B 550 2.14 7.71 -37.20
C GLY B 550 0.66 7.59 -37.48
N PRO B 551 0.23 6.42 -37.93
CA PRO B 551 -1.19 6.22 -38.22
C PRO B 551 -1.99 5.99 -36.95
N TYR B 552 -3.23 6.49 -36.96
CA TYR B 552 -4.10 6.32 -35.81
C TYR B 552 -4.52 4.85 -35.68
N PRO B 553 -4.44 4.29 -34.48
CA PRO B 553 -4.64 2.85 -34.31
C PRO B 553 -6.08 2.40 -34.10
N LEU B 554 -7.06 3.28 -34.29
CA LEU B 554 -8.44 2.90 -34.04
C LEU B 554 -8.88 1.74 -34.93
N LEU B 555 -8.67 1.88 -36.24
CA LEU B 555 -9.05 0.81 -37.15
C LEU B 555 -8.19 -0.42 -36.94
N ASP B 556 -6.92 -0.24 -36.56
CA ASP B 556 -6.05 -1.38 -36.27
C ASP B 556 -6.55 -2.15 -35.06
N TYR B 557 -6.98 -1.44 -34.02
CA TYR B 557 -7.43 -2.11 -32.80
C TYR B 557 -8.67 -2.95 -33.06
N LEU B 558 -9.62 -2.44 -33.83
CA LEU B 558 -10.85 -3.18 -34.10
C LEU B 558 -10.54 -4.46 -34.86
N ARG B 559 -9.66 -4.38 -35.86
CA ARG B 559 -9.29 -5.58 -36.60
C ARG B 559 -8.64 -6.61 -35.68
N GLU B 560 -7.79 -6.14 -34.77
CA GLU B 560 -7.12 -7.06 -33.85
C GLU B 560 -8.08 -7.58 -32.78
N GLY B 561 -9.19 -6.87 -32.55
CA GLY B 561 -10.18 -7.30 -31.59
C GLY B 561 -10.12 -6.63 -30.25
N VAL B 562 -9.24 -5.64 -30.07
CA VAL B 562 -9.18 -4.91 -28.81
C VAL B 562 -10.44 -4.10 -28.62
N ARG B 563 -11.04 -4.20 -27.44
CA ARG B 563 -12.27 -3.48 -27.14
C ARG B 563 -11.95 -1.99 -27.05
N VAL B 564 -12.32 -1.26 -28.09
CA VAL B 564 -12.01 0.16 -28.16
C VAL B 564 -13.31 0.95 -28.24
N THR B 565 -13.24 2.20 -27.79
CA THR B 565 -14.37 3.10 -27.82
C THR B 565 -13.88 4.49 -28.15
N VAL B 566 -14.79 5.32 -28.67
CA VAL B 566 -14.50 6.69 -29.05
C VAL B 566 -15.20 7.59 -28.03
N ASN B 567 -14.40 8.34 -27.29
CA ASN B 567 -14.88 9.22 -26.24
C ASN B 567 -14.57 10.67 -26.59
N THR B 568 -14.83 11.56 -25.63
CA THR B 568 -14.76 12.99 -25.90
C THR B 568 -13.71 13.75 -25.12
N ASP B 569 -13.11 13.18 -24.07
CA ASP B 569 -12.31 13.95 -23.14
C ASP B 569 -13.06 15.19 -22.67
N ASN B 570 -12.34 16.30 -22.55
CA ASN B 570 -12.98 17.57 -22.26
C ASN B 570 -13.73 18.06 -23.49
N ILE B 571 -15.04 18.26 -23.34
CA ILE B 571 -15.85 18.67 -24.46
C ILE B 571 -15.53 20.10 -24.88
N GLY B 572 -15.51 21.01 -23.91
CA GLY B 572 -15.24 22.40 -24.24
C GLY B 572 -13.82 22.65 -24.66
N ILE B 573 -12.85 22.03 -23.96
CA ILE B 573 -11.44 22.26 -24.28
C ILE B 573 -11.14 21.77 -25.68
N SER B 574 -11.66 20.60 -26.05
CA SER B 574 -11.51 20.10 -27.41
C SER B 574 -12.54 20.71 -28.36
N ALA B 575 -13.57 21.38 -27.83
CA ALA B 575 -14.57 22.08 -28.63
C ALA B 575 -15.22 21.14 -29.64
N ALA B 576 -15.46 19.91 -29.23
CA ALA B 576 -16.08 18.93 -30.11
C ALA B 576 -16.87 17.93 -29.27
N SER B 577 -18.05 17.58 -29.75
CA SER B 577 -18.95 16.68 -29.04
C SER B 577 -18.63 15.23 -29.39
N LEU B 578 -19.49 14.32 -28.92
CA LEU B 578 -19.27 12.90 -29.19
C LEU B 578 -19.57 12.59 -30.66
N THR B 579 -20.60 13.20 -31.22
CA THR B 579 -20.91 12.98 -32.63
C THR B 579 -19.78 13.47 -33.51
N ASP B 580 -19.18 14.61 -33.17
CA ASP B 580 -18.03 15.10 -33.91
C ASP B 580 -16.88 14.12 -33.82
N ASN B 581 -16.64 13.55 -32.63
CA ASN B 581 -15.57 12.59 -32.47
C ASN B 581 -15.80 11.35 -33.33
N LEU B 582 -17.03 10.83 -33.33
CA LEU B 582 -17.32 9.65 -34.14
C LEU B 582 -17.17 9.94 -35.62
N LEU B 583 -17.68 11.09 -36.07
CA LEU B 583 -17.55 11.44 -37.48
C LEU B 583 -16.10 11.64 -37.86
N LEU B 584 -15.32 12.29 -37.00
CA LEU B 584 -13.93 12.55 -37.33
C LEU B 584 -13.11 11.27 -37.41
N ALA B 585 -13.49 10.24 -36.65
CA ALA B 585 -12.71 9.01 -36.65
C ALA B 585 -12.65 8.40 -38.04
N ALA B 586 -13.78 8.38 -38.76
CA ALA B 586 -13.75 7.90 -40.13
C ALA B 586 -12.92 8.80 -41.02
N ARG B 587 -13.05 10.12 -40.83
CA ARG B 587 -12.24 11.06 -41.60
C ARG B 587 -10.76 10.91 -41.27
N LEU B 588 -10.46 10.53 -40.03
CA LEU B 588 -9.08 10.40 -39.58
C LEU B 588 -8.53 8.99 -39.74
N CYS B 589 -9.39 7.99 -39.86
CA CYS B 589 -8.99 6.63 -40.20
C CYS B 589 -9.80 6.20 -41.41
N PRO B 590 -9.30 6.46 -42.63
CA PRO B 590 -10.09 6.15 -43.82
C PRO B 590 -10.41 4.67 -43.90
N GLY B 591 -11.61 4.37 -44.40
CA GLY B 591 -12.09 3.00 -44.50
C GLY B 591 -12.91 2.53 -43.33
N LEU B 592 -13.10 3.37 -42.30
CA LEU B 592 -13.92 2.99 -41.15
C LEU B 592 -15.35 2.74 -41.57
N THR B 593 -15.79 1.49 -41.55
CA THR B 593 -17.13 1.16 -41.99
C THR B 593 -18.16 1.58 -40.94
N ARG B 594 -19.37 1.86 -41.40
CA ARG B 594 -20.45 2.20 -40.47
C ARG B 594 -20.75 1.07 -39.53
N LEU B 595 -20.45 -0.17 -39.91
CA LEU B 595 -20.56 -1.30 -38.99
C LEU B 595 -19.62 -1.11 -37.80
N ASP B 596 -18.42 -0.62 -38.06
CA ASP B 596 -17.43 -0.47 -36.99
C ASP B 596 -17.88 0.55 -35.95
N LEU B 597 -18.62 1.59 -36.35
CA LEU B 597 -19.15 2.52 -35.38
C LEU B 597 -20.06 1.84 -34.39
N LEU B 598 -20.78 0.80 -34.82
CA LEU B 598 -21.62 0.05 -33.90
C LEU B 598 -20.80 -0.90 -33.04
N HIS B 599 -19.68 -1.39 -33.55
CA HIS B 599 -18.79 -2.19 -32.71
C HIS B 599 -18.26 -1.38 -31.54
N LEU B 600 -17.96 -0.10 -31.78
CA LEU B 600 -17.49 0.76 -30.71
C LEU B 600 -18.54 0.90 -29.62
N GLN B 601 -19.80 1.07 -30.00
CA GLN B 601 -20.87 1.11 -29.01
C GLN B 601 -21.00 -0.22 -28.30
N ARG B 602 -20.89 -1.33 -29.02
CA ARG B 602 -20.93 -2.63 -28.38
C ARG B 602 -19.74 -2.82 -27.46
N HIS B 603 -18.55 -2.42 -27.90
CA HIS B 603 -17.37 -2.51 -27.05
C HIS B 603 -17.52 -1.63 -25.81
N ALA B 604 -18.05 -0.42 -25.99
CA ALA B 604 -18.26 0.46 -24.85
C ALA B 604 -19.25 -0.16 -23.87
N LEU B 605 -20.30 -0.80 -24.38
CA LEU B 605 -21.29 -1.42 -23.50
C LEU B 605 -20.67 -2.55 -22.69
N GLU B 606 -19.82 -3.37 -23.32
CA GLU B 606 -19.26 -4.52 -22.64
C GLU B 606 -18.05 -4.19 -21.78
N THR B 607 -17.55 -2.96 -21.84
CA THR B 607 -16.48 -2.53 -20.96
C THR B 607 -16.91 -1.46 -19.97
N ALA B 608 -18.13 -0.96 -20.06
CA ALA B 608 -18.61 0.04 -19.11
C ALA B 608 -18.74 -0.57 -17.72
N PHE B 609 -18.52 0.25 -16.71
CA PHE B 609 -18.62 -0.18 -15.32
C PHE B 609 -20.07 -0.07 -14.89
N CYS B 610 -20.80 -1.18 -14.96
CA CYS B 610 -22.20 -1.20 -14.57
C CYS B 610 -22.59 -2.63 -14.25
N THR B 611 -23.71 -2.78 -13.56
CA THR B 611 -24.19 -4.12 -13.22
C THR B 611 -24.62 -4.86 -14.47
N ALA B 612 -24.67 -6.19 -14.35
CA ALA B 612 -25.10 -7.01 -15.48
C ALA B 612 -26.53 -6.69 -15.88
N THR B 613 -27.41 -6.46 -14.89
CA THR B 613 -28.79 -6.12 -15.20
C THR B 613 -28.88 -4.85 -16.02
N GLN B 614 -28.12 -3.83 -15.65
CA GLN B 614 -28.11 -2.59 -16.42
C GLN B 614 -27.50 -2.80 -17.80
N ARG B 615 -26.49 -3.66 -17.90
CA ARG B 615 -25.88 -3.94 -19.19
C ARG B 615 -26.86 -4.57 -20.15
N LEU B 616 -27.69 -5.50 -19.64
CA LEU B 616 -28.75 -6.06 -20.47
C LEU B 616 -29.74 -4.99 -20.89
N THR B 617 -30.11 -4.10 -19.98
CA THR B 617 -31.07 -3.06 -20.31
C THR B 617 -30.55 -2.14 -21.40
N LEU B 618 -29.28 -1.74 -21.31
CA LEU B 618 -28.70 -0.91 -22.35
C LEU B 618 -28.63 -1.66 -23.68
N LEU B 619 -28.33 -2.97 -23.62
CA LEU B 619 -28.19 -3.74 -24.84
C LEU B 619 -29.48 -3.72 -25.65
N ARG B 620 -30.62 -3.86 -24.98
CA ARG B 620 -31.89 -3.78 -25.69
C ARG B 620 -32.19 -2.35 -26.14
N ARG B 621 -31.86 -1.37 -25.32
CA ARG B 621 -32.15 0.02 -25.67
C ARG B 621 -31.33 0.47 -26.87
N ILE B 622 -30.03 0.15 -26.88
CA ILE B 622 -29.19 0.54 -28.00
C ILE B 622 -29.57 -0.22 -29.25
N SER B 623 -29.94 -1.50 -29.10
CA SER B 623 -30.25 -2.31 -30.26
C SER B 623 -31.44 -1.77 -31.03
N SER B 624 -32.48 -1.33 -30.32
CA SER B 624 -33.66 -0.80 -30.99
C SER B 624 -33.50 0.68 -31.37
N GLY B 625 -32.50 1.36 -30.83
CA GLY B 625 -32.35 2.78 -31.12
C GLY B 625 -31.60 3.09 -32.41
N ILE B 626 -30.98 2.09 -33.02
CA ILE B 626 -30.20 2.32 -34.24
C ILE B 626 -31.15 2.68 -35.38
N PRO B 627 -30.97 3.85 -36.00
CA PRO B 627 -31.92 4.27 -37.04
C PRO B 627 -31.54 3.78 -38.43
N ARG B 628 -32.55 3.31 -39.16
CA ARG B 628 -32.35 2.91 -40.53
C ARG B 628 -32.04 4.13 -41.39
N PRO B 629 -31.31 3.96 -42.51
CA PRO B 629 -31.04 5.05 -43.44
C PRO B 629 -32.30 5.65 -44.02
N ASN C 2 1.47 66.35 39.39
CA ASN C 2 0.48 66.15 38.34
C ASN C 2 -0.51 65.06 38.72
N VAL C 3 -0.13 64.24 39.70
CA VAL C 3 -0.98 63.14 40.15
C VAL C 3 -2.02 63.68 41.11
N GLN C 4 -3.05 62.87 41.39
CA GLN C 4 -4.14 63.32 42.25
C GLN C 4 -3.69 63.48 43.69
N ALA C 5 -2.89 62.52 44.19
CA ALA C 5 -2.27 62.61 45.51
C ALA C 5 -3.32 62.73 46.62
N HIS C 6 -4.09 61.65 46.78
CA HIS C 6 -5.08 61.59 47.84
C HIS C 6 -4.39 61.40 49.19
N LEU C 7 -5.21 61.21 50.23
CA LEU C 7 -4.73 60.88 51.56
C LEU C 7 -5.69 59.89 52.20
N PHE C 8 -5.17 59.16 53.19
CA PHE C 8 -5.99 58.24 53.98
C PHE C 8 -5.44 58.26 55.40
N VAL C 9 -6.21 58.78 56.34
CA VAL C 9 -5.74 58.96 57.69
C VAL C 9 -6.78 58.41 58.65
N SER C 10 -6.32 58.08 59.87
CA SER C 10 -7.17 57.56 60.92
C SER C 10 -7.30 58.60 62.02
N LEU C 11 -8.38 58.50 62.80
CA LEU C 11 -8.65 59.43 63.88
C LEU C 11 -8.99 58.70 65.17
N GLY C 12 -8.86 59.42 66.27
CA GLY C 12 -9.26 58.94 67.56
C GLY C 12 -9.68 60.11 68.41
N THR C 13 -9.73 59.90 69.72
CA THR C 13 -10.17 60.97 70.61
C THR C 13 -9.22 62.15 70.62
N ALA C 14 -8.17 62.13 69.81
CA ALA C 14 -7.27 63.28 69.65
C ALA C 14 -7.42 63.83 68.24
N PRO C 15 -8.25 64.84 68.02
CA PRO C 15 -8.35 65.45 66.69
C PRO C 15 -7.12 66.29 66.37
N ALA C 16 -7.20 67.04 65.27
CA ALA C 16 -6.16 67.89 64.69
C ALA C 16 -5.11 67.06 63.98
N ILE C 17 -5.19 65.73 64.02
CA ILE C 17 -4.28 64.91 63.22
C ILE C 17 -4.55 65.12 61.73
N VAL C 18 -5.82 65.17 61.33
CA VAL C 18 -6.14 65.41 59.93
C VAL C 18 -5.64 66.77 59.47
N PRO C 19 -5.86 67.88 60.19
CA PRO C 19 -5.16 69.11 59.83
C PRO C 19 -3.66 68.94 59.85
N GLU C 20 -3.15 68.11 60.76
CA GLU C 20 -1.72 67.83 60.82
C GLU C 20 -1.28 67.07 59.57
N ALA C 21 -1.86 65.88 59.35
CA ALA C 21 -1.40 65.03 58.26
C ALA C 21 -1.53 65.70 56.90
N PHE C 22 -2.49 66.61 56.74
CA PHE C 22 -2.63 67.34 55.49
C PHE C 22 -1.43 68.22 55.21
N LEU C 23 -0.60 68.48 56.21
CA LEU C 23 0.53 69.39 56.11
C LEU C 23 1.83 68.67 55.79
N LEU C 24 1.76 67.59 55.02
CA LEU C 24 2.97 66.85 54.67
C LEU C 24 3.85 67.73 53.79
N PRO C 25 5.10 67.98 54.19
CA PRO C 25 5.93 68.93 53.45
C PRO C 25 6.15 68.52 52.00
N GLY C 26 6.13 69.51 51.11
CA GLY C 26 6.44 69.30 49.71
C GLY C 26 5.57 68.28 49.00
N ALA C 27 4.26 68.37 49.16
CA ALA C 27 3.37 67.45 48.48
C ALA C 27 1.99 68.09 48.34
N ARG C 28 1.51 68.17 47.10
CA ARG C 28 0.13 68.58 46.87
C ARG C 28 -0.81 67.50 47.39
N PHE C 29 -2.05 67.89 47.68
CA PHE C 29 -3.04 66.93 48.15
C PHE C 29 -4.43 67.36 47.71
N VAL C 30 -5.22 66.38 47.29
CA VAL C 30 -6.61 66.57 46.90
C VAL C 30 -7.42 65.42 47.48
N SER C 31 -8.61 65.74 48.01
CA SER C 31 -9.56 64.75 48.52
C SER C 31 -8.92 63.92 49.65
N VAL C 32 -8.65 64.62 50.75
CA VAL C 32 -8.16 63.94 51.94
C VAL C 32 -9.29 63.11 52.53
N HIS C 33 -9.00 61.85 52.83
CA HIS C 33 -9.96 60.94 53.42
C HIS C 33 -9.57 60.65 54.86
N VAL C 34 -10.55 60.25 55.67
CA VAL C 34 -10.31 60.00 57.08
C VAL C 34 -11.32 58.97 57.58
N LEU C 35 -10.84 58.07 58.43
CA LEU C 35 -11.68 57.12 59.14
C LEU C 35 -11.79 57.51 60.61
N THR C 36 -13.00 57.39 61.16
CA THR C 36 -13.24 57.69 62.57
C THR C 36 -14.05 56.54 63.15
N THR C 37 -14.54 56.74 64.36
CA THR C 37 -15.38 55.74 65.03
C THR C 37 -16.68 56.37 65.54
N GLU C 38 -17.07 57.50 64.97
CA GLU C 38 -18.24 58.26 65.43
C GLU C 38 -18.17 58.52 66.93
N ARG C 39 -17.19 59.32 67.32
CA ARG C 39 -16.99 59.79 68.69
C ARG C 39 -16.03 60.97 68.69
N PRO C 40 -14.94 60.95 67.92
CA PRO C 40 -14.07 62.13 67.86
C PRO C 40 -14.77 63.31 67.19
N ASP C 41 -14.32 64.51 67.56
CA ASP C 41 -14.81 65.73 66.94
C ASP C 41 -14.40 65.76 65.47
N VAL C 42 -15.26 66.36 64.64
CA VAL C 42 -14.95 66.53 63.22
C VAL C 42 -14.92 68.00 62.81
N THR C 43 -15.56 68.89 63.57
CA THR C 43 -15.62 70.29 63.15
C THR C 43 -14.28 70.98 63.28
N LEU C 44 -13.42 70.51 64.19
CA LEU C 44 -12.07 71.04 64.28
C LEU C 44 -11.31 70.77 62.99
N ILE C 45 -11.47 69.57 62.44
CA ILE C 45 -10.94 69.28 61.11
C ILE C 45 -11.63 70.16 60.08
N ARG C 46 -12.95 70.32 60.20
CA ARG C 46 -13.69 71.14 59.26
C ARG C 46 -13.21 72.58 59.27
N GLU C 47 -13.11 73.18 60.46
CA GLU C 47 -12.79 74.60 60.54
C GLU C 47 -11.43 74.90 59.94
N PHE C 48 -10.44 74.06 60.22
CA PHE C 48 -9.14 74.22 59.58
C PHE C 48 -9.29 74.19 58.07
N PHE C 49 -10.09 73.26 57.57
CA PHE C 49 -10.38 73.22 56.14
C PHE C 49 -11.34 74.34 55.75
N ARG C 50 -12.27 74.69 56.64
CA ARG C 50 -13.24 75.74 56.33
C ARG C 50 -12.53 77.03 55.92
N ARG C 51 -11.34 77.27 56.46
CA ARG C 51 -10.50 78.35 55.98
C ARG C 51 -9.48 77.85 54.95
N HIS C 52 -8.73 76.80 55.30
CA HIS C 52 -7.66 76.30 54.44
C HIS C 52 -8.13 75.12 53.60
N ALA C 53 -9.16 75.35 52.80
CA ALA C 53 -9.56 74.36 51.80
C ALA C 53 -10.37 75.02 50.70
N PRO C 54 -9.74 75.43 49.61
CA PRO C 54 -10.50 75.93 48.47
C PRO C 54 -11.08 74.81 47.63
N GLY C 55 -10.34 73.72 47.49
CA GLY C 55 -10.77 72.58 46.70
C GLY C 55 -10.31 71.25 47.28
N VAL C 56 -9.99 71.24 48.57
CA VAL C 56 -9.39 70.05 49.17
C VAL C 56 -10.32 68.85 49.05
N ASN C 57 -11.63 69.06 49.22
CA ASN C 57 -12.63 68.01 49.06
C ASN C 57 -12.47 66.91 50.11
N LEU C 58 -12.52 67.28 51.39
CA LEU C 58 -12.40 66.32 52.46
C LEU C 58 -13.59 65.35 52.45
N THR C 59 -13.37 64.15 52.96
CA THR C 59 -14.42 63.16 53.12
C THR C 59 -14.29 62.52 54.49
N ILE C 60 -15.39 62.45 55.24
CA ILE C 60 -15.39 61.89 56.59
C ILE C 60 -16.10 60.55 56.52
N THR C 61 -15.43 59.51 57.01
CA THR C 61 -16.01 58.19 57.16
C THR C 61 -15.91 57.76 58.61
N ARG C 62 -17.00 57.20 59.14
CA ARG C 62 -17.08 56.97 60.58
C ARG C 62 -17.36 55.52 60.97
N VAL C 63 -17.25 54.57 60.04
CA VAL C 63 -17.63 53.18 60.27
C VAL C 63 -19.09 53.23 60.73
N ALA C 64 -19.56 52.26 61.51
CA ALA C 64 -20.97 52.25 61.92
C ALA C 64 -21.07 51.42 63.20
N GLY C 65 -21.35 52.09 64.32
CA GLY C 65 -21.49 51.42 65.59
C GLY C 65 -20.18 51.02 66.24
N PHE C 66 -19.04 51.30 65.61
CA PHE C 66 -17.76 50.98 66.23
C PHE C 66 -17.51 51.90 67.40
N GLN C 67 -17.34 51.32 68.57
CA GLN C 67 -17.15 52.07 69.81
C GLN C 67 -15.86 51.56 70.44
N ASP C 68 -15.65 51.91 71.71
CA ASP C 68 -14.52 51.44 72.49
C ASP C 68 -14.23 49.97 72.20
N LEU C 69 -13.00 49.68 71.78
CA LEU C 69 -12.60 48.34 71.39
C LEU C 69 -12.81 47.36 72.53
N LYS C 70 -13.75 46.44 72.35
CA LYS C 70 -14.11 45.50 73.41
C LYS C 70 -13.53 44.11 73.17
N SER C 71 -13.72 43.55 71.99
CA SER C 71 -13.22 42.21 71.69
C SER C 71 -12.89 42.13 70.21
N GLU C 72 -12.75 40.89 69.71
CA GLU C 72 -12.29 40.68 68.35
C GLU C 72 -13.28 41.25 67.34
N GLU C 73 -14.57 41.05 67.58
CA GLU C 73 -15.58 41.43 66.59
C GLU C 73 -15.58 42.93 66.32
N ASP C 74 -15.23 43.74 67.32
CA ASP C 74 -15.18 45.18 67.11
C ASP C 74 -14.10 45.54 66.11
N HIS C 75 -12.88 45.03 66.29
CA HIS C 75 -11.81 45.35 65.36
C HIS C 75 -12.06 44.68 64.00
N PHE C 76 -12.53 43.45 64.00
CA PHE C 76 -12.79 42.74 62.74
C PHE C 76 -13.76 43.53 61.87
N ARG C 77 -14.77 44.15 62.49
CA ARG C 77 -15.69 44.98 61.72
C ARG C 77 -14.96 46.15 61.09
N PHE C 78 -14.08 46.82 61.85
CA PHE C 78 -13.37 47.96 61.31
C PHE C 78 -12.33 47.54 60.28
N GLU C 79 -11.67 46.40 60.49
CA GLU C 79 -10.60 45.97 59.61
C GLU C 79 -11.12 45.80 58.18
N GLU C 80 -12.24 45.10 58.04
CA GLU C 80 -12.81 44.89 56.71
C GLU C 80 -13.29 46.20 56.10
N VAL C 81 -13.95 47.04 56.92
CA VAL C 81 -14.48 48.31 56.40
C VAL C 81 -13.36 49.18 55.86
N MET C 82 -12.20 49.15 56.51
CA MET C 82 -11.05 49.91 56.03
C MET C 82 -10.71 49.56 54.59
N PHE C 83 -10.74 48.27 54.25
CA PHE C 83 -10.40 47.86 52.90
C PHE C 83 -11.43 48.38 51.88
N ARG C 84 -12.71 48.13 52.13
CA ARG C 84 -13.73 48.65 51.23
C ARG C 84 -13.71 50.17 51.19
N TRP C 85 -13.29 50.80 52.30
CA TRP C 85 -13.08 52.24 52.31
C TRP C 85 -11.98 52.63 51.33
N PHE C 86 -10.90 51.85 51.29
CA PHE C 86 -9.86 52.10 50.29
C PHE C 86 -10.38 51.87 48.89
N LEU C 87 -11.17 50.81 48.69
CA LEU C 87 -11.65 50.48 47.35
C LEU C 87 -12.66 51.51 46.86
N ALA C 88 -13.46 52.08 47.78
CA ALA C 88 -14.42 53.10 47.37
C ALA C 88 -13.72 54.27 46.70
N SER C 89 -12.63 54.74 47.30
CA SER C 89 -11.75 55.66 46.60
C SER C 89 -11.07 54.93 45.46
N ARG C 90 -10.84 55.64 44.37
CA ARG C 90 -10.23 55.06 43.18
C ARG C 90 -8.71 55.27 43.26
N THR C 91 -8.02 55.08 42.15
CA THR C 91 -6.60 55.36 41.96
C THR C 91 -5.73 54.30 42.63
N GLY C 92 -4.45 54.26 42.26
CA GLY C 92 -3.59 53.17 42.65
C GLY C 92 -2.44 53.59 43.55
N PRO C 93 -1.42 52.73 43.65
CA PRO C 93 -0.34 52.99 44.62
C PRO C 93 0.39 54.28 44.39
N GLU C 94 0.50 54.74 43.15
CA GLU C 94 1.25 55.95 42.84
C GLU C 94 0.59 57.22 43.38
N GLN C 95 -0.61 57.13 43.94
CA GLN C 95 -1.29 58.30 44.43
C GLN C 95 -1.76 58.13 45.88
N ARG C 96 -1.77 56.89 46.36
CA ARG C 96 -2.14 56.67 47.76
C ARG C 96 -1.05 57.19 48.68
N PHE C 97 -1.47 57.83 49.77
CA PHE C 97 -0.58 58.45 50.75
C PHE C 97 -1.00 58.06 52.15
N VAL C 98 -1.17 56.76 52.38
CA VAL C 98 -1.69 56.27 53.64
C VAL C 98 -0.85 56.79 54.79
N CYS C 99 -1.53 57.30 55.82
CA CYS C 99 -0.89 57.82 57.03
C CYS C 99 -1.41 57.03 58.22
N LEU C 100 -0.51 56.42 58.97
CA LEU C 100 -0.88 55.67 60.16
C LEU C 100 -0.62 56.57 61.37
N THR C 101 -1.70 57.17 61.86
CA THR C 101 -1.65 58.04 63.02
C THR C 101 -3.02 58.06 63.67
N GLY C 102 -3.04 58.18 64.98
CA GLY C 102 -4.29 58.25 65.71
C GLY C 102 -4.95 56.90 65.84
N GLY C 103 -6.09 56.90 66.51
CA GLY C 103 -6.82 55.67 66.72
C GLY C 103 -6.10 54.74 67.69
N PHE C 104 -6.56 53.50 67.69
CA PHE C 104 -5.96 52.47 68.54
C PHE C 104 -4.69 51.94 67.89
N LYS C 105 -3.91 51.21 68.68
CA LYS C 105 -2.72 50.57 68.13
C LYS C 105 -3.08 49.58 67.04
N THR C 106 -4.17 48.83 67.24
CA THR C 106 -4.68 47.97 66.17
C THR C 106 -5.14 48.80 64.98
N MET C 107 -5.78 49.94 65.25
CA MET C 107 -6.24 50.80 64.16
C MET C 107 -5.06 51.28 63.32
N SER C 108 -3.99 51.72 63.98
CA SER C 108 -2.80 52.15 63.24
C SER C 108 -2.13 50.98 62.54
N ALA C 109 -2.05 49.83 63.20
CA ALA C 109 -1.46 48.65 62.58
C ALA C 109 -2.27 48.19 61.38
N ALA C 110 -3.58 48.43 61.40
CA ALA C 110 -4.42 48.07 60.26
C ALA C 110 -4.05 48.86 59.03
N MET C 111 -3.76 50.15 59.19
CA MET C 111 -3.41 50.97 58.03
C MET C 111 -2.14 50.49 57.36
N GLN C 112 -1.13 50.12 58.16
CA GLN C 112 0.14 49.68 57.58
C GLN C 112 -0.05 48.41 56.76
N LYS C 113 -0.79 47.44 57.29
CA LYS C 113 -0.98 46.20 56.56
C LYS C 113 -1.87 46.39 55.34
N ALA C 114 -2.85 47.28 55.44
CA ALA C 114 -3.67 47.58 54.27
C ALA C 114 -2.85 48.25 53.17
N ALA C 115 -1.98 49.18 53.55
CA ALA C 115 -1.13 49.82 52.55
C ALA C 115 -0.11 48.84 51.99
N THR C 116 0.25 47.81 52.77
CA THR C 116 1.19 46.81 52.29
C THR C 116 0.61 46.04 51.11
N VAL C 117 -0.66 45.65 51.18
CA VAL C 117 -1.25 44.84 50.13
C VAL C 117 -1.86 45.70 49.03
N LEU C 118 -2.36 46.89 49.35
CA LEU C 118 -3.00 47.75 48.37
C LEU C 118 -2.06 48.77 47.76
N GLY C 119 -0.81 48.85 48.23
CA GLY C 119 0.14 49.79 47.67
C GLY C 119 -0.09 51.21 48.14
N ALA C 120 0.98 51.99 48.26
CA ALA C 120 0.87 53.38 48.67
C ALA C 120 2.15 54.11 48.27
N ALA C 121 1.99 55.33 47.76
CA ALA C 121 3.15 56.09 47.30
C ALA C 121 4.08 56.44 48.45
N GLU C 122 3.52 56.73 49.62
CA GLU C 122 4.33 57.05 50.79
C GLU C 122 3.50 56.81 52.04
N VAL C 123 3.83 55.74 52.78
CA VAL C 123 3.28 55.55 54.10
C VAL C 123 4.10 56.39 55.08
N PHE C 124 3.42 57.22 55.87
CA PHE C 124 4.11 58.14 56.76
C PHE C 124 3.34 58.28 58.06
N HIS C 125 4.09 58.55 59.12
CA HIS C 125 3.55 58.78 60.44
C HIS C 125 4.10 60.11 60.96
N VAL C 126 3.25 60.88 61.61
CA VAL C 126 3.60 62.25 61.99
C VAL C 126 3.82 62.34 63.49
N LEU C 127 4.89 63.01 63.89
CA LEU C 127 5.20 63.25 65.29
C LEU C 127 5.13 64.74 65.55
N ALA C 128 4.36 65.12 66.56
CA ALA C 128 4.27 66.52 67.00
C ALA C 128 4.94 66.67 68.35
N ASP C 129 5.72 67.73 68.49
CA ASP C 129 6.46 67.97 69.73
C ASP C 129 5.49 68.51 70.79
N ASP C 130 6.05 68.95 71.91
CA ASP C 130 5.26 69.44 73.04
C ASP C 130 5.24 70.96 73.10
N CYS C 131 5.20 71.61 71.94
CA CYS C 131 5.21 73.07 71.87
C CYS C 131 3.82 73.66 72.05
N CYS C 132 3.14 73.27 73.11
CA CYS C 132 1.85 73.84 73.48
C CYS C 132 1.81 74.03 74.98
N VAL C 133 1.27 75.18 75.42
CA VAL C 133 1.36 75.55 76.82
C VAL C 133 0.38 74.73 77.66
N GLY C 134 -0.90 74.93 77.44
CA GLY C 134 -1.92 74.29 78.26
C GLY C 134 -1.91 74.79 79.68
N PRO C 135 -2.93 74.42 80.46
CA PRO C 135 -2.97 74.81 81.87
C PRO C 135 -2.08 73.97 82.78
N GLN C 136 -1.19 73.16 82.23
CA GLN C 136 -0.23 72.38 83.00
C GLN C 136 1.03 72.23 82.15
N GLY C 137 1.87 71.26 82.48
CA GLY C 137 3.06 70.95 81.69
C GLY C 137 2.77 70.82 80.21
N ARG C 138 3.81 70.91 79.39
CA ARG C 138 3.62 71.07 77.95
C ARG C 138 2.87 69.90 77.34
N LEU C 139 1.96 70.22 76.41
CA LEU C 139 1.23 69.25 75.61
C LEU C 139 1.58 69.41 74.14
N MET C 140 1.06 68.54 73.34
CA MET C 140 0.99 68.66 71.91
C MET C 140 -0.27 69.43 71.51
N PRO C 141 -0.23 70.19 70.43
CA PRO C 141 -1.23 71.27 70.23
C PRO C 141 -2.57 70.72 69.77
N PRO C 142 -3.57 70.71 70.65
CA PRO C 142 -4.92 70.34 70.22
C PRO C 142 -5.78 71.56 69.89
N SER C 143 -5.32 72.48 69.04
CA SER C 143 -5.99 73.77 68.90
C SER C 143 -6.15 74.13 67.42
N THR C 144 -7.28 73.70 66.84
CA THR C 144 -7.72 74.15 65.52
C THR C 144 -6.58 74.22 64.50
N LEU C 145 -6.29 75.42 64.03
CA LEU C 145 -5.15 75.67 63.16
C LEU C 145 -4.18 76.68 63.74
N GLU C 146 -4.45 77.22 64.92
CA GLU C 146 -3.61 78.28 65.47
C GLU C 146 -2.22 77.75 65.82
N GLU C 147 -2.16 76.81 66.76
CA GLU C 147 -0.87 76.29 67.18
C GLU C 147 -0.25 75.36 66.13
N ILE C 148 -1.09 74.64 65.38
CA ILE C 148 -0.57 73.73 64.37
C ILE C 148 0.16 74.50 63.27
N LEU C 149 -0.44 75.61 62.81
CA LEU C 149 0.27 76.46 61.86
C LEU C 149 1.50 77.09 62.50
N TRP C 150 1.51 77.26 63.83
CA TRP C 150 2.70 77.76 64.50
C TRP C 150 3.85 76.77 64.41
N ALA C 151 3.54 75.48 64.24
CA ALA C 151 4.59 74.47 64.18
C ALA C 151 5.49 74.70 62.97
N ARG C 152 4.91 75.08 61.83
CA ARG C 152 5.73 75.38 60.66
C ARG C 152 6.66 76.55 60.93
N ASP C 153 6.15 77.58 61.61
CA ASP C 153 6.98 78.74 61.92
C ASP C 153 8.11 78.40 62.87
N GLN C 154 8.06 77.25 63.55
CA GLN C 154 9.10 76.86 64.47
C GLN C 154 9.70 75.49 64.17
N GLY C 155 9.09 74.69 63.30
CA GLY C 155 9.64 73.39 62.95
C GLY C 155 9.64 72.41 64.09
N HIS C 156 8.45 72.06 64.58
CA HIS C 156 8.30 71.07 65.63
C HIS C 156 7.66 69.78 65.14
N LEU C 157 7.63 69.54 63.84
CA LEU C 157 7.05 68.35 63.26
C LEU C 157 8.12 67.58 62.50
N HIS C 158 7.91 66.29 62.34
CA HIS C 158 9.02 65.52 61.77
C HIS C 158 8.63 64.76 60.50
N TRP C 159 7.43 64.18 60.45
CA TRP C 159 6.94 63.49 59.26
C TRP C 159 7.89 62.37 58.83
N ILE C 160 8.00 61.35 59.67
CA ILE C 160 8.75 60.17 59.26
C ILE C 160 8.04 59.56 58.05
N ARG C 161 8.82 59.04 57.11
CA ARG C 161 8.29 58.61 55.83
C ARG C 161 8.93 57.27 55.50
N LEU C 162 8.29 56.19 55.93
CA LEU C 162 8.86 54.85 55.81
C LEU C 162 8.58 54.21 54.45
N GLY C 163 8.90 54.94 53.38
CA GLY C 163 8.98 54.39 52.06
C GLY C 163 7.65 54.13 51.39
N PRO C 164 7.68 53.83 50.10
CA PRO C 164 6.47 53.51 49.36
C PRO C 164 6.09 52.05 49.53
N GLU C 165 5.07 51.63 48.78
CA GLU C 165 4.63 50.26 48.74
C GLU C 165 4.31 49.88 47.29
N ARG C 166 4.20 48.58 47.05
CA ARG C 166 3.88 48.08 45.72
C ARG C 166 2.60 47.28 45.68
N GLY C 167 2.31 46.51 46.72
CA GLY C 167 1.07 45.76 46.79
C GLY C 167 1.04 44.62 45.79
N TRP C 168 -0.07 43.91 45.81
CA TRP C 168 -0.24 42.82 44.87
C TRP C 168 -0.88 43.35 43.59
N PRO C 169 -0.26 43.14 42.43
CA PRO C 169 -0.76 43.77 41.19
C PRO C 169 -2.19 43.38 40.86
N GLN C 170 -2.62 42.17 41.22
CA GLN C 170 -4.01 41.78 41.02
C GLN C 170 -4.93 42.27 42.12
N LEU C 171 -4.40 42.95 43.13
CA LEU C 171 -5.18 43.41 44.26
C LEU C 171 -5.04 44.91 44.48
N ARG C 172 -4.39 45.64 43.59
CA ARG C 172 -4.31 47.09 43.73
C ARG C 172 -5.35 47.83 42.90
N ARG C 173 -6.20 47.13 42.16
CA ARG C 173 -7.35 47.77 41.53
C ARG C 173 -8.68 47.17 41.98
N ILE C 174 -8.86 45.86 41.82
CA ILE C 174 -10.14 45.17 41.93
C ILE C 174 -11.19 46.07 41.28
N ALA C 175 -12.26 46.37 42.03
CA ALA C 175 -13.32 47.28 41.64
C ALA C 175 -14.23 47.50 42.84
N PRO C 176 -14.67 48.73 43.09
CA PRO C 176 -15.61 48.96 44.19
C PRO C 176 -16.91 48.20 44.00
N GLU C 177 -17.28 47.90 42.76
CA GLU C 177 -18.52 47.19 42.50
C GLU C 177 -18.48 45.77 43.03
N GLN C 178 -17.29 45.17 43.06
CA GLN C 178 -17.16 43.84 43.63
C GLN C 178 -17.33 43.85 45.14
N PHE C 179 -16.87 44.91 45.80
CA PHE C 179 -16.93 45.02 47.26
C PHE C 179 -17.51 46.37 47.65
N PRO C 180 -18.81 46.56 47.47
CA PRO C 180 -19.44 47.82 47.85
C PRO C 180 -19.67 47.90 49.35
N LEU C 181 -19.78 49.13 49.83
CA LEU C 181 -20.09 49.41 51.22
C LEU C 181 -21.56 49.81 51.34
N GLN C 182 -22.00 50.21 52.54
CA GLN C 182 -23.41 50.23 52.87
C GLN C 182 -24.03 51.62 52.96
N VAL C 183 -23.47 52.51 53.79
CA VAL C 183 -24.04 53.83 54.07
C VAL C 183 -25.41 53.68 54.72
N VAL C 184 -25.44 53.38 56.02
CA VAL C 184 -26.71 53.39 56.74
C VAL C 184 -27.26 54.81 56.81
N GLU C 185 -26.40 55.79 57.07
CA GLU C 185 -26.87 57.17 57.21
C GLU C 185 -25.76 58.10 56.76
N GLU C 186 -26.10 59.07 55.91
CA GLU C 186 -25.13 59.98 55.35
C GLU C 186 -25.69 61.40 55.38
N LYS C 187 -24.78 62.36 55.32
CA LYS C 187 -25.10 63.78 55.24
C LYS C 187 -23.99 64.43 54.43
N GLY C 188 -23.88 65.75 54.54
CA GLY C 188 -22.77 66.42 53.90
C GLY C 188 -21.47 65.85 54.42
N ASP C 189 -20.79 65.07 53.56
CA ASP C 189 -19.52 64.39 53.80
C ASP C 189 -19.34 63.93 55.24
N GLU C 190 -20.31 63.15 55.74
CA GLU C 190 -20.23 62.56 57.08
C GLU C 190 -20.75 61.12 57.06
N ARG C 191 -20.31 60.35 56.06
CA ARG C 191 -20.92 59.05 55.80
C ARG C 191 -20.69 58.08 56.96
N ARG C 192 -21.71 57.27 57.24
CA ARG C 192 -21.64 56.19 58.22
C ARG C 192 -21.85 54.88 57.47
N VAL C 193 -20.79 54.06 57.39
CA VAL C 193 -20.76 52.91 56.50
C VAL C 193 -20.42 51.66 57.28
N GLN C 194 -20.75 50.51 56.70
CA GLN C 194 -20.40 49.22 57.29
C GLN C 194 -20.44 48.16 56.18
N ALA C 195 -20.15 46.92 56.54
CA ALA C 195 -20.18 45.82 55.60
C ALA C 195 -21.49 45.06 55.68
N GLU C 196 -21.74 44.25 54.65
CA GLU C 196 -22.79 43.25 54.71
C GLU C 196 -22.26 41.90 55.15
N ASP C 197 -20.99 41.63 54.91
CA ASP C 197 -20.32 40.42 55.39
C ASP C 197 -18.82 40.69 55.35
N ARG C 198 -18.04 39.63 55.60
CA ARG C 198 -16.59 39.73 55.60
C ARG C 198 -16.00 39.24 54.29
N ALA C 199 -16.67 39.52 53.17
CA ALA C 199 -16.30 38.90 51.89
C ALA C 199 -14.87 39.26 51.49
N PHE C 200 -14.50 40.53 51.62
CA PHE C 200 -13.15 40.94 51.24
C PHE C 200 -12.11 40.29 52.15
N GLY C 201 -12.40 40.22 53.45
CA GLY C 201 -11.45 39.61 54.36
C GLY C 201 -11.11 38.18 54.01
N THR C 202 -12.14 37.38 53.69
CA THR C 202 -11.89 36.02 53.23
C THR C 202 -11.12 36.01 51.93
N PHE C 203 -11.47 36.92 51.01
CA PHE C 203 -10.81 36.96 49.72
C PHE C 203 -9.33 37.28 49.85
N LEU C 204 -9.01 38.33 50.62
CA LEU C 204 -7.61 38.69 50.79
C LEU C 204 -6.83 37.62 51.53
N GLN C 205 -7.46 36.99 52.52
CA GLN C 205 -6.81 35.88 53.23
C GLN C 205 -6.50 34.74 52.27
N ASP C 206 -7.44 34.43 51.38
CA ASP C 206 -7.22 33.34 50.43
C ASP C 206 -6.05 33.64 49.50
N LEU C 207 -6.00 34.87 48.98
CA LEU C 207 -4.92 35.22 48.06
C LEU C 207 -3.56 35.17 48.74
N LEU C 208 -3.48 35.69 49.97
CA LEU C 208 -2.24 35.56 50.73
C LEU C 208 -1.93 34.10 51.01
N GLN C 209 -2.96 33.30 51.31
CA GLN C 209 -2.74 31.89 51.59
C GLN C 209 -2.12 31.19 50.39
N ARG C 210 -2.66 31.41 49.20
CA ARG C 210 -2.10 30.80 47.99
C ARG C 210 -0.70 31.30 47.72
N ALA C 211 -0.52 32.63 47.72
CA ALA C 211 0.77 33.19 47.36
C ALA C 211 1.86 32.74 48.32
N SER C 212 1.56 32.72 49.62
CA SER C 212 2.49 32.14 50.57
C SER C 212 2.72 30.66 50.29
N ARG C 213 1.64 29.97 49.91
CA ARG C 213 1.74 28.53 49.66
C ARG C 213 2.40 28.23 48.32
N ILE C 214 2.16 29.04 47.30
CA ILE C 214 2.74 28.77 46.00
C ILE C 214 4.24 29.04 45.98
N ALA C 215 4.72 29.93 46.85
CA ALA C 215 6.15 30.13 47.00
C ALA C 215 6.80 29.07 47.87
N GLY C 216 6.01 28.34 48.65
CA GLY C 216 6.51 27.24 49.45
C GLY C 216 6.64 25.95 48.67
N ALA C 217 6.30 25.96 47.39
CA ALA C 217 6.49 24.79 46.54
C ALA C 217 7.02 25.17 45.16
N TRP C 218 7.52 26.39 44.98
CA TRP C 218 8.13 26.76 43.72
C TRP C 218 9.31 25.84 43.41
N GLU C 219 10.05 25.46 44.44
CA GLU C 219 11.05 24.43 44.29
C GLU C 219 10.39 23.11 43.90
N MET C 220 11.16 22.24 43.26
CA MET C 220 10.69 20.98 42.67
C MET C 220 9.34 21.15 42.00
N LEU C 221 9.14 22.27 41.31
CA LEU C 221 7.92 22.46 40.55
C LEU C 221 7.78 21.48 39.39
N PRO C 222 8.81 21.20 38.58
CA PRO C 222 8.64 20.23 37.50
C PRO C 222 8.13 18.88 37.96
N GLU C 223 8.49 18.45 39.18
CA GLU C 223 7.97 17.20 39.72
C GLU C 223 6.45 17.23 39.77
N LEU C 224 5.87 18.39 40.04
CA LEU C 224 4.42 18.50 40.10
C LEU C 224 3.85 18.48 38.69
N PRO C 225 2.97 17.53 38.35
CA PRO C 225 2.40 17.52 37.00
C PRO C 225 1.58 18.74 36.67
N PHE C 226 0.87 19.30 37.66
CA PHE C 226 -0.08 20.37 37.42
C PHE C 226 0.25 21.56 38.30
N ALA C 227 0.03 22.75 37.77
CA ALA C 227 0.39 23.97 38.48
C ALA C 227 -0.40 24.11 39.77
N ASP C 228 -1.69 23.77 39.75
CA ASP C 228 -2.53 23.93 40.94
C ASP C 228 -2.04 23.09 42.11
N LEU C 229 -1.24 22.05 41.85
CA LEU C 229 -0.65 21.31 42.95
C LEU C 229 0.35 22.15 43.75
N ALA C 230 0.79 23.27 43.20
CA ALA C 230 1.67 24.18 43.92
C ALA C 230 0.93 25.06 44.90
N THR C 231 -0.40 25.01 44.91
CA THR C 231 -1.20 25.78 45.85
C THR C 231 -1.80 24.88 46.93
N TRP C 232 -1.08 23.81 47.29
CA TRP C 232 -1.54 22.87 48.29
C TRP C 232 -0.59 22.87 49.49
N SER C 233 -1.16 22.65 50.66
CA SER C 233 -0.38 22.74 51.90
C SER C 233 0.71 21.69 51.91
N GLU C 234 1.65 21.89 52.85
CA GLU C 234 2.75 20.94 52.99
C GLU C 234 2.24 19.55 53.34
N GLY C 235 1.23 19.47 54.20
CA GLY C 235 0.64 18.18 54.51
C GLY C 235 -0.06 17.55 53.33
N GLU C 236 -0.83 18.35 52.58
CA GLU C 236 -1.53 17.82 51.42
C GLU C 236 -0.54 17.29 50.39
N LEU C 237 0.54 18.04 50.12
CA LEU C 237 1.59 17.53 49.27
C LEU C 237 2.26 16.32 49.90
N ALA C 238 2.46 16.34 51.22
CA ALA C 238 2.95 15.15 51.91
C ALA C 238 1.95 14.02 51.80
N TRP C 239 0.66 14.30 51.99
CA TRP C 239 -0.35 13.26 51.88
C TRP C 239 -0.42 12.71 50.47
N LEU C 240 -0.28 13.56 49.47
CA LEU C 240 -0.26 13.10 48.09
C LEU C 240 1.17 12.82 47.63
N ARG C 241 1.88 12.06 48.47
CA ARG C 241 3.12 11.43 48.02
C ARG C 241 3.29 10.02 48.58
N GLU C 242 2.39 9.54 49.45
CA GLU C 242 2.59 8.16 49.85
C GLU C 242 1.64 7.25 49.10
N PRO C 243 1.95 5.95 49.00
CA PRO C 243 1.09 5.05 48.24
C PRO C 243 -0.33 5.04 48.79
N LEU C 244 -1.30 4.93 47.88
CA LEU C 244 -2.70 4.95 48.24
C LEU C 244 -3.24 3.54 48.38
N ASP C 245 -4.10 3.34 49.37
CA ASP C 245 -4.76 2.08 49.58
C ASP C 245 -6.21 2.13 49.09
N PRO C 246 -6.56 1.37 48.07
CA PRO C 246 -7.95 1.41 47.58
C PRO C 246 -8.97 1.00 48.61
N ARG C 247 -8.56 0.22 49.62
CA ARG C 247 -9.51 -0.24 50.63
C ARG C 247 -9.98 0.90 51.51
N ALA C 248 -9.23 1.98 51.58
CA ALA C 248 -9.64 3.13 52.37
C ALA C 248 -10.73 3.90 51.64
N PRO C 249 -11.90 4.11 52.24
CA PRO C 249 -12.96 4.88 51.56
C PRO C 249 -12.55 6.29 51.22
N ALA C 250 -11.64 6.89 52.00
CA ALA C 250 -11.21 8.25 51.71
C ALA C 250 -10.51 8.34 50.36
N ASP C 251 -9.65 7.37 50.06
CA ASP C 251 -8.96 7.35 48.77
C ASP C 251 -9.95 7.19 47.63
N GLN C 252 -10.96 6.32 47.80
CA GLN C 252 -11.90 6.06 46.74
C GLN C 252 -12.67 7.32 46.36
N ARG C 253 -13.08 8.10 47.36
CA ARG C 253 -13.81 9.34 47.07
C ARG C 253 -12.93 10.32 46.29
N TRP C 254 -11.66 10.44 46.68
CA TRP C 254 -10.78 11.36 45.98
C TRP C 254 -10.55 10.94 44.54
N VAL C 255 -10.34 9.64 44.32
CA VAL C 255 -10.11 9.16 42.96
C VAL C 255 -11.36 9.36 42.11
N ALA C 256 -12.53 9.13 42.69
CA ALA C 256 -13.78 9.35 41.95
C ALA C 256 -13.95 10.80 41.56
N GLY C 257 -13.44 11.73 42.36
CA GLY C 257 -13.56 13.14 42.05
C GLY C 257 -12.52 13.68 41.10
N LEU C 258 -11.52 12.89 40.74
CA LEU C 258 -10.50 13.35 39.82
C LEU C 258 -11.09 13.56 38.43
N PRO C 259 -10.73 14.64 37.75
CA PRO C 259 -11.10 14.80 36.34
C PRO C 259 -10.13 14.02 35.47
N LYS C 260 -10.61 12.92 34.90
CA LYS C 260 -9.76 11.97 34.21
C LYS C 260 -9.92 12.09 32.71
N ILE C 261 -8.95 11.53 31.99
CA ILE C 261 -8.98 11.45 30.53
C ILE C 261 -8.97 9.99 30.14
N GLU C 262 -9.92 9.60 29.29
CA GLU C 262 -10.06 8.24 28.83
C GLU C 262 -9.64 8.15 27.37
N LEU C 263 -8.89 7.11 27.04
CA LEU C 263 -8.38 6.98 25.69
C LEU C 263 -8.56 5.59 25.07
N HIS C 264 -9.06 4.62 25.82
CA HIS C 264 -9.28 3.25 25.32
C HIS C 264 -10.66 2.79 25.78
N CYS C 265 -11.68 3.07 24.99
CA CYS C 265 -13.01 2.51 25.20
C CYS C 265 -13.54 1.97 23.87
N HIS C 266 -14.25 0.85 23.96
CA HIS C 266 -14.88 0.23 22.81
C HIS C 266 -16.38 0.43 22.92
N LEU C 267 -16.97 1.04 21.90
CA LEU C 267 -18.42 1.25 21.91
C LEU C 267 -19.17 -0.07 21.94
N GLY C 268 -18.64 -1.09 21.28
CA GLY C 268 -19.32 -2.38 21.26
C GLY C 268 -19.40 -3.03 22.62
N GLY C 269 -18.36 -2.86 23.43
CA GLY C 269 -18.32 -3.52 24.71
C GLY C 269 -18.64 -2.63 25.90
N PHE C 270 -19.61 -1.74 25.75
CA PHE C 270 -19.99 -0.87 26.86
C PHE C 270 -21.12 -1.48 27.70
N ALA C 271 -22.26 -1.74 27.08
CA ALA C 271 -23.43 -2.27 27.78
C ALA C 271 -23.68 -3.67 27.23
N THR C 272 -23.01 -4.66 27.82
CA THR C 272 -23.12 -6.03 27.39
C THR C 272 -23.70 -6.96 28.44
N HIS C 273 -24.03 -6.45 29.62
CA HIS C 273 -24.58 -7.28 30.69
C HIS C 273 -25.42 -6.42 31.61
N GLY C 274 -26.25 -7.09 32.41
CA GLY C 274 -26.98 -6.43 33.47
C GLY C 274 -28.05 -5.47 32.95
N GLU C 275 -28.35 -4.46 33.77
CA GLU C 275 -29.42 -3.53 33.47
C GLU C 275 -29.14 -2.74 32.20
N LEU C 276 -27.88 -2.35 32.00
CA LEU C 276 -27.55 -1.54 30.83
C LEU C 276 -27.87 -2.28 29.53
N LEU C 277 -27.70 -3.60 29.53
CA LEU C 277 -28.09 -4.38 28.36
C LEU C 277 -29.58 -4.27 28.09
N ARG C 278 -30.40 -4.36 29.14
CA ARG C 278 -31.84 -4.25 28.96
C ARG C 278 -32.22 -2.88 28.43
N ARG C 279 -31.53 -1.83 28.90
CA ARG C 279 -31.84 -0.48 28.45
C ARG C 279 -31.61 -0.33 26.95
N VAL C 280 -30.57 -0.98 26.42
CA VAL C 280 -30.35 -0.97 24.99
C VAL C 280 -31.43 -1.77 24.27
N ARG C 281 -31.84 -2.90 24.85
CA ARG C 281 -32.82 -3.76 24.20
C ARG C 281 -34.14 -3.03 23.99
N ASN C 282 -34.68 -2.43 25.04
CA ASN C 282 -35.95 -1.71 24.90
C ASN C 282 -35.72 -0.30 24.37
N ALA C 283 -34.93 -0.21 23.31
CA ALA C 283 -34.75 1.02 22.56
C ALA C 283 -34.67 0.78 21.06
N ALA C 284 -34.85 -0.45 20.60
CA ALA C 284 -34.69 -0.78 19.20
C ALA C 284 -35.81 -0.20 18.37
N GLU C 285 -35.53 0.00 17.08
CA GLU C 285 -36.55 0.46 16.16
C GLU C 285 -37.67 -0.56 16.00
N ASN C 286 -37.29 -1.82 15.79
CA ASN C 286 -38.24 -2.92 15.69
C ASN C 286 -37.68 -4.12 16.45
N PRO C 287 -38.30 -4.54 17.55
CA PRO C 287 -37.74 -5.65 18.33
C PRO C 287 -37.84 -6.99 17.64
N GLY C 288 -38.35 -6.99 16.40
CA GLY C 288 -38.42 -8.22 15.64
C GLY C 288 -37.11 -8.68 15.06
N LYS C 289 -36.06 -7.84 15.12
CA LYS C 289 -34.75 -8.21 14.62
C LYS C 289 -33.76 -8.59 15.71
N LEU C 290 -33.88 -8.03 16.89
CA LEU C 290 -32.93 -8.33 17.95
C LEU C 290 -33.09 -9.77 18.40
N PRO C 291 -32.03 -10.57 18.42
CA PRO C 291 -32.15 -11.96 18.83
C PRO C 291 -32.42 -12.08 20.32
N PRO C 292 -33.04 -13.17 20.76
CA PRO C 292 -33.23 -13.39 22.21
C PRO C 292 -31.88 -13.56 22.89
N LEU C 293 -31.60 -12.68 23.85
CA LEU C 293 -30.28 -12.62 24.45
C LEU C 293 -29.97 -13.90 25.23
N GLU C 294 -28.72 -14.34 25.12
CA GLU C 294 -28.21 -15.50 25.85
C GLU C 294 -26.82 -15.19 26.43
N GLU C 295 -26.72 -14.00 27.05
CA GLU C 295 -25.47 -13.39 27.50
C GLU C 295 -24.51 -14.42 28.11
N PRO C 296 -23.27 -14.47 27.64
CA PRO C 296 -22.35 -15.50 28.12
C PRO C 296 -22.10 -15.39 29.61
N ARG C 297 -21.89 -16.55 30.23
CA ARG C 297 -21.69 -16.60 31.68
C ARG C 297 -20.31 -16.07 32.03
N LEU C 298 -20.27 -15.02 32.84
CA LEU C 298 -19.01 -14.50 33.33
C LEU C 298 -18.33 -15.53 34.23
N PRO C 299 -17.01 -15.73 34.08
CA PRO C 299 -16.31 -16.68 34.94
C PRO C 299 -16.43 -16.34 36.41
N GLU C 300 -16.10 -17.30 37.28
CA GLU C 300 -16.27 -17.11 38.72
C GLU C 300 -15.45 -15.93 39.20
N GLY C 301 -16.08 -15.06 39.99
CA GLY C 301 -15.40 -13.87 40.49
C GLY C 301 -14.90 -12.98 39.39
N TRP C 302 -15.75 -12.66 38.42
CA TRP C 302 -15.31 -12.05 37.15
C TRP C 302 -14.42 -10.82 37.30
N PRO C 303 -14.73 -9.83 38.15
CA PRO C 303 -13.81 -8.68 38.24
C PRO C 303 -12.40 -9.09 38.61
N LEU C 304 -12.23 -10.08 39.48
CA LEU C 304 -10.92 -10.56 39.94
C LEU C 304 -10.88 -12.07 39.80
N PRO C 305 -10.88 -12.59 38.58
CA PRO C 305 -10.92 -14.05 38.41
C PRO C 305 -9.66 -14.72 38.91
N ALA C 306 -9.82 -15.94 39.40
CA ALA C 306 -8.67 -16.70 39.88
C ALA C 306 -7.78 -17.16 38.74
N GLN C 307 -8.36 -17.42 37.57
CA GLN C 307 -7.58 -17.91 36.45
C GLN C 307 -7.71 -16.98 35.25
N PRO C 308 -6.61 -16.70 34.55
CA PRO C 308 -6.69 -15.85 33.36
C PRO C 308 -7.24 -16.63 32.17
N ILE C 309 -8.21 -16.04 31.48
CA ILE C 309 -8.80 -16.69 30.31
C ILE C 309 -8.15 -16.12 29.06
N PRO C 310 -8.05 -16.90 27.99
CA PRO C 310 -7.50 -16.36 26.73
C PRO C 310 -8.45 -15.35 26.12
N LEU C 311 -7.89 -14.53 25.21
CA LEU C 311 -8.67 -13.48 24.58
C LEU C 311 -9.80 -14.01 23.71
N ALA C 312 -9.74 -15.28 23.30
CA ALA C 312 -10.85 -15.86 22.55
C ALA C 312 -12.12 -15.87 23.39
N GLU C 313 -12.00 -16.26 24.66
CA GLU C 313 -13.15 -16.18 25.56
C GLU C 313 -13.46 -14.72 25.90
N TYR C 314 -12.42 -13.89 26.02
CA TYR C 314 -12.63 -12.50 26.42
C TYR C 314 -13.46 -11.75 25.39
N MET C 315 -13.06 -11.84 24.11
CA MET C 315 -13.83 -11.18 23.06
C MET C 315 -15.22 -11.77 22.93
N LYS C 316 -15.34 -13.09 23.04
CA LYS C 316 -16.63 -13.75 22.96
C LYS C 316 -17.48 -13.53 24.20
N LEU C 317 -16.90 -13.07 25.30
CA LEU C 317 -17.68 -12.86 26.51
C LEU C 317 -18.73 -11.77 26.31
N GLY C 318 -18.36 -10.70 25.63
CA GLY C 318 -19.29 -9.61 25.40
C GLY C 318 -20.05 -9.74 24.09
N ASN C 319 -20.36 -10.99 23.70
CA ASN C 319 -21.10 -11.22 22.47
C ASN C 319 -22.58 -10.93 22.60
N ALA C 320 -23.07 -10.67 23.82
CA ALA C 320 -24.48 -10.33 23.99
C ALA C 320 -24.82 -9.03 23.26
N ASN C 321 -23.93 -8.04 23.34
CA ASN C 321 -24.11 -6.75 22.69
C ASN C 321 -22.90 -6.48 21.82
N GLY C 322 -22.96 -6.94 20.57
CA GLY C 322 -21.88 -6.71 19.64
C GLY C 322 -22.39 -6.26 18.29
N THR C 323 -21.99 -6.96 17.24
CA THR C 323 -22.48 -6.63 15.90
C THR C 323 -23.96 -6.92 15.77
N ALA C 324 -24.46 -7.92 16.50
CA ALA C 324 -25.85 -8.33 16.35
C ALA C 324 -26.80 -7.26 16.87
N LEU C 325 -26.55 -6.77 18.07
CA LEU C 325 -27.50 -5.88 18.75
C LEU C 325 -27.49 -4.46 18.21
N LEU C 326 -26.33 -3.93 17.81
CA LEU C 326 -26.20 -2.51 17.53
C LEU C 326 -26.41 -2.15 16.06
N ARG C 327 -26.70 -3.12 15.19
CA ARG C 327 -26.97 -2.77 13.81
C ARG C 327 -28.28 -2.04 13.64
N ASP C 328 -29.18 -2.13 14.61
CA ASP C 328 -30.43 -1.38 14.57
C ASP C 328 -30.15 0.09 14.87
N PRO C 329 -30.73 1.03 14.11
CA PRO C 329 -30.47 2.46 14.38
C PRO C 329 -30.85 2.88 15.79
N GLY C 330 -31.92 2.32 16.34
CA GLY C 330 -32.31 2.69 17.70
C GLY C 330 -31.32 2.23 18.74
N CYS C 331 -30.84 0.99 18.63
CA CYS C 331 -29.91 0.45 19.62
C CYS C 331 -28.59 1.21 19.61
N LEU C 332 -28.05 1.48 18.43
CA LEU C 332 -26.77 2.18 18.33
C LEU C 332 -26.87 3.59 18.88
N ARG C 333 -27.95 4.30 18.57
CA ARG C 333 -28.11 5.66 19.06
C ARG C 333 -28.28 5.69 20.57
N GLU C 334 -29.03 4.74 21.12
CA GLU C 334 -29.25 4.70 22.56
C GLU C 334 -27.95 4.39 23.31
N GLN C 335 -27.22 3.37 22.85
CA GLN C 335 -26.00 2.98 23.53
C GLN C 335 -24.97 4.11 23.53
N CYS C 336 -24.90 4.87 22.45
CA CYS C 336 -24.03 6.04 22.43
C CYS C 336 -24.46 7.05 23.49
N ARG C 337 -25.77 7.23 23.66
CA ARG C 337 -26.27 8.15 24.67
C ARG C 337 -26.02 7.62 26.09
N LEU C 338 -26.20 6.31 26.28
CA LEU C 338 -25.95 5.73 27.60
C LEU C 338 -24.48 5.84 27.97
N LEU C 339 -23.59 5.60 27.02
CA LEU C 339 -22.15 5.65 27.31
C LEU C 339 -21.72 7.05 27.72
N TYR C 340 -22.25 8.08 27.05
CA TYR C 340 -21.88 9.44 27.41
C TYR C 340 -22.32 9.77 28.83
N ARG C 341 -23.53 9.36 29.20
CA ARG C 341 -23.98 9.58 30.58
C ARG C 341 -23.06 8.87 31.56
N HIS C 342 -22.57 7.68 31.19
CA HIS C 342 -21.64 6.98 32.07
C HIS C 342 -20.32 7.72 32.17
N LEU C 343 -19.82 8.26 31.07
CA LEU C 343 -18.55 8.97 31.09
C LEU C 343 -18.62 10.20 31.99
N VAL C 344 -19.69 10.97 31.89
CA VAL C 344 -19.84 12.15 32.73
C VAL C 344 -19.96 11.76 34.19
N ASP C 345 -20.69 10.68 34.47
CA ASP C 345 -20.80 10.20 35.84
C ASP C 345 -19.46 9.75 36.39
N GLN C 346 -18.54 9.31 35.54
CA GLN C 346 -17.20 8.93 35.98
C GLN C 346 -16.29 10.13 36.17
N GLY C 347 -16.74 11.33 35.80
CA GLY C 347 -15.92 12.51 35.91
C GLY C 347 -14.94 12.71 34.78
N VAL C 348 -15.02 11.90 33.71
CA VAL C 348 -14.09 12.02 32.61
C VAL C 348 -14.31 13.34 31.88
N CYS C 349 -13.22 14.06 31.64
CA CYS C 349 -13.27 15.34 30.95
C CYS C 349 -12.94 15.22 29.46
N TYR C 350 -12.48 14.06 29.01
CA TYR C 350 -12.13 13.86 27.61
C TYR C 350 -12.01 12.38 27.30
N ALA C 351 -12.71 11.92 26.26
CA ALA C 351 -12.69 10.52 25.90
C ALA C 351 -12.51 10.39 24.39
N GLU C 352 -11.98 9.24 23.98
CA GLU C 352 -11.82 8.90 22.57
C GLU C 352 -12.33 7.47 22.41
N VAL C 353 -13.63 7.35 22.15
CA VAL C 353 -14.24 6.03 22.05
C VAL C 353 -13.86 5.39 20.72
N ARG C 354 -13.56 4.11 20.76
CA ARG C 354 -13.21 3.34 19.57
C ARG C 354 -14.44 2.57 19.10
N CYS C 355 -14.93 2.93 17.92
CA CYS C 355 -16.16 2.34 17.38
C CYS C 355 -15.87 1.80 15.99
N SER C 356 -16.40 0.61 15.70
CA SER C 356 -16.24 0.01 14.39
C SER C 356 -17.56 0.13 13.63
N PRO C 357 -17.75 1.17 12.82
CA PRO C 357 -19.06 1.41 12.20
C PRO C 357 -19.38 0.55 11.01
N ALA C 358 -18.40 -0.06 10.35
CA ALA C 358 -18.68 -0.90 9.20
C ALA C 358 -19.28 -2.24 9.59
N ASN C 359 -19.14 -2.65 10.85
CA ASN C 359 -19.78 -3.89 11.29
C ASN C 359 -21.30 -3.75 11.31
N TYR C 360 -21.80 -2.56 11.63
CA TYR C 360 -23.23 -2.38 11.85
C TYR C 360 -23.91 -1.88 10.58
N ALA C 361 -23.76 -2.64 9.51
CA ALA C 361 -24.24 -2.25 8.18
C ALA C 361 -25.05 -3.40 7.57
N GLU C 362 -26.34 -3.45 7.89
CA GLU C 362 -27.23 -4.38 7.19
C GLU C 362 -27.71 -3.77 5.87
N VAL C 363 -28.45 -2.67 5.97
CA VAL C 363 -28.83 -1.87 4.81
C VAL C 363 -28.27 -0.47 4.88
N ARG C 364 -28.30 0.14 6.06
CA ARG C 364 -27.68 1.44 6.27
C ARG C 364 -26.18 1.35 6.04
N SER C 365 -25.65 2.29 5.27
CA SER C 365 -24.24 2.24 4.90
C SER C 365 -23.35 2.63 6.07
N PRO C 366 -22.10 2.15 6.07
CA PRO C 366 -21.18 2.52 7.17
C PRO C 366 -21.01 4.01 7.34
N TRP C 367 -21.03 4.78 6.26
CA TRP C 367 -20.92 6.23 6.40
C TRP C 367 -22.10 6.79 7.18
N ASP C 368 -23.31 6.28 6.92
CA ASP C 368 -24.47 6.68 7.70
C ASP C 368 -24.31 6.24 9.15
N VAL C 369 -23.78 5.03 9.37
CA VAL C 369 -23.56 4.55 10.72
C VAL C 369 -22.60 5.47 11.45
N LEU C 370 -21.50 5.83 10.79
CA LEU C 370 -20.54 6.75 11.40
C LEU C 370 -21.17 8.12 11.63
N ALA C 371 -21.96 8.60 10.68
CA ALA C 371 -22.63 9.88 10.86
C ALA C 371 -23.61 9.83 12.04
N ASP C 372 -24.37 8.74 12.16
CA ASP C 372 -25.30 8.61 13.27
C ASP C 372 -24.56 8.52 14.60
N ILE C 373 -23.47 7.75 14.65
CA ILE C 373 -22.69 7.67 15.88
C ILE C 373 -22.11 9.04 16.23
N ARG C 374 -21.57 9.73 15.23
CA ARG C 374 -21.05 11.07 15.46
C ARG C 374 -22.17 12.02 15.87
N ALA C 375 -23.32 11.94 15.21
CA ALA C 375 -24.42 12.84 15.53
C ALA C 375 -24.92 12.61 16.94
N ALA C 376 -25.01 11.35 17.37
CA ALA C 376 -25.49 11.05 18.71
C ALA C 376 -24.55 11.61 19.77
N PHE C 377 -23.24 11.46 19.56
CA PHE C 377 -22.28 12.05 20.49
C PHE C 377 -22.35 13.57 20.46
N GLN C 378 -22.49 14.15 19.27
CA GLN C 378 -22.59 15.60 19.17
C GLN C 378 -23.82 16.12 19.87
N GLU C 379 -24.94 15.41 19.76
CA GLU C 379 -26.15 15.80 20.47
C GLU C 379 -25.94 15.75 21.98
N CYS C 380 -25.25 14.72 22.47
CA CYS C 380 -24.98 14.63 23.90
C CYS C 380 -24.13 15.79 24.38
N MET C 381 -23.08 16.12 23.63
CA MET C 381 -22.19 17.19 24.04
C MET C 381 -22.92 18.53 24.10
N GLU C 382 -23.76 18.80 23.10
CA GLU C 382 -24.56 20.03 23.14
C GLU C 382 -25.67 19.96 24.16
N GLY C 383 -26.07 18.74 24.56
CA GLY C 383 -27.08 18.61 25.60
C GLY C 383 -26.58 18.89 26.99
N ALA C 384 -25.26 18.83 27.21
CA ALA C 384 -24.64 19.14 28.49
C ALA C 384 -23.51 20.12 28.20
N ARG C 385 -23.84 21.41 28.16
CA ARG C 385 -22.89 22.46 27.83
C ARG C 385 -22.53 23.31 29.04
N THR C 386 -22.56 22.73 30.24
CA THR C 386 -22.28 23.52 31.43
C THR C 386 -20.79 23.79 31.59
N ALA C 387 -19.99 22.75 31.89
CA ALA C 387 -18.53 22.78 32.06
C ALA C 387 -18.05 24.04 32.77
N PRO C 388 -16.77 24.41 32.67
CA PRO C 388 -16.43 25.83 32.80
C PRO C 388 -16.37 26.51 31.44
N GLY C 389 -16.88 27.73 31.35
CA GLY C 389 -16.83 28.46 30.10
C GLY C 389 -17.87 28.07 29.07
N GLY C 390 -18.85 27.26 29.44
CA GLY C 390 -19.92 26.89 28.52
C GLY C 390 -19.60 25.75 27.58
N LEU C 391 -18.41 25.17 27.68
CA LEU C 391 -18.00 24.06 26.83
C LEU C 391 -18.82 22.82 27.16
N PRO C 392 -18.74 21.75 26.37
CA PRO C 392 -19.36 20.49 26.79
C PRO C 392 -18.73 19.97 28.08
N ALA C 393 -19.54 19.31 28.90
CA ALA C 393 -19.05 18.78 30.16
C ALA C 393 -17.96 17.74 29.92
N CYS C 394 -18.19 16.84 28.97
CA CYS C 394 -17.19 15.87 28.56
C CYS C 394 -17.09 15.86 27.04
N HIS C 395 -15.86 15.96 26.55
CA HIS C 395 -15.60 16.01 25.13
C HIS C 395 -15.20 14.62 24.65
N VAL C 396 -15.83 14.16 23.57
CA VAL C 396 -15.62 12.82 23.06
C VAL C 396 -15.23 12.91 21.60
N ASN C 397 -14.24 12.12 21.20
CA ASN C 397 -13.83 11.99 19.81
C ASN C 397 -13.94 10.54 19.38
N LEU C 398 -13.93 10.33 18.07
CA LEU C 398 -14.09 9.00 17.50
C LEU C 398 -12.78 8.52 16.92
N ILE C 399 -12.59 7.20 16.95
CA ILE C 399 -11.44 6.56 16.35
C ILE C 399 -11.86 5.18 15.86
N LEU C 400 -11.73 4.95 14.56
CA LEU C 400 -12.29 3.76 13.92
C LEU C 400 -11.36 2.56 14.09
N ILE C 401 -11.93 1.44 14.53
CA ILE C 401 -11.18 0.22 14.69
C ILE C 401 -11.10 -0.52 13.36
N ALA C 402 -9.90 -0.98 13.02
CA ALA C 402 -9.69 -1.84 11.86
C ALA C 402 -9.42 -3.24 12.39
N THR C 403 -10.48 -4.03 12.56
CA THR C 403 -10.36 -5.34 13.19
C THR C 403 -9.59 -6.30 12.29
N ARG C 404 -8.70 -7.08 12.90
CA ARG C 404 -7.95 -8.12 12.22
C ARG C 404 -8.30 -9.46 12.82
N ARG C 405 -8.63 -10.43 11.98
CA ARG C 405 -8.95 -11.77 12.44
C ARG C 405 -8.59 -12.76 11.32
N ALA C 406 -9.08 -13.99 11.45
CA ALA C 406 -8.79 -15.05 10.48
C ALA C 406 -10.01 -15.40 9.63
N SER C 407 -11.02 -14.55 9.59
CA SER C 407 -12.25 -14.85 8.86
C SER C 407 -12.06 -14.51 7.38
N GLY C 408 -13.17 -14.52 6.63
CA GLY C 408 -13.12 -14.31 5.21
C GLY C 408 -12.94 -12.86 4.79
N ASP C 409 -11.80 -12.57 4.16
CA ASP C 409 -11.50 -11.25 3.61
C ASP C 409 -11.62 -10.16 4.68
N TYR C 410 -11.03 -10.42 5.84
CA TYR C 410 -10.95 -9.39 6.88
C TYR C 410 -10.06 -8.23 6.43
N ARG C 411 -9.22 -8.44 5.41
CA ARG C 411 -8.43 -7.34 4.88
C ARG C 411 -9.32 -6.26 4.28
N ALA C 412 -10.38 -6.67 3.57
CA ALA C 412 -11.30 -5.69 3.01
C ALA C 412 -11.99 -4.87 4.09
N ALA C 413 -12.27 -5.49 5.24
CA ALA C 413 -12.83 -4.74 6.36
C ALA C 413 -11.85 -3.69 6.85
N ILE C 414 -10.56 -4.04 6.88
CA ILE C 414 -9.55 -3.07 7.29
C ILE C 414 -9.47 -1.92 6.30
N ALA C 415 -9.46 -2.25 5.00
CA ALA C 415 -9.33 -1.20 3.98
C ALA C 415 -10.54 -0.28 3.97
N ARG C 416 -11.74 -0.84 4.16
CA ARG C 416 -12.94 -0.01 4.17
C ARG C 416 -12.93 0.96 5.33
N HIS C 417 -12.51 0.51 6.51
CA HIS C 417 -12.48 1.39 7.68
C HIS C 417 -11.50 2.53 7.48
N LEU C 418 -10.31 2.23 6.96
CA LEU C 418 -9.30 3.28 6.78
C LEU C 418 -9.78 4.32 5.77
N ALA C 419 -10.40 3.88 4.68
CA ALA C 419 -10.96 4.83 3.73
C ALA C 419 -12.07 5.66 4.38
N LEU C 420 -12.90 5.02 5.20
CA LEU C 420 -13.95 5.76 5.89
C LEU C 420 -13.37 6.78 6.87
N ALA C 421 -12.34 6.38 7.61
CA ALA C 421 -11.75 7.28 8.60
C ALA C 421 -11.14 8.51 7.94
N VAL C 422 -10.47 8.33 6.81
CA VAL C 422 -9.88 9.46 6.11
C VAL C 422 -10.95 10.43 5.65
N THR C 423 -12.03 9.91 5.05
CA THR C 423 -13.10 10.77 4.57
C THR C 423 -13.77 11.52 5.72
N ALA C 424 -13.99 10.83 6.85
CA ALA C 424 -14.63 11.47 7.99
C ALA C 424 -13.75 12.57 8.56
N ALA C 425 -12.43 12.37 8.56
CA ALA C 425 -11.52 13.38 9.09
C ALA C 425 -11.62 14.68 8.31
N GLU C 426 -11.67 14.58 6.97
CA GLU C 426 -11.78 15.78 6.16
C GLU C 426 -13.17 16.40 6.26
N HIS C 427 -14.19 15.60 6.53
CA HIS C 427 -15.55 16.12 6.53
C HIS C 427 -15.80 17.02 7.74
N TRP C 428 -15.61 16.48 8.94
CA TRP C 428 -15.84 17.22 10.18
C TRP C 428 -14.51 17.81 10.63
N ARG C 429 -14.22 19.02 10.15
CA ARG C 429 -12.99 19.71 10.50
C ARG C 429 -13.14 20.66 11.68
N ASP C 430 -14.33 20.74 12.26
CA ASP C 430 -14.54 21.63 13.40
C ASP C 430 -13.86 21.06 14.63
N GLU C 431 -13.08 21.92 15.32
CA GLU C 431 -12.33 21.48 16.49
C GLU C 431 -13.18 21.42 17.76
N ASN C 432 -14.38 21.99 17.73
CA ASN C 432 -15.24 22.03 18.91
C ASN C 432 -16.35 21.00 18.86
N ALA C 433 -16.30 20.08 17.90
CA ALA C 433 -17.31 19.04 17.76
C ALA C 433 -16.62 17.69 17.67
N CYS C 434 -17.35 16.64 18.05
CA CYS C 434 -16.82 15.29 17.98
C CYS C 434 -16.45 14.96 16.53
N ARG C 435 -15.26 14.41 16.36
CA ARG C 435 -14.75 14.14 15.03
C ARG C 435 -13.77 12.98 15.09
N VAL C 436 -13.59 12.31 13.96
CA VAL C 436 -12.68 11.18 13.89
C VAL C 436 -11.26 11.69 13.90
N VAL C 437 -10.46 11.22 14.85
CA VAL C 437 -9.11 11.73 15.06
C VAL C 437 -8.03 10.71 14.76
N GLY C 438 -8.38 9.47 14.47
CA GLY C 438 -7.35 8.48 14.18
C GLY C 438 -7.96 7.14 13.84
N VAL C 439 -7.07 6.18 13.59
CA VAL C 439 -7.44 4.81 13.28
C VAL C 439 -6.81 3.89 14.30
N ASP C 440 -7.29 2.66 14.34
CA ASP C 440 -6.81 1.66 15.29
C ASP C 440 -6.67 0.32 14.59
N LEU C 441 -5.79 -0.51 15.14
CA LEU C 441 -5.63 -1.88 14.70
C LEU C 441 -5.86 -2.78 15.91
N ALA C 442 -6.90 -3.61 15.83
CA ALA C 442 -7.29 -4.43 16.98
C ALA C 442 -7.73 -5.81 16.48
N GLY C 443 -7.73 -6.76 17.40
CA GLY C 443 -8.05 -8.14 17.08
C GLY C 443 -7.09 -9.09 17.77
N TYR C 444 -7.04 -10.34 17.34
CA TYR C 444 -6.07 -11.26 17.93
C TYR C 444 -4.74 -11.12 17.21
N GLU C 445 -3.66 -11.27 17.97
CA GLU C 445 -2.32 -11.01 17.46
C GLU C 445 -1.51 -12.29 17.49
N ASP C 446 -0.66 -12.45 16.48
CA ASP C 446 0.26 -13.58 16.38
C ASP C 446 1.36 -13.20 15.40
N GLU C 447 2.31 -14.12 15.20
CA GLU C 447 3.38 -13.88 14.26
C GLU C 447 2.87 -13.73 12.83
N LYS C 448 1.70 -14.28 12.52
CA LYS C 448 1.16 -14.20 11.16
C LYS C 448 0.71 -12.79 10.82
N THR C 449 0.21 -12.04 11.81
CA THR C 449 -0.18 -10.64 11.61
C THR C 449 0.35 -9.85 12.79
N ARG C 450 1.60 -9.39 12.72
CA ARG C 450 2.14 -8.65 13.84
C ARG C 450 1.76 -7.18 13.79
N ALA C 451 2.41 -6.41 12.92
CA ALA C 451 1.95 -5.07 12.60
C ALA C 451 2.23 -4.71 11.15
N HIS C 452 3.26 -5.33 10.57
CA HIS C 452 3.83 -4.84 9.32
C HIS C 452 3.14 -5.40 8.09
N TYR C 453 2.40 -6.50 8.23
CA TYR C 453 1.63 -6.99 7.10
C TYR C 453 0.56 -5.98 6.69
N PHE C 454 0.06 -5.20 7.65
CA PHE C 454 -0.92 -4.16 7.38
C PHE C 454 -0.24 -2.81 7.22
N ARG C 455 0.71 -2.75 6.29
CA ARG C 455 1.45 -1.53 6.02
C ARG C 455 0.95 -0.80 4.78
N GLU C 456 0.60 -1.54 3.74
CA GLU C 456 0.13 -0.91 2.51
C GLU C 456 -1.14 -0.09 2.76
N GLU C 457 -2.07 -0.64 3.55
CA GLU C 457 -3.32 0.06 3.82
C GLU C 457 -3.08 1.34 4.62
N PHE C 458 -2.17 1.30 5.59
CA PHE C 458 -1.99 2.43 6.48
C PHE C 458 -1.16 3.56 5.87
N THR C 459 -0.62 3.38 4.67
CA THR C 459 0.08 4.48 4.02
C THR C 459 -0.89 5.60 3.65
N ALA C 460 -2.16 5.26 3.40
CA ALA C 460 -3.14 6.28 3.07
C ALA C 460 -3.43 7.17 4.26
N VAL C 461 -3.63 6.59 5.45
CA VAL C 461 -3.96 7.39 6.62
C VAL C 461 -2.78 8.27 7.02
N HIS C 462 -1.56 7.81 6.78
CA HIS C 462 -0.39 8.65 7.05
C HIS C 462 -0.36 9.83 6.10
N ARG C 463 -0.63 9.59 4.82
CA ARG C 463 -0.61 10.67 3.84
C ARG C 463 -1.71 11.68 4.11
N CYS C 464 -2.80 11.25 4.74
CA CYS C 464 -3.94 12.14 4.95
C CYS C 464 -3.95 12.78 6.32
N GLY C 465 -2.98 12.50 7.16
CA GLY C 465 -2.81 13.21 8.41
C GLY C 465 -3.52 12.64 9.64
N LEU C 466 -4.13 11.47 9.53
CA LEU C 466 -4.76 10.87 10.70
C LEU C 466 -3.70 10.27 11.63
N ALA C 467 -4.08 10.10 12.89
CA ALA C 467 -3.23 9.43 13.86
C ALA C 467 -3.46 7.93 13.79
N VAL C 468 -2.50 7.18 14.31
CA VAL C 468 -2.54 5.72 14.28
C VAL C 468 -2.22 5.19 15.67
N THR C 469 -3.06 4.29 16.16
CA THR C 469 -2.77 3.50 17.35
C THR C 469 -2.94 2.04 17.01
N VAL C 470 -2.18 1.18 17.71
CA VAL C 470 -2.18 -0.24 17.43
C VAL C 470 -2.24 -1.02 18.73
N HIS C 471 -2.68 -2.27 18.63
CA HIS C 471 -2.67 -3.21 19.73
C HIS C 471 -1.43 -4.10 19.59
N ALA C 472 -0.58 -4.11 20.61
CA ALA C 472 0.63 -4.91 20.57
C ALA C 472 1.05 -5.24 21.99
N GLY C 473 1.56 -6.46 22.18
CA GLY C 473 2.04 -6.90 23.46
C GLY C 473 1.00 -7.52 24.36
N GLU C 474 -0.29 -7.44 24.00
CA GLU C 474 -1.31 -8.09 24.79
C GLU C 474 -1.14 -9.59 24.79
N ASN C 475 -0.86 -10.16 23.62
CA ASN C 475 -0.52 -11.58 23.48
C ASN C 475 0.64 -11.74 22.52
N ASP C 476 1.56 -10.79 22.53
CA ASP C 476 2.67 -10.78 21.58
C ASP C 476 4.01 -10.65 22.30
N ASP C 477 5.07 -10.44 21.53
CA ASP C 477 6.41 -10.27 22.06
C ASP C 477 6.87 -8.82 21.90
N ALA C 478 8.12 -8.57 22.29
CA ALA C 478 8.68 -7.23 22.14
C ALA C 478 8.85 -6.86 20.67
N GLU C 479 9.09 -7.84 19.81
CA GLU C 479 9.26 -7.55 18.39
C GLU C 479 7.97 -7.02 17.79
N GLY C 480 6.83 -7.56 18.19
CA GLY C 480 5.56 -7.05 17.71
C GLY C 480 5.38 -5.58 18.03
N ILE C 481 5.73 -5.19 19.25
CA ILE C 481 5.72 -3.77 19.60
C ILE C 481 6.74 -3.02 18.76
N TRP C 482 7.94 -3.58 18.60
CA TRP C 482 8.96 -2.92 17.81
C TRP C 482 8.51 -2.75 16.37
N ARG C 483 7.92 -3.79 15.79
CA ARG C 483 7.47 -3.71 14.40
C ARG C 483 6.39 -2.66 14.24
N ALA C 484 5.58 -2.44 15.27
CA ALA C 484 4.52 -1.44 15.19
C ALA C 484 5.08 -0.03 15.24
N VAL C 485 6.02 0.22 16.15
CA VAL C 485 6.48 1.58 16.39
C VAL C 485 7.16 2.14 15.15
N PHE C 486 8.03 1.36 14.52
CA PHE C 486 8.92 1.88 13.49
C PHE C 486 8.42 1.67 12.08
N ASP C 487 7.80 0.53 11.79
CA ASP C 487 7.31 0.30 10.43
C ASP C 487 5.90 0.83 10.22
N LEU C 488 4.98 0.47 11.12
CA LEU C 488 3.60 0.94 11.06
C LEU C 488 3.48 2.14 11.99
N ASN C 489 4.05 3.25 11.56
CA ASN C 489 4.31 4.41 12.43
C ASN C 489 3.12 4.75 13.31
N ALA C 490 3.30 4.61 14.62
CA ALA C 490 2.22 4.74 15.57
C ALA C 490 2.55 5.80 16.60
N ARG C 491 1.52 6.27 17.30
CA ARG C 491 1.67 7.27 18.34
C ARG C 491 1.22 6.78 19.71
N ARG C 492 0.40 5.74 19.79
CA ARG C 492 0.01 5.13 21.05
C ARG C 492 -0.05 3.62 20.86
N LEU C 493 0.40 2.88 21.87
CA LEU C 493 0.39 1.43 21.86
C LEU C 493 -0.58 0.91 22.91
N GLY C 494 -1.39 -0.07 22.55
CA GLY C 494 -2.36 -0.63 23.46
C GLY C 494 -1.86 -1.93 24.07
N HIS C 495 -1.97 -2.02 25.39
CA HIS C 495 -1.58 -3.21 26.15
C HIS C 495 -0.13 -3.60 25.85
N ALA C 496 0.75 -2.60 25.78
CA ALA C 496 2.16 -2.85 25.52
C ALA C 496 2.79 -3.37 26.81
N LEU C 497 2.44 -4.60 27.16
CA LEU C 497 2.91 -5.21 28.40
C LEU C 497 4.24 -5.91 28.26
N SER C 498 4.65 -6.25 27.05
CA SER C 498 5.91 -6.95 26.82
C SER C 498 7.08 -6.00 26.58
N LEU C 499 6.85 -4.69 26.62
CA LEU C 499 7.91 -3.71 26.41
C LEU C 499 8.96 -3.73 27.52
N GLY C 500 8.67 -4.37 28.65
CA GLY C 500 9.62 -4.37 29.74
C GLY C 500 10.93 -5.04 29.37
N GLN C 501 10.87 -6.15 28.64
CA GLN C 501 12.10 -6.85 28.25
C GLN C 501 12.97 -5.96 27.36
N SER C 502 12.35 -5.32 26.36
CA SER C 502 13.09 -4.54 25.38
C SER C 502 13.57 -3.26 26.07
N ARG C 503 14.68 -3.38 26.80
CA ARG C 503 15.18 -2.27 27.60
C ARG C 503 15.50 -1.06 26.74
N GLU C 504 16.25 -1.26 25.66
CA GLU C 504 16.68 -0.11 24.88
C GLU C 504 15.63 0.30 23.86
N LEU C 505 14.75 -0.63 23.45
CA LEU C 505 13.55 -0.22 22.73
C LEU C 505 12.63 0.59 23.62
N LEU C 506 12.46 0.16 24.88
CA LEU C 506 11.69 0.95 25.83
C LEU C 506 12.27 2.34 25.98
N ARG C 507 13.60 2.45 25.91
CA ARG C 507 14.24 3.76 25.90
C ARG C 507 13.84 4.54 24.66
N SER C 508 13.75 3.86 23.51
CA SER C 508 13.31 4.53 22.30
C SER C 508 11.86 4.98 22.39
N VAL C 509 11.00 4.14 22.96
CA VAL C 509 9.59 4.50 23.11
C VAL C 509 9.45 5.71 24.01
N ALA C 510 10.15 5.71 25.15
CA ALA C 510 10.11 6.84 26.07
C ALA C 510 10.67 8.09 25.41
N ASP C 511 11.75 7.95 24.65
CA ASP C 511 12.36 9.11 24.01
C ASP C 511 11.44 9.69 22.93
N ARG C 512 10.75 8.83 22.20
CA ARG C 512 9.86 9.28 21.13
C ARG C 512 8.53 9.80 21.64
N GLY C 513 8.24 9.64 22.93
CA GLY C 513 6.97 10.10 23.47
C GLY C 513 5.77 9.34 22.94
N ILE C 514 5.87 8.02 22.83
CA ILE C 514 4.76 7.19 22.37
C ILE C 514 4.03 6.64 23.59
N GLY C 515 2.74 6.94 23.69
CA GLY C 515 1.98 6.52 24.84
C GLY C 515 1.73 5.03 24.87
N VAL C 516 1.52 4.53 26.08
CA VAL C 516 1.18 3.13 26.32
C VAL C 516 -0.15 3.11 27.04
N GLU C 517 -1.18 2.56 26.39
CA GLU C 517 -2.53 2.57 26.93
C GLU C 517 -2.83 1.28 27.70
N LEU C 518 -1.98 0.96 28.67
CA LEU C 518 -2.22 -0.22 29.46
C LEU C 518 -3.39 0.00 30.41
N CYS C 519 -4.25 -1.01 30.50
CA CYS C 519 -5.45 -0.93 31.33
C CYS C 519 -5.53 -2.16 32.24
N PRO C 520 -5.63 -1.96 33.55
CA PRO C 520 -5.45 -3.08 34.50
C PRO C 520 -6.45 -4.22 34.39
N TYR C 521 -7.76 -3.93 34.51
CA TYR C 521 -8.75 -4.99 34.50
C TYR C 521 -8.64 -5.88 33.28
N ALA C 522 -8.57 -5.28 32.09
CA ALA C 522 -8.44 -6.10 30.89
C ALA C 522 -7.16 -6.91 30.93
N ASN C 523 -6.07 -6.31 31.42
CA ASN C 523 -4.81 -7.02 31.52
C ASN C 523 -4.80 -8.04 32.66
N LEU C 524 -5.50 -7.75 33.76
CA LEU C 524 -5.52 -8.68 34.88
C LEU C 524 -6.17 -10.01 34.49
N GLN C 525 -7.32 -9.95 33.81
CA GLN C 525 -8.07 -11.14 33.44
C GLN C 525 -7.72 -11.63 32.04
N ILE C 526 -6.59 -11.21 31.51
CA ILE C 526 -6.07 -11.78 30.27
C ILE C 526 -4.68 -12.37 30.42
N LYS C 527 -3.90 -11.94 31.41
CA LYS C 527 -2.58 -12.49 31.67
C LYS C 527 -2.41 -13.01 33.09
N GLY C 528 -3.33 -12.73 34.00
CA GLY C 528 -3.25 -13.24 35.36
C GLY C 528 -2.10 -12.70 36.18
N PHE C 529 -1.89 -11.39 36.13
CA PHE C 529 -0.89 -10.78 37.00
C PHE C 529 -1.26 -11.00 38.45
N ARG C 530 -0.25 -11.27 39.28
CA ARG C 530 -0.50 -11.53 40.69
C ARG C 530 -1.04 -10.26 41.36
N LEU C 531 -2.06 -10.43 42.18
CA LEU C 531 -2.69 -9.30 42.85
C LEU C 531 -1.98 -9.04 44.18
N ASP C 532 -1.34 -7.88 44.29
CA ASP C 532 -0.43 -7.47 45.38
C ASP C 532 0.06 -8.59 46.30
N ALA C 548 2.04 -17.36 37.69
CA ALA C 548 1.77 -15.96 37.42
C ALA C 548 2.95 -15.31 36.68
N PRO C 549 2.64 -14.49 35.68
CA PRO C 549 3.71 -13.81 34.92
C PRO C 549 4.40 -12.73 35.72
N GLY C 550 5.25 -11.95 35.06
CA GLY C 550 6.01 -10.92 35.71
C GLY C 550 5.15 -9.85 36.34
N PRO C 551 5.77 -8.95 37.10
CA PRO C 551 5.01 -7.88 37.76
C PRO C 551 4.40 -6.93 36.74
N TYR C 552 3.29 -6.34 37.11
CA TYR C 552 2.59 -5.42 36.23
C TYR C 552 3.48 -4.23 35.91
N PRO C 553 3.64 -3.85 34.66
CA PRO C 553 4.67 -2.88 34.30
C PRO C 553 4.23 -1.42 34.43
N LEU C 554 3.12 -1.18 35.15
CA LEU C 554 2.66 0.19 35.32
C LEU C 554 3.70 1.05 36.03
N LEU C 555 4.18 0.58 37.18
CA LEU C 555 5.16 1.35 37.93
C LEU C 555 6.49 1.40 37.21
N ASP C 556 6.92 0.28 36.64
CA ASP C 556 8.22 0.23 35.97
C ASP C 556 8.26 1.17 34.77
N TYR C 557 7.20 1.17 33.95
CA TYR C 557 7.17 2.04 32.79
C TYR C 557 7.14 3.51 33.20
N LEU C 558 6.41 3.81 34.26
CA LEU C 558 6.29 5.20 34.70
C LEU C 558 7.61 5.74 35.23
N ARG C 559 8.43 4.88 35.84
CA ARG C 559 9.73 5.32 36.32
C ARG C 559 10.66 5.67 35.18
N GLU C 560 10.53 4.97 34.06
CA GLU C 560 11.45 5.15 32.94
C GLU C 560 11.09 6.32 32.04
N GLY C 561 10.03 7.07 32.37
CA GLY C 561 9.63 8.20 31.57
C GLY C 561 8.69 7.87 30.43
N VAL C 562 8.30 6.62 30.28
CA VAL C 562 7.36 6.24 29.22
C VAL C 562 6.01 6.90 29.50
N ARG C 563 5.37 7.40 28.45
CA ARG C 563 4.03 7.96 28.57
C ARG C 563 3.06 6.83 28.87
N VAL C 564 2.62 6.73 30.12
CA VAL C 564 1.76 5.64 30.57
C VAL C 564 0.40 6.21 30.92
N THR C 565 -0.65 5.58 30.41
CA THR C 565 -2.02 5.95 30.72
C THR C 565 -2.75 4.74 31.28
N VAL C 566 -3.81 5.00 32.04
CA VAL C 566 -4.69 3.97 32.57
C VAL C 566 -6.05 4.18 31.95
N ASN C 567 -6.60 3.13 31.35
CA ASN C 567 -7.83 3.22 30.59
C ASN C 567 -8.79 2.11 31.03
N THR C 568 -9.88 1.97 30.29
CA THR C 568 -10.94 1.01 30.61
C THR C 568 -11.01 -0.16 29.65
N ASP C 569 -10.54 -0.01 28.42
CA ASP C 569 -10.76 -0.99 27.35
C ASP C 569 -12.27 -1.16 27.23
N ASN C 570 -12.77 -2.39 27.13
CA ASN C 570 -14.21 -2.63 27.13
C ASN C 570 -14.77 -2.54 28.54
N ILE C 571 -15.84 -1.76 28.71
CA ILE C 571 -16.33 -1.45 30.04
C ILE C 571 -17.21 -2.58 30.58
N GLY C 572 -18.31 -2.86 29.89
CA GLY C 572 -19.23 -3.87 30.38
C GLY C 572 -18.64 -5.26 30.40
N ILE C 573 -17.83 -5.60 29.38
CA ILE C 573 -17.22 -6.91 29.34
C ILE C 573 -16.29 -7.11 30.52
N SER C 574 -15.46 -6.10 30.82
CA SER C 574 -14.67 -6.11 32.04
C SER C 574 -15.50 -5.77 33.26
N ALA C 575 -16.73 -5.29 33.07
CA ALA C 575 -17.72 -5.15 34.15
C ALA C 575 -17.20 -4.27 35.28
N ALA C 576 -16.49 -3.20 34.95
CA ALA C 576 -16.05 -2.26 35.96
C ALA C 576 -15.60 -0.97 35.29
N SER C 577 -15.78 0.14 36.00
CA SER C 577 -15.61 1.47 35.44
C SER C 577 -14.17 1.95 35.56
N LEU C 578 -13.94 3.21 35.19
CA LEU C 578 -12.60 3.78 35.23
C LEU C 578 -12.16 4.11 36.65
N THR C 579 -13.08 4.60 37.48
CA THR C 579 -12.72 4.93 38.86
C THR C 579 -12.23 3.70 39.59
N ASP C 580 -12.91 2.57 39.42
CA ASP C 580 -12.41 1.31 39.99
C ASP C 580 -11.11 0.89 39.31
N ASN C 581 -10.98 1.15 38.02
CA ASN C 581 -9.82 0.66 37.28
C ASN C 581 -8.54 1.35 37.74
N LEU C 582 -8.62 2.66 38.03
CA LEU C 582 -7.46 3.36 38.58
C LEU C 582 -7.09 2.81 39.95
N LEU C 583 -8.09 2.46 40.75
CA LEU C 583 -7.82 2.00 42.11
C LEU C 583 -7.01 0.71 42.10
N LEU C 584 -7.39 -0.25 41.26
CA LEU C 584 -6.62 -1.49 41.20
C LEU C 584 -5.24 -1.27 40.60
N ALA C 585 -5.08 -0.24 39.77
CA ALA C 585 -3.75 0.08 39.26
C ALA C 585 -2.77 0.32 40.39
N ALA C 586 -3.23 1.00 41.45
CA ALA C 586 -2.41 1.17 42.64
C ALA C 586 -2.38 -0.08 43.51
N ARG C 587 -3.34 -0.98 43.33
CA ARG C 587 -3.34 -2.23 44.08
C ARG C 587 -2.68 -3.37 43.33
N LEU C 588 -2.70 -3.34 42.00
CA LEU C 588 -1.94 -4.29 41.20
C LEU C 588 -0.46 -4.00 41.20
N CYS C 589 -0.08 -2.73 41.32
CA CYS C 589 1.31 -2.30 41.47
C CYS C 589 1.44 -1.66 42.84
N PRO C 590 1.92 -2.38 43.84
CA PRO C 590 2.03 -1.80 45.19
C PRO C 590 3.02 -0.66 45.21
N GLY C 591 2.76 0.30 46.09
CA GLY C 591 3.62 1.45 46.23
C GLY C 591 3.31 2.60 45.28
N LEU C 592 2.27 2.49 44.47
CA LEU C 592 1.91 3.56 43.55
C LEU C 592 1.38 4.76 44.35
N THR C 593 2.11 5.86 44.30
CA THR C 593 1.70 7.04 45.04
C THR C 593 0.52 7.71 44.38
N ARG C 594 -0.21 8.51 45.18
CA ARG C 594 -1.32 9.28 44.64
C ARG C 594 -0.83 10.29 43.62
N LEU C 595 0.35 10.87 43.85
CA LEU C 595 0.92 11.81 42.91
C LEU C 595 1.24 11.14 41.57
N ASP C 596 1.47 9.84 41.59
CA ASP C 596 1.70 9.12 40.33
C ASP C 596 0.44 9.06 39.49
N LEU C 597 -0.73 8.99 40.13
CA LEU C 597 -1.98 8.96 39.39
C LEU C 597 -2.16 10.23 38.57
N LEU C 598 -1.72 11.37 39.11
CA LEU C 598 -1.87 12.62 38.38
C LEU C 598 -0.95 12.67 37.16
N HIS C 599 0.19 11.98 37.20
CA HIS C 599 0.98 11.82 35.99
C HIS C 599 0.21 11.03 34.94
N LEU C 600 -0.49 9.98 35.35
CA LEU C 600 -1.23 9.16 34.40
C LEU C 600 -2.25 9.98 33.64
N GLN C 601 -2.94 10.89 34.33
CA GLN C 601 -3.80 11.83 33.63
C GLN C 601 -2.98 12.81 32.80
N ARG C 602 -1.86 13.27 33.35
CA ARG C 602 -1.02 14.21 32.61
C ARG C 602 -0.43 13.55 31.36
N HIS C 603 0.01 12.30 31.49
CA HIS C 603 0.53 11.59 30.32
C HIS C 603 -0.56 11.40 29.28
N ALA C 604 -1.78 11.11 29.72
CA ALA C 604 -2.89 10.97 28.79
C ALA C 604 -3.17 12.27 28.07
N LEU C 605 -3.05 13.39 28.76
CA LEU C 605 -3.29 14.68 28.14
C LEU C 605 -2.31 14.94 27.00
N GLU C 606 -1.03 14.63 27.21
CA GLU C 606 -0.04 14.89 26.19
C GLU C 606 -0.11 13.90 25.02
N THR C 607 -0.61 12.69 25.25
CA THR C 607 -0.71 11.69 24.20
C THR C 607 -2.07 11.68 23.52
N ALA C 608 -3.02 12.51 23.97
CA ALA C 608 -4.31 12.59 23.32
C ALA C 608 -4.16 13.19 21.93
N PHE C 609 -5.05 12.79 21.03
CA PHE C 609 -5.00 13.22 19.63
C PHE C 609 -5.77 14.50 19.38
N CYS C 610 -6.01 15.31 20.41
CA CYS C 610 -6.73 16.56 20.24
C CYS C 610 -5.81 17.63 19.67
N THR C 611 -6.39 18.77 19.32
CA THR C 611 -5.61 19.90 18.84
C THR C 611 -4.80 20.51 19.97
N ALA C 612 -3.76 21.25 19.59
CA ALA C 612 -2.92 21.90 20.59
C ALA C 612 -3.71 22.93 21.38
N THR C 613 -4.56 23.70 20.71
CA THR C 613 -5.37 24.68 21.40
C THR C 613 -6.32 24.03 22.39
N GLN C 614 -6.95 22.92 21.99
CA GLN C 614 -7.82 22.20 22.92
C GLN C 614 -7.02 21.53 24.01
N ARG C 615 -5.80 21.10 23.70
CA ARG C 615 -4.95 20.49 24.71
C ARG C 615 -4.65 21.45 25.84
N LEU C 616 -4.38 22.71 25.51
CA LEU C 616 -4.14 23.71 26.55
C LEU C 616 -5.39 23.93 27.39
N THR C 617 -6.57 23.85 26.77
CA THR C 617 -7.81 24.02 27.51
C THR C 617 -7.98 22.94 28.55
N LEU C 618 -7.70 21.68 28.18
CA LEU C 618 -7.85 20.58 29.13
C LEU C 618 -6.91 20.74 30.31
N LEU C 619 -5.67 21.15 30.06
CA LEU C 619 -4.70 21.32 31.13
C LEU C 619 -5.21 22.29 32.19
N ARG C 620 -5.71 23.45 31.76
CA ARG C 620 -6.25 24.42 32.70
C ARG C 620 -7.60 23.98 33.26
N ARG C 621 -8.34 23.15 32.52
CA ARG C 621 -9.57 22.59 33.04
C ARG C 621 -9.33 21.50 34.07
N ILE C 622 -8.37 20.61 33.81
CA ILE C 622 -8.06 19.56 34.78
C ILE C 622 -7.37 20.15 36.00
N SER C 623 -6.47 21.12 35.80
CA SER C 623 -5.68 21.64 36.92
C SER C 623 -6.57 22.15 38.04
N SER C 624 -7.60 22.92 37.70
CA SER C 624 -8.57 23.35 38.69
C SER C 624 -9.73 22.37 38.80
N GLY C 625 -9.39 21.08 38.88
CA GLY C 625 -10.38 20.04 39.02
C GLY C 625 -10.11 19.10 40.18
N ILE C 626 -8.85 18.99 40.58
CA ILE C 626 -8.44 17.97 41.54
C ILE C 626 -8.99 18.33 42.90
N PRO C 627 -9.76 17.45 43.54
CA PRO C 627 -10.28 17.75 44.87
C PRO C 627 -9.17 17.76 45.90
N ARG C 628 -9.38 18.54 46.96
CA ARG C 628 -8.38 18.52 48.01
C ARG C 628 -8.91 17.73 49.21
N PRO C 629 -8.04 16.98 49.91
CA PRO C 629 -8.43 16.15 51.05
C PRO C 629 -9.11 16.92 52.18
N ASN D 2 0.69 21.54 75.93
CA ASN D 2 2.05 21.46 76.45
C ASN D 2 3.06 22.04 75.47
N VAL D 3 2.69 23.16 74.83
CA VAL D 3 3.56 23.77 73.83
C VAL D 3 4.51 24.80 74.42
N GLN D 4 4.27 25.25 75.65
CA GLN D 4 5.13 26.22 76.33
C GLN D 4 5.26 27.50 75.51
N ALA D 5 4.12 28.18 75.39
CA ALA D 5 4.05 29.40 74.58
C ALA D 5 5.00 30.47 75.14
N HIS D 6 5.63 31.19 74.23
CA HIS D 6 6.56 32.26 74.57
C HIS D 6 5.97 33.59 74.12
N LEU D 7 5.81 34.52 75.05
CA LEU D 7 5.22 35.81 74.75
C LEU D 7 6.26 36.78 74.21
N PHE D 8 5.87 37.55 73.20
CA PHE D 8 6.64 38.67 72.68
C PHE D 8 5.81 39.92 72.81
N VAL D 9 6.44 41.02 73.24
CA VAL D 9 5.71 42.27 73.46
C VAL D 9 6.68 43.42 73.36
N SER D 10 6.17 44.59 72.99
CA SER D 10 6.93 45.82 72.99
C SER D 10 6.61 46.62 74.23
N LEU D 11 7.55 47.49 74.61
CA LEU D 11 7.40 48.35 75.78
C LEU D 11 7.65 49.80 75.40
N GLY D 12 7.06 50.69 76.18
CA GLY D 12 7.26 52.11 76.00
C GLY D 12 7.45 52.80 77.33
N THR D 13 7.28 54.12 77.37
CA THR D 13 7.43 54.84 78.64
C THR D 13 6.40 54.38 79.65
N ALA D 14 5.33 53.73 79.21
CA ALA D 14 4.34 53.17 80.11
C ALA D 14 4.73 51.74 80.46
N PRO D 15 5.15 51.46 81.68
CA PRO D 15 5.44 50.08 82.07
C PRO D 15 4.16 49.35 82.46
N ALA D 16 4.31 48.15 83.01
CA ALA D 16 3.23 47.28 83.46
C ALA D 16 2.44 46.69 82.31
N ILE D 17 2.77 47.03 81.06
CA ILE D 17 2.13 46.38 79.92
C ILE D 17 2.44 44.89 79.92
N VAL D 18 3.70 44.54 80.17
CA VAL D 18 4.09 43.13 80.16
C VAL D 18 3.35 42.33 81.23
N PRO D 19 3.32 42.74 82.51
CA PRO D 19 2.51 41.97 83.48
C PRO D 19 1.05 41.92 83.10
N GLU D 20 0.52 43.02 82.57
CA GLU D 20 -0.86 43.01 82.09
C GLU D 20 -1.02 42.05 80.92
N ALA D 21 -0.06 42.05 79.99
CA ALA D 21 -0.13 41.13 78.86
C ALA D 21 0.23 39.71 79.25
N PHE D 22 1.12 39.54 80.23
CA PHE D 22 1.47 38.19 80.67
C PHE D 22 0.24 37.45 81.17
N LEU D 23 -0.59 38.12 81.97
CA LEU D 23 -1.85 37.53 82.36
C LEU D 23 -2.77 37.46 81.14
N LEU D 24 -3.34 36.29 80.93
CA LEU D 24 -4.21 36.03 79.80
C LEU D 24 -4.96 34.74 80.09
N PRO D 25 -6.29 34.72 79.92
CA PRO D 25 -7.05 33.52 80.25
C PRO D 25 -6.57 32.32 79.45
N GLY D 26 -6.13 31.29 80.17
CA GLY D 26 -5.62 30.09 79.53
C GLY D 26 -4.35 30.32 78.74
N ALA D 27 -3.35 30.95 79.36
CA ALA D 27 -2.09 31.24 78.70
C ALA D 27 -0.95 30.37 79.23
N ARG D 28 -0.67 30.46 80.53
CA ARG D 28 0.42 29.71 81.16
C ARG D 28 1.71 29.83 80.35
N PHE D 29 2.17 31.06 80.20
CA PHE D 29 3.30 31.35 79.33
C PHE D 29 4.62 31.01 80.03
N VAL D 30 5.63 30.75 79.22
CA VAL D 30 6.97 30.43 79.69
C VAL D 30 7.96 31.24 78.89
N SER D 31 8.93 31.85 79.59
CA SER D 31 9.98 32.64 78.96
C SER D 31 9.41 33.81 78.17
N VAL D 32 8.76 34.72 78.90
CA VAL D 32 8.24 35.94 78.27
C VAL D 32 9.40 36.79 77.77
N HIS D 33 9.31 37.21 76.52
CA HIS D 33 10.27 38.12 75.93
C HIS D 33 9.65 39.49 75.78
N VAL D 34 10.51 40.49 75.60
CA VAL D 34 10.05 41.86 75.43
C VAL D 34 11.18 42.68 74.82
N LEU D 35 10.80 43.60 73.94
CA LEU D 35 11.73 44.49 73.25
C LEU D 35 11.31 45.93 73.52
N THR D 36 12.31 46.80 73.69
CA THR D 36 12.03 48.20 74.02
C THR D 36 13.22 49.04 73.60
N THR D 37 13.13 50.33 73.92
CA THR D 37 14.19 51.29 73.64
C THR D 37 14.96 51.58 74.92
N GLU D 38 16.03 52.35 74.80
CA GLU D 38 16.90 52.65 75.93
C GLU D 38 16.42 53.86 76.72
N ARG D 39 15.14 53.84 77.10
CA ARG D 39 14.53 54.90 77.87
C ARG D 39 13.58 54.38 78.95
N PRO D 40 12.69 53.43 78.65
CA PRO D 40 11.77 52.95 79.68
C PRO D 40 12.49 52.25 80.82
N ASP D 41 11.91 52.39 82.01
CA ASP D 41 12.39 51.70 83.20
C ASP D 41 11.72 50.34 83.30
N VAL D 42 12.51 49.33 83.66
CA VAL D 42 12.03 47.95 83.72
C VAL D 42 12.07 47.37 85.12
N THR D 43 12.47 48.15 86.13
CA THR D 43 12.47 47.64 87.50
C THR D 43 11.08 47.18 87.92
N LEU D 44 10.04 47.79 87.35
CA LEU D 44 8.67 47.35 87.62
C LEU D 44 8.48 45.92 87.16
N ILE D 45 8.97 45.60 85.97
CA ILE D 45 8.71 44.28 85.39
C ILE D 45 9.41 43.19 86.18
N ARG D 46 10.69 43.40 86.53
CA ARG D 46 11.41 42.37 87.28
C ARG D 46 10.75 42.10 88.62
N GLU D 47 10.31 43.16 89.30
CA GLU D 47 9.67 42.97 90.59
C GLU D 47 8.40 42.14 90.48
N PHE D 48 7.65 42.31 89.39
CA PHE D 48 6.42 41.55 89.23
C PHE D 48 6.70 40.06 89.13
N PHE D 49 7.60 39.67 88.23
CA PHE D 49 7.90 38.25 88.06
C PHE D 49 8.58 37.68 89.29
N ARG D 50 9.48 38.46 89.91
CA ARG D 50 10.12 37.98 91.12
C ARG D 50 9.11 37.71 92.22
N ARG D 51 8.11 38.59 92.34
CA ARG D 51 7.11 38.43 93.38
C ARG D 51 6.00 37.45 92.99
N HIS D 52 5.72 37.29 91.71
CA HIS D 52 4.55 36.53 91.29
C HIS D 52 4.82 35.42 90.27
N ALA D 53 6.00 35.36 89.67
CA ALA D 53 6.34 34.33 88.68
C ALA D 53 7.60 33.61 89.15
N PRO D 54 7.45 32.51 89.90
CA PRO D 54 8.63 31.80 90.41
C PRO D 54 9.63 31.43 89.32
N GLY D 55 9.18 30.70 88.30
CA GLY D 55 10.08 30.34 87.23
C GLY D 55 9.62 30.83 85.87
N VAL D 56 10.33 31.82 85.33
CA VAL D 56 10.09 32.37 84.00
C VAL D 56 11.41 32.91 83.48
N ASN D 57 11.43 33.30 82.21
CA ASN D 57 12.56 33.98 81.63
C ASN D 57 12.12 35.38 81.18
N LEU D 58 13.02 36.35 81.35
CA LEU D 58 12.69 37.75 81.17
C LEU D 58 13.77 38.45 80.37
N THR D 59 14.10 37.90 79.20
CA THR D 59 15.24 38.41 78.44
C THR D 59 14.93 39.77 77.85
N ILE D 60 15.23 40.82 78.61
CA ILE D 60 14.99 42.18 78.14
C ILE D 60 15.92 42.48 76.97
N THR D 61 15.35 42.99 75.88
CA THR D 61 16.13 43.49 74.76
C THR D 61 15.81 44.97 74.60
N ARG D 62 16.84 45.80 74.60
CA ARG D 62 16.67 47.25 74.71
C ARG D 62 17.13 47.99 73.45
N VAL D 63 17.55 47.26 72.42
CA VAL D 63 18.06 47.83 71.17
C VAL D 63 19.20 48.78 71.57
N ALA D 64 19.51 49.78 70.74
CA ALA D 64 20.57 50.73 71.02
C ALA D 64 20.50 51.84 69.99
N GLY D 65 20.99 53.02 70.36
CA GLY D 65 20.99 54.16 69.46
C GLY D 65 19.61 54.57 69.01
N PHE D 66 18.58 54.33 69.83
CA PHE D 66 17.20 54.62 69.44
C PHE D 66 16.46 55.01 70.72
N GLN D 67 16.41 56.30 70.99
CA GLN D 67 15.72 56.82 72.16
C GLN D 67 14.56 57.75 71.84
N ASP D 68 14.53 58.33 70.65
CA ASP D 68 13.41 59.15 70.22
C ASP D 68 13.29 59.00 68.71
N LEU D 69 12.11 58.58 68.26
CA LEU D 69 11.89 58.32 66.84
C LEU D 69 11.83 59.66 66.12
N LYS D 70 12.94 60.04 65.48
CA LYS D 70 13.04 61.32 64.80
C LYS D 70 12.98 61.23 63.29
N SER D 71 13.32 60.08 62.70
CA SER D 71 13.35 59.95 61.26
C SER D 71 13.21 58.47 60.90
N GLU D 72 13.05 58.23 59.59
CA GLU D 72 12.80 56.87 59.12
C GLU D 72 13.96 55.94 59.45
N GLU D 73 15.19 56.44 59.32
CA GLU D 73 16.36 55.62 59.62
C GLU D 73 16.31 55.09 61.05
N ASP D 74 15.78 55.89 61.97
CA ASP D 74 15.60 55.41 63.33
C ASP D 74 14.63 54.24 63.37
N HIS D 75 13.55 54.31 62.59
CA HIS D 75 12.60 53.21 62.56
C HIS D 75 13.14 52.01 61.78
N PHE D 76 13.79 52.26 60.63
CA PHE D 76 14.36 51.17 59.86
C PHE D 76 15.34 50.37 60.70
N ARG D 77 16.10 51.05 61.55
CA ARG D 77 16.96 50.33 62.48
C ARG D 77 16.13 49.47 63.41
N PHE D 78 15.00 49.99 63.89
CA PHE D 78 14.14 49.20 64.76
C PHE D 78 13.60 47.97 64.06
N GLU D 79 13.16 48.14 62.81
CA GLU D 79 12.46 47.05 62.13
C GLU D 79 13.34 45.81 62.01
N GLU D 80 14.55 45.99 61.50
CA GLU D 80 15.41 44.83 61.24
C GLU D 80 15.94 44.23 62.53
N VAL D 81 16.18 45.05 63.56
CA VAL D 81 16.57 44.52 64.86
C VAL D 81 15.47 43.66 65.44
N MET D 82 14.22 44.11 65.33
CA MET D 82 13.11 43.33 65.87
C MET D 82 12.98 41.99 65.18
N PHE D 83 13.19 41.97 63.85
CA PHE D 83 13.13 40.70 63.13
C PHE D 83 14.19 39.74 63.62
N ARG D 84 15.42 40.24 63.83
CA ARG D 84 16.46 39.40 64.40
C ARG D 84 16.05 38.84 65.74
N TRP D 85 15.30 39.63 66.52
CA TRP D 85 14.92 39.22 67.86
C TRP D 85 14.00 38.01 67.84
N PHE D 86 13.06 37.95 66.89
CA PHE D 86 12.21 36.78 66.76
C PHE D 86 13.03 35.54 66.43
N LEU D 87 13.95 35.67 65.47
CA LEU D 87 14.74 34.52 65.05
C LEU D 87 15.71 34.09 66.14
N ALA D 88 16.17 35.03 66.96
CA ALA D 88 17.13 34.71 68.01
C ALA D 88 16.54 33.68 68.97
N SER D 89 15.28 33.85 69.35
CA SER D 89 14.58 32.85 70.13
C SER D 89 14.11 31.75 69.18
N ARG D 90 14.73 30.58 69.26
CA ARG D 90 14.40 29.48 68.35
C ARG D 90 13.01 28.97 68.72
N THR D 91 12.00 29.44 67.99
CA THR D 91 10.62 29.14 68.33
C THR D 91 9.82 28.91 67.07
N GLY D 92 9.01 27.84 67.07
CA GLY D 92 8.05 27.63 66.02
C GLY D 92 6.92 28.64 66.12
N PRO D 93 6.21 28.86 65.01
CA PRO D 93 5.11 29.83 65.04
C PRO D 93 4.04 29.52 66.06
N GLU D 94 3.75 28.25 66.30
CA GLU D 94 2.74 27.88 67.28
C GLU D 94 3.16 28.24 68.70
N GLN D 95 4.44 28.48 68.93
CA GLN D 95 4.92 28.84 70.26
C GLN D 95 4.90 30.34 70.52
N ARG D 96 4.55 31.15 69.52
CA ARG D 96 4.65 32.60 69.66
C ARG D 96 3.29 33.22 69.90
N PHE D 97 3.16 33.94 71.02
CA PHE D 97 1.98 34.70 71.37
C PHE D 97 2.44 36.15 71.52
N VAL D 98 2.48 36.87 70.41
CA VAL D 98 3.08 38.20 70.39
C VAL D 98 2.01 39.24 70.68
N CYS D 99 2.32 40.16 71.59
CA CYS D 99 1.43 41.27 71.94
C CYS D 99 1.98 42.55 71.34
N LEU D 100 1.14 43.23 70.56
CA LEU D 100 1.55 44.43 69.84
C LEU D 100 1.34 45.70 70.63
N THR D 101 0.83 45.61 71.86
CA THR D 101 0.59 46.80 72.67
C THR D 101 1.91 47.36 73.16
N GLY D 102 2.10 48.68 73.02
CA GLY D 102 3.27 49.34 73.54
C GLY D 102 4.04 50.12 72.49
N GLY D 103 4.70 51.19 72.94
CA GLY D 103 5.55 51.95 72.06
C GLY D 103 4.78 52.78 71.06
N PHE D 104 5.54 53.34 70.11
CA PHE D 104 4.95 54.18 69.09
C PHE D 104 4.06 53.35 68.17
N LYS D 105 3.27 54.06 67.36
CA LYS D 105 2.40 53.38 66.41
C LYS D 105 3.22 52.56 65.42
N THR D 106 4.31 53.13 64.92
CA THR D 106 5.19 52.38 64.03
C THR D 106 5.78 51.16 64.73
N MET D 107 6.11 51.32 66.02
CA MET D 107 6.63 50.18 66.78
C MET D 107 5.60 49.05 66.85
N SER D 108 4.34 49.39 67.09
CA SER D 108 3.31 48.36 67.14
C SER D 108 2.96 47.84 65.75
N ALA D 109 2.89 48.74 64.76
CA ALA D 109 2.56 48.31 63.41
C ALA D 109 3.62 47.36 62.87
N ALA D 110 4.89 47.61 63.20
CA ALA D 110 5.94 46.67 62.82
C ALA D 110 5.73 45.32 63.49
N MET D 111 5.33 45.33 64.76
CA MET D 111 5.15 44.08 65.50
C MET D 111 4.08 43.21 64.86
N GLN D 112 2.97 43.81 64.43
CA GLN D 112 1.93 43.04 63.77
C GLN D 112 2.42 42.51 62.42
N LYS D 113 3.13 43.35 61.65
CA LYS D 113 3.59 42.92 60.33
C LYS D 113 4.57 41.77 60.45
N ALA D 114 5.52 41.85 61.39
CA ALA D 114 6.45 40.75 61.60
C ALA D 114 5.72 39.49 62.02
N ALA D 115 4.73 39.64 62.90
CA ALA D 115 3.94 38.48 63.32
C ALA D 115 3.21 37.86 62.14
N THR D 116 2.63 38.68 61.28
CA THR D 116 1.94 38.16 60.10
C THR D 116 2.92 37.47 59.16
N VAL D 117 4.06 38.09 58.92
CA VAL D 117 5.04 37.50 58.00
C VAL D 117 5.63 36.23 58.59
N LEU D 118 6.08 36.28 59.84
CA LEU D 118 6.70 35.12 60.45
C LEU D 118 5.66 34.04 60.75
N GLY D 119 4.70 34.35 61.59
CA GLY D 119 3.70 33.39 62.01
C GLY D 119 3.59 33.38 63.52
N ALA D 120 2.35 33.41 63.99
CA ALA D 120 2.10 33.49 65.43
C ALA D 120 0.78 32.81 65.78
N ALA D 121 0.75 32.07 66.88
CA ALA D 121 -0.45 31.35 67.26
C ALA D 121 -1.59 32.29 67.64
N GLU D 122 -1.27 33.41 68.30
CA GLU D 122 -2.31 34.37 68.65
C GLU D 122 -1.66 35.73 68.87
N VAL D 123 -1.82 36.63 67.91
CA VAL D 123 -1.45 38.03 68.12
C VAL D 123 -2.60 38.72 68.82
N PHE D 124 -2.30 39.59 69.77
CA PHE D 124 -3.34 40.17 70.59
C PHE D 124 -2.89 41.49 71.16
N HIS D 125 -3.83 42.42 71.29
CA HIS D 125 -3.60 43.72 71.92
C HIS D 125 -4.41 43.79 73.20
N VAL D 126 -3.77 44.26 74.27
CA VAL D 126 -4.39 44.30 75.59
C VAL D 126 -4.48 45.74 76.05
N LEU D 127 -5.64 46.13 76.56
CA LEU D 127 -5.85 47.46 77.09
C LEU D 127 -6.59 47.37 78.41
N ALA D 128 -6.41 48.39 79.23
CA ALA D 128 -7.01 48.44 80.56
C ALA D 128 -7.89 49.67 80.67
N ASP D 129 -9.07 49.47 81.26
CA ASP D 129 -9.96 50.60 81.53
C ASP D 129 -9.39 51.48 82.63
N ASP D 130 -9.81 52.73 82.63
CA ASP D 130 -9.35 53.70 83.62
C ASP D 130 -10.00 53.39 84.97
N CYS D 131 -9.21 52.91 85.92
CA CYS D 131 -9.76 52.49 87.21
C CYS D 131 -8.93 52.90 88.41
N CYS D 132 -7.80 53.56 88.24
CA CYS D 132 -6.95 53.97 89.36
C CYS D 132 -6.93 55.48 89.46
N VAL D 133 -6.94 55.99 90.69
CA VAL D 133 -7.13 57.42 90.90
C VAL D 133 -5.81 58.18 90.71
N GLY D 134 -4.79 57.87 91.50
CA GLY D 134 -3.57 58.64 91.48
C GLY D 134 -3.82 60.11 91.75
N PRO D 135 -3.26 60.98 90.91
CA PRO D 135 -3.52 62.42 91.05
C PRO D 135 -4.99 62.77 90.82
N GLN D 136 -5.51 62.41 89.66
CA GLN D 136 -6.92 62.61 89.34
C GLN D 136 -7.51 61.29 88.85
N GLY D 137 -8.74 61.01 89.29
CA GLY D 137 -9.36 59.71 89.15
C GLY D 137 -9.29 59.02 87.80
N ARG D 138 -9.39 57.69 87.83
CA ARG D 138 -9.57 56.86 86.64
C ARG D 138 -8.40 57.00 85.67
N LEU D 139 -7.25 56.49 86.11
CA LEU D 139 -6.12 56.22 85.24
C LEU D 139 -5.87 54.72 85.17
N MET D 140 -5.21 54.31 84.09
CA MET D 140 -4.78 52.93 83.96
C MET D 140 -3.76 52.62 85.05
N PRO D 141 -3.79 51.43 85.65
CA PRO D 141 -3.03 51.19 86.89
C PRO D 141 -1.53 51.23 86.64
N PRO D 142 -0.84 52.26 87.13
CA PRO D 142 0.63 52.27 87.03
C PRO D 142 1.27 51.75 88.31
N SER D 143 2.23 50.84 88.18
CA SER D 143 3.01 50.34 89.31
C SER D 143 2.15 49.76 90.43
N THR D 144 0.87 49.49 90.17
CA THR D 144 -0.01 48.90 91.18
C THR D 144 0.19 47.39 91.17
N LEU D 145 1.44 46.98 91.46
CA LEU D 145 1.81 45.58 91.34
C LEU D 145 0.90 44.69 92.17
N GLU D 146 0.38 45.21 93.29
CA GLU D 146 -0.64 44.49 94.03
C GLU D 146 -2.01 44.69 93.40
N GLU D 147 -2.33 45.91 92.99
CA GLU D 147 -3.65 46.20 92.45
C GLU D 147 -3.78 45.87 90.97
N ILE D 148 -2.68 45.67 90.26
CA ILE D 148 -2.79 45.22 88.87
C ILE D 148 -3.44 43.85 88.82
N LEU D 149 -3.15 42.99 89.80
CA LEU D 149 -3.90 41.75 89.95
C LEU D 149 -5.33 42.05 90.34
N TRP D 150 -5.54 43.03 91.21
CA TRP D 150 -6.91 43.44 91.54
C TRP D 150 -7.64 43.96 90.32
N ALA D 151 -6.93 44.57 89.38
CA ALA D 151 -7.56 45.08 88.17
C ALA D 151 -8.25 43.95 87.39
N ARG D 152 -7.51 42.88 87.11
CA ARG D 152 -8.14 41.74 86.46
C ARG D 152 -9.05 40.98 87.42
N ASP D 153 -8.77 41.08 88.72
CA ASP D 153 -9.67 40.48 89.71
C ASP D 153 -11.07 41.08 89.61
N GLN D 154 -11.17 42.34 89.24
CA GLN D 154 -12.45 42.97 88.99
C GLN D 154 -12.92 42.80 87.55
N GLY D 155 -12.17 42.04 86.75
CA GLY D 155 -12.53 41.90 85.35
C GLY D 155 -12.34 43.15 84.54
N HIS D 156 -11.59 44.12 85.07
CA HIS D 156 -11.41 45.39 84.38
C HIS D 156 -10.53 45.28 83.15
N LEU D 157 -9.76 44.22 83.04
CA LEU D 157 -8.87 44.05 81.90
C LEU D 157 -9.65 43.61 80.67
N HIS D 158 -9.09 43.93 79.50
CA HIS D 158 -9.65 43.51 78.22
C HIS D 158 -8.54 42.96 77.35
N TRP D 159 -8.80 41.83 76.70
CA TRP D 159 -7.83 41.17 75.84
C TRP D 159 -8.42 41.07 74.44
N ILE D 160 -7.93 41.91 73.53
CA ILE D 160 -8.40 41.88 72.15
C ILE D 160 -7.53 40.91 71.38
N ARG D 161 -8.03 39.71 71.16
CA ARG D 161 -7.31 38.70 70.41
C ARG D 161 -7.49 38.93 68.91
N LEU D 162 -6.62 38.30 68.13
CA LEU D 162 -6.74 38.31 66.68
C LEU D 162 -6.53 36.89 66.17
N GLY D 163 -6.41 36.74 64.87
CA GLY D 163 -6.28 35.43 64.26
C GLY D 163 -4.89 34.85 64.36
N PRO D 164 -4.80 33.53 64.30
CA PRO D 164 -3.49 32.87 64.29
C PRO D 164 -2.79 33.03 62.96
N GLU D 165 -2.08 34.15 62.78
CA GLU D 165 -1.36 34.40 61.54
C GLU D 165 -0.41 33.25 61.24
N ARG D 166 -0.67 32.56 60.12
CA ARG D 166 0.11 31.38 59.77
C ARG D 166 1.56 31.75 59.46
N GLY D 167 1.77 32.80 58.68
CA GLY D 167 3.12 33.16 58.26
C GLY D 167 3.46 32.64 56.89
N TRP D 168 4.72 32.27 56.68
CA TRP D 168 5.17 31.76 55.39
C TRP D 168 5.93 30.46 55.59
N PRO D 169 5.81 29.52 54.64
CA PRO D 169 6.48 28.22 54.82
C PRO D 169 7.99 28.31 54.96
N GLN D 170 8.64 29.19 54.20
CA GLN D 170 10.08 29.33 54.28
C GLN D 170 10.51 30.41 55.25
N LEU D 171 9.58 31.20 55.76
CA LEU D 171 9.91 32.24 56.74
C LEU D 171 9.53 31.86 58.15
N ARG D 172 8.92 30.69 58.36
CA ARG D 172 8.57 30.32 59.73
C ARG D 172 9.76 29.81 60.53
N ARG D 173 10.83 29.37 59.85
CA ARG D 173 12.00 28.82 60.53
C ARG D 173 13.23 29.14 59.66
N ILE D 174 13.96 30.18 60.05
CA ILE D 174 15.21 30.55 59.40
C ILE D 174 16.33 30.25 60.39
N ALA D 175 17.52 29.98 59.85
CA ALA D 175 18.67 29.73 60.71
C ALA D 175 19.04 31.00 61.47
N PRO D 176 18.96 30.98 62.81
CA PRO D 176 19.34 32.17 63.56
C PRO D 176 20.79 32.57 63.37
N GLU D 177 21.68 31.60 63.16
CA GLU D 177 23.09 31.92 62.94
C GLU D 177 23.28 32.72 61.66
N GLN D 178 22.40 32.53 60.67
CA GLN D 178 22.46 33.34 59.48
C GLN D 178 22.21 34.81 59.78
N PHE D 179 21.44 35.09 60.82
CA PHE D 179 21.00 36.44 61.15
C PHE D 179 21.32 36.72 62.61
N PRO D 180 22.56 37.07 62.92
CA PRO D 180 22.96 37.25 64.33
C PRO D 180 22.70 38.66 64.83
N LEU D 181 23.06 38.91 66.09
CA LEU D 181 22.88 40.21 66.72
C LEU D 181 24.18 40.63 67.40
N GLN D 182 24.40 41.94 67.47
CA GLN D 182 25.65 42.45 68.04
C GLN D 182 25.77 42.09 69.50
N VAL D 183 24.68 42.24 70.27
CA VAL D 183 24.66 41.91 71.69
C VAL D 183 25.72 42.70 72.43
N VAL D 184 25.44 43.98 72.68
CA VAL D 184 26.39 44.84 73.37
C VAL D 184 25.97 44.99 74.82
N GLU D 185 26.85 44.58 75.73
CA GLU D 185 26.69 44.79 77.17
C GLU D 185 25.39 44.18 77.69
N GLU D 186 25.35 42.85 77.62
CA GLU D 186 24.26 42.12 78.27
C GLU D 186 24.37 42.25 79.78
N LYS D 187 23.23 42.13 80.45
CA LYS D 187 23.16 42.31 81.90
C LYS D 187 22.69 41.07 82.63
N GLY D 188 22.36 39.99 81.92
CA GLY D 188 21.79 38.81 82.53
C GLY D 188 20.27 38.78 82.50
N ASP D 189 19.62 39.91 82.78
CA ASP D 189 18.18 40.03 82.57
C ASP D 189 17.94 40.99 81.43
N GLU D 190 18.71 42.08 81.40
CA GLU D 190 18.66 43.05 80.33
C GLU D 190 19.69 42.72 79.26
N ARG D 191 19.52 43.32 78.09
CA ARG D 191 20.46 43.13 77.00
C ARG D 191 20.24 44.25 75.98
N ARG D 192 21.33 44.68 75.37
CA ARG D 192 21.28 45.69 74.31
C ARG D 192 21.86 45.07 73.05
N VAL D 193 21.04 44.95 72.02
CA VAL D 193 21.44 44.30 70.79
C VAL D 193 21.47 45.32 69.66
N GLN D 194 22.25 45.00 68.64
CA GLN D 194 22.38 45.83 67.45
C GLN D 194 22.53 44.93 66.24
N ALA D 195 22.54 45.54 65.06
CA ALA D 195 22.65 44.78 63.83
C ALA D 195 23.51 45.56 62.85
N GLU D 196 24.34 44.84 62.09
CA GLU D 196 25.25 45.47 61.14
C GLU D 196 24.49 46.19 60.04
N ASP D 197 23.49 45.54 59.46
CA ASP D 197 22.81 46.09 58.30
C ASP D 197 21.45 45.46 58.16
N ARG D 198 20.66 46.01 57.24
CA ARG D 198 19.33 45.48 56.94
C ARG D 198 19.41 44.38 55.90
N ALA D 199 20.29 43.40 56.12
CA ALA D 199 20.39 42.28 55.20
C ALA D 199 19.10 41.47 55.18
N PHE D 200 18.52 41.23 56.36
CA PHE D 200 17.27 40.49 56.42
C PHE D 200 16.13 41.27 55.79
N GLY D 201 16.11 42.59 56.00
CA GLY D 201 15.02 43.38 55.46
C GLY D 201 14.92 43.28 53.95
N THR D 202 16.05 43.39 53.26
CA THR D 202 16.06 43.20 51.82
C THR D 202 15.66 41.76 51.48
N PHE D 203 16.14 40.80 52.26
CA PHE D 203 15.76 39.41 52.04
C PHE D 203 14.26 39.23 52.19
N LEU D 204 13.68 39.84 53.23
CA LEU D 204 12.23 39.75 53.41
C LEU D 204 11.50 40.46 52.28
N GLN D 205 11.96 41.65 51.90
CA GLN D 205 11.30 42.38 50.83
C GLN D 205 11.37 41.62 49.51
N ASP D 206 12.52 41.01 49.22
CA ASP D 206 12.67 40.26 47.97
C ASP D 206 11.72 39.09 47.91
N LEU D 207 11.54 38.36 49.01
CA LEU D 207 10.62 37.23 49.02
C LEU D 207 9.20 37.68 48.74
N LEU D 208 8.76 38.78 49.37
CA LEU D 208 7.45 39.33 49.06
C LEU D 208 7.39 39.82 47.61
N GLN D 209 8.49 40.38 47.12
CA GLN D 209 8.54 40.80 45.72
C GLN D 209 8.31 39.60 44.80
N ARG D 210 8.94 38.47 45.10
CA ARG D 210 8.79 37.29 44.26
C ARG D 210 7.35 36.79 44.27
N ALA D 211 6.72 36.74 45.44
CA ALA D 211 5.36 36.23 45.53
C ALA D 211 4.38 37.12 44.77
N SER D 212 4.55 38.44 44.87
CA SER D 212 3.68 39.36 44.16
C SER D 212 3.81 39.18 42.65
N ARG D 213 5.06 39.09 42.18
CA ARG D 213 5.28 38.91 40.74
C ARG D 213 4.68 37.60 40.26
N ILE D 214 4.91 36.52 41.01
CA ILE D 214 4.46 35.19 40.59
C ILE D 214 2.93 35.15 40.49
N ALA D 215 2.25 35.67 41.52
CA ALA D 215 0.81 35.51 41.62
C ALA D 215 0.10 36.08 40.39
N GLY D 216 0.52 37.26 39.94
CA GLY D 216 -0.07 37.83 38.75
C GLY D 216 0.23 37.04 37.50
N ALA D 217 1.49 36.60 37.35
CA ALA D 217 1.87 35.88 36.13
C ALA D 217 1.39 34.44 36.17
N TRP D 218 1.26 33.85 37.35
CA TRP D 218 1.04 32.41 37.45
C TRP D 218 -0.25 31.99 36.77
N GLU D 219 -1.24 32.89 36.71
CA GLU D 219 -2.44 32.60 35.92
C GLU D 219 -2.08 32.40 34.46
N MET D 220 -1.23 33.26 33.93
CA MET D 220 -0.78 33.19 32.55
C MET D 220 0.45 32.29 32.38
N LEU D 221 1.05 31.86 33.48
CA LEU D 221 2.22 30.98 33.42
C LEU D 221 2.02 29.70 32.62
N PRO D 222 0.89 28.98 32.69
CA PRO D 222 0.82 27.68 32.01
C PRO D 222 1.19 27.72 30.53
N GLU D 223 0.84 28.78 29.82
CA GLU D 223 1.26 28.94 28.43
C GLU D 223 2.55 29.74 28.32
N LEU D 224 3.56 29.35 29.09
CA LEU D 224 4.84 30.02 29.07
C LEU D 224 5.97 29.00 29.00
N PRO D 225 7.11 29.37 28.41
CA PRO D 225 8.22 28.42 28.27
C PRO D 225 8.77 27.94 29.59
N PHE D 226 9.18 28.87 30.45
CA PHE D 226 9.98 28.55 31.63
C PHE D 226 9.27 29.03 32.89
N ALA D 227 9.39 28.24 33.96
CA ALA D 227 8.68 28.53 35.19
C ALA D 227 9.23 29.79 35.86
N ASP D 228 10.52 29.77 36.23
CA ASP D 228 11.11 30.92 36.87
C ASP D 228 11.19 32.13 35.96
N LEU D 229 10.91 31.96 34.67
CA LEU D 229 10.75 33.10 33.78
C LEU D 229 9.62 34.01 34.25
N ALA D 230 8.58 33.42 34.83
CA ALA D 230 7.43 34.20 35.30
C ALA D 230 7.68 34.73 36.70
N THR D 231 8.82 35.40 36.89
CA THR D 231 9.12 36.12 38.12
C THR D 231 9.58 37.54 37.77
N TRP D 232 9.05 38.10 36.70
CA TRP D 232 9.47 39.39 36.18
C TRP D 232 8.35 40.42 36.39
N SER D 233 8.72 41.68 36.20
CA SER D 233 7.74 42.75 36.29
C SER D 233 6.73 42.64 35.15
N GLU D 234 5.55 43.21 35.38
CA GLU D 234 4.53 43.21 34.33
C GLU D 234 5.03 43.92 33.08
N GLY D 235 5.74 45.04 33.26
CA GLY D 235 6.40 45.67 32.13
C GLY D 235 7.47 44.78 31.52
N GLU D 236 8.20 44.04 32.37
CA GLU D 236 9.19 43.11 31.86
C GLU D 236 8.53 42.01 31.03
N LEU D 237 7.39 41.49 31.50
CA LEU D 237 6.60 40.61 30.66
C LEU D 237 6.11 41.33 29.41
N ALA D 238 5.66 42.58 29.57
CA ALA D 238 5.24 43.36 28.41
C ALA D 238 6.41 43.59 27.47
N TRP D 239 7.60 43.85 28.03
CA TRP D 239 8.79 43.96 27.19
C TRP D 239 9.06 42.66 26.46
N LEU D 240 8.86 41.52 27.14
CA LEU D 240 9.06 40.23 26.50
C LEU D 240 8.09 40.01 25.35
N ARG D 241 6.85 40.47 25.49
CA ARG D 241 5.86 40.30 24.43
C ARG D 241 6.15 41.19 23.22
N GLU D 242 6.90 42.27 23.40
CA GLU D 242 7.13 43.20 22.29
C GLU D 242 7.99 42.54 21.22
N PRO D 243 7.77 42.85 19.95
CA PRO D 243 8.61 42.29 18.89
C PRO D 243 10.07 42.66 19.08
N LEU D 244 10.96 41.73 18.72
CA LEU D 244 12.38 41.97 18.86
C LEU D 244 12.85 43.02 17.86
N ASP D 245 13.77 43.87 18.31
CA ASP D 245 14.38 44.88 17.45
C ASP D 245 15.88 44.60 17.35
N PRO D 246 16.34 43.91 16.32
CA PRO D 246 17.78 43.59 16.23
C PRO D 246 18.66 44.81 16.13
N ARG D 247 18.12 45.95 15.70
CA ARG D 247 18.95 47.15 15.56
C ARG D 247 19.44 47.64 16.92
N ALA D 248 18.60 47.57 17.93
CA ALA D 248 18.94 48.13 19.23
C ALA D 248 20.10 47.36 19.86
N PRO D 249 21.13 48.04 20.37
CA PRO D 249 22.21 47.33 21.07
C PRO D 249 21.73 46.58 22.29
N ALA D 250 20.72 47.09 22.99
CA ALA D 250 20.23 46.42 24.19
C ALA D 250 19.68 45.04 23.86
N ASP D 251 18.92 44.93 22.77
CA ASP D 251 18.43 43.63 22.35
C ASP D 251 19.57 42.72 21.94
N GLN D 252 20.56 43.26 21.22
CA GLN D 252 21.71 42.46 20.82
C GLN D 252 22.48 41.96 22.03
N ARG D 253 22.68 42.81 23.03
CA ARG D 253 23.40 42.39 24.23
C ARG D 253 22.60 41.36 25.01
N TRP D 254 21.28 41.52 25.06
CA TRP D 254 20.45 40.59 25.83
C TRP D 254 20.51 39.19 25.24
N VAL D 255 20.43 39.09 23.91
CA VAL D 255 20.44 37.77 23.27
C VAL D 255 21.75 37.06 23.55
N ALA D 256 22.88 37.78 23.50
CA ALA D 256 24.17 37.16 23.77
C ALA D 256 24.21 36.58 25.17
N GLY D 257 23.49 37.17 26.13
CA GLY D 257 23.47 36.64 27.48
C GLY D 257 22.60 35.42 27.66
N LEU D 258 21.63 35.20 26.77
CA LEU D 258 20.76 34.05 26.90
C LEU D 258 21.57 32.76 26.75
N PRO D 259 21.33 31.76 27.61
CA PRO D 259 21.91 30.44 27.38
C PRO D 259 21.18 29.74 26.24
N LYS D 260 21.90 29.43 25.18
CA LYS D 260 21.31 28.83 24.00
C LYS D 260 21.51 27.31 24.00
N ILE D 261 21.00 26.66 22.96
CA ILE D 261 21.20 25.23 22.74
C ILE D 261 21.44 25.05 21.25
N GLU D 262 22.63 24.56 20.89
CA GLU D 262 22.95 24.31 19.50
C GLU D 262 22.57 22.89 19.11
N LEU D 263 22.02 22.73 17.92
CA LEU D 263 21.58 21.43 17.45
C LEU D 263 22.02 21.09 16.05
N HIS D 264 22.63 22.03 15.31
CA HIS D 264 23.07 21.76 13.95
C HIS D 264 24.33 22.59 13.70
N CYS D 265 25.48 21.97 13.93
CA CYS D 265 26.77 22.65 13.77
C CYS D 265 27.80 21.64 13.28
N HIS D 266 28.55 22.03 12.26
CA HIS D 266 29.53 21.14 11.62
C HIS D 266 30.90 21.35 12.25
N LEU D 267 31.57 20.25 12.57
CA LEU D 267 32.94 20.35 13.06
C LEU D 267 33.88 20.89 11.99
N GLY D 268 33.72 20.44 10.75
CA GLY D 268 34.61 20.85 9.68
C GLY D 268 34.16 22.12 8.98
N GLY D 269 33.54 23.02 9.72
CA GLY D 269 33.08 24.28 9.16
C GLY D 269 33.23 25.44 10.11
N PHE D 270 34.21 25.36 11.02
CA PHE D 270 34.32 26.36 12.08
C PHE D 270 35.33 27.46 11.74
N ALA D 271 36.51 27.09 11.28
CA ALA D 271 37.60 28.04 11.04
C ALA D 271 37.99 27.98 9.57
N THR D 272 37.31 28.77 8.75
CA THR D 272 37.63 28.84 7.33
C THR D 272 38.30 30.14 6.91
N HIS D 273 38.21 31.20 7.71
CA HIS D 273 38.85 32.46 7.38
C HIS D 273 39.30 33.14 8.66
N GLY D 274 40.27 34.04 8.52
CA GLY D 274 40.68 34.86 9.64
C GLY D 274 41.61 34.16 10.60
N GLU D 275 41.68 34.72 11.81
CA GLU D 275 42.62 34.22 12.81
C GLU D 275 42.34 32.79 13.20
N LEU D 276 41.07 32.39 13.25
CA LEU D 276 40.72 31.05 13.70
C LEU D 276 41.36 29.98 12.82
N LEU D 277 41.37 30.20 11.51
CA LEU D 277 42.05 29.28 10.62
C LEU D 277 43.55 29.29 10.86
N ARG D 278 44.11 30.48 11.11
CA ARG D 278 45.55 30.57 11.36
C ARG D 278 45.95 29.77 12.59
N ARG D 279 45.16 29.87 13.67
CA ARG D 279 45.48 29.13 14.87
C ARG D 279 45.35 27.63 14.68
N VAL D 280 44.55 27.19 13.71
CA VAL D 280 44.50 25.77 13.38
C VAL D 280 45.79 25.33 12.71
N ARG D 281 46.29 26.16 11.79
CA ARG D 281 47.46 25.77 10.99
C ARG D 281 48.69 25.59 11.87
N ASN D 282 48.94 26.52 12.78
CA ASN D 282 50.13 26.41 13.62
C ASN D 282 49.90 25.48 14.80
N ALA D 283 49.37 24.30 14.52
CA ALA D 283 49.29 23.23 15.51
C ALA D 283 49.52 21.87 14.89
N ALA D 284 49.74 21.79 13.57
CA ALA D 284 49.84 20.51 12.88
C ALA D 284 51.09 19.76 13.30
N GLU D 285 50.96 18.44 13.40
CA GLU D 285 52.11 17.59 13.69
C GLU D 285 52.98 17.36 12.45
N ASN D 286 52.43 17.52 11.25
CA ASN D 286 53.17 17.36 10.00
C ASN D 286 52.92 18.58 9.14
N PRO D 287 53.57 19.71 9.45
CA PRO D 287 53.33 20.94 8.66
C PRO D 287 53.68 20.79 7.20
N GLY D 288 54.64 19.91 6.86
CA GLY D 288 55.02 19.74 5.47
C GLY D 288 53.88 19.23 4.62
N LYS D 289 53.11 18.27 5.15
CA LYS D 289 51.95 17.76 4.42
C LYS D 289 50.87 18.83 4.31
N LEU D 290 50.84 19.79 5.23
CA LEU D 290 49.78 20.78 5.26
C LEU D 290 49.83 21.65 4.02
N PRO D 291 48.74 21.79 3.28
CA PRO D 291 48.76 22.52 2.01
C PRO D 291 48.86 24.02 2.24
N PRO D 292 49.27 24.78 1.23
CA PRO D 292 49.31 26.24 1.38
C PRO D 292 47.91 26.80 1.56
N LEU D 293 47.83 27.93 2.27
CA LEU D 293 46.55 28.54 2.58
C LEU D 293 46.09 29.43 1.43
N GLU D 294 44.79 29.36 1.14
CA GLU D 294 44.14 30.34 0.29
C GLU D 294 42.69 30.44 0.73
N GLU D 295 42.25 31.65 1.05
CA GLU D 295 40.89 31.85 1.53
C GLU D 295 39.99 32.23 0.36
N PRO D 296 39.00 31.42 0.00
CA PRO D 296 38.13 31.78 -1.11
C PRO D 296 37.39 33.08 -0.85
N ARG D 297 37.15 33.82 -1.92
CA ARG D 297 36.54 35.14 -1.79
C ARG D 297 35.11 35.04 -1.31
N LEU D 298 34.73 35.95 -0.41
CA LEU D 298 33.36 36.06 0.05
C LEU D 298 32.59 36.98 -0.88
N PRO D 299 31.58 36.50 -1.58
CA PRO D 299 30.96 37.30 -2.65
C PRO D 299 30.19 38.52 -2.16
N GLU D 300 30.65 39.70 -2.57
CA GLU D 300 29.96 40.99 -2.44
C GLU D 300 29.20 41.11 -1.11
N GLY D 301 29.90 40.83 -0.03
CA GLY D 301 29.30 40.96 1.27
C GLY D 301 28.71 39.63 1.74
N TRP D 302 29.36 39.04 2.72
CA TRP D 302 29.03 37.66 3.07
C TRP D 302 27.85 37.51 4.02
N PRO D 303 27.75 38.28 5.11
CA PRO D 303 26.63 38.06 6.04
C PRO D 303 25.26 38.15 5.39
N LEU D 304 25.08 39.04 4.42
CA LEU D 304 23.80 39.19 3.71
C LEU D 304 24.07 39.52 2.24
N PRO D 305 24.41 38.51 1.44
CA PRO D 305 24.60 38.75 0.01
C PRO D 305 23.29 39.15 -0.66
N ALA D 306 23.40 40.04 -1.65
CA ALA D 306 22.22 40.48 -2.38
C ALA D 306 21.68 39.37 -3.28
N GLN D 307 22.55 38.45 -3.71
CA GLN D 307 22.17 37.38 -4.60
C GLN D 307 22.49 36.03 -3.97
N PRO D 308 21.57 35.08 -3.95
CA PRO D 308 21.88 33.75 -3.43
C PRO D 308 22.85 33.01 -4.34
N ILE D 309 23.59 32.09 -3.74
CA ILE D 309 24.56 31.28 -4.47
C ILE D 309 24.09 29.83 -4.48
N PRO D 310 24.46 29.04 -5.49
CA PRO D 310 24.04 27.64 -5.52
C PRO D 310 24.66 26.84 -4.39
N LEU D 311 24.06 25.68 -4.12
CA LEU D 311 24.53 24.83 -3.03
C LEU D 311 25.96 24.37 -3.26
N ALA D 312 26.27 23.94 -4.48
CA ALA D 312 27.61 23.43 -4.78
C ALA D 312 28.65 24.53 -4.59
N GLU D 313 28.35 25.75 -5.06
CA GLU D 313 29.26 26.86 -4.83
C GLU D 313 29.39 27.17 -3.34
N TYR D 314 28.28 27.12 -2.61
CA TYR D 314 28.32 27.43 -1.18
C TYR D 314 29.23 26.45 -0.46
N MET D 315 29.02 25.15 -0.64
CA MET D 315 29.88 24.17 -0.02
C MET D 315 31.31 24.27 -0.53
N LYS D 316 31.51 24.80 -1.74
CA LYS D 316 32.84 25.05 -2.24
C LYS D 316 33.55 26.18 -1.50
N LEU D 317 32.80 27.11 -0.90
CA LEU D 317 33.39 28.08 -0.01
C LEU D 317 33.98 27.38 1.21
N GLY D 318 35.09 27.91 1.72
CA GLY D 318 35.70 27.36 2.90
C GLY D 318 36.28 25.97 2.72
N ASN D 319 36.93 25.71 1.58
CA ASN D 319 37.67 24.46 1.44
C ASN D 319 38.92 24.43 2.32
N ALA D 320 39.34 25.58 2.85
CA ALA D 320 40.58 25.67 3.60
C ALA D 320 40.52 24.93 4.94
N ASN D 321 39.35 24.51 5.39
CA ASN D 321 39.21 23.72 6.60
C ASN D 321 38.46 22.42 6.32
N GLY D 322 38.50 21.96 5.08
CA GLY D 322 37.83 20.72 4.74
C GLY D 322 38.66 19.50 5.07
N THR D 323 38.69 18.53 4.16
CA THR D 323 39.48 17.32 4.38
C THR D 323 40.96 17.62 4.42
N ALA D 324 41.44 18.52 3.55
CA ALA D 324 42.87 18.74 3.39
C ALA D 324 43.51 19.22 4.69
N LEU D 325 42.91 20.21 5.35
CA LEU D 325 43.47 20.71 6.59
C LEU D 325 43.23 19.76 7.76
N LEU D 326 42.14 19.00 7.74
CA LEU D 326 41.68 18.28 8.91
C LEU D 326 42.07 16.80 8.87
N ARG D 327 43.23 16.49 8.31
CA ARG D 327 43.78 15.13 8.39
C ARG D 327 44.83 14.99 9.48
N ASP D 328 45.61 16.03 9.73
CA ASP D 328 46.62 15.96 10.79
C ASP D 328 45.92 15.92 12.14
N PRO D 329 46.27 14.96 13.01
CA PRO D 329 45.66 14.94 14.35
C PRO D 329 45.81 16.23 15.11
N GLY D 330 46.94 16.92 14.95
CA GLY D 330 47.09 18.21 15.60
C GLY D 330 46.08 19.23 15.12
N CYS D 331 45.83 19.27 13.81
CA CYS D 331 44.81 20.17 13.29
C CYS D 331 43.43 19.80 13.80
N LEU D 332 43.11 18.50 13.82
CA LEU D 332 41.80 18.06 14.25
C LEU D 332 41.59 18.29 15.74
N ARG D 333 42.56 17.88 16.56
CA ARG D 333 42.42 18.01 18.00
C ARG D 333 42.30 19.46 18.41
N GLU D 334 42.99 20.37 17.72
CA GLU D 334 42.92 21.77 18.08
C GLU D 334 41.58 22.39 17.68
N GLN D 335 41.05 21.99 16.51
CA GLN D 335 39.80 22.60 16.05
C GLN D 335 38.66 22.30 17.00
N CYS D 336 38.60 21.07 17.51
CA CYS D 336 37.56 20.74 18.49
C CYS D 336 37.71 21.60 19.74
N ARG D 337 38.95 21.81 20.19
CA ARG D 337 39.17 22.66 21.35
C ARG D 337 38.76 24.10 21.07
N LEU D 338 39.08 24.61 19.89
CA LEU D 338 38.67 25.96 19.53
C LEU D 338 37.15 26.07 19.44
N LEU D 339 36.51 25.08 18.82
CA LEU D 339 35.06 25.13 18.66
C LEU D 339 34.37 25.11 20.01
N TYR D 340 34.85 24.29 20.94
CA TYR D 340 34.27 24.28 22.28
C TYR D 340 34.44 25.62 22.95
N ARG D 341 35.60 26.26 22.78
CA ARG D 341 35.80 27.58 23.35
C ARG D 341 34.82 28.58 22.77
N HIS D 342 34.57 28.50 21.47
CA HIS D 342 33.56 29.36 20.87
C HIS D 342 32.17 29.05 21.38
N LEU D 343 31.90 27.78 21.70
CA LEU D 343 30.58 27.42 22.24
C LEU D 343 30.36 28.06 23.60
N VAL D 344 31.38 28.04 24.46
CA VAL D 344 31.22 28.60 25.81
C VAL D 344 30.99 30.10 25.73
N ASP D 345 31.65 30.77 24.77
CA ASP D 345 31.47 32.21 24.63
C ASP D 345 30.03 32.57 24.34
N GLN D 346 29.37 31.81 23.47
CA GLN D 346 27.96 32.06 23.19
C GLN D 346 27.09 31.74 24.41
N GLY D 347 27.50 30.74 25.19
CA GLY D 347 26.74 30.33 26.36
C GLY D 347 25.92 29.09 26.17
N VAL D 348 26.10 28.36 25.06
CA VAL D 348 25.29 27.17 24.82
C VAL D 348 25.61 26.12 25.87
N CYS D 349 24.57 25.52 26.43
CA CYS D 349 24.72 24.47 27.43
C CYS D 349 24.66 23.07 26.83
N TYR D 350 24.31 22.94 25.57
CA TYR D 350 24.19 21.63 24.94
C TYR D 350 24.34 21.83 23.43
N ALA D 351 25.46 21.39 22.88
CA ALA D 351 25.70 21.46 21.45
C ALA D 351 25.81 20.05 20.88
N GLU D 352 25.36 19.89 19.64
CA GLU D 352 25.41 18.61 18.94
C GLU D 352 26.25 18.82 17.69
N VAL D 353 27.56 18.66 17.84
CA VAL D 353 28.49 18.86 16.74
C VAL D 353 28.41 17.67 15.79
N ARG D 354 28.23 17.94 14.51
CA ARG D 354 28.20 16.89 13.50
C ARG D 354 29.52 16.84 12.75
N CYS D 355 29.94 15.64 12.37
CA CYS D 355 31.21 15.43 11.72
C CYS D 355 31.15 14.17 10.89
N SER D 356 32.14 14.01 10.00
CA SER D 356 32.26 12.83 9.16
C SER D 356 33.67 12.28 9.36
N PRO D 357 33.87 11.43 10.36
CA PRO D 357 35.22 10.90 10.62
C PRO D 357 35.81 10.15 9.44
N ALA D 358 34.99 9.44 8.67
CA ALA D 358 35.49 8.67 7.55
C ALA D 358 36.05 9.56 6.44
N ASN D 359 35.61 10.81 6.36
CA ASN D 359 36.09 11.72 5.33
C ASN D 359 37.32 12.50 5.75
N TYR D 360 37.79 12.32 6.99
CA TYR D 360 39.09 12.82 7.41
C TYR D 360 40.04 11.67 7.69
N ALA D 361 39.81 10.53 7.03
CA ALA D 361 40.57 9.31 7.30
C ALA D 361 41.76 9.26 6.35
N GLU D 362 42.90 9.76 6.82
CA GLU D 362 44.19 9.54 6.20
C GLU D 362 44.65 8.14 6.66
N VAL D 363 45.93 7.82 6.53
CA VAL D 363 46.45 6.51 6.92
C VAL D 363 45.83 6.02 8.22
N ARG D 364 45.67 6.92 9.19
CA ARG D 364 45.01 6.56 10.45
C ARG D 364 43.55 6.19 10.21
N SER D 365 43.07 5.23 10.98
CA SER D 365 41.77 4.65 10.72
C SER D 365 40.64 5.65 10.98
N PRO D 366 39.51 5.49 10.31
CA PRO D 366 38.35 6.36 10.61
C PRO D 366 37.90 6.28 12.05
N TRP D 367 37.98 5.10 12.66
CA TRP D 367 37.60 4.98 14.07
C TRP D 367 38.53 5.81 14.95
N ASP D 368 39.82 5.80 14.65
CA ASP D 368 40.76 6.62 15.40
C ASP D 368 40.42 8.09 15.29
N VAL D 369 39.94 8.51 14.12
CA VAL D 369 39.51 9.89 13.95
C VAL D 369 38.36 10.22 14.90
N LEU D 370 37.33 9.36 14.91
CA LEU D 370 36.20 9.59 15.79
C LEU D 370 36.61 9.47 17.25
N ALA D 371 37.48 8.51 17.56
CA ALA D 371 37.97 8.38 18.94
C ALA D 371 38.75 9.62 19.35
N ASP D 372 39.55 10.17 18.43
CA ASP D 372 40.30 11.37 18.74
C ASP D 372 39.39 12.58 18.93
N ILE D 373 38.34 12.68 18.11
CA ILE D 373 37.40 13.80 18.25
C ILE D 373 36.73 13.75 19.62
N ARG D 374 36.27 12.57 20.01
CA ARG D 374 35.59 12.43 21.30
C ARG D 374 36.53 12.77 22.45
N ALA D 375 37.79 12.32 22.36
CA ALA D 375 38.74 12.63 23.42
C ALA D 375 39.01 14.12 23.51
N ALA D 376 39.08 14.80 22.36
CA ALA D 376 39.33 16.24 22.37
C ALA D 376 38.19 16.98 23.07
N PHE D 377 36.95 16.61 22.77
CA PHE D 377 35.82 17.25 23.46
C PHE D 377 35.75 16.83 24.92
N GLN D 378 36.13 15.58 25.21
CA GLN D 378 36.08 15.11 26.59
C GLN D 378 37.01 15.90 27.50
N GLU D 379 38.22 16.22 27.01
CA GLU D 379 39.14 16.98 27.83
C GLU D 379 38.65 18.40 28.04
N CYS D 380 37.89 18.94 27.09
CA CYS D 380 37.34 20.29 27.26
C CYS D 380 36.27 20.30 28.35
N MET D 381 35.35 19.34 28.31
CA MET D 381 34.29 19.30 29.31
C MET D 381 34.85 18.97 30.69
N GLU D 382 35.80 18.04 30.76
CA GLU D 382 36.40 17.71 32.05
C GLU D 382 37.16 18.89 32.62
N GLY D 383 37.91 19.60 31.78
CA GLY D 383 38.72 20.71 32.24
C GLY D 383 37.91 21.89 32.75
N ALA D 384 37.20 22.55 31.85
CA ALA D 384 36.44 23.76 32.18
C ALA D 384 35.03 23.37 32.58
N ARG D 385 34.85 23.08 33.86
CA ARG D 385 33.53 22.77 34.41
C ARG D 385 33.19 23.77 35.49
N THR D 386 31.93 24.18 35.52
CA THR D 386 31.43 25.20 36.44
C THR D 386 29.98 24.87 36.75
N ALA D 387 29.23 25.85 37.24
CA ALA D 387 27.79 25.73 37.48
C ALA D 387 27.53 24.75 38.64
N PRO D 388 26.32 24.71 39.19
CA PRO D 388 26.06 23.77 40.28
C PRO D 388 26.07 22.32 39.83
N GLY D 389 26.52 21.46 40.74
CA GLY D 389 26.61 20.04 40.47
C GLY D 389 27.89 19.59 39.79
N GLY D 390 28.77 20.52 39.42
CA GLY D 390 30.00 20.17 38.74
C GLY D 390 29.88 19.85 37.27
N LEU D 391 28.69 20.02 36.69
CA LEU D 391 28.50 19.72 35.28
C LEU D 391 29.31 20.70 34.43
N PRO D 392 29.85 20.25 33.29
CA PRO D 392 30.63 21.16 32.45
C PRO D 392 29.77 22.29 31.92
N ALA D 393 30.42 23.44 31.70
CA ALA D 393 29.71 24.64 31.26
C ALA D 393 28.93 24.37 29.99
N CYS D 394 29.57 23.79 28.99
CA CYS D 394 28.90 23.28 27.81
C CYS D 394 28.86 21.76 27.88
N HIS D 395 28.09 21.17 26.97
CA HIS D 395 27.99 19.72 26.91
C HIS D 395 27.79 19.32 25.46
N VAL D 396 28.78 18.66 24.88
CA VAL D 396 28.80 18.32 23.46
C VAL D 396 28.53 16.84 23.31
N ASN D 397 27.53 16.51 22.51
CA ASN D 397 27.30 15.15 22.06
C ASN D 397 27.44 15.09 20.54
N LEU D 398 28.00 14.00 20.06
CA LEU D 398 28.41 13.91 18.66
C LEU D 398 27.32 13.27 17.82
N ILE D 399 27.35 13.60 16.54
CA ILE D 399 26.45 13.03 15.54
C ILE D 399 27.24 12.94 14.24
N LEU D 400 27.08 11.83 13.52
CA LEU D 400 27.89 11.54 12.35
C LEU D 400 27.07 11.69 11.08
N ILE D 401 27.69 12.26 10.05
CA ILE D 401 27.02 12.59 8.80
C ILE D 401 27.51 11.66 7.71
N ALA D 402 26.63 11.43 6.73
CA ALA D 402 26.97 10.58 5.59
C ALA D 402 28.04 11.23 4.73
N THR D 403 28.89 10.41 4.12
CA THR D 403 30.00 10.91 3.33
C THR D 403 29.56 11.23 1.91
N ARG D 404 30.08 12.32 1.38
CA ARG D 404 29.89 12.69 -0.01
C ARG D 404 31.02 12.09 -0.85
N ARG D 405 31.15 12.55 -2.10
CA ARG D 405 32.16 12.04 -3.02
C ARG D 405 31.97 10.53 -3.21
N ALA D 406 30.86 10.22 -3.88
CA ALA D 406 30.40 8.84 -4.07
C ALA D 406 31.54 7.91 -4.51
N SER D 407 31.81 6.92 -3.67
CA SER D 407 32.81 5.88 -3.92
C SER D 407 32.35 4.64 -3.19
N GLY D 408 31.87 3.67 -3.95
CA GLY D 408 31.04 2.63 -3.38
C GLY D 408 29.62 3.14 -3.27
N ASP D 409 29.39 4.32 -3.86
CA ASP D 409 28.10 4.99 -3.88
C ASP D 409 27.53 5.15 -2.48
N TYR D 410 26.40 4.51 -2.21
CA TYR D 410 25.75 4.58 -0.90
C TYR D 410 26.05 3.36 -0.04
N ARG D 411 26.05 2.18 -0.64
CA ARG D 411 26.17 0.95 0.14
C ARG D 411 27.49 0.90 0.90
N ALA D 412 28.61 1.08 0.19
CA ALA D 412 29.91 1.02 0.86
C ALA D 412 30.14 2.26 1.73
N ALA D 413 29.74 3.43 1.24
CA ALA D 413 30.06 4.66 1.94
C ALA D 413 29.21 4.85 3.19
N ILE D 414 27.92 4.58 3.09
CA ILE D 414 27.02 4.91 4.20
C ILE D 414 26.96 3.80 5.25
N ALA D 415 27.09 2.53 4.84
CA ALA D 415 27.05 1.44 5.81
C ALA D 415 28.19 1.56 6.81
N ARG D 416 29.38 1.92 6.34
CA ARG D 416 30.48 2.16 7.26
C ARG D 416 30.16 3.30 8.20
N HIS D 417 29.50 4.34 7.69
CA HIS D 417 29.10 5.46 8.54
C HIS D 417 28.12 5.01 9.61
N LEU D 418 27.13 4.20 9.23
CA LEU D 418 26.23 3.65 10.24
C LEU D 418 26.96 2.71 11.18
N ALA D 419 27.81 1.83 10.65
CA ALA D 419 28.53 0.89 11.49
C ALA D 419 29.44 1.60 12.48
N LEU D 420 30.06 2.69 12.04
CA LEU D 420 30.89 3.48 12.94
C LEU D 420 30.07 4.05 14.08
N ALA D 421 28.88 4.57 13.77
CA ALA D 421 28.06 5.23 14.78
C ALA D 421 27.62 4.25 15.87
N VAL D 422 27.02 3.13 15.46
CA VAL D 422 26.50 2.19 16.43
C VAL D 422 27.63 1.59 17.27
N THR D 423 28.78 1.35 16.64
CA THR D 423 29.93 0.89 17.42
C THR D 423 30.38 1.95 18.41
N ALA D 424 30.42 3.21 17.98
CA ALA D 424 30.83 4.29 18.87
C ALA D 424 29.78 4.54 19.95
N ALA D 425 28.50 4.49 19.57
CA ALA D 425 27.44 4.68 20.56
C ALA D 425 27.50 3.60 21.63
N GLU D 426 27.76 2.36 21.23
CA GLU D 426 27.93 1.28 22.18
C GLU D 426 29.23 1.39 22.95
N HIS D 427 30.21 2.15 22.43
CA HIS D 427 31.49 2.25 23.11
C HIS D 427 31.41 3.10 24.37
N TRP D 428 30.70 4.23 24.30
CA TRP D 428 30.58 5.15 25.42
C TRP D 428 29.14 5.17 25.90
N ARG D 429 28.88 4.52 27.03
CA ARG D 429 27.57 4.56 27.67
C ARG D 429 27.51 5.61 28.78
N ASP D 430 28.58 6.34 29.02
CA ASP D 430 28.62 7.33 30.09
C ASP D 430 27.70 8.49 29.74
N GLU D 431 26.60 8.63 30.48
CA GLU D 431 25.63 9.68 30.19
C GLU D 431 26.17 11.07 30.46
N ASN D 432 27.24 11.19 31.23
CA ASN D 432 27.83 12.48 31.55
C ASN D 432 29.12 12.71 30.76
N ALA D 433 29.17 12.17 29.56
CA ALA D 433 30.35 12.28 28.71
C ALA D 433 29.92 12.44 27.26
N CYS D 434 30.78 13.05 26.47
CA CYS D 434 30.50 13.21 25.04
C CYS D 434 30.42 11.85 24.38
N ARG D 435 29.29 11.58 23.74
CA ARG D 435 29.07 10.30 23.07
C ARG D 435 28.19 10.51 21.85
N VAL D 436 28.29 9.58 20.91
CA VAL D 436 27.48 9.65 19.70
C VAL D 436 26.03 9.41 20.06
N VAL D 437 25.15 10.28 19.59
CA VAL D 437 23.73 10.20 19.92
C VAL D 437 22.84 9.99 18.71
N GLY D 438 23.35 10.13 17.50
CA GLY D 438 22.50 9.95 16.34
C GLY D 438 23.28 10.14 15.06
N VAL D 439 22.54 10.05 13.94
CA VAL D 439 23.09 10.21 12.60
C VAL D 439 22.07 10.90 11.72
N ASP D 440 22.51 11.30 10.53
CA ASP D 440 21.64 11.81 9.48
C ASP D 440 21.95 11.06 8.19
N LEU D 441 21.05 11.19 7.23
CA LEU D 441 21.13 10.42 5.99
C LEU D 441 21.78 11.16 4.84
N ALA D 442 21.48 12.45 4.67
CA ALA D 442 22.10 13.27 3.64
C ALA D 442 22.00 12.63 2.26
N GLY D 443 23.11 12.08 1.79
CA GLY D 443 23.21 11.46 0.47
C GLY D 443 22.06 10.54 0.12
N TYR D 444 21.34 10.89 -0.95
CA TYR D 444 20.14 10.17 -1.36
C TYR D 444 19.88 10.48 -2.83
N GLU D 445 18.64 10.26 -3.26
CA GLU D 445 18.20 10.54 -4.63
C GLU D 445 18.96 9.69 -5.65
N ASP D 446 18.79 8.38 -5.55
CA ASP D 446 19.26 7.42 -6.54
C ASP D 446 18.03 6.71 -7.14
N GLU D 447 18.30 5.66 -7.90
CA GLU D 447 17.25 4.96 -8.65
C GLU D 447 16.31 4.23 -7.69
N LYS D 448 15.40 3.42 -8.24
CA LYS D 448 14.36 2.76 -7.46
C LYS D 448 14.93 1.91 -6.32
N THR D 449 16.23 1.64 -6.33
CA THR D 449 16.87 0.96 -5.21
C THR D 449 17.00 1.84 -3.97
N ARG D 450 16.41 3.03 -3.97
CA ARG D 450 16.47 3.89 -2.80
C ARG D 450 15.78 3.23 -1.60
N ALA D 451 14.62 2.61 -1.85
CA ALA D 451 13.88 1.98 -0.76
C ALA D 451 14.68 0.84 -0.13
N HIS D 452 15.36 0.04 -0.94
CA HIS D 452 16.21 -1.02 -0.40
C HIS D 452 17.31 -0.44 0.47
N TYR D 453 17.95 0.64 0.02
CA TYR D 453 18.89 1.36 0.88
C TYR D 453 18.16 2.00 2.05
N PHE D 454 16.96 2.52 1.81
CA PHE D 454 16.18 3.13 2.89
C PHE D 454 15.81 2.08 3.94
N ARG D 455 15.28 0.94 3.51
CA ARG D 455 14.90 -0.11 4.44
C ARG D 455 16.10 -0.73 5.15
N GLU D 456 17.30 -0.60 4.57
CA GLU D 456 18.49 -1.12 5.22
C GLU D 456 19.05 -0.14 6.25
N GLU D 457 19.17 1.14 5.86
CA GLU D 457 19.74 2.13 6.76
C GLU D 457 18.90 2.31 8.00
N PHE D 458 17.58 2.40 7.83
CA PHE D 458 16.71 2.65 8.98
C PHE D 458 16.71 1.46 9.93
N THR D 459 16.69 0.24 9.40
CA THR D 459 16.50 -0.94 10.23
C THR D 459 17.64 -1.11 11.22
N ALA D 460 18.89 -1.03 10.75
CA ALA D 460 20.03 -1.33 11.60
C ALA D 460 20.12 -0.35 12.77
N VAL D 461 19.99 0.95 12.49
CA VAL D 461 20.13 1.95 13.54
C VAL D 461 18.97 1.86 14.52
N HIS D 462 17.75 1.74 14.00
CA HIS D 462 16.57 1.76 14.85
C HIS D 462 16.54 0.56 15.79
N ARG D 463 16.93 -0.62 15.29
CA ARG D 463 17.04 -1.79 16.17
C ARG D 463 17.97 -1.50 17.34
N CYS D 464 19.06 -0.78 17.08
CA CYS D 464 19.91 -0.34 18.17
C CYS D 464 19.21 0.73 19.01
N GLY D 465 18.62 1.73 18.35
CA GLY D 465 17.88 2.74 19.07
C GLY D 465 18.54 4.11 19.06
N LEU D 466 19.52 4.29 18.19
CA LEU D 466 20.13 5.59 18.01
C LEU D 466 19.15 6.57 17.38
N ALA D 467 19.29 7.85 17.74
CA ALA D 467 18.45 8.87 17.15
C ALA D 467 18.80 9.06 15.68
N VAL D 468 17.85 9.58 14.92
CA VAL D 468 18.01 9.78 13.49
C VAL D 468 17.52 11.18 13.13
N THR D 469 18.37 11.94 12.46
CA THR D 469 17.96 13.18 11.82
C THR D 469 18.02 13.00 10.30
N VAL D 470 17.41 13.94 9.58
CA VAL D 470 17.42 13.91 8.13
C VAL D 470 17.68 15.32 7.62
N HIS D 471 18.63 15.45 6.71
CA HIS D 471 18.89 16.72 6.05
C HIS D 471 18.09 16.79 4.75
N ALA D 472 17.80 18.02 4.32
CA ALA D 472 17.04 18.26 3.11
C ALA D 472 17.98 18.77 2.02
N GLY D 473 17.88 18.19 0.83
CA GLY D 473 18.75 18.56 -0.27
C GLY D 473 18.41 19.90 -0.89
N GLU D 474 18.86 20.12 -2.12
CA GLU D 474 18.57 21.38 -2.80
C GLU D 474 17.06 21.59 -2.97
N ASN D 475 16.37 20.56 -3.46
CA ASN D 475 14.93 20.60 -3.60
C ASN D 475 14.29 20.08 -2.32
N ASP D 476 13.33 20.84 -1.79
CA ASP D 476 12.68 20.53 -0.53
C ASP D 476 11.23 20.10 -0.75
N ASP D 477 11.01 19.28 -1.78
CA ASP D 477 9.68 18.78 -2.07
C ASP D 477 9.13 18.01 -0.88
N ALA D 478 7.82 18.17 -0.63
CA ALA D 478 7.20 17.53 0.52
C ALA D 478 7.29 16.01 0.46
N GLU D 479 7.46 15.44 -0.74
CA GLU D 479 7.64 14.00 -0.84
C GLU D 479 8.91 13.55 -0.14
N GLY D 480 10.00 14.30 -0.32
CA GLY D 480 11.23 13.97 0.38
C GLY D 480 11.08 14.07 1.89
N ILE D 481 10.38 15.10 2.35
CA ILE D 481 10.15 15.25 3.79
C ILE D 481 9.21 14.16 4.30
N TRP D 482 8.14 13.88 3.56
CA TRP D 482 7.21 12.85 3.98
C TRP D 482 7.90 11.49 4.06
N ARG D 483 8.74 11.19 3.09
CA ARG D 483 9.52 9.96 3.16
C ARG D 483 10.44 9.97 4.37
N ALA D 484 11.05 11.11 4.66
CA ALA D 484 11.94 11.21 5.80
C ALA D 484 11.20 10.99 7.11
N VAL D 485 10.02 11.59 7.25
CA VAL D 485 9.31 11.50 8.53
C VAL D 485 8.77 10.09 8.74
N PHE D 486 8.18 9.49 7.71
CA PHE D 486 7.41 8.27 7.90
C PHE D 486 8.16 7.00 7.53
N ASP D 487 9.10 7.05 6.59
CA ASP D 487 9.83 5.85 6.18
C ASP D 487 11.16 5.72 6.90
N LEU D 488 12.03 6.73 6.79
CA LEU D 488 13.29 6.76 7.51
C LEU D 488 13.08 7.54 8.80
N ASN D 489 12.38 6.89 9.74
CA ASN D 489 11.86 7.55 10.93
C ASN D 489 12.89 8.44 11.59
N ALA D 490 12.63 9.75 11.60
CA ALA D 490 13.57 10.73 12.09
C ALA D 490 12.89 11.63 13.11
N ARG D 491 13.69 12.13 14.05
CA ARG D 491 13.18 13.00 15.10
C ARG D 491 13.53 14.47 14.89
N ARG D 492 14.37 14.77 13.90
CA ARG D 492 14.66 16.15 13.53
C ARG D 492 14.85 16.22 12.03
N LEU D 493 14.42 17.34 11.44
CA LEU D 493 14.56 17.58 10.02
C LEU D 493 15.45 18.79 9.79
N GLY D 494 16.53 18.59 9.06
CA GLY D 494 17.39 19.70 8.70
C GLY D 494 16.70 20.58 7.68
N HIS D 495 16.70 21.89 7.94
CA HIS D 495 16.09 22.86 7.04
C HIS D 495 14.61 22.56 6.85
N ALA D 496 14.26 21.93 5.73
CA ALA D 496 12.87 21.60 5.41
C ALA D 496 12.00 22.85 5.40
N LEU D 497 12.44 23.88 4.68
CA LEU D 497 11.75 25.15 4.66
C LEU D 497 10.45 25.11 3.87
N SER D 498 10.44 24.44 2.73
CA SER D 498 9.24 24.39 1.90
C SER D 498 8.29 23.32 2.41
N LEU D 499 7.95 23.38 3.69
CA LEU D 499 7.06 22.42 4.32
C LEU D 499 5.66 22.95 4.55
N GLY D 500 5.49 24.27 4.64
CA GLY D 500 4.18 24.85 4.82
C GLY D 500 3.26 24.67 3.63
N GLN D 501 3.83 24.39 2.45
CA GLN D 501 2.99 24.13 1.28
C GLN D 501 2.11 22.91 1.49
N SER D 502 2.67 21.86 2.08
CA SER D 502 1.91 20.66 2.43
C SER D 502 1.15 20.94 3.72
N ARG D 503 -0.15 21.25 3.59
CA ARG D 503 -0.95 21.54 4.76
C ARG D 503 -1.05 20.33 5.68
N GLU D 504 -1.23 19.15 5.11
CA GLU D 504 -1.35 17.94 5.92
C GLU D 504 -0.05 17.63 6.64
N LEU D 505 1.06 17.63 5.91
CA LEU D 505 2.34 17.24 6.49
C LEU D 505 2.78 18.18 7.60
N LEU D 506 2.48 19.48 7.44
CA LEU D 506 2.77 20.42 8.51
C LEU D 506 2.02 20.06 9.78
N ARG D 507 0.74 19.69 9.65
CA ARG D 507 -0.01 19.26 10.82
C ARG D 507 0.51 17.94 11.35
N SER D 508 0.92 17.04 10.46
CA SER D 508 1.46 15.76 10.91
C SER D 508 2.78 15.95 11.65
N VAL D 509 3.63 16.85 11.16
CA VAL D 509 4.92 17.10 11.83
C VAL D 509 4.68 17.70 13.21
N ALA D 510 3.77 18.66 13.31
CA ALA D 510 3.50 19.30 14.60
C ALA D 510 3.02 18.28 15.63
N ASP D 511 2.10 17.40 15.24
CA ASP D 511 1.59 16.39 16.17
C ASP D 511 2.70 15.43 16.58
N ARG D 512 3.53 14.99 15.63
CA ARG D 512 4.61 14.07 15.95
C ARG D 512 5.70 14.74 16.78
N GLY D 513 5.76 16.07 16.80
CA GLY D 513 6.80 16.74 17.54
C GLY D 513 8.17 16.66 16.91
N ILE D 514 8.24 16.40 15.61
CA ILE D 514 9.53 16.29 14.93
C ILE D 514 10.18 17.67 14.89
N GLY D 515 11.42 17.74 15.37
CA GLY D 515 12.13 19.00 15.33
C GLY D 515 12.43 19.45 13.91
N VAL D 516 12.52 20.76 13.73
CA VAL D 516 12.82 21.35 12.44
C VAL D 516 14.03 22.25 12.65
N GLU D 517 15.22 21.73 12.40
CA GLU D 517 16.43 22.54 12.51
C GLU D 517 16.43 23.61 11.43
N LEU D 518 16.65 24.85 11.84
CA LEU D 518 16.70 25.98 10.92
C LEU D 518 17.93 26.82 11.19
N CYS D 519 18.44 27.45 10.14
CA CYS D 519 19.63 28.29 10.23
C CYS D 519 19.51 29.40 9.18
N PRO D 520 19.03 30.57 9.59
CA PRO D 520 18.70 31.62 8.60
C PRO D 520 19.86 32.04 7.73
N TYR D 521 21.07 32.16 8.28
CA TYR D 521 22.21 32.57 7.46
C TYR D 521 22.47 31.57 6.35
N ALA D 522 22.56 30.28 6.67
CA ALA D 522 22.68 29.29 5.61
C ALA D 522 21.46 29.28 4.72
N ASN D 523 20.28 29.55 5.29
CA ASN D 523 19.07 29.64 4.49
C ASN D 523 19.08 30.87 3.61
N LEU D 524 19.48 32.02 4.17
CA LEU D 524 19.51 33.25 3.39
C LEU D 524 20.62 33.22 2.34
N GLN D 525 21.80 32.72 2.69
CA GLN D 525 22.93 32.70 1.78
C GLN D 525 22.83 31.58 0.75
N ILE D 526 21.74 30.83 0.73
CA ILE D 526 21.57 29.74 -0.24
C ILE D 526 20.28 29.96 -1.01
N LYS D 527 19.31 30.61 -0.38
CA LYS D 527 18.01 30.84 -0.97
C LYS D 527 17.72 32.35 -1.02
N GLY D 528 16.51 32.69 -1.43
CA GLY D 528 16.12 34.09 -1.47
C GLY D 528 15.09 34.44 -0.45
N PHE D 529 15.43 35.31 0.50
CA PHE D 529 14.52 35.69 1.56
C PHE D 529 14.59 37.18 1.79
N ARG D 530 13.43 37.80 1.99
CA ARG D 530 13.33 39.25 2.08
C ARG D 530 13.65 39.71 3.50
N LEU D 531 14.74 40.47 3.63
CA LEU D 531 15.12 41.03 4.92
C LEU D 531 14.24 42.23 5.23
N ASP D 532 13.72 42.28 6.45
CA ASP D 532 12.79 43.33 6.88
C ASP D 532 11.57 43.30 5.95
N GLY D 533 10.89 44.42 5.80
CA GLY D 533 9.73 44.48 4.93
C GLY D 533 10.09 44.34 3.47
N SER D 534 9.75 43.19 2.88
CA SER D 534 10.05 42.91 1.48
C SER D 534 11.52 43.09 1.15
N PRO D 549 12.23 31.89 -2.12
CA PRO D 549 11.76 33.15 -2.69
C PRO D 549 10.57 33.72 -1.93
N GLY D 550 9.85 32.86 -1.22
CA GLY D 550 8.69 33.27 -0.47
C GLY D 550 9.04 33.68 0.95
N PRO D 551 8.01 33.98 1.75
CA PRO D 551 8.27 34.37 3.14
C PRO D 551 8.89 33.23 3.93
N TYR D 552 9.70 33.60 4.91
CA TYR D 552 10.36 32.60 5.75
C TYR D 552 9.32 31.88 6.59
N PRO D 553 9.52 30.57 6.85
CA PRO D 553 8.53 29.80 7.61
C PRO D 553 8.73 29.79 9.11
N LEU D 554 9.75 30.47 9.65
CA LEU D 554 10.01 30.39 11.09
C LEU D 554 8.85 30.92 11.90
N LEU D 555 8.38 32.13 11.57
CA LEU D 555 7.23 32.67 12.27
C LEU D 555 5.99 31.85 11.99
N ASP D 556 5.84 31.37 10.75
CA ASP D 556 4.68 30.54 10.42
C ASP D 556 4.69 29.23 11.21
N TYR D 557 5.86 28.62 11.37
CA TYR D 557 5.96 27.38 12.12
C TYR D 557 5.63 27.60 13.59
N LEU D 558 6.08 28.73 14.15
CA LEU D 558 5.82 29.00 15.56
C LEU D 558 4.32 29.12 15.82
N ARG D 559 3.59 29.81 14.93
CA ARG D 559 2.14 29.90 15.08
C ARG D 559 1.50 28.52 14.98
N GLU D 560 1.97 27.71 14.04
CA GLU D 560 1.40 26.37 13.84
C GLU D 560 1.81 25.39 14.93
N GLY D 561 2.73 25.76 15.80
CA GLY D 561 3.11 24.90 16.90
C GLY D 561 3.99 23.75 16.48
N VAL D 562 5.08 24.05 15.77
CA VAL D 562 6.04 23.06 15.33
C VAL D 562 7.37 23.36 16.00
N ARG D 563 7.97 22.34 16.61
CA ARG D 563 9.26 22.51 17.26
C ARG D 563 10.29 22.97 16.25
N VAL D 564 10.79 24.19 16.40
CA VAL D 564 11.79 24.74 15.49
C VAL D 564 12.97 25.23 16.31
N THR D 565 14.14 25.23 15.68
CA THR D 565 15.37 25.68 16.31
C THR D 565 16.10 26.61 15.35
N VAL D 566 16.88 27.52 15.93
CA VAL D 566 17.76 28.40 15.17
C VAL D 566 19.18 27.94 15.43
N ASN D 567 19.85 27.46 14.39
CA ASN D 567 21.17 26.87 14.50
C ASN D 567 22.16 27.65 13.63
N THR D 568 23.43 27.24 13.68
CA THR D 568 24.48 27.93 12.97
C THR D 568 24.89 27.25 11.67
N ASP D 569 24.60 25.96 11.51
CA ASP D 569 25.09 25.17 10.38
C ASP D 569 26.61 25.30 10.36
N ASN D 570 27.22 25.80 9.29
CA ASN D 570 28.66 26.00 9.25
C ASN D 570 28.98 27.36 9.86
N ILE D 571 29.65 27.35 11.02
CA ILE D 571 29.98 28.61 11.68
C ILE D 571 30.96 29.41 10.84
N GLY D 572 32.01 28.76 10.34
CA GLY D 572 33.03 29.46 9.60
C GLY D 572 32.61 29.92 8.22
N ILE D 573 32.00 29.02 7.44
CA ILE D 573 31.58 29.39 6.09
C ILE D 573 30.55 30.51 6.14
N SER D 574 29.50 30.34 6.96
CA SER D 574 28.56 31.43 7.15
C SER D 574 29.17 32.61 7.88
N ALA D 575 30.30 32.39 8.57
CA ALA D 575 31.10 33.46 9.17
C ALA D 575 30.26 34.34 10.09
N ALA D 576 29.38 33.72 10.86
CA ALA D 576 28.55 34.48 11.78
C ALA D 576 28.03 33.56 12.89
N SER D 577 28.00 34.09 14.10
CA SER D 577 27.77 33.29 15.29
C SER D 577 26.29 33.04 15.54
N LEU D 578 26.01 32.21 16.54
CA LEU D 578 24.64 31.88 16.89
C LEU D 578 23.88 33.10 17.40
N THR D 579 24.54 33.93 18.22
CA THR D 579 23.89 35.14 18.68
C THR D 579 23.47 36.02 17.52
N ASP D 580 24.33 36.14 16.51
CA ASP D 580 23.95 36.83 15.30
C ASP D 580 22.81 36.12 14.59
N ASN D 581 22.86 34.78 14.55
CA ASN D 581 21.86 34.02 13.81
C ASN D 581 20.48 34.19 14.41
N LEU D 582 20.39 34.20 15.74
CA LEU D 582 19.10 34.45 16.39
C LEU D 582 18.62 35.87 16.12
N LEU D 583 19.53 36.84 16.15
CA LEU D 583 19.14 38.24 15.96
C LEU D 583 18.54 38.46 14.58
N LEU D 584 19.24 38.02 13.54
CA LEU D 584 18.74 38.24 12.19
C LEU D 584 17.47 37.46 11.90
N ALA D 585 17.23 36.37 12.63
CA ALA D 585 15.96 35.67 12.48
C ALA D 585 14.80 36.59 12.80
N ALA D 586 14.92 37.39 13.87
CA ALA D 586 13.94 38.41 14.17
C ALA D 586 13.96 39.55 13.17
N ARG D 587 15.07 39.74 12.45
CA ARG D 587 15.13 40.72 11.39
C ARG D 587 14.69 40.16 10.05
N LEU D 588 14.96 38.88 9.80
CA LEU D 588 14.52 38.24 8.57
C LEU D 588 13.02 37.94 8.59
N CYS D 589 12.44 37.80 9.77
CA CYS D 589 11.00 37.67 9.94
C CYS D 589 10.48 38.80 10.82
N PRO D 590 9.61 39.67 10.33
CA PRO D 590 9.12 40.77 11.17
C PRO D 590 8.04 40.31 12.13
N GLY D 591 8.00 40.96 13.28
CA GLY D 591 7.03 40.64 14.31
C GLY D 591 7.41 39.50 15.23
N LEU D 592 8.61 38.96 15.08
CA LEU D 592 9.06 37.88 15.96
C LEU D 592 9.31 38.44 17.35
N THR D 593 8.47 38.04 18.31
CA THR D 593 8.50 38.62 19.64
C THR D 593 9.73 38.16 20.40
N ARG D 594 10.01 38.85 21.52
CA ARG D 594 11.21 38.59 22.29
C ARG D 594 11.13 37.29 23.08
N LEU D 595 9.93 36.78 23.34
CA LEU D 595 9.82 35.46 23.96
C LEU D 595 9.78 34.34 22.93
N ASP D 596 9.73 34.67 21.64
CA ASP D 596 9.84 33.62 20.63
C ASP D 596 11.19 32.93 20.70
N LEU D 597 12.26 33.70 20.92
CA LEU D 597 13.57 33.09 21.14
C LEU D 597 13.54 32.16 22.34
N LEU D 598 12.77 32.50 23.37
CA LEU D 598 12.62 31.61 24.51
C LEU D 598 11.84 30.36 24.11
N HIS D 599 10.82 30.51 23.26
CA HIS D 599 10.18 29.33 22.68
C HIS D 599 11.17 28.54 21.83
N LEU D 600 12.00 29.24 21.06
CA LEU D 600 13.00 28.57 20.23
C LEU D 600 13.95 27.75 21.09
N GLN D 601 14.40 28.30 22.20
CA GLN D 601 15.26 27.54 23.11
C GLN D 601 14.50 26.40 23.76
N ARG D 602 13.23 26.63 24.13
CA ARG D 602 12.42 25.57 24.72
C ARG D 602 12.22 24.43 23.73
N HIS D 603 11.95 24.76 22.46
CA HIS D 603 11.83 23.71 21.45
C HIS D 603 13.16 22.99 21.27
N ALA D 604 14.26 23.72 21.29
CA ALA D 604 15.57 23.09 21.15
C ALA D 604 15.84 22.11 22.28
N LEU D 605 15.48 22.50 23.51
CA LEU D 605 15.70 21.62 24.65
C LEU D 605 14.86 20.35 24.53
N GLU D 606 13.61 20.48 24.09
CA GLU D 606 12.73 19.32 24.04
C GLU D 606 13.04 18.38 22.89
N THR D 607 13.58 18.90 21.79
CA THR D 607 13.93 18.07 20.63
C THR D 607 15.37 17.61 20.65
N ALA D 608 16.13 17.95 21.69
CA ALA D 608 17.51 17.49 21.78
C ALA D 608 17.54 15.98 22.08
N PHE D 609 18.71 15.39 21.86
CA PHE D 609 18.90 13.95 22.03
C PHE D 609 19.47 13.59 23.38
N CYS D 610 19.48 14.53 24.33
CA CYS D 610 19.96 14.24 25.66
C CYS D 610 19.01 13.30 26.39
N THR D 611 19.52 12.67 27.44
CA THR D 611 18.71 11.75 28.23
C THR D 611 17.65 12.53 29.01
N ALA D 612 16.67 11.79 29.53
CA ALA D 612 15.58 12.42 30.26
C ALA D 612 16.10 13.14 31.50
N THR D 613 17.03 12.52 32.23
CA THR D 613 17.62 13.18 33.39
C THR D 613 18.37 14.44 32.98
N GLN D 614 19.13 14.37 31.90
CA GLN D 614 19.87 15.54 31.44
C GLN D 614 18.94 16.61 30.90
N ARG D 615 17.82 16.19 30.28
CA ARG D 615 16.86 17.16 29.76
C ARG D 615 16.28 18.01 30.87
N LEU D 616 15.92 17.37 32.00
CA LEU D 616 15.38 18.13 33.13
C LEU D 616 16.45 19.03 33.75
N THR D 617 17.70 18.56 33.79
CA THR D 617 18.76 19.39 34.33
C THR D 617 18.97 20.64 33.50
N LEU D 618 18.96 20.50 32.17
CA LEU D 618 19.13 21.66 31.31
C LEU D 618 17.99 22.65 31.48
N LEU D 619 16.77 22.16 31.63
CA LEU D 619 15.62 23.04 31.76
C LEU D 619 15.76 23.94 32.99
N ARG D 620 16.18 23.38 34.11
CA ARG D 620 16.42 24.18 35.30
C ARG D 620 17.70 25.00 35.21
N ARG D 621 18.64 24.59 34.35
CA ARG D 621 19.88 25.32 34.14
C ARG D 621 19.77 26.40 33.09
N ILE D 622 19.02 26.15 32.01
CA ILE D 622 18.86 27.14 30.94
C ILE D 622 17.84 28.21 31.30
N SER D 623 17.06 28.00 32.35
CA SER D 623 16.00 28.94 32.72
C SER D 623 16.42 29.94 33.78
N SER D 624 17.20 29.52 34.77
CA SER D 624 17.70 30.45 35.77
C SER D 624 18.73 31.41 35.23
N GLY D 625 19.35 31.11 34.09
CA GLY D 625 20.38 31.94 33.51
C GLY D 625 19.89 33.00 32.55
N ILE D 626 18.59 33.14 32.37
CA ILE D 626 18.07 34.16 31.46
C ILE D 626 18.32 35.54 32.05
N PRO D 627 18.95 36.46 31.34
CA PRO D 627 19.13 37.81 31.86
C PRO D 627 17.87 38.64 31.68
N ARG D 628 17.61 39.48 32.65
CA ARG D 628 16.43 40.32 32.55
C ARG D 628 16.81 41.72 32.07
N PRO D 629 15.94 42.38 31.29
CA PRO D 629 16.23 43.72 30.78
C PRO D 629 16.08 44.79 31.85
N MET E 220 58.11 -37.89 -15.34
CA MET E 220 56.74 -38.42 -15.22
C MET E 220 56.14 -38.05 -13.86
N LEU E 221 54.94 -37.48 -13.89
CA LEU E 221 54.28 -36.98 -12.68
C LEU E 221 52.83 -36.60 -12.96
N PRO E 222 51.94 -36.77 -11.98
CA PRO E 222 50.54 -36.37 -12.14
C PRO E 222 50.38 -34.89 -11.84
N GLU E 223 49.12 -34.43 -11.84
CA GLU E 223 48.85 -33.00 -11.72
C GLU E 223 49.31 -32.46 -10.37
N LEU E 224 49.01 -33.16 -9.28
CA LEU E 224 49.41 -32.81 -7.91
C LEU E 224 48.81 -31.46 -7.49
N PRO E 225 48.83 -31.11 -6.20
CA PRO E 225 48.25 -29.84 -5.79
C PRO E 225 49.06 -28.61 -6.16
N PHE E 226 50.38 -28.65 -5.94
CA PHE E 226 51.21 -27.46 -6.17
C PHE E 226 52.49 -27.82 -6.91
N ALA E 227 52.36 -28.56 -8.02
CA ALA E 227 53.45 -28.79 -8.96
C ALA E 227 54.66 -29.44 -8.30
N ASP E 228 54.39 -30.38 -7.39
CA ASP E 228 55.39 -31.31 -6.87
C ASP E 228 56.49 -30.62 -6.07
N LEU E 229 56.28 -29.36 -5.70
CA LEU E 229 57.29 -28.50 -5.07
C LEU E 229 58.68 -28.72 -5.65
N ALA E 230 58.79 -28.46 -6.95
CA ALA E 230 60.04 -28.67 -7.70
C ALA E 230 60.48 -30.12 -7.62
N THR E 231 59.49 -31.02 -7.63
CA THR E 231 59.67 -32.47 -7.81
C THR E 231 60.28 -33.16 -6.61
N TRP E 232 59.94 -34.42 -6.43
CA TRP E 232 60.69 -35.34 -5.58
C TRP E 232 60.93 -36.62 -6.37
N SER E 233 61.66 -37.55 -5.74
CA SER E 233 62.09 -38.74 -6.45
C SER E 233 60.94 -39.71 -6.68
N GLU E 234 61.18 -40.66 -7.57
CA GLU E 234 60.18 -41.69 -7.84
C GLU E 234 59.87 -42.52 -6.60
N GLY E 235 60.80 -42.56 -5.65
CA GLY E 235 60.63 -43.43 -4.50
C GLY E 235 59.42 -43.09 -3.66
N GLU E 236 59.20 -41.81 -3.39
CA GLU E 236 58.11 -41.39 -2.53
C GLU E 236 56.90 -40.85 -3.30
N LEU E 237 56.94 -40.89 -4.64
CA LEU E 237 55.70 -40.66 -5.39
C LEU E 237 54.66 -41.71 -5.06
N ALA E 238 55.07 -42.98 -5.00
CA ALA E 238 54.14 -44.04 -4.62
C ALA E 238 53.78 -43.96 -3.14
N TRP E 239 54.61 -43.29 -2.34
CA TRP E 239 54.32 -43.16 -0.92
C TRP E 239 53.06 -42.34 -0.68
N LEU E 240 52.83 -41.32 -1.52
CA LEU E 240 51.64 -40.50 -1.37
C LEU E 240 50.40 -41.25 -1.85
N ARG E 241 50.57 -42.30 -2.64
CA ARG E 241 49.44 -42.97 -3.26
C ARG E 241 48.67 -43.83 -2.27
N GLU E 242 49.37 -44.55 -1.40
CA GLU E 242 48.70 -45.51 -0.53
C GLU E 242 47.82 -44.80 0.49
N PRO E 243 46.77 -45.47 0.96
CA PRO E 243 45.88 -44.85 1.95
C PRO E 243 46.62 -44.53 3.25
N LEU E 244 46.20 -43.44 3.87
CA LEU E 244 46.77 -43.02 5.16
C LEU E 244 46.11 -43.84 6.26
N ASP E 245 46.87 -44.75 6.87
CA ASP E 245 46.40 -45.46 8.04
C ASP E 245 46.97 -44.83 9.29
N PRO E 246 46.15 -44.29 10.19
CA PRO E 246 46.69 -43.60 11.36
C PRO E 246 47.32 -44.56 12.35
N ARG E 247 48.40 -45.21 11.94
CA ARG E 247 49.13 -46.15 12.77
C ARG E 247 50.62 -45.91 12.61
N ALA E 248 51.39 -46.30 13.63
CA ALA E 248 52.84 -46.27 13.66
C ALA E 248 53.37 -44.84 13.67
N PRO E 249 54.57 -44.61 14.22
CA PRO E 249 55.11 -43.24 14.25
C PRO E 249 55.29 -42.63 12.87
N ALA E 250 55.61 -43.45 11.86
CA ALA E 250 55.93 -42.91 10.54
C ALA E 250 54.80 -42.05 9.99
N ASP E 251 53.58 -42.59 10.02
CA ASP E 251 52.44 -41.82 9.53
C ASP E 251 52.14 -40.64 10.44
N GLN E 252 52.14 -40.87 11.76
CA GLN E 252 51.78 -39.83 12.70
C GLN E 252 52.80 -38.70 12.71
N ARG E 253 54.09 -39.04 12.60
CA ARG E 253 55.12 -38.00 12.64
C ARG E 253 55.03 -37.09 11.43
N TRP E 254 54.67 -37.63 10.26
CA TRP E 254 54.67 -36.82 9.05
C TRP E 254 53.64 -35.71 9.10
N VAL E 255 52.41 -36.05 9.52
CA VAL E 255 51.36 -35.04 9.55
C VAL E 255 51.68 -33.96 10.56
N ALA E 256 52.30 -34.34 11.68
CA ALA E 256 52.69 -33.34 12.68
C ALA E 256 53.68 -32.33 12.11
N GLY E 257 54.52 -32.76 11.18
CA GLY E 257 55.46 -31.84 10.56
C GLY E 257 54.89 -31.00 9.44
N LEU E 258 53.66 -31.28 9.03
CA LEU E 258 53.06 -30.53 7.94
C LEU E 258 52.73 -29.10 8.39
N PRO E 259 52.84 -28.12 7.51
CA PRO E 259 52.34 -26.76 7.80
C PRO E 259 50.84 -26.68 7.55
N LYS E 260 50.07 -27.12 8.54
CA LYS E 260 48.63 -27.22 8.39
C LYS E 260 47.99 -25.83 8.39
N ILE E 261 46.71 -25.79 8.04
CA ILE E 261 45.91 -24.57 8.06
C ILE E 261 44.46 -24.92 8.43
N GLU E 262 43.93 -24.29 9.48
CA GLU E 262 42.53 -24.44 9.82
C GLU E 262 41.79 -23.13 9.56
N LEU E 263 40.46 -23.24 9.53
CA LEU E 263 39.61 -22.08 9.26
C LEU E 263 38.39 -22.03 10.17
N HIS E 264 38.27 -22.93 11.14
CA HIS E 264 37.11 -23.00 12.02
C HIS E 264 37.62 -23.31 13.42
N CYS E 265 37.87 -22.25 14.20
CA CYS E 265 38.39 -22.39 15.55
C CYS E 265 37.78 -21.32 16.43
N HIS E 266 37.23 -21.73 17.58
CA HIS E 266 36.62 -20.81 18.52
C HIS E 266 37.59 -20.49 19.64
N LEU E 267 37.70 -19.20 19.97
CA LEU E 267 38.53 -18.79 21.09
C LEU E 267 37.97 -19.28 22.43
N GLY E 268 36.66 -19.46 22.52
CA GLY E 268 36.05 -19.88 23.76
C GLY E 268 36.08 -21.38 23.95
N GLY E 269 36.74 -22.09 23.04
CA GLY E 269 36.83 -23.54 23.13
C GLY E 269 38.26 -24.00 23.39
N PHE E 270 39.00 -23.24 24.19
CA PHE E 270 40.38 -23.55 24.52
C PHE E 270 40.58 -23.53 26.02
N ALA E 271 41.53 -24.33 26.49
CA ALA E 271 41.84 -24.46 27.92
C ALA E 271 40.58 -24.84 28.70
N THR E 272 39.78 -25.74 28.14
CA THR E 272 38.53 -26.12 28.78
C THR E 272 38.76 -26.99 30.00
N HIS E 273 39.83 -27.79 30.00
CA HIS E 273 40.05 -28.72 31.10
C HIS E 273 41.54 -28.93 31.30
N GLY E 274 41.89 -29.40 32.48
CA GLY E 274 43.26 -29.76 32.78
C GLY E 274 44.12 -28.57 33.19
N GLU E 275 45.43 -28.77 33.08
CA GLU E 275 46.39 -27.73 33.44
C GLU E 275 46.18 -26.47 32.60
N LEU E 276 45.71 -26.65 31.36
CA LEU E 276 45.48 -25.50 30.49
C LEU E 276 44.45 -24.56 31.10
N LEU E 277 43.40 -25.11 31.71
CA LEU E 277 42.44 -24.28 32.43
C LEU E 277 43.09 -23.58 33.61
N ARG E 278 43.97 -24.29 34.32
CA ARG E 278 44.56 -23.71 35.52
C ARG E 278 45.42 -22.49 35.19
N ARG E 279 46.18 -22.56 34.10
CA ARG E 279 47.08 -21.47 33.77
C ARG E 279 46.32 -20.18 33.48
N VAL E 280 45.23 -20.28 32.71
CA VAL E 280 44.47 -19.08 32.41
C VAL E 280 43.70 -18.59 33.63
N ARG E 281 43.17 -19.53 34.43
CA ARG E 281 42.32 -19.13 35.55
C ARG E 281 43.09 -18.32 36.59
N ASN E 282 44.32 -18.72 36.90
CA ASN E 282 45.08 -18.03 37.92
C ASN E 282 45.75 -16.77 37.40
N ALA E 283 45.58 -16.44 36.12
CA ALA E 283 46.19 -15.26 35.53
C ALA E 283 45.21 -14.09 35.39
N ALA E 284 44.05 -14.18 36.03
CA ALA E 284 43.09 -13.08 35.98
C ALA E 284 43.67 -11.85 36.67
N GLU E 285 43.39 -10.67 36.08
CA GLU E 285 43.98 -9.45 36.60
C GLU E 285 43.52 -9.17 38.02
N ASN E 286 42.22 -9.32 38.29
CA ASN E 286 41.74 -9.27 39.66
C ASN E 286 41.84 -10.68 40.24
N PRO E 287 42.64 -10.91 41.28
CA PRO E 287 43.03 -12.28 41.61
C PRO E 287 41.86 -13.21 41.89
N GLY E 288 41.10 -12.96 42.94
CA GLY E 288 39.89 -13.74 43.11
C GLY E 288 38.61 -12.95 43.00
N LYS E 289 37.99 -12.97 41.82
CA LYS E 289 36.64 -12.44 41.60
C LYS E 289 35.81 -13.47 40.84
N LEU E 290 36.48 -14.29 40.05
CA LEU E 290 35.82 -15.21 39.15
C LEU E 290 35.22 -16.40 39.92
N PRO E 291 34.28 -17.11 39.32
CA PRO E 291 33.70 -18.27 39.98
C PRO E 291 34.76 -19.33 40.26
N PRO E 292 34.55 -20.17 41.28
CA PRO E 292 35.60 -21.10 41.69
C PRO E 292 35.92 -22.12 40.61
N LEU E 293 36.91 -22.95 40.93
CA LEU E 293 37.33 -24.03 40.03
C LEU E 293 36.23 -25.09 39.92
N GLU E 294 35.96 -25.51 38.70
CA GLU E 294 35.17 -26.71 38.45
C GLU E 294 35.40 -27.13 37.00
N GLU E 295 35.54 -28.44 36.80
CA GLU E 295 35.79 -28.99 35.47
C GLU E 295 34.68 -29.97 35.13
N PRO E 296 33.69 -29.55 34.33
CA PRO E 296 32.62 -30.48 33.92
C PRO E 296 33.19 -31.77 33.36
N ARG E 297 32.84 -32.91 33.98
CA ARG E 297 33.46 -34.17 33.59
C ARG E 297 33.06 -34.54 32.16
N LEU E 298 34.02 -34.93 31.41
CA LEU E 298 33.88 -35.42 30.06
C LEU E 298 33.26 -36.82 30.06
N PRO E 299 32.43 -37.13 29.08
CA PRO E 299 31.79 -38.45 29.03
C PRO E 299 32.81 -39.57 28.90
N GLU E 300 32.32 -40.80 29.08
CA GLU E 300 33.17 -41.98 29.07
C GLU E 300 33.90 -42.08 27.74
N GLY E 301 35.22 -41.98 27.77
CA GLY E 301 35.99 -41.97 26.54
C GLY E 301 35.62 -40.83 25.63
N TRP E 302 35.48 -39.62 26.18
CA TRP E 302 34.99 -38.49 25.41
C TRP E 302 35.78 -38.22 24.15
N PRO E 303 37.12 -38.26 24.13
CA PRO E 303 37.81 -38.36 22.84
C PRO E 303 37.47 -39.69 22.19
N LEU E 304 36.81 -39.65 21.04
CA LEU E 304 36.28 -40.84 20.36
C LEU E 304 35.31 -41.58 21.27
N PRO E 305 34.13 -41.03 21.52
CA PRO E 305 33.15 -41.71 22.37
C PRO E 305 32.40 -42.77 21.58
N ALA E 306 31.61 -43.57 22.30
CA ALA E 306 30.80 -44.62 21.70
C ALA E 306 29.32 -44.27 21.66
N GLN E 307 28.96 -43.03 21.95
CA GLN E 307 27.55 -42.64 21.97
C GLN E 307 27.43 -41.16 21.65
N PRO E 308 26.85 -40.81 20.50
CA PRO E 308 26.70 -39.38 20.16
C PRO E 308 25.81 -38.67 21.16
N ILE E 309 26.12 -37.40 21.40
CA ILE E 309 25.39 -36.61 22.39
C ILE E 309 24.84 -35.38 21.67
N PRO E 310 23.76 -34.79 22.19
CA PRO E 310 23.18 -33.62 21.55
C PRO E 310 24.09 -32.41 21.64
N LEU E 311 23.87 -31.46 20.72
CA LEU E 311 24.70 -30.28 20.63
C LEU E 311 24.61 -29.42 21.89
N ALA E 312 23.41 -29.30 22.45
CA ALA E 312 23.22 -28.43 23.61
C ALA E 312 24.08 -28.90 24.79
N GLU E 313 24.12 -30.20 25.03
CA GLU E 313 25.00 -30.72 26.06
C GLU E 313 26.47 -30.50 25.71
N TYR E 314 26.83 -30.70 24.44
CA TYR E 314 28.22 -30.51 24.04
C TYR E 314 28.68 -29.09 24.31
N MET E 315 27.84 -28.11 23.98
CA MET E 315 28.17 -26.71 24.29
C MET E 315 28.31 -26.49 25.78
N LYS E 316 27.63 -27.31 26.59
CA LYS E 316 27.69 -27.15 28.04
C LYS E 316 29.03 -27.58 28.62
N LEU E 317 29.80 -28.39 27.91
CA LEU E 317 31.10 -28.81 28.43
C LEU E 317 32.10 -27.67 28.51
N GLY E 318 31.73 -26.44 28.17
CA GLY E 318 32.67 -25.35 28.20
C GLY E 318 32.29 -24.20 29.09
N ASN E 319 31.43 -24.45 30.08
CA ASN E 319 31.05 -23.39 31.00
C ASN E 319 32.24 -22.93 31.82
N ALA E 320 33.23 -23.79 32.01
CA ALA E 320 34.40 -23.41 32.82
C ALA E 320 35.18 -22.29 32.18
N ASN E 321 35.36 -22.34 30.86
CA ASN E 321 36.16 -21.35 30.13
C ASN E 321 35.29 -20.77 29.01
N GLY E 322 34.99 -19.48 29.12
CA GLY E 322 34.13 -18.84 28.14
C GLY E 322 33.63 -17.50 28.66
N THR E 323 32.31 -17.33 28.55
CA THR E 323 31.66 -16.08 28.93
C THR E 323 31.92 -15.74 30.39
N ALA E 324 31.84 -16.73 31.27
CA ALA E 324 32.03 -16.47 32.69
C ALA E 324 33.47 -16.11 33.01
N LEU E 325 34.43 -16.80 32.39
CA LEU E 325 35.83 -16.63 32.76
C LEU E 325 36.46 -15.43 32.08
N LEU E 326 36.35 -15.35 30.75
CA LEU E 326 37.05 -14.31 30.01
C LEU E 326 36.33 -12.98 30.14
N ARG E 327 36.23 -12.48 31.37
CA ARG E 327 35.61 -11.20 31.66
C ARG E 327 36.62 -10.12 31.96
N ASP E 328 37.73 -10.48 32.59
CA ASP E 328 38.81 -9.55 32.93
C ASP E 328 39.86 -9.58 31.82
N PRO E 329 40.34 -8.42 31.37
CA PRO E 329 41.44 -8.43 30.38
C PRO E 329 42.67 -9.17 30.83
N GLY E 330 42.90 -9.32 32.14
CA GLY E 330 44.04 -10.08 32.60
C GLY E 330 43.99 -11.53 32.14
N CYS E 331 42.84 -12.18 32.36
CA CYS E 331 42.69 -13.56 31.88
C CYS E 331 42.41 -13.62 30.39
N LEU E 332 41.69 -12.64 29.85
CA LEU E 332 41.38 -12.64 28.43
C LEU E 332 42.65 -12.54 27.60
N ARG E 333 43.57 -11.66 27.98
CA ARG E 333 44.85 -11.58 27.29
C ARG E 333 45.59 -12.90 27.42
N GLU E 334 45.59 -13.51 28.60
CA GLU E 334 46.28 -14.78 28.78
C GLU E 334 45.64 -15.88 27.95
N GLN E 335 44.31 -15.89 27.85
CA GLN E 335 43.62 -16.94 27.11
C GLN E 335 44.07 -16.97 25.66
N CYS E 336 44.12 -15.80 25.02
CA CYS E 336 44.63 -15.73 23.66
C CYS E 336 46.15 -15.62 23.61
N ARG E 337 46.81 -15.54 24.77
CA ARG E 337 48.26 -15.53 24.79
C ARG E 337 48.82 -16.88 24.38
N LEU E 338 48.29 -17.96 24.96
CA LEU E 338 48.82 -19.29 24.68
C LEU E 338 48.10 -19.99 23.52
N LEU E 339 47.04 -19.39 22.98
CA LEU E 339 46.50 -19.89 21.72
C LEU E 339 47.54 -19.81 20.62
N TYR E 340 48.24 -18.68 20.53
CA TYR E 340 49.29 -18.54 19.53
C TYR E 340 50.41 -19.53 19.78
N ARG E 341 50.76 -19.75 21.05
CA ARG E 341 51.77 -20.75 21.37
C ARG E 341 51.31 -22.14 20.94
N HIS E 342 50.05 -22.47 21.20
CA HIS E 342 49.53 -23.77 20.80
C HIS E 342 49.52 -23.91 19.28
N LEU E 343 49.09 -22.86 18.58
CA LEU E 343 49.01 -22.93 17.12
C LEU E 343 50.38 -23.10 16.49
N VAL E 344 51.36 -22.29 16.91
CA VAL E 344 52.71 -22.44 16.40
C VAL E 344 53.25 -23.81 16.74
N ASP E 345 52.94 -24.32 17.93
CA ASP E 345 53.35 -25.67 18.29
C ASP E 345 52.71 -26.71 17.38
N GLN E 346 51.49 -26.46 16.91
CA GLN E 346 50.84 -27.36 15.98
C GLN E 346 51.38 -27.25 14.56
N GLY E 347 52.22 -26.26 14.28
CA GLY E 347 52.76 -26.09 12.95
C GLY E 347 51.87 -25.36 11.98
N VAL E 348 50.70 -24.89 12.42
CA VAL E 348 49.82 -24.16 11.53
C VAL E 348 50.41 -22.80 11.22
N CYS E 349 50.32 -22.39 9.96
CA CYS E 349 50.81 -21.08 9.56
C CYS E 349 49.71 -20.03 9.59
N TYR E 350 48.56 -20.33 9.00
CA TYR E 350 47.44 -19.39 8.92
C TYR E 350 46.24 -19.98 9.65
N ALA E 351 45.66 -19.19 10.55
CA ALA E 351 44.47 -19.60 11.28
C ALA E 351 43.53 -18.41 11.40
N GLU E 352 42.25 -18.72 11.60
CA GLU E 352 41.22 -17.70 11.75
C GLU E 352 40.43 -18.03 13.01
N VAL E 353 40.89 -17.49 14.14
CA VAL E 353 40.25 -17.76 15.42
C VAL E 353 38.95 -16.96 15.51
N ARG E 354 37.86 -17.64 15.84
CA ARG E 354 36.57 -16.99 15.98
C ARG E 354 36.39 -16.48 17.41
N CYS E 355 35.67 -15.37 17.53
CA CYS E 355 35.45 -14.76 18.84
C CYS E 355 34.15 -13.97 18.81
N SER E 356 33.59 -13.77 20.01
CA SER E 356 32.37 -13.00 20.20
C SER E 356 32.60 -11.97 21.28
N PRO E 357 33.11 -10.78 20.92
CA PRO E 357 33.33 -9.75 21.94
C PRO E 357 32.07 -9.36 22.70
N ALA E 358 30.90 -9.50 22.07
CA ALA E 358 29.65 -9.17 22.76
C ALA E 358 29.45 -10.02 24.00
N ASN E 359 29.96 -11.25 24.01
CA ASN E 359 29.81 -12.11 25.18
C ASN E 359 30.61 -11.61 26.36
N TYR E 360 31.49 -10.64 26.17
CA TYR E 360 32.37 -10.15 27.22
C TYR E 360 32.17 -8.64 27.29
N ALA E 361 31.18 -8.19 28.09
CA ALA E 361 30.88 -6.77 28.19
C ALA E 361 30.22 -6.52 29.54
N GLU E 362 30.99 -5.97 30.48
CA GLU E 362 30.45 -5.57 31.77
C GLU E 362 30.63 -4.07 32.01
N VAL E 363 31.85 -3.56 31.89
CA VAL E 363 32.11 -2.14 31.95
C VAL E 363 32.72 -1.63 30.65
N ARG E 364 33.65 -2.38 30.07
CA ARG E 364 34.25 -2.01 28.80
C ARG E 364 33.35 -2.44 27.64
N SER E 365 33.47 -1.72 26.54
CA SER E 365 32.62 -1.95 25.38
C SER E 365 32.99 -3.27 24.70
N PRO E 366 32.08 -3.82 23.90
CA PRO E 366 32.48 -4.93 23.02
C PRO E 366 33.63 -4.57 22.11
N TRP E 367 33.69 -3.31 21.66
CA TRP E 367 34.84 -2.87 20.87
C TRP E 367 36.12 -2.95 21.70
N ASP E 368 36.03 -2.66 22.99
CA ASP E 368 37.21 -2.74 23.85
C ASP E 368 37.77 -4.15 23.87
N VAL E 369 36.90 -5.15 24.00
CA VAL E 369 37.36 -6.54 24.03
C VAL E 369 38.00 -6.92 22.71
N LEU E 370 37.36 -6.55 21.59
CA LEU E 370 37.91 -6.90 20.29
C LEU E 370 39.27 -6.24 20.07
N ALA E 371 39.41 -4.98 20.47
CA ALA E 371 40.71 -4.33 20.39
C ALA E 371 41.72 -5.02 21.30
N ASP E 372 41.28 -5.49 22.46
CA ASP E 372 42.19 -6.21 23.35
C ASP E 372 42.69 -7.50 22.70
N ILE E 373 41.80 -8.23 22.04
CA ILE E 373 42.21 -9.49 21.40
C ILE E 373 43.20 -9.23 20.28
N ARG E 374 42.92 -8.24 19.44
CA ARG E 374 43.81 -7.95 18.31
C ARG E 374 45.21 -7.57 18.81
N ALA E 375 45.28 -6.75 19.85
CA ALA E 375 46.59 -6.33 20.37
C ALA E 375 47.35 -7.53 20.93
N ALA E 376 46.65 -8.43 21.61
CA ALA E 376 47.32 -9.57 22.23
C ALA E 376 47.96 -10.47 21.18
N PHE E 377 47.26 -10.73 20.08
CA PHE E 377 47.85 -11.53 19.02
C PHE E 377 49.08 -10.87 18.44
N GLN E 378 49.04 -9.56 18.23
CA GLN E 378 50.21 -8.86 17.74
C GLN E 378 51.39 -9.02 18.68
N GLU E 379 51.14 -8.92 19.98
CA GLU E 379 52.19 -9.18 20.96
C GLU E 379 52.74 -10.59 20.80
N CYS E 380 51.84 -11.58 20.66
CA CYS E 380 52.28 -12.93 20.37
C CYS E 380 52.93 -13.01 18.99
N MET E 381 52.35 -12.33 18.01
CA MET E 381 52.88 -12.39 16.66
C MET E 381 54.23 -11.68 16.53
N GLU E 382 54.46 -10.63 17.31
CA GLU E 382 55.75 -9.97 17.29
C GLU E 382 56.77 -10.66 18.17
N GLY E 383 56.33 -11.31 19.25
CA GLY E 383 57.26 -12.01 20.12
C GLY E 383 57.94 -13.18 19.41
N ALA E 384 57.21 -13.87 18.53
CA ALA E 384 57.74 -15.00 17.78
C ALA E 384 58.00 -14.62 16.33
N ARG E 385 58.51 -13.42 16.08
CA ARG E 385 58.70 -12.92 14.72
C ARG E 385 59.86 -13.70 14.08
N THR E 386 59.54 -14.92 13.66
CA THR E 386 60.53 -15.86 13.14
C THR E 386 59.93 -16.57 11.93
N ALA E 387 60.55 -17.70 11.54
CA ALA E 387 60.15 -18.60 10.46
C ALA E 387 60.54 -18.04 9.09
N PRO E 388 60.67 -18.89 8.07
CA PRO E 388 61.10 -18.39 6.74
C PRO E 388 60.23 -17.29 6.17
N GLY E 389 60.76 -16.57 5.19
CA GLY E 389 60.06 -15.46 4.57
C GLY E 389 60.45 -14.12 5.16
N GLY E 390 59.47 -13.25 5.36
CA GLY E 390 59.71 -11.98 6.03
C GLY E 390 59.68 -12.14 7.53
N LEU E 391 60.01 -13.35 7.99
CA LEU E 391 60.00 -13.77 9.39
C LEU E 391 58.62 -13.52 10.02
N PRO E 392 57.53 -14.02 9.44
CA PRO E 392 56.19 -13.73 9.99
C PRO E 392 55.62 -14.80 10.91
N ALA E 393 56.29 -15.95 11.06
CA ALA E 393 55.81 -17.05 11.88
C ALA E 393 54.41 -17.50 11.49
N CYS E 394 53.46 -17.36 12.43
CA CYS E 394 52.08 -17.76 12.22
C CYS E 394 51.18 -16.55 12.21
N HIS E 395 50.24 -16.51 11.27
CA HIS E 395 49.31 -15.41 11.12
C HIS E 395 47.92 -15.87 11.54
N VAL E 396 47.29 -15.10 12.43
CA VAL E 396 45.97 -15.43 12.94
C VAL E 396 45.04 -14.25 12.68
N ASN E 397 43.84 -14.54 12.16
CA ASN E 397 42.82 -13.53 11.93
C ASN E 397 41.63 -13.80 12.84
N LEU E 398 40.62 -12.95 12.73
CA LEU E 398 39.46 -13.02 13.59
C LEU E 398 38.19 -13.08 12.75
N ILE E 399 37.25 -13.91 13.19
CA ILE E 399 35.93 -14.02 12.58
C ILE E 399 34.91 -13.90 13.71
N LEU E 400 34.07 -12.87 13.65
CA LEU E 400 33.14 -12.59 14.73
C LEU E 400 31.92 -13.49 14.62
N ILE E 401 31.72 -14.35 15.61
CA ILE E 401 30.67 -15.37 15.58
C ILE E 401 29.49 -14.87 16.42
N ALA E 402 28.57 -14.18 15.76
CA ALA E 402 27.21 -13.89 16.23
C ALA E 402 27.25 -13.27 17.64
N THR E 403 26.14 -13.41 18.37
CA THR E 403 26.05 -12.95 19.75
C THR E 403 25.62 -14.03 20.72
N ARG E 404 25.19 -15.20 20.24
CA ARG E 404 24.79 -16.32 21.08
C ARG E 404 23.66 -15.93 22.02
N ARG E 405 23.99 -15.17 23.07
CA ARG E 405 23.02 -14.77 24.07
C ARG E 405 21.99 -13.81 23.50
N ALA E 406 20.78 -14.31 23.27
CA ALA E 406 19.66 -13.50 22.81
C ALA E 406 18.72 -13.23 23.98
N SER E 407 19.04 -12.21 24.77
CA SER E 407 18.24 -11.89 25.95
C SER E 407 16.99 -11.11 25.56
N GLY E 408 16.15 -11.70 24.71
CA GLY E 408 14.87 -11.14 24.35
C GLY E 408 14.91 -10.14 23.21
N ASP E 409 16.09 -9.65 22.84
CA ASP E 409 16.23 -8.70 21.74
C ASP E 409 17.33 -9.23 20.82
N TYR E 410 16.94 -10.09 19.87
CA TYR E 410 17.89 -10.76 19.01
C TYR E 410 18.23 -9.98 17.76
N ARG E 411 17.22 -9.34 17.13
CA ARG E 411 17.48 -8.55 15.94
C ARG E 411 18.42 -7.38 16.23
N ALA E 412 18.27 -6.76 17.39
CA ALA E 412 19.21 -5.71 17.77
C ALA E 412 20.62 -6.26 17.93
N ALA E 413 20.75 -7.42 18.58
CA ALA E 413 22.07 -7.97 18.84
C ALA E 413 22.79 -8.31 17.54
N ILE E 414 22.08 -8.93 16.59
CA ILE E 414 22.73 -9.27 15.33
C ILE E 414 23.09 -8.01 14.56
N ALA E 415 22.27 -6.97 14.65
CA ALA E 415 22.61 -5.70 14.01
C ALA E 415 23.84 -5.08 14.66
N ARG E 416 23.91 -5.10 15.99
CA ARG E 416 25.08 -4.57 16.67
C ARG E 416 26.33 -5.35 16.31
N HIS E 417 26.22 -6.68 16.26
CA HIS E 417 27.40 -7.52 16.01
C HIS E 417 27.95 -7.30 14.62
N LEU E 418 27.07 -7.29 13.61
CA LEU E 418 27.54 -7.15 12.23
C LEU E 418 28.26 -5.83 12.02
N ALA E 419 27.71 -4.74 12.57
CA ALA E 419 28.33 -3.44 12.39
C ALA E 419 29.63 -3.30 13.17
N LEU E 420 29.81 -4.09 14.23
CA LEU E 420 31.07 -4.07 14.95
C LEU E 420 32.22 -4.50 14.06
N ALA E 421 32.02 -5.56 13.28
CA ALA E 421 33.08 -6.05 12.40
C ALA E 421 33.43 -5.02 11.34
N VAL E 422 32.41 -4.37 10.76
CA VAL E 422 32.64 -3.43 9.67
C VAL E 422 33.54 -2.30 10.14
N THR E 423 33.26 -1.76 11.32
CA THR E 423 34.14 -0.74 11.89
C THR E 423 35.53 -1.29 12.14
N ALA E 424 35.61 -2.50 12.69
CA ALA E 424 36.91 -3.09 12.99
C ALA E 424 37.70 -3.38 11.72
N ALA E 425 37.02 -3.89 10.69
CA ALA E 425 37.71 -4.22 9.44
C ALA E 425 38.34 -2.97 8.82
N GLU E 426 37.60 -1.87 8.79
CA GLU E 426 38.14 -0.63 8.28
C GLU E 426 39.22 -0.08 9.21
N HIS E 427 39.08 -0.34 10.52
CA HIS E 427 40.07 0.17 11.46
C HIS E 427 41.45 -0.46 11.24
N TRP E 428 41.48 -1.75 10.93
CA TRP E 428 42.74 -2.45 10.69
C TRP E 428 42.77 -2.91 9.23
N ARG E 429 43.35 -2.07 8.37
CA ARG E 429 43.54 -2.40 6.96
C ARG E 429 45.01 -2.57 6.61
N ASP E 430 45.85 -2.87 7.60
CA ASP E 430 47.28 -3.00 7.37
C ASP E 430 47.59 -4.22 6.54
N GLU E 431 48.81 -4.24 5.99
CA GLU E 431 49.18 -5.25 5.00
C GLU E 431 49.17 -6.65 5.59
N ASN E 432 50.04 -6.92 6.56
CA ASN E 432 50.22 -8.26 7.12
C ASN E 432 50.23 -8.17 8.64
N ALA E 433 49.05 -8.28 9.25
CA ALA E 433 48.92 -8.38 10.69
C ALA E 433 47.51 -8.86 11.01
N CYS E 434 47.30 -9.23 12.26
CA CYS E 434 46.00 -9.75 12.67
C CYS E 434 44.91 -8.71 12.43
N ARG E 435 43.82 -9.15 11.82
CA ARG E 435 42.70 -8.27 11.53
C ARG E 435 41.47 -9.11 11.25
N VAL E 436 40.30 -8.55 11.56
CA VAL E 436 39.05 -9.23 11.27
C VAL E 436 38.87 -9.30 9.76
N VAL E 437 38.54 -10.49 9.26
CA VAL E 437 38.45 -10.72 7.83
C VAL E 437 37.05 -11.10 7.37
N GLY E 438 36.17 -11.51 8.26
CA GLY E 438 34.82 -11.85 7.85
C GLY E 438 33.97 -12.23 9.03
N VAL E 439 32.66 -12.31 8.78
CA VAL E 439 31.69 -12.67 9.78
C VAL E 439 31.01 -13.98 9.37
N ASP E 440 30.35 -14.61 10.34
CA ASP E 440 29.59 -15.84 10.12
C ASP E 440 28.30 -15.80 10.92
N LEU E 441 27.24 -15.28 10.32
CA LEU E 441 25.95 -15.26 10.99
C LEU E 441 25.40 -16.68 11.06
N ALA E 442 24.91 -17.05 12.24
CA ALA E 442 24.41 -18.40 12.50
C ALA E 442 22.88 -18.41 12.53
N GLY E 443 22.26 -17.66 11.62
CA GLY E 443 20.86 -17.33 11.75
C GLY E 443 19.92 -18.51 11.87
N TYR E 444 19.46 -18.72 13.10
CA TYR E 444 18.45 -19.70 13.46
C TYR E 444 17.50 -19.06 14.46
N GLU E 445 17.07 -17.84 14.15
CA GLU E 445 16.53 -16.90 15.12
C GLU E 445 15.22 -17.43 15.73
N ASP E 446 14.67 -16.63 16.64
CA ASP E 446 13.42 -16.97 17.31
C ASP E 446 12.33 -17.29 16.29
N GLU E 447 12.34 -16.61 15.16
CA GLU E 447 11.46 -16.90 14.04
C GLU E 447 12.20 -17.66 12.94
N LYS E 448 13.09 -18.58 13.35
CA LYS E 448 13.88 -19.39 12.43
C LYS E 448 14.67 -18.53 11.46
N THR E 449 14.19 -18.41 10.23
CA THR E 449 14.87 -17.63 9.21
C THR E 449 14.93 -16.15 9.60
N ARG E 450 16.13 -15.68 9.93
CA ARG E 450 16.34 -14.25 10.17
C ARG E 450 16.75 -13.51 8.90
N ALA E 451 17.17 -14.25 7.87
CA ALA E 451 17.62 -13.61 6.63
C ALA E 451 16.48 -12.93 5.91
N HIS E 452 15.23 -13.29 6.24
CA HIS E 452 14.09 -12.59 5.66
C HIS E 452 14.14 -11.11 5.98
N TYR E 453 14.66 -10.77 7.16
CA TYR E 453 14.94 -9.38 7.52
C TYR E 453 16.42 -9.04 7.40
N PHE E 454 17.31 -10.03 7.50
CA PHE E 454 18.74 -9.78 7.50
C PHE E 454 19.31 -9.64 6.10
N ARG E 455 18.50 -9.77 5.06
CA ARG E 455 19.01 -9.61 3.69
C ARG E 455 19.58 -8.22 3.47
N GLU E 456 18.90 -7.19 4.00
CA GLU E 456 19.39 -5.83 3.87
C GLU E 456 20.68 -5.63 4.66
N GLU E 457 20.72 -6.12 5.90
CA GLU E 457 21.92 -5.97 6.72
C GLU E 457 23.10 -6.69 6.10
N PHE E 458 22.88 -7.91 5.61
CA PHE E 458 23.97 -8.68 5.01
C PHE E 458 24.53 -7.97 3.78
N THR E 459 23.66 -7.26 3.05
CA THR E 459 24.12 -6.52 1.88
C THR E 459 25.12 -5.44 2.26
N ALA E 460 24.86 -4.74 3.36
CA ALA E 460 25.73 -3.63 3.77
C ALA E 460 27.13 -4.14 4.11
N VAL E 461 27.22 -5.18 4.93
CA VAL E 461 28.53 -5.69 5.33
C VAL E 461 29.25 -6.33 4.16
N HIS E 462 28.50 -6.97 3.25
CA HIS E 462 29.12 -7.63 2.11
C HIS E 462 29.78 -6.62 1.18
N ARG E 463 29.12 -5.49 0.96
CA ARG E 463 29.65 -4.48 0.05
C ARG E 463 30.93 -3.86 0.60
N CYS E 464 30.98 -3.59 1.91
CA CYS E 464 32.17 -2.96 2.49
C CYS E 464 33.40 -3.84 2.37
N GLY E 465 33.20 -5.15 2.32
CA GLY E 465 34.31 -6.09 2.37
C GLY E 465 33.90 -7.30 3.18
N LEU E 466 34.86 -7.94 3.84
CA LEU E 466 34.59 -9.06 4.74
C LEU E 466 34.06 -10.26 3.98
N ALA E 467 34.08 -11.43 4.62
CA ALA E 467 33.56 -12.64 4.00
C ALA E 467 32.53 -13.28 4.92
N VAL E 468 31.39 -13.63 4.35
CA VAL E 468 30.32 -14.30 5.09
C VAL E 468 30.53 -15.80 4.98
N THR E 469 30.69 -16.45 6.13
CA THR E 469 30.97 -17.88 6.21
C THR E 469 29.95 -18.57 7.11
N VAL E 470 28.67 -18.31 6.82
CA VAL E 470 27.56 -18.94 7.54
C VAL E 470 27.79 -20.44 7.64
N HIS E 471 27.60 -20.97 8.84
CA HIS E 471 27.71 -22.41 9.09
C HIS E 471 26.31 -22.97 9.31
N ALA E 472 26.03 -24.12 8.67
CA ALA E 472 24.69 -24.69 8.74
C ALA E 472 24.45 -25.36 10.09
N GLY E 473 25.24 -26.39 10.39
CA GLY E 473 25.13 -27.05 11.68
C GLY E 473 23.79 -27.72 11.90
N GLU E 474 22.95 -27.10 12.73
CA GLU E 474 21.71 -27.70 13.19
C GLU E 474 20.76 -28.01 12.04
N ASN E 475 20.07 -29.14 12.17
CA ASN E 475 18.87 -29.51 11.40
C ASN E 475 19.04 -29.36 9.88
N ASP E 476 20.28 -29.35 9.40
CA ASP E 476 20.54 -29.31 7.96
C ASP E 476 19.77 -28.19 7.28
N ASP E 477 18.58 -28.50 6.76
CA ASP E 477 17.74 -27.56 6.04
C ASP E 477 18.41 -27.15 4.73
N ALA E 478 18.69 -28.13 3.87
CA ALA E 478 19.31 -27.89 2.57
C ALA E 478 18.54 -26.84 1.79
N GLU E 479 17.21 -26.82 1.95
CA GLU E 479 16.41 -25.76 1.34
C GLU E 479 16.85 -24.39 1.82
N GLY E 480 17.09 -24.26 3.13
CA GLY E 480 17.64 -23.02 3.64
C GLY E 480 19.05 -22.77 3.15
N ILE E 481 19.84 -23.84 2.97
CA ILE E 481 21.21 -23.69 2.48
C ILE E 481 21.19 -23.05 1.09
N TRP E 482 20.28 -23.50 0.23
CA TRP E 482 20.07 -22.83 -1.05
C TRP E 482 19.82 -21.34 -0.83
N ARG E 483 18.93 -21.01 0.10
CA ARG E 483 18.64 -19.62 0.41
C ARG E 483 19.84 -18.94 1.05
N ALA E 484 20.59 -19.67 1.88
CA ALA E 484 21.72 -19.08 2.58
C ALA E 484 22.90 -18.84 1.64
N VAL E 485 23.19 -19.82 0.77
CA VAL E 485 24.40 -19.73 -0.05
C VAL E 485 24.29 -18.57 -1.04
N PHE E 486 23.14 -18.43 -1.69
CA PHE E 486 23.02 -17.47 -2.79
C PHE E 486 22.66 -16.07 -2.29
N ASP E 487 21.53 -15.95 -1.58
CA ASP E 487 21.04 -14.64 -1.19
C ASP E 487 22.03 -13.94 -0.25
N LEU E 488 22.58 -14.68 0.71
CA LEU E 488 23.57 -14.11 1.62
C LEU E 488 24.96 -14.06 1.01
N ASN E 489 25.16 -14.70 -0.14
CA ASN E 489 26.45 -14.74 -0.82
C ASN E 489 27.54 -15.27 0.11
N ALA E 490 27.21 -16.36 0.80
CA ALA E 490 28.17 -17.00 1.69
C ALA E 490 29.34 -17.56 0.89
N ARG E 491 30.53 -17.46 1.48
CA ARG E 491 31.76 -17.91 0.82
C ARG E 491 32.31 -19.21 1.37
N ARG E 492 31.91 -19.60 2.58
CA ARG E 492 32.45 -20.82 3.20
C ARG E 492 31.38 -21.41 4.10
N LEU E 493 30.73 -22.47 3.65
CA LEU E 493 29.73 -23.13 4.47
C LEU E 493 30.37 -23.83 5.66
N GLY E 494 29.55 -24.13 6.66
CA GLY E 494 30.05 -24.81 7.84
C GLY E 494 29.87 -26.31 7.77
N HIS E 495 29.27 -26.89 8.82
CA HIS E 495 29.10 -28.34 8.91
C HIS E 495 27.96 -28.78 7.99
N ALA E 496 28.22 -28.66 6.68
CA ALA E 496 27.27 -29.11 5.66
C ALA E 496 27.48 -30.60 5.42
N LEU E 497 27.14 -31.39 6.45
CA LEU E 497 27.46 -32.81 6.43
C LEU E 497 26.71 -33.54 5.33
N SER E 498 25.43 -33.25 5.18
CA SER E 498 24.58 -33.99 4.25
C SER E 498 24.33 -33.15 3.01
N LEU E 499 24.87 -33.60 1.88
CA LEU E 499 24.60 -33.00 0.58
C LEU E 499 24.30 -34.01 -0.51
N GLY E 500 24.48 -35.31 -0.25
CA GLY E 500 24.24 -36.30 -1.28
C GLY E 500 22.78 -36.37 -1.71
N GLN E 501 21.86 -36.29 -0.74
CA GLN E 501 20.43 -36.34 -1.07
C GLN E 501 19.98 -35.14 -1.89
N SER E 502 20.72 -34.04 -1.87
CA SER E 502 20.47 -32.89 -2.73
C SER E 502 21.58 -32.86 -3.77
N ARG E 503 21.38 -33.63 -4.85
CA ARG E 503 22.43 -33.84 -5.83
C ARG E 503 22.81 -32.53 -6.52
N GLU E 504 21.81 -31.74 -6.91
CA GLU E 504 22.10 -30.50 -7.62
C GLU E 504 22.77 -29.48 -6.72
N LEU E 505 22.43 -29.47 -5.42
CA LEU E 505 23.05 -28.52 -4.51
C LEU E 505 24.55 -28.77 -4.38
N LEU E 506 24.95 -30.04 -4.27
CA LEU E 506 26.36 -30.35 -4.16
C LEU E 506 27.12 -29.93 -5.41
N ARG E 507 26.52 -30.12 -6.58
CA ARG E 507 27.20 -29.78 -7.82
C ARG E 507 27.48 -28.28 -7.91
N SER E 508 26.51 -27.46 -7.53
CA SER E 508 26.71 -26.01 -7.55
C SER E 508 27.81 -25.60 -6.58
N VAL E 509 27.79 -26.15 -5.37
CA VAL E 509 28.85 -25.86 -4.42
C VAL E 509 30.18 -26.42 -4.90
N ALA E 510 30.14 -27.57 -5.58
CA ALA E 510 31.37 -28.09 -6.17
C ALA E 510 31.87 -27.18 -7.28
N ASP E 511 30.97 -26.67 -8.11
CA ASP E 511 31.38 -25.83 -9.24
C ASP E 511 31.82 -24.45 -8.77
N ARG E 512 30.91 -23.69 -8.18
CA ARG E 512 31.24 -22.38 -7.63
C ARG E 512 32.06 -22.59 -6.36
N GLY E 513 33.17 -21.87 -6.24
CA GLY E 513 34.02 -22.06 -5.09
C GLY E 513 33.37 -21.62 -3.79
N ILE E 514 32.92 -22.59 -2.99
CA ILE E 514 32.45 -22.34 -1.63
C ILE E 514 32.99 -23.46 -0.76
N GLY E 515 33.78 -23.11 0.24
CA GLY E 515 34.34 -24.10 1.13
C GLY E 515 33.30 -24.71 2.03
N VAL E 516 33.56 -25.94 2.46
CA VAL E 516 32.71 -26.67 3.39
C VAL E 516 33.60 -27.08 4.55
N GLU E 517 33.63 -26.26 5.61
CA GLU E 517 34.45 -26.57 6.76
C GLU E 517 33.94 -27.82 7.45
N LEU E 518 34.87 -28.65 7.91
CA LEU E 518 34.52 -29.89 8.60
C LEU E 518 35.36 -30.02 9.86
N CYS E 519 34.77 -30.64 10.88
CA CYS E 519 35.45 -30.90 12.14
C CYS E 519 35.18 -32.34 12.54
N PRO E 520 36.08 -33.26 12.18
CA PRO E 520 35.79 -34.69 12.39
C PRO E 520 35.53 -35.06 13.84
N TYR E 521 36.34 -34.56 14.77
CA TYR E 521 36.13 -34.89 16.18
C TYR E 521 34.78 -34.39 16.66
N ALA E 522 34.44 -33.14 16.33
CA ALA E 522 33.14 -32.61 16.71
C ALA E 522 32.01 -33.40 16.08
N ASN E 523 32.15 -33.73 14.79
CA ASN E 523 31.16 -34.56 14.13
C ASN E 523 31.05 -35.93 14.79
N LEU E 524 32.20 -36.53 15.13
CA LEU E 524 32.19 -37.81 15.83
C LEU E 524 31.56 -37.68 17.21
N GLN E 525 31.80 -36.55 17.87
CA GLN E 525 31.22 -36.34 19.20
C GLN E 525 29.73 -36.00 19.11
N ILE E 526 29.29 -35.38 18.02
CA ILE E 526 27.89 -35.05 17.87
C ILE E 526 27.13 -36.18 17.18
N LYS E 527 27.70 -36.78 16.15
CA LYS E 527 27.08 -37.87 15.42
C LYS E 527 27.96 -39.11 15.48
N GLY E 528 27.33 -40.28 15.45
CA GLY E 528 28.07 -41.52 15.55
C GLY E 528 29.01 -41.78 14.41
N PHE E 529 28.45 -41.97 13.21
CA PHE E 529 29.17 -42.16 11.96
C PHE E 529 29.86 -43.52 11.88
N ARG E 530 29.86 -44.26 12.99
CA ARG E 530 30.34 -45.64 13.05
C ARG E 530 31.66 -45.82 12.30
N LEU E 531 32.69 -45.15 12.82
CA LEU E 531 34.02 -45.26 12.23
C LEU E 531 34.49 -46.70 12.23
N ASP E 532 35.03 -47.13 11.08
CA ASP E 532 35.49 -48.50 10.86
C ASP E 532 34.38 -49.51 11.19
N GLY E 533 33.29 -49.41 10.44
CA GLY E 533 32.16 -50.32 10.60
C GLY E 533 31.46 -50.18 11.94
N PRO E 549 22.76 -41.80 10.94
CA PRO E 549 23.59 -41.19 9.91
C PRO E 549 24.42 -42.23 9.15
N GLY E 550 24.83 -41.89 7.93
CA GLY E 550 25.60 -42.77 7.10
C GLY E 550 27.09 -42.56 7.26
N PRO E 551 27.85 -42.88 6.22
CA PRO E 551 29.30 -42.72 6.30
C PRO E 551 29.71 -41.25 6.25
N TYR E 552 30.92 -41.00 6.72
CA TYR E 552 31.45 -39.64 6.70
C TYR E 552 31.62 -39.19 5.26
N PRO E 553 31.15 -37.99 4.90
CA PRO E 553 31.14 -37.57 3.50
C PRO E 553 32.41 -36.90 3.00
N LEU E 554 33.49 -36.93 3.77
CA LEU E 554 34.70 -36.20 3.38
C LEU E 554 35.25 -36.73 2.06
N LEU E 555 35.43 -38.05 1.95
CA LEU E 555 35.93 -38.62 0.71
C LEU E 555 34.96 -38.40 -0.43
N ASP E 556 33.66 -38.59 -0.17
CA ASP E 556 32.67 -38.38 -1.22
C ASP E 556 32.67 -36.94 -1.69
N TYR E 557 32.78 -35.99 -0.76
CA TYR E 557 32.89 -34.59 -1.15
C TYR E 557 34.15 -34.34 -1.94
N LEU E 558 35.27 -34.92 -1.51
CA LEU E 558 36.52 -34.76 -2.24
C LEU E 558 36.45 -35.39 -3.62
N ARG E 559 35.82 -36.57 -3.72
CA ARG E 559 35.70 -37.23 -5.01
C ARG E 559 34.91 -36.38 -6.00
N GLU E 560 33.82 -35.77 -5.53
CA GLU E 560 33.02 -34.93 -6.41
C GLU E 560 33.77 -33.67 -6.83
N GLY E 561 34.68 -33.20 -5.96
CA GLY E 561 35.48 -32.04 -6.27
C GLY E 561 35.15 -30.79 -5.48
N VAL E 562 34.15 -30.81 -4.60
CA VAL E 562 33.87 -29.65 -3.77
C VAL E 562 35.00 -29.46 -2.77
N ARG E 563 35.48 -28.22 -2.65
CA ARG E 563 36.63 -27.93 -1.81
C ARG E 563 36.20 -27.91 -0.35
N VAL E 564 36.56 -28.96 0.38
CA VAL E 564 36.23 -29.09 1.80
C VAL E 564 37.52 -29.04 2.60
N THR E 565 37.40 -28.65 3.86
CA THR E 565 38.55 -28.47 4.73
C THR E 565 38.30 -29.18 6.06
N VAL E 566 39.38 -29.63 6.68
CA VAL E 566 39.32 -30.23 8.01
C VAL E 566 39.72 -29.16 9.03
N ASN E 567 38.90 -29.00 10.07
CA ASN E 567 39.17 -27.98 11.07
C ASN E 567 39.09 -28.55 12.48
N THR E 568 39.17 -27.67 13.49
CA THR E 568 39.27 -28.10 14.88
C THR E 568 38.03 -27.78 15.70
N ASP E 569 37.19 -26.85 15.26
CA ASP E 569 36.09 -26.34 16.08
C ASP E 569 36.62 -25.85 17.42
N ASN E 570 36.29 -26.55 18.49
CA ASN E 570 36.75 -26.20 19.82
C ASN E 570 37.80 -27.21 20.26
N ILE E 571 39.03 -26.73 20.47
CA ILE E 571 40.09 -27.63 20.92
C ILE E 571 39.79 -28.17 22.31
N GLY E 572 39.46 -27.28 23.24
CA GLY E 572 39.25 -27.70 24.61
C GLY E 572 38.03 -28.59 24.78
N ILE E 573 36.91 -28.19 24.16
CA ILE E 573 35.68 -28.96 24.32
C ILE E 573 35.83 -30.35 23.72
N SER E 574 36.40 -30.44 22.53
CA SER E 574 36.63 -31.73 21.91
C SER E 574 37.85 -32.44 22.46
N ALA E 575 38.71 -31.74 23.19
CA ALA E 575 39.91 -32.33 23.79
C ALA E 575 40.77 -33.01 22.72
N ALA E 576 40.85 -32.39 21.56
CA ALA E 576 41.63 -32.94 20.46
C ALA E 576 42.29 -31.82 19.69
N SER E 577 43.57 -32.00 19.36
CA SER E 577 44.29 -31.04 18.56
C SER E 577 43.97 -31.22 17.08
N LEU E 578 44.44 -30.28 16.26
CA LEU E 578 44.23 -30.38 14.82
C LEU E 578 44.91 -31.60 14.25
N THR E 579 46.14 -31.89 14.69
CA THR E 579 46.83 -33.08 14.21
C THR E 579 46.03 -34.33 14.52
N ASP E 580 45.37 -34.37 15.67
CA ASP E 580 44.45 -35.45 15.95
C ASP E 580 43.28 -35.44 14.96
N ASN E 581 42.80 -34.25 14.61
CA ASN E 581 41.64 -34.15 13.72
C ASN E 581 41.94 -34.79 12.36
N LEU E 582 43.10 -34.47 11.79
CA LEU E 582 43.45 -35.01 10.48
C LEU E 582 43.66 -36.52 10.55
N LEU E 583 44.40 -36.98 11.57
CA LEU E 583 44.63 -38.41 11.72
C LEU E 583 43.33 -39.16 11.93
N LEU E 584 42.44 -38.63 12.77
CA LEU E 584 41.15 -39.26 12.97
C LEU E 584 40.28 -39.16 11.74
N ALA E 585 40.49 -38.14 10.90
CA ALA E 585 39.67 -37.99 9.70
C ALA E 585 39.82 -39.19 8.77
N ALA E 586 41.05 -39.70 8.63
CA ALA E 586 41.26 -40.87 7.79
C ALA E 586 40.51 -42.08 8.33
N ARG E 587 40.53 -42.26 9.65
CA ARG E 587 39.87 -43.42 10.24
C ARG E 587 38.36 -43.37 10.02
N LEU E 588 37.77 -42.17 9.98
CA LEU E 588 36.34 -42.05 9.73
C LEU E 588 35.95 -42.47 8.32
N CYS E 589 36.92 -42.54 7.40
CA CYS E 589 36.63 -42.97 6.04
C CYS E 589 37.84 -43.73 5.51
N PRO E 590 37.84 -45.05 5.64
CA PRO E 590 38.96 -45.83 5.08
C PRO E 590 39.12 -45.58 3.58
N GLY E 591 40.22 -44.94 3.20
CA GLY E 591 40.44 -44.61 1.81
C GLY E 591 41.18 -43.30 1.60
N LEU E 592 41.32 -42.50 2.65
CA LEU E 592 42.09 -41.26 2.53
C LEU E 592 43.55 -41.60 2.26
N THR E 593 44.02 -41.28 1.06
CA THR E 593 45.41 -41.50 0.74
C THR E 593 46.27 -40.44 1.40
N ARG E 594 47.58 -40.66 1.37
CA ARG E 594 48.52 -39.68 1.92
C ARG E 594 48.51 -38.37 1.15
N LEU E 595 48.05 -38.38 -0.10
CA LEU E 595 47.99 -37.19 -0.91
C LEU E 595 46.72 -36.39 -0.74
N ASP E 596 45.64 -37.02 -0.28
CA ASP E 596 44.38 -36.30 -0.07
C ASP E 596 44.55 -35.19 0.95
N LEU E 597 45.29 -35.47 2.04
CA LEU E 597 45.51 -34.45 3.05
C LEU E 597 46.17 -33.21 2.48
N LEU E 598 47.00 -33.37 1.45
CA LEU E 598 47.52 -32.20 0.75
C LEU E 598 46.40 -31.42 0.09
N HIS E 599 45.43 -32.12 -0.52
CA HIS E 599 44.28 -31.44 -1.08
C HIS E 599 43.48 -30.72 -0.01
N LEU E 600 43.33 -31.35 1.16
CA LEU E 600 42.66 -30.68 2.27
C LEU E 600 43.38 -29.39 2.65
N GLN E 601 44.71 -29.44 2.72
CA GLN E 601 45.46 -28.21 2.94
C GLN E 601 45.39 -27.29 1.73
N ARG E 602 45.31 -27.86 0.52
CA ARG E 602 45.13 -27.05 -0.67
C ARG E 602 43.81 -26.29 -0.61
N HIS E 603 42.71 -27.01 -0.36
CA HIS E 603 41.40 -26.38 -0.33
C HIS E 603 41.32 -25.31 0.76
N ALA E 604 42.06 -25.49 1.86
CA ALA E 604 42.07 -24.48 2.89
C ALA E 604 42.66 -23.17 2.40
N LEU E 605 43.63 -23.24 1.49
CA LEU E 605 44.28 -22.02 1.02
C LEU E 605 43.34 -21.16 0.18
N GLU E 606 42.65 -21.77 -0.79
CA GLU E 606 41.72 -20.99 -1.62
C GLU E 606 40.56 -20.47 -0.80
N THR E 607 40.04 -21.29 0.12
CA THR E 607 38.91 -20.88 0.95
C THR E 607 39.31 -19.93 2.06
N ALA E 608 40.60 -19.70 2.27
CA ALA E 608 41.05 -18.79 3.31
C ALA E 608 40.64 -17.36 2.98
N PHE E 609 40.28 -16.62 4.02
CA PHE E 609 39.88 -15.21 3.88
C PHE E 609 41.15 -14.38 4.04
N CYS E 610 41.84 -14.16 2.93
CA CYS E 610 43.10 -13.43 2.95
C CYS E 610 43.30 -12.75 1.60
N THR E 611 44.14 -11.73 1.60
CA THR E 611 44.47 -11.03 0.37
C THR E 611 45.30 -11.93 -0.55
N ALA E 612 45.09 -11.76 -1.85
CA ALA E 612 45.75 -12.64 -2.82
C ALA E 612 47.26 -12.52 -2.75
N THR E 613 47.76 -11.32 -2.44
CA THR E 613 49.21 -11.13 -2.36
C THR E 613 49.81 -12.01 -1.27
N GLN E 614 49.17 -12.08 -0.10
CA GLN E 614 49.67 -12.93 0.95
C GLN E 614 49.36 -14.40 0.70
N ARG E 615 48.25 -14.69 0.03
CA ARG E 615 47.89 -16.08 -0.25
C ARG E 615 48.96 -16.76 -1.09
N LEU E 616 49.55 -16.02 -2.03
CA LEU E 616 50.67 -16.58 -2.80
C LEU E 616 51.85 -16.88 -1.88
N THR E 617 52.15 -15.98 -0.94
CA THR E 617 53.20 -16.25 0.02
C THR E 617 52.85 -17.45 0.89
N LEU E 618 51.59 -17.57 1.29
CA LEU E 618 51.14 -18.77 1.98
C LEU E 618 51.32 -20.00 1.11
N LEU E 619 51.02 -19.87 -0.18
CA LEU E 619 51.26 -20.98 -1.11
C LEU E 619 52.74 -21.33 -1.17
N ARG E 620 53.61 -20.32 -1.18
CA ARG E 620 55.04 -20.58 -1.18
C ARG E 620 55.45 -21.32 0.09
N ARG E 621 54.90 -20.91 1.24
CA ARG E 621 55.19 -21.61 2.48
C ARG E 621 54.68 -23.05 2.42
N ILE E 622 53.48 -23.25 1.86
CA ILE E 622 52.99 -24.60 1.63
C ILE E 622 53.84 -25.33 0.60
N SER E 623 54.31 -24.62 -0.43
CA SER E 623 55.19 -25.20 -1.44
C SER E 623 56.52 -25.66 -0.87
N SER E 624 56.74 -25.47 0.43
CA SER E 624 57.91 -26.00 1.11
C SER E 624 57.48 -26.45 2.49
N GLY E 625 58.45 -26.79 3.33
CA GLY E 625 58.15 -27.12 4.71
C GLY E 625 57.35 -28.37 4.92
N ILE E 626 57.13 -29.16 3.86
CA ILE E 626 56.46 -30.45 3.97
C ILE E 626 57.53 -31.52 3.91
N PRO E 627 57.54 -32.47 4.83
CA PRO E 627 58.69 -33.39 4.93
C PRO E 627 58.56 -34.61 4.03
N ARG E 628 59.56 -34.82 3.18
CA ARG E 628 59.66 -36.07 2.44
C ARG E 628 60.03 -37.19 3.39
N PRO E 629 59.27 -38.28 3.46
CA PRO E 629 59.56 -39.40 4.36
C PRO E 629 60.86 -40.13 3.98
N LEU F 221 62.66 -22.22 -10.10
CA LEU F 221 62.91 -22.81 -8.79
C LEU F 221 61.65 -22.82 -7.91
N PRO F 222 60.97 -21.67 -7.71
CA PRO F 222 59.80 -21.67 -6.83
C PRO F 222 58.55 -22.20 -7.52
N GLU F 223 57.42 -22.13 -6.84
CA GLU F 223 56.18 -22.62 -7.41
C GLU F 223 55.75 -21.77 -8.61
N LEU F 224 54.94 -22.38 -9.47
CA LEU F 224 54.51 -21.77 -10.72
C LEU F 224 53.27 -22.51 -11.20
N PRO F 225 52.46 -21.90 -12.09
CA PRO F 225 51.07 -22.36 -12.25
C PRO F 225 50.91 -23.84 -12.61
N PHE F 226 51.51 -24.28 -13.71
CA PHE F 226 51.32 -25.65 -14.15
C PHE F 226 52.37 -26.57 -13.54
N ALA F 227 52.17 -27.87 -13.68
CA ALA F 227 53.03 -28.88 -13.07
C ALA F 227 54.20 -29.26 -13.97
N ASP F 228 53.94 -29.56 -15.24
CA ASP F 228 55.01 -29.96 -16.15
C ASP F 228 56.01 -28.85 -16.39
N LEU F 229 55.67 -27.60 -16.07
CA LEU F 229 56.65 -26.52 -16.18
C LEU F 229 57.81 -26.76 -15.23
N ALA F 230 57.53 -27.21 -14.00
CA ALA F 230 58.58 -27.52 -13.04
C ALA F 230 59.43 -28.70 -13.49
N THR F 231 58.90 -29.58 -14.35
CA THR F 231 59.70 -30.67 -14.87
C THR F 231 60.84 -30.15 -15.74
N TRP F 232 60.68 -28.98 -16.33
CA TRP F 232 61.70 -28.44 -17.22
C TRP F 232 62.97 -28.14 -16.45
N SER F 233 64.10 -28.21 -17.15
CA SER F 233 65.39 -27.93 -16.53
C SER F 233 65.53 -26.43 -16.27
N GLU F 234 66.55 -26.09 -15.48
CA GLU F 234 66.80 -24.70 -15.13
C GLU F 234 67.04 -23.85 -16.37
N GLY F 235 67.56 -24.45 -17.44
CA GLY F 235 67.76 -23.70 -18.67
C GLY F 235 66.47 -23.17 -19.24
N GLU F 236 65.41 -23.97 -19.22
CA GLU F 236 64.12 -23.51 -19.71
C GLU F 236 63.59 -22.36 -18.87
N LEU F 237 63.65 -22.49 -17.55
CA LEU F 237 63.10 -21.46 -16.67
C LEU F 237 63.75 -20.11 -16.91
N ALA F 238 65.00 -20.10 -17.39
CA ALA F 238 65.62 -18.85 -17.79
C ALA F 238 64.85 -18.21 -18.95
N TRP F 239 64.45 -19.02 -19.93
CA TRP F 239 63.58 -18.54 -20.99
C TRP F 239 62.19 -18.21 -20.49
N LEU F 240 61.82 -18.71 -19.31
CA LEU F 240 60.48 -18.44 -18.80
C LEU F 240 60.34 -17.02 -18.28
N ARG F 241 61.23 -16.63 -17.36
CA ARG F 241 61.13 -15.31 -16.72
C ARG F 241 61.84 -14.28 -17.58
N GLU F 242 61.19 -13.89 -18.67
CA GLU F 242 61.70 -12.86 -19.56
C GLU F 242 60.56 -12.35 -20.41
N PRO F 243 60.59 -11.08 -20.82
CA PRO F 243 59.49 -10.54 -21.63
C PRO F 243 59.57 -11.06 -23.06
N LEU F 244 58.42 -11.45 -23.60
CA LEU F 244 58.37 -12.13 -24.89
C LEU F 244 58.19 -11.12 -26.00
N ASP F 245 59.03 -11.21 -27.03
CA ASP F 245 58.90 -10.32 -28.16
C ASP F 245 57.83 -10.85 -29.11
N PRO F 246 56.74 -10.12 -29.33
CA PRO F 246 55.74 -10.57 -30.31
C PRO F 246 56.30 -10.66 -31.72
N ARG F 247 57.24 -9.77 -32.07
CA ARG F 247 57.79 -9.76 -33.42
C ARG F 247 58.76 -10.90 -33.65
N ALA F 248 59.22 -11.55 -32.59
CA ALA F 248 60.17 -12.65 -32.74
C ALA F 248 59.48 -13.85 -33.38
N PRO F 249 60.01 -14.39 -34.49
CA PRO F 249 59.37 -15.55 -35.10
C PRO F 249 59.33 -16.77 -34.20
N ALA F 250 60.35 -16.97 -33.36
CA ALA F 250 60.33 -18.11 -32.45
C ALA F 250 59.20 -17.99 -31.44
N ASP F 251 59.00 -16.79 -30.89
CA ASP F 251 57.90 -16.58 -29.94
C ASP F 251 56.56 -16.82 -30.60
N GLN F 252 56.39 -16.31 -31.82
CA GLN F 252 55.12 -16.49 -32.52
C GLN F 252 54.81 -17.96 -32.74
N ARG F 253 55.82 -18.73 -33.14
CA ARG F 253 55.63 -20.17 -33.29
C ARG F 253 55.36 -20.84 -31.95
N TRP F 254 55.87 -20.27 -30.86
CA TRP F 254 55.68 -20.86 -29.54
C TRP F 254 54.21 -20.85 -29.15
N VAL F 255 53.61 -19.66 -29.10
CA VAL F 255 52.22 -19.53 -28.68
C VAL F 255 51.28 -20.18 -29.67
N ALA F 256 51.68 -20.32 -30.93
CA ALA F 256 50.81 -20.94 -31.92
C ALA F 256 50.48 -22.37 -31.53
N GLY F 257 51.47 -23.12 -31.09
CA GLY F 257 51.24 -24.47 -30.60
C GLY F 257 50.77 -24.57 -29.18
N LEU F 258 50.67 -23.45 -28.48
CA LEU F 258 50.29 -23.47 -27.08
C LEU F 258 48.84 -23.90 -26.93
N PRO F 259 48.55 -24.91 -26.10
CA PRO F 259 47.16 -25.35 -25.90
C PRO F 259 46.36 -24.36 -25.06
N LYS F 260 45.89 -23.31 -25.74
CA LYS F 260 45.18 -22.22 -25.10
C LYS F 260 43.67 -22.46 -25.13
N ILE F 261 42.96 -21.78 -24.24
CA ILE F 261 41.51 -21.83 -24.19
C ILE F 261 40.99 -20.41 -24.08
N GLU F 262 39.84 -20.18 -24.72
CA GLU F 262 39.26 -18.85 -24.80
C GLU F 262 37.80 -18.89 -24.39
N LEU F 263 37.29 -17.74 -23.98
CA LEU F 263 35.96 -17.63 -23.38
C LEU F 263 35.01 -16.76 -24.19
N HIS F 264 35.47 -15.60 -24.66
CA HIS F 264 34.58 -14.58 -25.22
C HIS F 264 34.62 -14.66 -26.75
N CYS F 265 33.65 -15.34 -27.32
CA CYS F 265 33.39 -15.35 -28.75
C CYS F 265 31.96 -14.88 -29.01
N HIS F 266 31.59 -14.82 -30.29
CA HIS F 266 30.26 -14.35 -30.64
C HIS F 266 29.60 -15.13 -31.77
N LEU F 267 30.25 -16.19 -32.27
CA LEU F 267 29.69 -17.01 -33.35
C LEU F 267 29.37 -16.16 -34.58
N GLY F 268 28.36 -15.31 -34.47
CA GLY F 268 27.92 -14.50 -35.59
C GLY F 268 29.00 -13.64 -36.19
N GLY F 269 30.02 -13.31 -35.41
CA GLY F 269 31.15 -12.57 -35.92
C GLY F 269 32.32 -13.46 -36.31
N PHE F 270 32.03 -14.62 -36.89
CA PHE F 270 33.10 -15.54 -37.27
C PHE F 270 33.73 -15.16 -38.59
N ALA F 271 32.95 -15.18 -39.67
CA ALA F 271 33.43 -14.88 -41.00
C ALA F 271 32.84 -13.57 -41.47
N THR F 272 33.68 -12.69 -42.02
CA THR F 272 33.21 -11.39 -42.45
C THR F 272 33.67 -11.05 -43.86
N HIS F 273 34.76 -11.65 -44.30
CA HIS F 273 35.32 -11.36 -45.62
C HIS F 273 36.03 -12.61 -46.14
N GLY F 274 36.65 -12.49 -47.30
CA GLY F 274 37.55 -13.49 -47.81
C GLY F 274 36.91 -14.83 -48.10
N GLU F 275 37.74 -15.86 -48.25
CA GLU F 275 37.24 -17.20 -48.53
C GLU F 275 36.34 -17.71 -47.42
N LEU F 276 36.50 -17.19 -46.21
CA LEU F 276 35.66 -17.63 -45.11
C LEU F 276 34.19 -17.31 -45.37
N LEU F 277 33.90 -16.11 -45.89
CA LEU F 277 32.53 -15.74 -46.18
C LEU F 277 31.99 -16.53 -47.37
N ARG F 278 32.78 -16.60 -48.45
CA ARG F 278 32.33 -17.35 -49.62
C ARG F 278 32.11 -18.82 -49.28
N ARG F 279 32.87 -19.35 -48.33
CA ARG F 279 32.70 -20.75 -47.93
C ARG F 279 31.30 -20.98 -47.37
N VAL F 280 30.80 -20.03 -46.59
CA VAL F 280 29.48 -20.20 -46.01
C VAL F 280 28.40 -19.63 -46.93
N ARG F 281 28.73 -18.62 -47.73
CA ARG F 281 27.74 -17.99 -48.60
C ARG F 281 27.17 -18.99 -49.60
N ASN F 282 28.05 -19.80 -50.21
CA ASN F 282 27.58 -20.78 -51.19
C ASN F 282 27.05 -22.05 -50.53
N ALA F 283 27.13 -22.16 -49.20
CA ALA F 283 26.69 -23.34 -48.49
C ALA F 283 25.24 -23.24 -48.04
N ALA F 284 24.49 -22.27 -48.56
CA ALA F 284 23.09 -22.13 -48.19
C ALA F 284 22.28 -23.29 -48.74
N GLU F 285 21.14 -23.54 -48.11
CA GLU F 285 20.27 -24.63 -48.48
C GLU F 285 19.13 -24.23 -49.42
N ASN F 286 18.92 -22.93 -49.61
CA ASN F 286 17.88 -22.47 -50.51
C ASN F 286 18.12 -21.02 -50.90
N PRO F 287 19.20 -20.71 -51.62
CA PRO F 287 19.47 -19.31 -51.92
C PRO F 287 18.52 -18.74 -52.95
N GLY F 288 17.52 -18.00 -52.46
CA GLY F 288 16.65 -17.23 -53.32
C GLY F 288 16.49 -15.84 -52.76
N LYS F 289 16.89 -15.69 -51.49
CA LYS F 289 16.67 -14.45 -50.74
C LYS F 289 17.92 -14.03 -49.98
N LEU F 290 19.05 -14.67 -50.21
CA LEU F 290 20.28 -14.28 -49.52
C LEU F 290 20.67 -12.86 -49.93
N PRO F 291 20.97 -11.99 -48.98
CA PRO F 291 21.31 -10.61 -49.33
C PRO F 291 22.58 -10.55 -50.14
N PRO F 292 22.78 -9.47 -50.90
CA PRO F 292 23.98 -9.37 -51.74
C PRO F 292 25.27 -9.25 -50.93
N LEU F 293 26.38 -9.04 -51.64
CA LEU F 293 27.72 -9.19 -51.07
C LEU F 293 28.37 -7.85 -50.74
N GLU F 294 27.61 -6.89 -50.23
CA GLU F 294 28.15 -5.58 -49.89
C GLU F 294 29.02 -5.69 -48.63
N GLU F 295 30.18 -6.31 -48.82
CA GLU F 295 31.13 -6.45 -47.72
C GLU F 295 31.58 -5.08 -47.26
N PRO F 296 31.39 -4.74 -45.99
CA PRO F 296 31.74 -3.40 -45.51
C PRO F 296 33.23 -3.13 -45.65
N ARG F 297 33.56 -1.87 -45.95
CA ARG F 297 34.96 -1.49 -46.14
C ARG F 297 35.58 -1.22 -44.78
N LEU F 298 36.38 -2.16 -44.31
CA LEU F 298 37.08 -2.05 -43.04
C LEU F 298 38.07 -0.89 -43.09
N PRO F 299 38.27 -0.19 -41.97
CA PRO F 299 39.17 0.97 -41.96
C PRO F 299 40.60 0.58 -42.26
N GLU F 300 41.36 1.53 -42.81
CA GLU F 300 42.73 1.27 -43.22
C GLU F 300 43.56 0.82 -42.02
N GLY F 301 44.39 -0.19 -42.26
CA GLY F 301 45.15 -0.79 -41.18
C GLY F 301 44.27 -1.30 -40.06
N TRP F 302 43.17 -1.97 -40.44
CA TRP F 302 42.14 -2.32 -39.46
C TRP F 302 42.68 -3.09 -38.25
N PRO F 303 43.53 -4.11 -38.41
CA PRO F 303 44.29 -4.58 -37.24
C PRO F 303 45.29 -3.49 -36.86
N LEU F 304 45.20 -3.03 -35.61
CA LEU F 304 45.91 -1.84 -35.17
C LEU F 304 45.48 -0.65 -36.01
N PRO F 305 44.24 -0.17 -35.86
CA PRO F 305 43.77 0.95 -36.67
C PRO F 305 44.44 2.26 -36.27
N ALA F 306 44.24 3.26 -37.11
CA ALA F 306 44.91 4.55 -36.91
C ALA F 306 44.47 5.20 -35.60
N GLN F 307 43.16 5.20 -35.33
CA GLN F 307 42.64 5.83 -34.13
C GLN F 307 41.30 5.18 -33.80
N PRO F 308 40.87 5.25 -32.53
CA PRO F 308 39.69 4.48 -32.10
C PRO F 308 38.45 4.81 -32.90
N ILE F 309 37.60 3.80 -33.10
CA ILE F 309 36.35 3.96 -33.83
C ILE F 309 35.18 3.70 -32.88
N PRO F 310 34.01 4.27 -33.13
CA PRO F 310 32.88 4.04 -32.22
C PRO F 310 32.40 2.59 -32.25
N LEU F 311 31.80 2.18 -31.14
CA LEU F 311 31.29 0.83 -31.01
C LEU F 311 30.18 0.55 -32.02
N ALA F 312 29.30 1.52 -32.24
CA ALA F 312 28.22 1.33 -33.20
C ALA F 312 28.76 1.06 -34.59
N GLU F 313 29.80 1.79 -34.99
CA GLU F 313 30.46 1.50 -36.26
C GLU F 313 31.10 0.12 -36.23
N TYR F 314 31.72 -0.24 -35.10
CA TYR F 314 32.35 -1.56 -34.98
C TYR F 314 31.33 -2.67 -35.15
N MET F 315 30.19 -2.56 -34.46
CA MET F 315 29.15 -3.56 -34.60
C MET F 315 28.56 -3.55 -36.01
N LYS F 316 28.40 -2.36 -36.59
CA LYS F 316 27.89 -2.26 -37.95
C LYS F 316 28.82 -2.97 -38.93
N LEU F 317 30.13 -2.86 -38.71
CA LEU F 317 31.11 -3.57 -39.53
C LEU F 317 30.85 -5.06 -39.44
N GLY F 318 31.08 -5.78 -40.52
CA GLY F 318 30.76 -7.18 -40.59
C GLY F 318 29.29 -7.48 -40.65
N ASN F 319 28.47 -6.59 -41.21
CA ASN F 319 27.05 -6.80 -41.36
C ASN F 319 26.72 -7.88 -42.37
N ALA F 320 27.71 -8.38 -43.10
CA ALA F 320 27.46 -9.38 -44.14
C ALA F 320 26.84 -10.65 -43.57
N ASN F 321 27.29 -11.10 -42.41
CA ASN F 321 26.69 -12.24 -41.74
C ASN F 321 26.18 -11.82 -40.37
N GLY F 322 25.46 -12.73 -39.73
CA GLY F 322 24.71 -12.41 -38.52
C GLY F 322 23.25 -12.63 -38.81
N THR F 323 22.42 -11.61 -38.58
CA THR F 323 21.05 -11.67 -39.06
C THR F 323 20.94 -11.24 -40.52
N ALA F 324 21.80 -11.79 -41.37
CA ALA F 324 21.71 -11.62 -42.82
C ALA F 324 21.68 -12.95 -43.54
N LEU F 325 22.57 -13.87 -43.19
CA LEU F 325 22.65 -15.17 -43.83
C LEU F 325 22.55 -16.34 -42.86
N LEU F 326 22.74 -16.12 -41.56
CA LEU F 326 22.54 -17.20 -40.60
C LEU F 326 21.07 -17.57 -40.44
N ARG F 327 20.15 -16.74 -40.93
CA ARG F 327 18.73 -17.08 -40.87
C ARG F 327 18.44 -18.35 -41.66
N ASP F 328 19.23 -18.63 -42.69
CA ASP F 328 19.05 -19.87 -43.43
C ASP F 328 19.55 -21.05 -42.61
N PRO F 329 18.72 -22.07 -42.39
CA PRO F 329 19.17 -23.19 -41.54
C PRO F 329 20.42 -23.88 -42.06
N GLY F 330 20.52 -24.08 -43.38
CA GLY F 330 21.72 -24.69 -43.92
C GLY F 330 22.93 -23.79 -43.80
N CYS F 331 22.75 -22.49 -44.04
CA CYS F 331 23.87 -21.57 -44.00
C CYS F 331 24.45 -21.46 -42.60
N LEU F 332 23.58 -21.39 -41.58
CA LEU F 332 24.06 -21.31 -40.21
C LEU F 332 24.84 -22.55 -39.83
N ARG F 333 24.41 -23.71 -40.31
CA ARG F 333 25.11 -24.96 -39.99
C ARG F 333 26.55 -24.91 -40.45
N GLU F 334 26.78 -24.41 -41.66
CA GLU F 334 28.14 -24.26 -42.15
C GLU F 334 28.93 -23.26 -41.31
N GLN F 335 28.30 -22.14 -40.95
CA GLN F 335 29.01 -21.07 -40.24
C GLN F 335 29.56 -21.56 -38.92
N CYS F 336 28.76 -22.31 -38.15
CA CYS F 336 29.22 -22.76 -36.85
C CYS F 336 30.22 -23.90 -36.98
N ARG F 337 29.98 -24.85 -37.89
CA ARG F 337 30.92 -25.95 -38.06
C ARG F 337 32.24 -25.45 -38.63
N LEU F 338 32.20 -24.43 -39.47
CA LEU F 338 33.44 -23.82 -39.95
C LEU F 338 34.20 -23.16 -38.81
N LEU F 339 33.49 -22.60 -37.83
CA LEU F 339 34.15 -22.02 -36.68
C LEU F 339 34.92 -23.08 -35.90
N TYR F 340 34.33 -24.27 -35.77
CA TYR F 340 35.00 -25.34 -35.03
C TYR F 340 36.32 -25.73 -35.68
N ARG F 341 36.33 -25.85 -37.01
CA ARG F 341 37.58 -26.15 -37.69
C ARG F 341 38.53 -24.97 -37.65
N HIS F 342 38.01 -23.76 -37.43
CA HIS F 342 38.89 -22.63 -37.18
C HIS F 342 39.52 -22.71 -35.79
N LEU F 343 38.95 -23.53 -34.90
CA LEU F 343 39.49 -23.64 -33.55
C LEU F 343 40.60 -24.68 -33.48
N VAL F 344 40.40 -25.85 -34.07
CA VAL F 344 41.35 -26.95 -33.90
C VAL F 344 42.71 -26.57 -34.48
N ASP F 345 42.72 -25.86 -35.60
CA ASP F 345 43.97 -25.39 -36.17
C ASP F 345 44.46 -24.11 -35.50
N GLN F 346 43.66 -23.51 -34.64
CA GLN F 346 44.08 -22.38 -33.82
C GLN F 346 44.64 -22.83 -32.48
N GLY F 347 44.58 -24.13 -32.19
CA GLY F 347 45.12 -24.66 -30.95
C GLY F 347 44.22 -24.53 -29.75
N VAL F 348 43.00 -24.01 -29.92
CA VAL F 348 42.12 -23.80 -28.77
C VAL F 348 41.65 -25.15 -28.25
N CYS F 349 41.82 -25.36 -26.95
CA CYS F 349 41.42 -26.64 -26.35
C CYS F 349 39.97 -26.62 -25.89
N TYR F 350 39.51 -25.48 -25.38
CA TYR F 350 38.17 -25.37 -24.83
C TYR F 350 37.61 -24.01 -25.18
N ALA F 351 36.32 -23.98 -25.55
CA ALA F 351 35.71 -22.75 -26.00
C ALA F 351 34.31 -22.62 -25.41
N GLU F 352 33.86 -21.37 -25.31
CA GLU F 352 32.54 -21.02 -24.80
C GLU F 352 31.90 -19.99 -25.72
N VAL F 353 31.87 -20.30 -27.02
CA VAL F 353 31.30 -19.41 -28.01
C VAL F 353 29.89 -18.98 -27.60
N ARG F 354 29.58 -17.71 -27.80
CA ARG F 354 28.33 -17.10 -27.35
C ARG F 354 27.42 -16.91 -28.56
N CYS F 355 26.17 -17.36 -28.43
CA CYS F 355 25.22 -17.32 -29.53
C CYS F 355 23.90 -16.71 -29.06
N SER F 356 23.17 -16.13 -30.01
CA SER F 356 21.86 -15.50 -29.75
C SER F 356 20.84 -16.08 -30.71
N PRO F 357 20.26 -17.24 -30.38
CA PRO F 357 19.31 -17.88 -31.30
C PRO F 357 18.12 -17.02 -31.66
N ALA F 358 17.65 -16.17 -30.74
CA ALA F 358 16.49 -15.33 -31.05
C ALA F 358 16.74 -14.46 -32.26
N ASN F 359 17.98 -14.01 -32.44
CA ASN F 359 18.31 -13.19 -33.61
C ASN F 359 18.14 -13.99 -34.89
N TYR F 360 18.61 -15.24 -34.91
CA TYR F 360 18.62 -16.04 -36.13
C TYR F 360 17.36 -16.88 -36.26
N ALA F 361 16.20 -16.25 -36.16
CA ALA F 361 14.94 -16.98 -36.28
C ALA F 361 13.86 -16.00 -36.76
N GLU F 362 13.26 -16.30 -37.90
CA GLU F 362 12.17 -15.50 -38.43
C GLU F 362 10.87 -16.28 -38.52
N VAL F 363 10.91 -17.50 -39.06
CA VAL F 363 9.75 -18.37 -39.08
C VAL F 363 9.93 -19.60 -38.20
N ARG F 364 11.12 -20.20 -38.18
CA ARG F 364 11.38 -21.29 -37.27
C ARG F 364 11.64 -20.75 -35.86
N SER F 365 11.38 -21.60 -34.88
CA SER F 365 11.42 -21.21 -33.48
C SER F 365 12.86 -20.99 -33.02
N PRO F 366 13.07 -20.12 -32.03
CA PRO F 366 14.42 -19.97 -31.46
C PRO F 366 14.98 -21.26 -30.90
N TRP F 367 14.13 -22.09 -30.29
CA TRP F 367 14.61 -23.37 -29.77
C TRP F 367 15.13 -24.25 -30.89
N ASP F 368 14.51 -24.17 -32.07
CA ASP F 368 15.04 -24.89 -33.22
C ASP F 368 16.44 -24.40 -33.57
N VAL F 369 16.65 -23.08 -33.50
CA VAL F 369 17.95 -22.52 -33.82
C VAL F 369 19.01 -23.04 -32.86
N LEU F 370 18.71 -22.98 -31.56
CA LEU F 370 19.65 -23.52 -30.58
C LEU F 370 19.81 -25.03 -30.75
N ALA F 371 18.75 -25.72 -31.15
CA ALA F 371 18.86 -27.15 -31.41
C ALA F 371 19.82 -27.43 -32.54
N ASP F 372 19.74 -26.65 -33.62
CA ASP F 372 20.66 -26.84 -34.73
C ASP F 372 22.08 -26.43 -34.35
N ILE F 373 22.23 -25.34 -33.61
CA ILE F 373 23.56 -24.88 -33.23
C ILE F 373 24.26 -25.94 -32.38
N ARG F 374 23.56 -26.49 -31.40
CA ARG F 374 24.15 -27.53 -30.56
C ARG F 374 24.44 -28.78 -31.38
N ALA F 375 23.51 -29.19 -32.23
CA ALA F 375 23.71 -30.40 -33.01
C ALA F 375 24.89 -30.27 -33.96
N ALA F 376 25.01 -29.11 -34.61
CA ALA F 376 26.11 -28.91 -35.56
C ALA F 376 27.46 -28.96 -34.87
N PHE F 377 27.59 -28.32 -33.70
CA PHE F 377 28.80 -28.46 -32.92
C PHE F 377 29.03 -29.90 -32.52
N GLN F 378 27.98 -30.58 -32.07
CA GLN F 378 28.13 -31.97 -31.63
C GLN F 378 28.61 -32.85 -32.77
N GLU F 379 27.96 -32.77 -33.93
CA GLU F 379 28.40 -33.58 -35.06
C GLU F 379 29.80 -33.18 -35.52
N CYS F 380 30.16 -31.91 -35.36
CA CYS F 380 31.51 -31.46 -35.66
C CYS F 380 32.51 -31.96 -34.63
N MET F 381 32.05 -32.44 -33.49
CA MET F 381 32.91 -33.09 -32.51
C MET F 381 32.47 -34.51 -32.19
N GLU F 382 31.47 -35.04 -32.90
CA GLU F 382 31.12 -36.45 -32.74
C GLU F 382 32.21 -37.33 -33.35
N GLY F 383 32.63 -37.02 -34.56
CA GLY F 383 33.63 -37.81 -35.25
C GLY F 383 35.01 -37.21 -35.16
N ALA F 384 35.10 -35.88 -35.27
CA ALA F 384 36.39 -35.22 -35.16
C ALA F 384 37.00 -35.43 -33.78
N ARG F 385 36.18 -35.35 -32.73
CA ARG F 385 36.63 -35.62 -31.37
C ARG F 385 36.42 -37.09 -31.08
N THR F 386 37.44 -37.90 -31.40
CA THR F 386 37.38 -39.31 -31.07
C THR F 386 37.30 -39.53 -29.57
N ALA F 387 37.84 -38.60 -28.79
CA ALA F 387 37.91 -38.71 -27.33
C ALA F 387 38.49 -40.04 -26.86
N PRO F 388 39.70 -40.41 -27.31
CA PRO F 388 40.36 -41.61 -26.78
C PRO F 388 41.20 -41.27 -25.55
N GLY F 389 40.61 -40.54 -24.62
CA GLY F 389 41.38 -40.02 -23.51
C GLY F 389 41.85 -38.61 -23.80
N GLY F 390 43.07 -38.50 -24.31
CA GLY F 390 43.71 -37.20 -24.47
C GLY F 390 43.30 -36.38 -25.68
N LEU F 391 42.47 -36.93 -26.58
CA LEU F 391 42.10 -36.22 -27.82
C LEU F 391 40.59 -36.20 -28.05
N PRO F 392 39.82 -35.52 -27.19
CA PRO F 392 38.45 -35.17 -27.58
C PRO F 392 38.41 -33.86 -28.35
N ALA F 393 39.35 -33.68 -29.26
CA ALA F 393 39.50 -32.47 -30.10
C ALA F 393 39.34 -31.24 -29.20
N CYS F 394 38.62 -30.22 -29.65
CA CYS F 394 38.32 -29.05 -28.85
C CYS F 394 36.88 -29.16 -28.36
N HIS F 395 36.70 -29.17 -27.04
CA HIS F 395 35.38 -29.25 -26.44
C HIS F 395 34.80 -27.85 -26.29
N VAL F 396 33.62 -27.63 -26.83
CA VAL F 396 33.01 -26.32 -26.85
C VAL F 396 31.70 -26.36 -26.07
N ASN F 397 31.35 -25.19 -25.51
CA ASN F 397 30.05 -25.02 -24.87
C ASN F 397 29.36 -23.80 -25.43
N LEU F 398 28.18 -23.48 -24.94
CA LEU F 398 27.37 -22.40 -25.48
C LEU F 398 26.96 -21.45 -24.36
N ILE F 399 27.07 -20.16 -24.61
CA ILE F 399 26.58 -19.13 -23.71
C ILE F 399 25.52 -18.35 -24.46
N LEU F 400 24.30 -18.34 -23.92
CA LEU F 400 23.20 -17.60 -24.52
C LEU F 400 23.40 -16.11 -24.27
N ILE F 401 23.85 -15.39 -25.29
CA ILE F 401 24.03 -13.95 -25.19
C ILE F 401 22.69 -13.27 -25.41
N ALA F 402 22.46 -12.17 -24.71
CA ALA F 402 21.21 -11.44 -24.86
C ALA F 402 21.11 -10.87 -26.27
N THR F 403 19.93 -11.01 -26.88
CA THR F 403 19.71 -10.45 -28.20
C THR F 403 19.65 -8.94 -28.14
N ARG F 404 19.89 -8.31 -29.29
CA ARG F 404 19.95 -6.87 -29.37
C ARG F 404 18.53 -6.30 -29.37
N ARG F 405 18.42 -4.99 -29.61
CA ARG F 405 17.13 -4.31 -29.54
C ARG F 405 16.22 -4.69 -30.71
N ALA F 406 15.37 -5.68 -30.48
CA ALA F 406 14.37 -6.02 -31.48
C ALA F 406 13.28 -4.96 -31.53
N SER F 407 12.50 -4.98 -32.60
CA SER F 407 11.42 -4.01 -32.77
C SER F 407 10.26 -4.36 -31.84
N GLY F 408 10.29 -3.84 -30.63
CA GLY F 408 9.27 -4.13 -29.64
C GLY F 408 9.87 -4.06 -28.26
N ASP F 409 9.11 -4.57 -27.28
CA ASP F 409 9.55 -4.54 -25.90
C ASP F 409 10.68 -5.54 -25.68
N TYR F 410 11.77 -5.07 -25.08
CA TYR F 410 12.90 -5.93 -24.78
C TYR F 410 12.66 -6.79 -23.55
N ARG F 411 11.68 -6.44 -22.72
CA ARG F 411 11.42 -7.24 -21.53
C ARG F 411 11.00 -8.65 -21.90
N ALA F 412 10.17 -8.79 -22.94
CA ALA F 412 9.78 -10.11 -23.40
C ALA F 412 10.99 -10.89 -23.91
N ALA F 413 11.90 -10.21 -24.62
CA ALA F 413 13.10 -10.87 -25.11
C ALA F 413 13.95 -11.38 -23.95
N ILE F 414 14.16 -10.54 -22.93
CA ILE F 414 14.97 -10.94 -21.79
C ILE F 414 14.33 -12.12 -21.09
N ALA F 415 13.01 -12.06 -20.87
CA ALA F 415 12.32 -13.17 -20.23
C ALA F 415 12.44 -14.44 -21.08
N ARG F 416 12.21 -14.30 -22.39
CA ARG F 416 12.32 -15.47 -23.27
C ARG F 416 13.77 -15.96 -23.35
N HIS F 417 14.72 -15.02 -23.38
CA HIS F 417 16.12 -15.41 -23.43
C HIS F 417 16.51 -16.27 -22.24
N LEU F 418 16.20 -15.80 -21.03
CA LEU F 418 16.49 -16.59 -19.84
C LEU F 418 15.70 -17.89 -19.85
N ALA F 419 14.43 -17.84 -20.24
CA ALA F 419 13.62 -19.05 -20.30
C ALA F 419 14.20 -20.05 -21.29
N LEU F 420 14.69 -19.57 -22.42
CA LEU F 420 15.33 -20.46 -23.39
C LEU F 420 16.57 -21.11 -22.80
N ALA F 421 17.38 -20.32 -22.09
CA ALA F 421 18.62 -20.86 -21.54
C ALA F 421 18.34 -21.88 -20.44
N VAL F 422 17.38 -21.61 -19.57
CA VAL F 422 17.17 -22.47 -18.41
C VAL F 422 16.76 -23.87 -18.86
N THR F 423 15.80 -23.95 -19.77
CA THR F 423 15.37 -25.26 -20.25
C THR F 423 16.46 -25.94 -21.05
N ALA F 424 17.29 -25.17 -21.75
CA ALA F 424 18.37 -25.76 -22.54
C ALA F 424 19.39 -26.44 -21.64
N ALA F 425 19.72 -25.82 -20.51
CA ALA F 425 20.70 -26.39 -19.61
C ALA F 425 20.24 -27.74 -19.05
N GLU F 426 18.93 -27.94 -18.96
CA GLU F 426 18.37 -29.17 -18.42
C GLU F 426 17.90 -30.11 -19.52
N HIS F 427 18.20 -29.80 -20.77
CA HIS F 427 17.90 -30.70 -21.86
C HIS F 427 19.10 -31.50 -22.33
N TRP F 428 20.28 -30.89 -22.36
CA TRP F 428 21.53 -31.59 -22.63
C TRP F 428 22.30 -31.63 -21.32
N ARG F 429 22.00 -32.63 -20.50
CA ARG F 429 22.53 -32.70 -19.15
C ARG F 429 23.84 -33.48 -19.06
N ASP F 430 24.25 -34.14 -20.14
CA ASP F 430 25.52 -34.86 -20.14
C ASP F 430 26.69 -33.88 -20.20
N GLU F 431 27.87 -34.38 -19.90
CA GLU F 431 29.08 -33.56 -19.85
C GLU F 431 29.96 -33.72 -21.07
N ASN F 432 30.05 -34.92 -21.63
CA ASN F 432 30.91 -35.15 -22.79
C ASN F 432 30.45 -34.34 -23.99
N ALA F 433 29.15 -34.30 -24.24
CA ALA F 433 28.61 -33.58 -25.38
C ALA F 433 28.57 -32.09 -25.09
N CYS F 434 28.55 -31.30 -26.16
CA CYS F 434 28.39 -29.86 -26.02
C CYS F 434 27.05 -29.56 -25.36
N ARG F 435 27.08 -28.70 -24.34
CA ARG F 435 25.87 -28.35 -23.62
C ARG F 435 25.85 -26.87 -23.34
N VAL F 436 24.66 -26.34 -23.14
CA VAL F 436 24.47 -24.93 -22.82
C VAL F 436 24.83 -24.70 -21.36
N VAL F 437 25.76 -23.79 -21.11
CA VAL F 437 26.08 -23.34 -19.77
C VAL F 437 26.43 -21.85 -19.84
N GLY F 438 25.78 -21.05 -19.01
CA GLY F 438 26.08 -19.64 -18.99
C GLY F 438 25.07 -18.78 -19.71
N VAL F 439 24.91 -17.54 -19.25
CA VAL F 439 24.04 -16.56 -19.88
C VAL F 439 24.43 -15.19 -19.34
N ASP F 440 24.46 -14.20 -20.22
CA ASP F 440 24.82 -12.85 -19.82
C ASP F 440 23.59 -11.97 -19.72
N LEU F 441 23.71 -10.88 -18.96
CA LEU F 441 22.62 -9.95 -18.72
C LEU F 441 23.08 -8.52 -18.96
N ALA F 442 23.78 -8.29 -20.05
CA ALA F 442 24.36 -6.98 -20.36
C ALA F 442 23.82 -6.46 -21.68
N GLY F 443 23.39 -5.20 -21.69
CA GLY F 443 22.99 -4.54 -22.91
C GLY F 443 22.52 -3.12 -22.70
N TYR F 444 23.03 -2.19 -23.50
CA TYR F 444 22.69 -0.78 -23.46
C TYR F 444 22.78 -0.27 -22.02
N GLU F 445 22.00 0.75 -21.68
CA GLU F 445 21.93 1.30 -20.34
C GLU F 445 20.53 1.30 -19.78
N ASP F 446 19.51 1.57 -20.60
CA ASP F 446 18.13 1.43 -20.15
C ASP F 446 17.82 -0.01 -19.80
N GLU F 447 18.30 -0.96 -20.62
CA GLU F 447 18.15 -2.36 -20.28
C GLU F 447 19.02 -2.75 -19.09
N LYS F 448 20.12 -2.03 -18.87
CA LYS F 448 20.97 -2.30 -17.71
C LYS F 448 20.20 -2.06 -16.42
N THR F 449 19.44 -0.97 -16.35
CA THR F 449 18.57 -0.74 -15.21
C THR F 449 17.39 -1.71 -15.20
N ARG F 450 16.90 -2.07 -16.40
CA ARG F 450 15.78 -3.00 -16.48
C ARG F 450 16.15 -4.36 -15.92
N ALA F 451 17.34 -4.87 -16.25
CA ALA F 451 17.79 -6.13 -15.69
C ALA F 451 17.94 -6.04 -14.18
N HIS F 452 18.48 -4.91 -13.69
CA HIS F 452 18.57 -4.70 -12.25
C HIS F 452 17.18 -4.59 -11.63
N TYR F 453 16.23 -3.98 -12.35
CA TYR F 453 14.86 -3.89 -11.85
C TYR F 453 14.23 -5.27 -11.71
N PHE F 454 14.51 -6.16 -12.67
CA PHE F 454 13.99 -7.53 -12.65
C PHE F 454 15.02 -8.51 -12.11
N ARG F 455 15.82 -8.09 -11.12
CA ARG F 455 16.88 -8.92 -10.56
C ARG F 455 16.36 -10.20 -9.91
N GLU F 456 15.07 -10.25 -9.57
CA GLU F 456 14.51 -11.49 -9.03
C GLU F 456 14.57 -12.61 -10.06
N GLU F 457 14.45 -12.26 -11.34
CA GLU F 457 14.56 -13.28 -12.39
C GLU F 457 15.95 -13.89 -12.42
N PHE F 458 16.98 -13.07 -12.25
CA PHE F 458 18.35 -13.58 -12.27
C PHE F 458 18.61 -14.54 -11.11
N THR F 459 17.82 -14.44 -10.04
CA THR F 459 17.95 -15.39 -8.94
C THR F 459 17.59 -16.80 -9.38
N ALA F 460 16.56 -16.92 -10.22
CA ALA F 460 16.10 -18.24 -10.64
C ALA F 460 17.09 -18.90 -11.58
N VAL F 461 17.66 -18.14 -12.52
CA VAL F 461 18.45 -18.75 -13.58
C VAL F 461 19.76 -19.34 -13.03
N HIS F 462 20.44 -18.61 -12.15
CA HIS F 462 21.73 -19.08 -11.67
C HIS F 462 21.60 -20.10 -10.56
N ARG F 463 20.39 -20.36 -10.07
CA ARG F 463 20.15 -21.48 -9.18
C ARG F 463 19.84 -22.76 -9.94
N CYS F 464 19.77 -22.69 -11.26
CA CYS F 464 19.51 -23.85 -12.10
C CYS F 464 20.78 -24.42 -12.72
N GLY F 465 21.95 -23.89 -12.36
CA GLY F 465 23.20 -24.34 -12.93
C GLY F 465 23.77 -23.48 -14.03
N LEU F 466 23.17 -22.33 -14.32
CA LEU F 466 23.63 -21.44 -15.37
C LEU F 466 24.39 -20.29 -14.74
N ALA F 467 25.72 -20.36 -14.81
CA ALA F 467 26.54 -19.26 -14.31
C ALA F 467 26.33 -18.02 -15.16
N VAL F 468 26.13 -16.89 -14.52
CA VAL F 468 25.80 -15.65 -15.19
C VAL F 468 27.06 -14.81 -15.33
N THR F 469 27.31 -14.32 -16.54
CA THR F 469 28.37 -13.35 -16.80
C THR F 469 27.76 -12.00 -17.14
N VAL F 470 28.59 -10.97 -17.13
CA VAL F 470 28.15 -9.62 -17.45
C VAL F 470 29.18 -8.97 -18.35
N HIS F 471 28.73 -8.43 -19.48
CA HIS F 471 29.60 -7.69 -20.39
C HIS F 471 29.53 -6.23 -19.99
N ALA F 472 30.47 -5.81 -19.14
CA ALA F 472 30.48 -4.43 -18.66
C ALA F 472 30.59 -3.45 -19.82
N GLY F 473 31.57 -3.64 -20.68
CA GLY F 473 31.69 -2.80 -21.87
C GLY F 473 31.82 -1.34 -21.51
N GLU F 474 30.99 -0.52 -22.14
CA GLU F 474 31.01 0.92 -21.91
C GLU F 474 30.43 1.26 -20.54
N ASN F 475 30.73 2.48 -20.10
CA ASN F 475 30.20 3.11 -18.88
C ASN F 475 30.03 2.11 -17.74
N ASP F 476 31.07 1.30 -17.54
CA ASP F 476 31.03 0.28 -16.49
C ASP F 476 31.22 0.91 -15.11
N ASP F 477 32.18 1.83 -14.98
CA ASP F 477 32.56 2.47 -13.72
C ASP F 477 32.58 1.48 -12.57
N ALA F 478 32.09 1.91 -11.41
CA ALA F 478 32.02 1.06 -10.22
C ALA F 478 30.64 0.46 -10.00
N GLU F 479 29.58 1.23 -10.27
CA GLU F 479 28.23 0.74 -10.04
C GLU F 479 27.94 -0.51 -10.84
N GLY F 480 28.32 -0.52 -12.12
CA GLY F 480 28.09 -1.70 -12.94
C GLY F 480 28.79 -2.92 -12.39
N ILE F 481 30.06 -2.76 -12.01
CA ILE F 481 30.79 -3.87 -11.42
C ILE F 481 30.18 -4.27 -10.08
N TRP F 482 29.85 -3.28 -9.25
CA TRP F 482 29.25 -3.57 -7.96
C TRP F 482 27.91 -4.30 -8.13
N ARG F 483 27.08 -3.82 -9.06
CA ARG F 483 25.79 -4.46 -9.30
C ARG F 483 25.97 -5.88 -9.80
N ALA F 484 26.89 -6.08 -10.76
CA ALA F 484 27.03 -7.38 -11.38
C ALA F 484 27.59 -8.41 -10.40
N VAL F 485 28.61 -8.03 -9.63
CA VAL F 485 29.30 -9.01 -8.81
C VAL F 485 28.43 -9.49 -7.65
N PHE F 486 27.50 -8.66 -7.18
CA PHE F 486 26.72 -8.98 -5.99
C PHE F 486 25.25 -9.20 -6.27
N ASP F 487 24.59 -8.24 -6.93
CA ASP F 487 23.14 -8.36 -7.14
C ASP F 487 22.80 -9.54 -8.04
N LEU F 488 23.59 -9.79 -9.08
CA LEU F 488 23.34 -10.88 -10.01
C LEU F 488 24.26 -12.07 -9.80
N ASN F 489 25.21 -11.99 -8.87
CA ASN F 489 26.14 -13.07 -8.58
C ASN F 489 26.91 -13.49 -9.84
N ALA F 490 27.37 -12.51 -10.60
CA ALA F 490 28.09 -12.81 -11.83
C ALA F 490 29.43 -13.46 -11.52
N ARG F 491 29.70 -14.60 -12.15
CA ARG F 491 30.94 -15.33 -11.96
C ARG F 491 32.04 -14.88 -12.91
N ARG F 492 31.73 -14.01 -13.87
CA ARG F 492 32.74 -13.50 -14.78
C ARG F 492 32.24 -12.19 -15.37
N LEU F 493 33.18 -11.30 -15.66
CA LEU F 493 32.88 -9.98 -16.18
C LEU F 493 33.43 -9.83 -17.59
N GLY F 494 32.74 -9.03 -18.39
CA GLY F 494 33.15 -8.75 -19.75
C GLY F 494 34.32 -7.78 -19.80
N HIS F 495 34.31 -6.92 -20.81
CA HIS F 495 35.34 -5.90 -20.91
C HIS F 495 35.23 -4.96 -19.72
N ALA F 496 36.16 -5.07 -18.77
CA ALA F 496 36.11 -4.34 -17.51
C ALA F 496 37.44 -3.67 -17.25
N LEU F 497 37.96 -2.96 -18.25
CA LEU F 497 39.26 -2.32 -18.14
C LEU F 497 39.18 -1.01 -17.38
N SER F 498 38.50 -1.03 -16.24
CA SER F 498 38.45 0.13 -15.36
C SER F 498 38.57 -0.25 -13.89
N LEU F 499 38.83 -1.53 -13.58
CA LEU F 499 38.90 -1.96 -12.20
C LEU F 499 40.05 -1.31 -11.45
N GLY F 500 41.12 -0.96 -12.15
CA GLY F 500 42.31 -0.47 -11.48
C GLY F 500 42.10 0.86 -10.76
N GLN F 501 41.38 1.78 -11.40
CA GLN F 501 41.26 3.13 -10.85
C GLN F 501 40.42 3.18 -9.57
N SER F 502 39.65 2.14 -9.26
CA SER F 502 38.86 2.12 -8.04
C SER F 502 39.58 1.41 -6.89
N ARG F 503 40.73 0.80 -7.15
CA ARG F 503 41.56 0.19 -6.11
C ARG F 503 40.79 -0.83 -5.28
N GLU F 504 39.98 -0.36 -4.34
CA GLU F 504 39.34 -1.27 -3.39
C GLU F 504 38.38 -2.23 -4.08
N LEU F 505 37.68 -1.75 -5.12
CA LEU F 505 36.82 -2.64 -5.88
C LEU F 505 37.62 -3.75 -6.53
N LEU F 506 38.76 -3.41 -7.11
CA LEU F 506 39.65 -4.42 -7.68
C LEU F 506 40.12 -5.39 -6.60
N ARG F 507 40.42 -4.88 -5.42
CA ARG F 507 40.82 -5.73 -4.31
C ARG F 507 39.69 -6.70 -3.95
N SER F 508 38.46 -6.20 -3.94
CA SER F 508 37.32 -7.04 -3.63
C SER F 508 37.15 -8.12 -4.70
N VAL F 509 37.30 -7.76 -5.97
CA VAL F 509 37.12 -8.72 -7.05
C VAL F 509 38.15 -9.84 -6.96
N ALA F 510 39.40 -9.48 -6.67
CA ALA F 510 40.46 -10.49 -6.59
C ALA F 510 40.16 -11.51 -5.51
N ASP F 511 39.71 -11.06 -4.34
CA ASP F 511 39.40 -11.98 -3.26
C ASP F 511 38.25 -12.91 -3.64
N ARG F 512 37.22 -12.38 -4.31
CA ARG F 512 36.09 -13.20 -4.70
C ARG F 512 36.50 -14.25 -5.73
N GLY F 513 37.40 -13.89 -6.64
CA GLY F 513 37.81 -14.78 -7.70
C GLY F 513 37.03 -14.63 -8.99
N ILE F 514 36.29 -13.55 -9.17
CA ILE F 514 35.51 -13.35 -10.38
C ILE F 514 36.44 -13.15 -11.56
N GLY F 515 36.20 -13.90 -12.64
CA GLY F 515 37.02 -13.78 -13.82
C GLY F 515 36.72 -12.51 -14.60
N VAL F 516 37.74 -12.01 -15.29
CA VAL F 516 37.63 -10.84 -16.14
C VAL F 516 38.01 -11.23 -17.55
N GLU F 517 37.18 -10.88 -18.52
CA GLU F 517 37.41 -11.19 -19.92
C GLU F 517 37.94 -9.92 -20.60
N LEU F 518 39.17 -9.99 -21.11
CA LEU F 518 39.76 -8.89 -21.85
C LEU F 518 40.20 -9.38 -23.21
N CYS F 519 39.60 -8.84 -24.27
CA CYS F 519 40.00 -9.14 -25.63
C CYS F 519 40.79 -7.98 -26.19
N PRO F 520 42.09 -8.13 -26.43
CA PRO F 520 42.92 -6.96 -26.74
C PRO F 520 42.54 -6.25 -28.03
N TYR F 521 42.38 -6.99 -29.13
CA TYR F 521 42.17 -6.36 -30.42
C TYR F 521 40.92 -5.48 -30.40
N ALA F 522 39.81 -6.00 -29.86
CA ALA F 522 38.62 -5.20 -29.72
C ALA F 522 38.86 -4.02 -28.78
N ASN F 523 39.54 -4.28 -27.65
CA ASN F 523 39.87 -3.19 -26.75
C ASN F 523 40.76 -2.17 -27.41
N LEU F 524 41.62 -2.60 -28.33
CA LEU F 524 42.47 -1.66 -29.05
C LEU F 524 41.67 -0.94 -30.14
N GLN F 525 40.76 -1.65 -30.79
CA GLN F 525 40.06 -1.08 -31.94
C GLN F 525 39.03 -0.04 -31.51
N ILE F 526 38.25 -0.34 -30.47
CA ILE F 526 37.21 0.59 -30.04
C ILE F 526 37.73 1.63 -29.07
N LYS F 527 38.49 1.21 -28.06
CA LYS F 527 38.97 2.17 -27.06
C LYS F 527 40.26 2.86 -27.50
N GLY F 528 41.22 2.11 -28.02
CA GLY F 528 42.48 2.70 -28.45
C GLY F 528 43.45 2.82 -27.30
N PHE F 529 44.65 2.26 -27.46
CA PHE F 529 45.58 2.22 -26.34
C PHE F 529 47.02 2.56 -26.70
N ARG F 530 47.31 2.90 -27.95
CA ARG F 530 48.65 3.32 -28.41
C ARG F 530 49.74 2.39 -27.87
N LEU F 531 49.68 1.15 -28.34
CA LEU F 531 50.60 0.08 -27.94
C LEU F 531 52.05 0.48 -28.12
N ASP F 532 52.97 -0.26 -27.48
CA ASP F 532 54.39 0.05 -27.48
C ASP F 532 54.65 1.43 -26.89
N GLY F 533 53.88 1.77 -25.86
CA GLY F 533 54.02 3.07 -25.22
C GLY F 533 53.49 4.22 -26.05
N PRO F 549 42.61 7.67 -23.02
CA PRO F 549 42.79 6.24 -22.71
C PRO F 549 44.15 5.95 -22.11
N GLY F 550 44.17 5.32 -20.93
CA GLY F 550 45.40 5.06 -20.23
C GLY F 550 46.05 3.76 -20.65
N PRO F 551 46.97 3.26 -19.82
CA PRO F 551 47.66 2.01 -20.16
C PRO F 551 46.76 0.81 -20.04
N TYR F 552 47.10 -0.23 -20.79
CA TYR F 552 46.35 -1.47 -20.73
C TYR F 552 46.53 -2.10 -19.36
N PRO F 553 45.46 -2.56 -18.71
CA PRO F 553 45.58 -2.97 -17.31
C PRO F 553 46.08 -4.39 -17.11
N LEU F 554 46.71 -4.97 -18.14
CA LEU F 554 47.03 -6.40 -18.08
C LEU F 554 47.99 -6.73 -16.94
N LEU F 555 49.14 -6.05 -16.88
CA LEU F 555 50.07 -6.32 -15.78
C LEU F 555 49.45 -5.99 -14.43
N ASP F 556 48.76 -4.84 -14.35
CA ASP F 556 48.13 -4.46 -13.10
C ASP F 556 47.16 -5.54 -12.64
N TYR F 557 46.38 -6.08 -13.56
CA TYR F 557 45.42 -7.13 -13.20
C TYR F 557 46.14 -8.37 -12.70
N LEU F 558 47.22 -8.77 -13.37
CA LEU F 558 47.95 -9.95 -12.91
C LEU F 558 48.76 -9.68 -11.65
N ARG F 559 49.03 -8.41 -11.33
CA ARG F 559 49.79 -8.11 -10.12
C ARG F 559 48.97 -8.42 -8.87
N GLU F 560 47.84 -7.74 -8.70
CA GLU F 560 47.00 -8.01 -7.53
C GLU F 560 46.44 -9.42 -7.58
N GLY F 561 46.02 -9.87 -8.75
CA GLY F 561 45.66 -11.27 -8.89
C GLY F 561 44.24 -11.53 -9.37
N VAL F 562 43.59 -10.52 -9.92
CA VAL F 562 42.27 -10.76 -10.51
C VAL F 562 42.44 -11.66 -11.72
N ARG F 563 41.69 -12.75 -11.75
CA ARG F 563 41.82 -13.72 -12.83
C ARG F 563 41.29 -13.10 -14.11
N VAL F 564 42.20 -12.65 -14.97
CA VAL F 564 41.85 -12.00 -16.22
C VAL F 564 42.42 -12.83 -17.36
N THR F 565 41.62 -13.00 -18.42
CA THR F 565 41.98 -13.86 -19.52
C THR F 565 42.08 -13.05 -20.81
N VAL F 566 42.62 -13.68 -21.84
CA VAL F 566 42.66 -13.11 -23.17
C VAL F 566 41.53 -13.71 -23.98
N ASN F 567 40.96 -12.91 -24.86
CA ASN F 567 39.90 -13.39 -25.74
C ASN F 567 40.03 -12.67 -27.08
N THR F 568 39.10 -12.95 -27.98
CA THR F 568 39.15 -12.39 -29.32
C THR F 568 37.89 -11.58 -29.66
N ASP F 569 36.99 -11.39 -28.70
CA ASP F 569 35.66 -10.85 -28.97
C ASP F 569 35.09 -11.71 -30.09
N ASN F 570 34.76 -11.13 -31.25
CA ASN F 570 34.36 -11.92 -32.40
C ASN F 570 35.47 -11.92 -33.46
N ILE F 571 35.77 -13.11 -33.98
CA ILE F 571 36.96 -13.31 -34.80
C ILE F 571 36.90 -12.43 -36.05
N GLY F 572 35.77 -12.46 -36.76
CA GLY F 572 35.68 -11.79 -38.03
C GLY F 572 35.87 -10.30 -37.98
N ILE F 573 35.20 -9.64 -37.03
CA ILE F 573 35.22 -8.18 -37.00
C ILE F 573 36.62 -7.68 -36.68
N SER F 574 37.23 -8.24 -35.63
CA SER F 574 38.61 -7.87 -35.30
C SER F 574 39.61 -8.43 -36.29
N ALA F 575 39.22 -9.44 -37.06
CA ALA F 575 40.09 -10.06 -38.07
C ALA F 575 41.42 -10.51 -37.47
N ALA F 576 41.35 -11.06 -36.27
CA ALA F 576 42.54 -11.55 -35.58
C ALA F 576 42.20 -12.80 -34.79
N SER F 577 43.04 -13.82 -34.93
CA SER F 577 42.83 -15.08 -34.24
C SER F 577 43.34 -15.00 -32.81
N LEU F 578 43.25 -16.12 -32.08
CA LEU F 578 43.77 -16.17 -30.72
C LEU F 578 45.26 -15.81 -30.69
N THR F 579 46.06 -16.48 -31.51
CA THR F 579 47.50 -16.26 -31.50
C THR F 579 47.83 -14.78 -31.75
N ASP F 580 47.06 -14.14 -32.62
CA ASP F 580 47.24 -12.70 -32.82
C ASP F 580 46.95 -11.94 -31.53
N ASN F 581 45.89 -12.31 -30.82
CA ASN F 581 45.54 -11.61 -29.59
C ASN F 581 46.60 -11.81 -28.51
N LEU F 582 47.08 -13.05 -28.36
CA LEU F 582 48.09 -13.33 -27.35
C LEU F 582 49.35 -12.52 -27.60
N LEU F 583 49.86 -12.55 -28.83
CA LEU F 583 51.07 -11.79 -29.16
C LEU F 583 50.83 -10.30 -29.02
N LEU F 584 49.66 -9.81 -29.44
CA LEU F 584 49.38 -8.38 -29.35
C LEU F 584 49.39 -7.92 -27.91
N ALA F 585 48.81 -8.73 -27.01
CA ALA F 585 48.75 -8.35 -25.60
C ALA F 585 50.14 -8.07 -25.06
N ALA F 586 51.16 -8.75 -25.59
CA ALA F 586 52.53 -8.49 -25.17
C ALA F 586 52.99 -7.10 -25.57
N ARG F 587 52.46 -6.53 -26.66
CA ARG F 587 52.92 -5.24 -27.12
C ARG F 587 51.97 -4.10 -26.82
N LEU F 588 50.78 -4.38 -26.28
CA LEU F 588 49.98 -3.29 -25.71
C LEU F 588 50.75 -2.56 -24.62
N CYS F 589 51.57 -3.28 -23.87
CA CYS F 589 52.26 -2.74 -22.72
C CYS F 589 53.54 -3.53 -22.46
N PRO F 590 54.61 -2.86 -22.07
CA PRO F 590 55.88 -3.57 -21.83
C PRO F 590 55.80 -4.52 -20.64
N GLY F 591 56.03 -5.78 -20.88
CA GLY F 591 55.95 -6.79 -19.84
C GLY F 591 55.54 -8.12 -20.43
N LEU F 592 54.52 -8.72 -19.79
CA LEU F 592 53.99 -10.01 -20.22
C LEU F 592 55.08 -11.07 -20.30
N THR F 593 55.68 -11.41 -19.16
CA THR F 593 56.61 -12.53 -19.14
C THR F 593 55.87 -13.83 -19.43
N ARG F 594 56.63 -14.88 -19.75
CA ARG F 594 56.01 -16.14 -20.12
C ARG F 594 55.17 -16.70 -18.99
N LEU F 595 55.65 -16.59 -17.75
CA LEU F 595 54.84 -16.99 -16.60
C LEU F 595 53.52 -16.22 -16.59
N ASP F 596 53.59 -14.92 -16.85
CA ASP F 596 52.37 -14.12 -16.92
C ASP F 596 51.45 -14.62 -18.02
N LEU F 597 52.03 -15.05 -19.14
CA LEU F 597 51.22 -15.56 -20.24
C LEU F 597 50.57 -16.89 -19.88
N LEU F 598 51.30 -17.78 -19.23
CA LEU F 598 50.70 -19.01 -18.73
C LEU F 598 49.70 -18.72 -17.62
N HIS F 599 50.03 -17.79 -16.72
CA HIS F 599 49.08 -17.40 -15.69
C HIS F 599 47.80 -16.87 -16.31
N LEU F 600 47.95 -16.01 -17.32
CA LEU F 600 46.79 -15.52 -18.05
C LEU F 600 46.05 -16.68 -18.72
N GLN F 601 46.78 -17.69 -19.18
CA GLN F 601 46.15 -18.87 -19.74
C GLN F 601 45.41 -19.66 -18.66
N ARG F 602 46.01 -19.79 -17.48
CA ARG F 602 45.41 -20.61 -16.43
C ARG F 602 44.12 -20.01 -15.90
N HIS F 603 44.03 -18.68 -15.81
CA HIS F 603 42.83 -18.06 -15.27
C HIS F 603 41.59 -18.48 -16.05
N ALA F 604 41.73 -18.70 -17.36
CA ALA F 604 40.60 -19.19 -18.14
C ALA F 604 40.15 -20.56 -17.66
N LEU F 605 41.10 -21.44 -17.36
CA LEU F 605 40.75 -22.75 -16.82
C LEU F 605 40.07 -22.60 -15.46
N GLU F 606 40.55 -21.68 -14.63
CA GLU F 606 39.96 -21.48 -13.31
C GLU F 606 38.53 -20.97 -13.41
N THR F 607 38.28 -20.03 -14.34
CA THR F 607 36.99 -19.36 -14.44
C THR F 607 36.13 -19.90 -15.57
N ALA F 608 36.50 -21.03 -16.15
CA ALA F 608 35.65 -21.66 -17.16
C ALA F 608 34.43 -22.29 -16.50
N PHE F 609 33.38 -22.46 -17.30
CA PHE F 609 32.11 -22.97 -16.80
C PHE F 609 32.01 -24.49 -16.93
N CYS F 610 33.14 -25.17 -17.14
CA CYS F 610 33.12 -26.62 -17.20
C CYS F 610 32.94 -27.21 -15.80
N THR F 611 32.63 -28.51 -15.76
CA THR F 611 32.43 -29.19 -14.50
C THR F 611 33.79 -29.54 -13.87
N ALA F 612 33.73 -30.03 -12.63
CA ALA F 612 34.95 -30.33 -11.88
C ALA F 612 35.78 -31.39 -12.59
N THR F 613 35.14 -32.47 -13.05
CA THR F 613 35.86 -33.51 -13.76
C THR F 613 36.46 -32.97 -15.06
N GLN F 614 35.68 -32.16 -15.79
CA GLN F 614 36.18 -31.58 -17.03
C GLN F 614 37.36 -30.67 -16.77
N ARG F 615 37.31 -29.90 -15.68
CA ARG F 615 38.40 -28.97 -15.37
C ARG F 615 39.70 -29.71 -15.12
N LEU F 616 39.63 -30.82 -14.37
CA LEU F 616 40.83 -31.63 -14.13
C LEU F 616 41.34 -32.23 -15.44
N THR F 617 40.42 -32.68 -16.29
CA THR F 617 40.81 -33.23 -17.59
C THR F 617 41.53 -32.19 -18.43
N LEU F 618 41.02 -30.97 -18.45
CA LEU F 618 41.70 -29.89 -19.16
C LEU F 618 43.08 -29.64 -18.57
N LEU F 619 43.18 -29.58 -17.23
CA LEU F 619 44.42 -29.23 -16.58
C LEU F 619 45.54 -30.19 -16.97
N ARG F 620 45.23 -31.49 -17.00
CA ARG F 620 46.18 -32.46 -17.51
C ARG F 620 46.47 -32.21 -18.99
N ARG F 621 45.44 -31.94 -19.77
CA ARG F 621 45.63 -31.73 -21.20
C ARG F 621 46.35 -30.43 -21.48
N ILE F 622 46.02 -29.37 -20.73
CA ILE F 622 46.69 -28.09 -20.92
C ILE F 622 48.17 -28.17 -20.57
N SER F 623 48.54 -29.06 -19.65
CA SER F 623 49.94 -29.23 -19.27
C SER F 623 50.70 -30.02 -20.35
N SER F 624 50.68 -29.46 -21.57
CA SER F 624 51.41 -30.03 -22.69
C SER F 624 51.99 -28.93 -23.58
N GLY F 625 52.33 -27.79 -22.99
CA GLY F 625 52.84 -26.68 -23.79
C GLY F 625 54.21 -26.96 -24.37
N ILE F 626 54.54 -26.21 -25.42
CA ILE F 626 55.83 -26.36 -26.09
C ILE F 626 56.92 -25.87 -25.14
N PRO F 627 57.92 -26.70 -24.82
CA PRO F 627 58.93 -26.29 -23.83
C PRO F 627 60.04 -25.42 -24.40
N ARG F 628 60.47 -25.70 -25.62
CA ARG F 628 61.67 -25.07 -26.16
C ARG F 628 61.72 -25.37 -27.66
N PRO F 629 62.58 -24.67 -28.40
CA PRO F 629 62.78 -25.03 -29.81
C PRO F 629 63.41 -26.41 -29.95
ZN ZN I . -9.44 11.02 -19.21
PG ATP J . -6.52 20.87 -13.36
O1G ATP J . -6.41 22.35 -13.52
O2G ATP J . -6.02 20.09 -14.58
O3G ATP J . -5.82 20.34 -12.11
PB ATP J . -9.51 20.96 -13.54
O1B ATP J . -9.88 22.13 -12.73
O2B ATP J . -9.56 21.17 -15.06
O3B ATP J . -8.04 20.43 -13.20
PA ATP J . -10.68 18.26 -13.87
O1A ATP J . -11.11 18.38 -15.28
O2A ATP J . -11.67 17.53 -12.95
O3A ATP J . -10.40 19.68 -13.21
O5' ATP J . -9.28 17.53 -13.75
C5' ATP J . -8.95 16.41 -14.60
C4' ATP J . -7.61 15.85 -14.19
O4' ATP J . -7.14 15.08 -15.30
C3' ATP J . -6.57 16.96 -14.07
O3' ATP J . -5.41 16.35 -13.53
C2' ATP J . -6.26 17.25 -15.53
O2' ATP J . -4.92 17.69 -15.57
C1' ATP J . -6.19 15.82 -16.08
N9 ATP J . -6.65 15.74 -17.46
C8 ATP J . -7.71 16.39 -18.03
N7 ATP J . -7.87 16.13 -19.31
C5 ATP J . -6.85 15.24 -19.59
C6 ATP J . -6.47 14.59 -20.78
N6 ATP J . -7.11 14.73 -21.95
N1 ATP J . -5.40 13.77 -20.73
C2 ATP J . -4.75 13.62 -19.58
N3 ATP J . -5.01 14.19 -18.40
C4 ATP J . -6.08 14.99 -18.47
H5'1 ATP J . -8.92 16.69 -15.53
H5'2 ATP J . -9.63 15.72 -14.50
H4' ATP J . -7.68 15.33 -13.37
H3' ATP J . -6.87 17.74 -13.57
HO3' ATP J . -5.05 16.92 -13.02
H2' ATP J . -6.89 17.83 -15.98
HO2' ATP J . -4.93 18.51 -15.78
H1' ATP J . -5.30 15.46 -15.98
H8 ATP J . -8.26 16.96 -17.55
HN61 ATP J . -7.64 15.40 -22.08
HN62 ATP J . -6.99 14.15 -22.58
H2 ATP J . -4.02 13.05 -19.59
ZN ZN K . -9.19 -2.67 23.33
PG ATP L . -18.31 -7.46 19.87
O1G ATP L . -17.43 -8.41 19.13
O2G ATP L . -17.59 -6.53 20.82
O3G ATP L . -19.57 -8.07 20.43
PB ATP L . -17.74 -5.83 17.76
O1B ATP L . -17.04 -6.96 17.07
O2B ATP L . -18.41 -4.75 16.97
O3B ATP L . -18.83 -6.48 18.73
PA ATP L . -16.20 -3.66 18.65
O1A ATP L . -16.76 -2.80 19.74
O2A ATP L . -16.36 -3.24 17.21
O3A ATP L . -16.77 -5.15 18.84
O5' ATP L . -14.64 -3.84 18.93
C5' ATP L . -13.74 -3.96 17.83
C4' ATP L . -13.17 -5.36 17.74
O4' ATP L . -11.95 -5.42 18.49
C3' ATP L . -14.11 -6.40 18.32
O3' ATP L . -14.62 -7.24 17.29
C2' ATP L . -13.31 -7.17 19.36
O2' ATP L . -13.19 -8.56 19.06
C1' ATP L . -11.93 -6.53 19.37
N9 ATP L . -11.60 -6.05 20.74
C8 ATP L . -12.43 -5.42 21.57
N7 ATP L . -11.81 -5.12 22.74
C5 ATP L . -10.56 -5.58 22.65
C6 ATP L . -9.38 -5.59 23.54
N6 ATP L . -9.42 -5.05 24.78
N1 ATP L . -8.26 -6.18 23.07
C2 ATP L . -8.20 -6.72 21.85
N3 ATP L . -9.24 -6.74 21.00
C4 ATP L . -10.42 -6.19 21.34
H5'1 ATP L . -12.93 -3.23 17.95
H5'2 ATP L . -14.27 -3.72 16.90
H4' ATP L . -12.98 -5.60 16.69
H3' ATP L . -14.93 -5.88 18.83
HO3' ATP L . -13.88 -7.60 16.76
H2' ATP L . -13.78 -7.04 20.34
HO2' ATP L . -12.55 -8.69 18.36
H1' ATP L . -11.19 -7.27 19.05
H8 ATP L . -13.47 -5.17 21.34
HN61 ATP L . -8.60 -5.07 25.36
HN62 ATP L . -10.28 -4.62 25.11
H2 ATP L . -7.27 -7.17 21.53
#